data_2I3B
#
_entry.id   2I3B
#
_cell.length_a   1.000
_cell.length_b   1.000
_cell.length_c   1.000
_cell.angle_alpha   90.00
_cell.angle_beta   90.00
_cell.angle_gamma   90.00
#
_symmetry.space_group_name_H-M   'P 1'
#
_entity_poly.entity_id   1
_entity_poly.type   'polypeptide(L)'
_entity_poly.pdbx_seq_one_letter_code
;ARHVFLTGPPGVGKTTLIHKASEVLKSSGVPVDGFYTEEVRQGGRRIGFDVVTLSGTRGPLSRVGLEPPPGKRECRVGQY
VVDLTSFEQLALPVLRNADCSSGPGQRVCVIDEIGKMELFSQLFIQAVRQTLSTPGTIILGTIPVPKGKPLALVEEIRNR
KDVKVFNVTKENRNHLLPDIVTCVQSSRK
;
_entity_poly.pdbx_strand_id   A
#
# COMPACT_ATOMS: atom_id res chain seq x y z
N ALA A 1 -13.15 -11.35 10.19
CA ALA A 1 -13.47 -10.07 9.52
C ALA A 1 -12.88 -10.09 8.09
N ARG A 2 -12.64 -8.94 7.46
CA ARG A 2 -12.22 -8.88 6.06
C ARG A 2 -11.25 -7.71 5.85
N HIS A 3 -10.69 -7.67 4.64
CA HIS A 3 -9.82 -6.62 4.13
C HIS A 3 -10.51 -5.26 4.15
N VAL A 4 -9.71 -4.20 4.19
CA VAL A 4 -10.16 -2.82 4.26
C VAL A 4 -9.33 -2.00 3.30
N PHE A 5 -9.98 -1.20 2.45
CA PHE A 5 -9.33 -0.26 1.57
C PHE A 5 -9.87 1.16 1.76
N LEU A 6 -8.96 2.13 1.72
CA LEU A 6 -9.25 3.55 1.62
C LEU A 6 -9.63 3.84 0.18
N THR A 7 -10.40 4.91 -0.02
CA THR A 7 -10.69 5.47 -1.32
C THR A 7 -10.96 6.97 -1.11
N GLY A 8 -11.17 7.71 -2.20
CA GLY A 8 -11.47 9.13 -2.18
C GLY A 8 -10.64 9.86 -3.24
N PRO A 9 -10.54 11.19 -3.15
CA PRO A 9 -9.59 11.96 -3.95
C PRO A 9 -8.19 11.91 -3.31
N PRO A 10 -7.10 11.91 -4.10
CA PRO A 10 -5.77 12.17 -3.56
C PRO A 10 -5.71 13.61 -3.05
N GLY A 11 -4.82 13.83 -2.08
CA GLY A 11 -4.62 15.12 -1.47
C GLY A 11 -3.80 15.03 -0.18
N VAL A 12 -3.30 13.84 0.16
CA VAL A 12 -2.36 13.56 1.22
C VAL A 12 -2.96 13.83 2.62
N GLY A 13 -3.07 12.74 3.37
CA GLY A 13 -3.29 12.75 4.81
C GLY A 13 -3.63 11.36 5.32
N LYS A 14 -4.46 10.65 4.56
CA LYS A 14 -4.86 9.26 4.79
C LYS A 14 -3.66 8.34 5.04
N THR A 15 -2.54 8.64 4.39
CA THR A 15 -1.22 8.03 4.52
C THR A 15 -0.87 7.83 6.00
N THR A 16 -1.09 8.87 6.79
CA THR A 16 -0.69 8.94 8.17
C THR A 16 -1.76 8.33 9.07
N LEU A 17 -3.02 8.27 8.64
CA LEU A 17 -4.03 7.52 9.37
C LEU A 17 -3.74 6.03 9.26
N ILE A 18 -3.26 5.56 8.11
CA ILE A 18 -2.75 4.20 8.02
C ILE A 18 -1.50 4.09 8.92
N HIS A 19 -0.54 5.04 8.88
CA HIS A 19 0.65 4.95 9.74
C HIS A 19 0.28 4.78 11.20
N LYS A 20 -0.69 5.55 11.69
CA LYS A 20 -1.21 5.44 13.05
C LYS A 20 -1.84 4.07 13.27
N ALA A 21 -2.57 3.53 12.30
CA ALA A 21 -3.06 2.17 12.35
C ALA A 21 -1.92 1.14 12.45
N SER A 22 -0.71 1.49 11.98
CA SER A 22 0.51 0.69 12.04
C SER A 22 1.30 0.92 13.33
N GLU A 23 0.72 1.59 14.34
CA GLU A 23 1.22 1.70 15.71
C GLU A 23 0.30 0.98 16.70
N VAL A 24 -0.94 0.83 16.31
CA VAL A 24 -2.04 0.54 17.24
C VAL A 24 -2.31 -0.92 17.39
N LEU A 25 -2.33 -1.61 16.25
CA LEU A 25 -2.29 -3.06 16.24
C LEU A 25 -1.00 -3.45 16.96
N LYS A 26 0.08 -2.66 16.79
CA LYS A 26 1.35 -3.01 17.42
C LYS A 26 1.24 -2.88 18.93
N SER A 27 0.55 -1.83 19.37
CA SER A 27 0.27 -1.60 20.78
C SER A 27 -0.74 -2.63 21.34
N SER A 28 -1.48 -3.31 20.46
CA SER A 28 -2.37 -4.43 20.74
C SER A 28 -1.68 -5.79 20.49
N GLY A 29 -0.37 -5.79 20.19
CA GLY A 29 0.44 -7.01 20.10
C GLY A 29 0.24 -7.78 18.80
N VAL A 30 -0.30 -7.13 17.77
CA VAL A 30 -0.54 -7.65 16.44
C VAL A 30 0.57 -7.08 15.53
N PRO A 31 1.63 -7.87 15.23
CA PRO A 31 2.76 -7.39 14.46
C PRO A 31 2.42 -7.28 12.98
N VAL A 32 1.93 -6.11 12.59
CA VAL A 32 1.64 -5.71 11.22
C VAL A 32 2.92 -5.76 10.39
N ASP A 33 2.78 -5.95 9.08
CA ASP A 33 3.88 -5.98 8.13
C ASP A 33 3.47 -5.32 6.82
N GLY A 34 4.40 -5.21 5.88
CA GLY A 34 4.19 -4.67 4.54
C GLY A 34 5.12 -3.48 4.27
N PHE A 35 4.68 -2.53 3.45
CA PHE A 35 5.48 -1.39 3.04
C PHE A 35 4.62 -0.14 2.86
N TYR A 36 5.28 1.01 2.88
CA TYR A 36 4.69 2.32 2.64
C TYR A 36 5.74 3.15 1.88
N THR A 37 5.38 3.80 0.79
CA THR A 37 6.27 4.77 0.15
C THR A 37 6.28 6.04 1.02
N GLU A 38 7.38 6.78 1.11
CA GLU A 38 7.38 8.13 1.69
C GLU A 38 8.04 9.10 0.70
N GLU A 39 7.74 10.39 0.87
CA GLU A 39 8.08 11.45 -0.06
C GLU A 39 9.53 11.86 0.21
N VAL A 40 10.44 11.28 -0.56
CA VAL A 40 11.87 11.49 -0.40
C VAL A 40 12.21 12.94 -0.74
N ARG A 41 12.39 13.72 0.31
CA ARG A 41 12.71 15.13 0.26
C ARG A 41 14.01 15.36 1.01
N GLN A 42 15.16 15.17 0.34
CA GLN A 42 16.46 15.53 0.92
C GLN A 42 16.41 17.02 1.24
N GLY A 43 16.36 17.38 2.52
CA GLY A 43 16.24 18.76 2.95
C GLY A 43 15.11 19.51 2.25
N GLY A 44 13.99 18.86 1.93
CA GLY A 44 12.81 19.57 1.43
C GLY A 44 12.85 19.92 -0.07
N ARG A 45 13.35 19.03 -0.94
CA ARG A 45 13.02 19.09 -2.37
C ARG A 45 12.68 17.69 -2.82
N ARG A 46 11.62 17.52 -3.60
CA ARG A 46 11.19 16.22 -4.13
C ARG A 46 12.22 15.72 -5.12
N ILE A 47 12.94 14.64 -4.77
CA ILE A 47 14.03 14.09 -5.59
C ILE A 47 13.71 12.68 -6.11
N GLY A 48 12.65 12.05 -5.59
CA GLY A 48 12.26 10.70 -5.92
C GLY A 48 11.30 10.22 -4.82
N PHE A 49 11.06 8.91 -4.76
CA PHE A 49 10.30 8.23 -3.71
C PHE A 49 11.21 7.13 -3.14
N ASP A 50 10.83 6.54 -2.00
CA ASP A 50 11.41 5.31 -1.44
C ASP A 50 10.31 4.25 -1.29
N VAL A 51 10.65 3.07 -0.76
CA VAL A 51 9.65 2.14 -0.25
C VAL A 51 10.08 1.71 1.15
N VAL A 52 9.57 2.33 2.20
CA VAL A 52 9.82 1.92 3.56
C VAL A 52 9.10 0.59 3.80
N THR A 53 9.63 -0.24 4.68
CA THR A 53 8.99 -1.45 5.19
C THR A 53 8.76 -1.23 6.68
N LEU A 54 7.78 -1.88 7.29
CA LEU A 54 7.54 -1.74 8.73
C LEU A 54 8.71 -2.31 9.57
N SER A 55 9.68 -2.97 8.94
CA SER A 55 10.95 -3.44 9.47
C SER A 55 12.05 -2.35 9.42
N GLY A 56 11.72 -1.13 8.98
CA GLY A 56 12.63 0.00 8.97
C GLY A 56 13.66 -0.01 7.82
N THR A 57 13.55 -0.96 6.89
CA THR A 57 14.30 -0.96 5.64
C THR A 57 13.58 0.00 4.71
N ARG A 58 14.25 0.66 3.76
CA ARG A 58 13.60 1.45 2.73
C ARG A 58 14.33 1.35 1.41
N GLY A 59 13.58 1.20 0.32
CA GLY A 59 14.14 0.96 -0.99
C GLY A 59 14.49 2.24 -1.73
N PRO A 60 15.08 2.08 -2.91
CA PRO A 60 14.83 3.01 -3.98
C PRO A 60 13.38 2.86 -4.44
N LEU A 61 12.88 3.79 -5.24
CA LEU A 61 11.66 3.58 -6.01
C LEU A 61 11.86 4.28 -7.34
N SER A 62 11.89 5.61 -7.33
CA SER A 62 12.18 6.43 -8.49
C SER A 62 13.28 7.43 -8.16
N ARG A 63 13.90 7.96 -9.21
CA ARG A 63 14.90 9.01 -9.13
C ARG A 63 14.81 9.84 -10.40
N VAL A 64 15.49 10.99 -10.43
CA VAL A 64 15.55 11.86 -11.60
C VAL A 64 16.15 11.11 -12.79
N GLY A 65 15.75 11.45 -14.01
CA GLY A 65 16.22 10.88 -15.25
C GLY A 65 15.46 11.51 -16.41
N LEU A 66 16.00 11.31 -17.61
CA LEU A 66 15.39 11.70 -18.87
C LEU A 66 14.08 10.94 -19.06
N GLU A 67 13.19 11.43 -19.93
CA GLU A 67 12.04 10.65 -20.36
C GLU A 67 12.52 9.48 -21.25
N PRO A 68 11.74 8.40 -21.34
CA PRO A 68 12.06 7.27 -22.18
C PRO A 68 11.90 7.69 -23.64
N PRO A 69 12.93 7.54 -24.49
CA PRO A 69 12.76 7.77 -25.91
C PRO A 69 11.83 6.69 -26.48
N PRO A 70 11.25 6.88 -27.68
CA PRO A 70 10.24 5.97 -28.19
C PRO A 70 10.77 4.56 -28.49
N GLY A 71 12.10 4.35 -28.48
CA GLY A 71 12.75 3.06 -28.65
C GLY A 71 13.06 2.34 -27.33
N LYS A 72 13.51 3.06 -26.30
CA LYS A 72 14.03 2.48 -25.06
C LYS A 72 12.95 2.62 -24.00
N ARG A 73 12.39 1.51 -23.56
CA ARG A 73 11.34 1.54 -22.55
C ARG A 73 11.96 1.91 -21.22
N GLU A 74 11.30 2.80 -20.49
CA GLU A 74 11.53 3.12 -19.09
C GLU A 74 10.18 3.62 -18.53
N CYS A 75 10.09 3.89 -17.23
CA CYS A 75 8.83 4.07 -16.54
C CYS A 75 8.77 5.43 -15.82
N ARG A 76 8.58 6.48 -16.60
CA ARG A 76 8.53 7.87 -16.12
C ARG A 76 7.12 8.15 -15.61
N VAL A 77 7.00 8.85 -14.48
CA VAL A 77 5.69 9.15 -13.87
C VAL A 77 5.28 10.61 -14.11
N GLY A 78 6.27 11.48 -14.27
CA GLY A 78 6.12 12.89 -14.60
C GLY A 78 7.53 13.36 -14.94
N GLN A 79 8.37 13.45 -13.91
CA GLN A 79 9.80 13.69 -14.08
C GLN A 79 10.62 12.44 -13.74
N TYR A 80 10.43 11.82 -12.58
CA TYR A 80 11.24 10.71 -12.14
C TYR A 80 10.90 9.48 -12.96
N VAL A 81 11.79 8.51 -12.92
CA VAL A 81 11.67 7.22 -13.56
C VAL A 81 11.66 6.19 -12.43
N VAL A 82 10.59 5.42 -12.31
CA VAL A 82 10.47 4.35 -11.34
C VAL A 82 11.17 3.11 -11.91
N ASP A 83 11.30 2.06 -11.08
CA ASP A 83 11.61 0.74 -11.59
C ASP A 83 10.90 -0.31 -10.75
N LEU A 84 10.48 -1.40 -11.37
CA LEU A 84 9.77 -2.49 -10.69
C LEU A 84 10.70 -3.24 -9.73
N THR A 85 11.97 -3.33 -10.08
CA THR A 85 12.98 -3.88 -9.20
C THR A 85 13.15 -3.03 -7.94
N SER A 86 12.98 -1.70 -8.01
CA SER A 86 13.12 -0.86 -6.84
C SER A 86 12.09 -1.25 -5.76
N PHE A 87 10.90 -1.66 -6.20
CA PHE A 87 9.92 -2.32 -5.35
C PHE A 87 10.44 -3.68 -4.89
N GLU A 88 10.75 -4.59 -5.83
CA GLU A 88 11.06 -6.00 -5.55
C GLU A 88 12.17 -6.18 -4.50
N GLN A 89 13.04 -5.18 -4.31
CA GLN A 89 14.07 -5.15 -3.28
C GLN A 89 13.54 -5.47 -1.89
N LEU A 90 12.31 -5.03 -1.57
CA LEU A 90 11.74 -5.20 -0.24
C LEU A 90 10.23 -5.45 -0.29
N ALA A 91 9.52 -4.86 -1.24
CA ALA A 91 8.06 -4.92 -1.41
C ALA A 91 7.63 -6.23 -2.09
N LEU A 92 8.27 -7.34 -1.74
CA LEU A 92 8.09 -8.66 -2.38
C LEU A 92 7.98 -9.75 -1.31
N PRO A 93 8.95 -9.91 -0.38
CA PRO A 93 8.77 -10.80 0.76
C PRO A 93 7.73 -10.27 1.76
N VAL A 94 7.66 -8.95 2.00
CA VAL A 94 6.79 -8.34 3.02
C VAL A 94 5.32 -8.68 2.84
N LEU A 95 4.88 -9.00 1.62
CA LEU A 95 3.54 -9.45 1.35
C LEU A 95 3.24 -10.73 2.13
N ARG A 96 4.15 -11.70 2.13
CA ARG A 96 3.87 -13.03 2.65
C ARG A 96 5.14 -13.67 3.15
N ASN A 97 5.66 -13.16 4.26
CA ASN A 97 6.69 -13.81 5.04
C ASN A 97 6.06 -14.98 5.80
N ALA A 98 6.54 -16.19 5.54
CA ALA A 98 6.14 -17.45 6.19
C ALA A 98 4.64 -17.77 6.08
N ASP A 99 4.28 -18.96 6.55
CA ASP A 99 2.96 -19.41 6.94
C ASP A 99 3.22 -20.63 7.81
N CYS A 100 2.37 -20.88 8.81
CA CYS A 100 2.13 -22.16 9.47
C CYS A 100 0.97 -21.93 10.44
N SER A 101 0.70 -22.91 11.30
CA SER A 101 -0.03 -22.79 12.56
C SER A 101 -1.54 -22.54 12.39
N SER A 102 -1.92 -21.38 11.87
CA SER A 102 -3.27 -20.84 11.80
C SER A 102 -3.90 -20.73 13.20
N GLY A 103 -5.18 -20.36 13.28
CA GLY A 103 -5.85 -20.08 14.53
C GLY A 103 -5.45 -18.70 15.02
N PRO A 104 -4.98 -18.54 16.26
CA PRO A 104 -4.65 -17.23 16.79
C PRO A 104 -3.41 -16.69 16.07
N GLY A 105 -3.44 -15.41 15.72
CA GLY A 105 -2.33 -14.68 15.15
C GLY A 105 -2.84 -13.84 14.01
N GLN A 106 -3.39 -14.50 12.98
CA GLN A 106 -3.70 -13.90 11.68
C GLN A 106 -2.44 -13.18 11.18
N ARG A 107 -2.55 -12.19 10.30
CA ARG A 107 -1.47 -11.28 9.90
C ARG A 107 -2.13 -9.99 9.41
N VAL A 108 -1.40 -8.89 9.26
CA VAL A 108 -1.88 -7.66 8.61
C VAL A 108 -0.84 -7.28 7.57
N CYS A 109 -1.28 -6.88 6.37
CA CYS A 109 -0.43 -6.48 5.27
C CYS A 109 -0.81 -5.07 4.82
N VAL A 110 0.06 -4.11 5.11
CA VAL A 110 -0.03 -2.72 4.67
C VAL A 110 0.42 -2.63 3.21
N ILE A 111 -0.37 -1.99 2.36
CA ILE A 111 0.03 -1.50 1.04
C ILE A 111 -0.69 -0.17 0.82
N ASP A 112 -0.10 0.93 1.28
CA ASP A 112 -0.52 2.26 0.81
C ASP A 112 -0.09 2.42 -0.65
N GLU A 113 -0.74 3.33 -1.38
CA GLU A 113 -0.62 3.60 -2.81
C GLU A 113 -0.73 2.33 -3.67
N ILE A 114 -1.96 2.03 -4.08
CA ILE A 114 -2.28 1.10 -5.15
C ILE A 114 -3.14 1.91 -6.13
N GLY A 115 -2.52 2.79 -6.92
CA GLY A 115 -3.28 3.65 -7.83
C GLY A 115 -2.41 4.32 -8.88
N LYS A 116 -1.27 4.88 -8.49
CA LYS A 116 -0.33 5.51 -9.40
C LYS A 116 0.29 4.47 -10.32
N MET A 117 0.57 3.27 -9.80
CA MET A 117 1.31 2.25 -10.55
C MET A 117 0.46 1.49 -11.56
N GLU A 118 -0.84 1.76 -11.75
CA GLU A 118 -1.83 0.99 -12.54
C GLU A 118 -1.47 0.60 -13.99
N LEU A 119 -0.32 1.04 -14.49
CA LEU A 119 0.20 0.73 -15.81
C LEU A 119 1.53 -0.02 -15.69
N PHE A 120 2.43 0.43 -14.81
CA PHE A 120 3.70 -0.21 -14.53
C PHE A 120 3.52 -1.48 -13.71
N SER A 121 2.40 -1.61 -13.02
CA SER A 121 2.04 -2.66 -12.09
C SER A 121 2.21 -4.02 -12.76
N GLN A 122 3.14 -4.82 -12.25
CA GLN A 122 3.57 -6.07 -12.85
C GLN A 122 3.59 -7.16 -11.77
N LEU A 123 4.56 -7.06 -10.86
CA LEU A 123 4.76 -7.99 -9.76
C LEU A 123 3.70 -7.76 -8.68
N PHE A 124 3.08 -6.59 -8.64
CA PHE A 124 1.96 -6.26 -7.79
C PHE A 124 0.85 -7.31 -7.95
N ILE A 125 0.17 -7.38 -9.09
CA ILE A 125 -0.85 -8.37 -9.41
C ILE A 125 -0.53 -9.77 -8.87
N GLN A 126 0.69 -10.26 -9.09
CA GLN A 126 1.16 -11.53 -8.56
C GLN A 126 1.22 -11.54 -7.03
N ALA A 127 2.09 -10.71 -6.47
CA ALA A 127 2.43 -10.71 -5.06
C ALA A 127 1.18 -10.48 -4.22
N VAL A 128 0.38 -9.50 -4.63
CA VAL A 128 -0.88 -9.15 -3.98
C VAL A 128 -1.82 -10.35 -4.02
N ARG A 129 -1.96 -11.08 -5.13
CA ARG A 129 -2.81 -12.28 -5.12
C ARG A 129 -2.23 -13.40 -4.25
N GLN A 130 -0.91 -13.55 -4.13
CA GLN A 130 -0.37 -14.48 -3.13
C GLN A 130 -0.78 -14.05 -1.72
N THR A 131 -0.82 -12.75 -1.46
CA THR A 131 -1.28 -12.21 -0.18
C THR A 131 -2.78 -12.50 0.04
N LEU A 132 -3.62 -12.23 -0.97
CA LEU A 132 -5.06 -12.48 -0.95
C LEU A 132 -5.37 -13.98 -0.87
N SER A 133 -4.42 -14.85 -1.22
CA SER A 133 -4.53 -16.28 -1.04
C SER A 133 -4.46 -16.62 0.45
N THR A 134 -3.61 -15.93 1.21
CA THR A 134 -3.38 -16.22 2.61
C THR A 134 -4.66 -15.93 3.41
N PRO A 135 -5.08 -16.84 4.31
CA PRO A 135 -6.23 -16.65 5.17
C PRO A 135 -5.90 -15.77 6.38
N GLY A 136 -4.65 -15.77 6.84
CA GLY A 136 -4.24 -15.00 7.98
C GLY A 136 -4.14 -13.52 7.64
N THR A 137 -3.38 -13.17 6.59
CA THR A 137 -3.05 -11.78 6.29
C THR A 137 -4.28 -10.93 6.00
N ILE A 138 -4.24 -9.66 6.40
CA ILE A 138 -5.38 -8.75 6.40
C ILE A 138 -4.90 -7.60 5.54
N ILE A 139 -5.31 -7.61 4.28
CA ILE A 139 -4.98 -6.54 3.36
C ILE A 139 -5.57 -5.25 3.89
N LEU A 140 -4.75 -4.21 3.91
CA LEU A 140 -5.03 -2.88 4.41
C LEU A 140 -4.30 -1.91 3.50
N GLY A 141 -5.01 -1.05 2.77
CA GLY A 141 -4.36 -0.27 1.72
C GLY A 141 -5.15 0.91 1.18
N THR A 142 -4.53 1.62 0.22
CA THR A 142 -5.09 2.83 -0.36
C THR A 142 -5.22 2.73 -1.88
N ILE A 143 -6.43 2.45 -2.38
CA ILE A 143 -6.73 2.54 -3.81
C ILE A 143 -7.40 3.91 -4.13
N PRO A 144 -7.43 4.36 -5.40
CA PRO A 144 -8.21 5.53 -5.80
C PRO A 144 -9.71 5.21 -5.81
N VAL A 145 -10.56 6.17 -6.17
CA VAL A 145 -11.95 5.88 -6.51
C VAL A 145 -12.04 5.29 -7.92
N PRO A 146 -13.05 4.44 -8.15
CA PRO A 146 -13.47 4.05 -9.47
C PRO A 146 -14.19 5.24 -10.12
N LYS A 147 -13.55 5.85 -11.13
CA LYS A 147 -14.20 6.74 -12.06
C LYS A 147 -13.63 6.39 -13.41
N GLY A 148 -14.49 5.98 -14.35
CA GLY A 148 -14.02 5.59 -15.68
C GLY A 148 -13.15 4.35 -15.59
N LYS A 149 -11.98 4.41 -16.23
CA LYS A 149 -11.26 3.20 -16.61
C LYS A 149 -10.79 2.40 -15.41
N PRO A 150 -10.92 1.07 -15.42
CA PRO A 150 -10.45 0.22 -14.34
C PRO A 150 -8.92 0.25 -14.32
N LEU A 151 -8.36 0.47 -13.14
CA LEU A 151 -6.94 0.44 -12.88
C LEU A 151 -6.54 -1.03 -12.90
N ALA A 152 -5.61 -1.44 -13.76
CA ALA A 152 -5.18 -2.81 -14.07
C ALA A 152 -4.47 -3.55 -12.93
N LEU A 153 -4.54 -3.02 -11.71
CA LEU A 153 -4.05 -3.63 -10.47
C LEU A 153 -5.13 -3.54 -9.40
N VAL A 154 -5.86 -2.42 -9.32
CA VAL A 154 -6.99 -2.34 -8.41
C VAL A 154 -8.03 -3.40 -8.80
N GLU A 155 -8.05 -3.85 -10.07
CA GLU A 155 -8.99 -4.83 -10.58
C GLU A 155 -8.90 -6.14 -9.77
N GLU A 156 -7.69 -6.53 -9.43
CA GLU A 156 -7.34 -7.78 -8.75
C GLU A 156 -7.96 -7.81 -7.35
N ILE A 157 -8.11 -6.65 -6.72
CA ILE A 157 -8.77 -6.46 -5.43
C ILE A 157 -10.26 -6.18 -5.65
N ARG A 158 -10.63 -5.37 -6.65
CA ARG A 158 -12.01 -4.96 -6.96
C ARG A 158 -12.90 -6.20 -7.10
N ASN A 159 -12.34 -7.24 -7.71
CA ASN A 159 -12.83 -8.61 -7.78
C ASN A 159 -13.58 -9.04 -6.53
N ARG A 160 -13.01 -8.77 -5.35
CA ARG A 160 -13.48 -9.33 -4.09
C ARG A 160 -14.86 -8.81 -3.72
N LYS A 161 -15.15 -7.51 -3.91
CA LYS A 161 -16.31 -6.79 -3.37
C LYS A 161 -16.33 -6.70 -1.83
N ASP A 162 -15.96 -7.78 -1.15
CA ASP A 162 -16.04 -7.99 0.29
C ASP A 162 -15.24 -6.97 1.11
N VAL A 163 -14.24 -6.32 0.51
CA VAL A 163 -13.37 -5.40 1.22
C VAL A 163 -14.18 -4.20 1.67
N LYS A 164 -13.96 -3.71 2.89
CA LYS A 164 -14.54 -2.46 3.34
C LYS A 164 -13.97 -1.34 2.48
N VAL A 165 -14.76 -0.34 2.13
CA VAL A 165 -14.33 0.78 1.29
C VAL A 165 -14.57 2.07 2.07
N PHE A 166 -13.49 2.62 2.62
CA PHE A 166 -13.50 3.83 3.42
C PHE A 166 -13.20 5.05 2.56
N ASN A 167 -14.26 5.75 2.12
CA ASN A 167 -14.16 7.02 1.41
C ASN A 167 -13.68 8.08 2.40
N VAL A 168 -12.43 8.50 2.32
CA VAL A 168 -11.97 9.63 3.13
C VAL A 168 -12.64 10.91 2.61
N THR A 169 -12.61 11.94 3.44
CA THR A 169 -12.78 13.34 3.07
C THR A 169 -11.54 14.08 3.57
N LYS A 170 -11.36 15.32 3.14
CA LYS A 170 -10.53 16.33 3.81
C LYS A 170 -11.22 16.93 5.04
N GLU A 171 -12.51 16.64 5.23
CA GLU A 171 -13.27 17.19 6.33
C GLU A 171 -12.94 16.37 7.56
N ASN A 172 -13.46 15.15 7.63
CA ASN A 172 -13.25 14.22 8.73
C ASN A 172 -11.99 13.38 8.46
N ARG A 173 -10.97 13.93 7.81
CA ARG A 173 -9.84 13.14 7.31
C ARG A 173 -9.21 12.35 8.46
N ASN A 174 -8.87 13.02 9.57
CA ASN A 174 -8.21 12.40 10.71
C ASN A 174 -9.13 11.54 11.58
N HIS A 175 -10.38 11.36 11.20
CA HIS A 175 -11.30 10.47 11.91
C HIS A 175 -11.19 9.03 11.44
N LEU A 176 -10.63 8.77 10.26
CA LEU A 176 -10.85 7.46 9.67
C LEU A 176 -9.95 6.38 10.28
N LEU A 177 -8.84 6.75 10.89
CA LEU A 177 -7.93 5.81 11.53
C LEU A 177 -8.70 4.81 12.43
N PRO A 178 -9.40 5.23 13.51
CA PRO A 178 -10.11 4.28 14.37
C PRO A 178 -11.22 3.52 13.63
N ASP A 179 -11.83 4.13 12.61
CA ASP A 179 -12.94 3.55 11.87
C ASP A 179 -12.45 2.34 11.07
N ILE A 180 -11.21 2.39 10.58
CA ILE A 180 -10.52 1.27 9.97
C ILE A 180 -10.22 0.21 11.02
N VAL A 181 -9.59 0.58 12.14
CA VAL A 181 -9.20 -0.36 13.19
C VAL A 181 -10.43 -1.11 13.71
N THR A 182 -11.58 -0.45 13.79
CA THR A 182 -12.85 -1.06 14.17
C THR A 182 -13.16 -2.26 13.27
N CYS A 183 -12.97 -2.12 11.96
CA CYS A 183 -13.22 -3.16 11.00
C CYS A 183 -12.16 -4.27 11.14
N VAL A 184 -10.89 -3.91 11.33
CA VAL A 184 -9.79 -4.87 11.48
C VAL A 184 -10.02 -5.73 12.75
N GLN A 185 -10.09 -5.11 13.93
CA GLN A 185 -10.22 -5.81 15.22
C GLN A 185 -11.60 -6.45 15.41
N SER A 186 -12.53 -6.25 14.47
CA SER A 186 -13.75 -7.04 14.37
C SER A 186 -13.42 -8.53 14.17
N SER A 187 -12.23 -8.89 13.67
CA SER A 187 -11.75 -10.26 13.77
C SER A 187 -11.49 -10.56 15.24
N ARG A 188 -12.09 -11.65 15.76
CA ARG A 188 -12.07 -12.02 17.17
C ARG A 188 -10.69 -11.79 17.80
N LYS A 189 -10.64 -10.79 18.66
CA LYS A 189 -9.66 -10.65 19.71
C LYS A 189 -10.20 -11.57 20.77
N ALA A 1 -13.14 -8.04 9.94
CA ALA A 1 -14.19 -8.24 8.95
C ALA A 1 -13.59 -8.85 7.70
N ARG A 2 -12.92 -8.05 6.87
CA ARG A 2 -12.02 -8.55 5.83
C ARG A 2 -11.09 -7.41 5.43
N HIS A 3 -10.19 -7.72 4.50
CA HIS A 3 -9.32 -6.85 3.70
C HIS A 3 -9.93 -5.43 3.57
N VAL A 4 -9.22 -4.41 4.04
CA VAL A 4 -9.67 -3.02 3.99
C VAL A 4 -8.91 -2.30 2.90
N PHE A 5 -9.63 -1.48 2.14
CA PHE A 5 -9.06 -0.46 1.31
C PHE A 5 -9.73 0.88 1.61
N LEU A 6 -8.99 1.95 1.36
CA LEU A 6 -9.41 3.34 1.47
C LEU A 6 -9.60 3.90 0.09
N THR A 7 -10.28 5.04 -0.02
CA THR A 7 -10.43 5.72 -1.29
C THR A 7 -10.78 7.20 -1.12
N GLY A 8 -11.08 7.87 -2.25
CA GLY A 8 -11.07 9.31 -2.46
C GLY A 8 -9.83 9.96 -1.85
N PRO A 9 -8.59 9.51 -2.17
CA PRO A 9 -7.41 9.98 -1.49
C PRO A 9 -7.09 11.42 -1.92
N PRO A 10 -6.98 12.39 -1.00
CA PRO A 10 -6.42 13.70 -1.31
C PRO A 10 -4.92 13.65 -1.57
N GLY A 11 -4.30 12.47 -1.46
CA GLY A 11 -2.86 12.33 -1.49
C GLY A 11 -2.37 12.47 -0.06
N VAL A 12 -2.67 13.60 0.58
CA VAL A 12 -2.10 14.01 1.82
C VAL A 12 -3.22 14.04 2.85
N GLY A 13 -3.24 12.95 3.57
CA GLY A 13 -3.93 12.80 4.83
C GLY A 13 -4.24 11.33 5.03
N LYS A 14 -4.73 10.70 3.97
CA LYS A 14 -4.93 9.27 3.83
C LYS A 14 -3.71 8.45 4.27
N THR A 15 -2.50 8.79 3.83
CA THR A 15 -1.28 8.09 4.24
C THR A 15 -1.12 8.23 5.76
N THR A 16 -1.17 9.44 6.31
CA THR A 16 -0.97 9.67 7.74
C THR A 16 -2.02 8.92 8.58
N LEU A 17 -3.30 8.87 8.17
CA LEU A 17 -4.31 8.07 8.88
C LEU A 17 -3.80 6.64 9.05
N ILE A 18 -3.40 6.03 7.93
CA ILE A 18 -2.97 4.65 7.88
C ILE A 18 -1.65 4.45 8.67
N HIS A 19 -0.81 5.47 8.84
CA HIS A 19 0.34 5.42 9.75
C HIS A 19 -0.16 5.31 11.18
N LYS A 20 -0.98 6.27 11.64
CA LYS A 20 -1.50 6.29 13.01
C LYS A 20 -2.40 5.10 13.32
N ALA A 21 -2.82 4.33 12.31
CA ALA A 21 -3.52 3.08 12.46
C ALA A 21 -2.60 1.94 12.85
N SER A 22 -1.42 1.91 12.25
CA SER A 22 -0.50 0.79 12.38
C SER A 22 0.00 0.75 13.81
N GLU A 23 0.42 1.91 14.33
CA GLU A 23 1.01 2.09 15.64
C GLU A 23 0.13 1.52 16.76
N VAL A 24 -1.18 1.71 16.66
CA VAL A 24 -2.16 1.21 17.63
C VAL A 24 -2.02 -0.29 17.76
N LEU A 25 -2.08 -0.99 16.64
CA LEU A 25 -1.98 -2.41 16.59
C LEU A 25 -0.53 -2.83 16.93
N LYS A 26 0.50 -2.08 16.51
CA LYS A 26 1.90 -2.41 16.84
C LYS A 26 2.10 -2.39 18.36
N SER A 27 1.46 -1.44 19.06
CA SER A 27 1.32 -1.41 20.51
C SER A 27 0.63 -2.69 21.01
N SER A 28 -0.31 -3.22 20.23
CA SER A 28 -0.98 -4.50 20.40
C SER A 28 -0.14 -5.73 20.07
N GLY A 29 1.15 -5.58 19.75
CA GLY A 29 2.01 -6.70 19.36
C GLY A 29 1.50 -7.40 18.11
N VAL A 30 0.66 -6.75 17.30
CA VAL A 30 0.06 -7.31 16.10
C VAL A 30 1.18 -7.80 15.16
N PRO A 31 1.07 -8.94 14.45
CA PRO A 31 2.00 -9.28 13.39
C PRO A 31 1.68 -8.53 12.10
N VAL A 32 2.18 -7.31 12.01
CA VAL A 32 2.10 -6.47 10.81
C VAL A 32 3.31 -6.73 9.92
N ASP A 33 3.15 -6.45 8.63
CA ASP A 33 4.23 -6.31 7.65
C ASP A 33 3.71 -5.42 6.51
N GLY A 34 4.56 -5.06 5.56
CA GLY A 34 4.21 -4.34 4.33
C GLY A 34 5.16 -3.18 4.09
N PHE A 35 4.66 -2.11 3.48
CA PHE A 35 5.42 -0.90 3.22
C PHE A 35 4.52 0.33 3.26
N TYR A 36 5.14 1.50 3.21
CA TYR A 36 4.50 2.78 2.94
C TYR A 36 5.49 3.66 2.15
N THR A 37 5.02 4.81 1.69
CA THR A 37 5.72 5.74 0.81
C THR A 37 5.54 7.13 1.42
N GLU A 38 6.46 7.55 2.29
CA GLU A 38 6.29 8.76 3.10
C GLU A 38 6.48 10.05 2.30
N GLU A 39 7.21 9.94 1.17
CA GLU A 39 7.92 10.94 0.36
C GLU A 39 9.41 10.96 0.76
N VAL A 40 10.26 11.57 -0.08
CA VAL A 40 11.70 11.68 0.15
C VAL A 40 12.13 13.09 -0.23
N ARG A 41 12.37 13.93 0.78
CA ARG A 41 12.85 15.29 0.63
C ARG A 41 14.16 15.42 1.38
N GLN A 42 15.25 15.46 0.63
CA GLN A 42 16.60 15.68 1.14
C GLN A 42 16.69 17.18 1.38
N GLY A 43 16.86 17.66 2.61
CA GLY A 43 17.15 19.07 2.88
C GLY A 43 15.92 19.97 2.81
N GLY A 44 15.20 19.97 1.69
CA GLY A 44 14.09 20.86 1.40
C GLY A 44 13.51 20.69 0.00
N ARG A 45 13.87 19.64 -0.76
CA ARG A 45 13.39 19.46 -2.13
C ARG A 45 13.16 17.97 -2.38
N ARG A 46 12.06 17.63 -3.06
CA ARG A 46 11.74 16.26 -3.42
C ARG A 46 12.75 15.77 -4.43
N ILE A 47 13.09 14.48 -4.33
CA ILE A 47 14.04 13.80 -5.22
C ILE A 47 13.55 12.44 -5.69
N GLY A 48 12.49 11.91 -5.09
CA GLY A 48 12.00 10.59 -5.43
C GLY A 48 10.93 10.19 -4.43
N PHE A 49 10.58 8.92 -4.49
CA PHE A 49 9.88 8.21 -3.44
C PHE A 49 10.69 6.94 -3.22
N ASP A 50 10.87 6.57 -1.96
CA ASP A 50 11.45 5.29 -1.57
C ASP A 50 10.35 4.52 -0.86
N VAL A 51 10.45 3.18 -0.78
CA VAL A 51 9.34 2.33 -0.38
C VAL A 51 9.72 1.63 0.91
N VAL A 52 9.31 2.22 2.01
CA VAL A 52 9.81 1.99 3.35
C VAL A 52 9.09 0.76 3.93
N THR A 53 9.79 -0.33 4.23
CA THR A 53 9.19 -1.49 4.87
C THR A 53 9.28 -1.34 6.39
N LEU A 54 8.33 -1.92 7.11
CA LEU A 54 8.14 -1.65 8.53
C LEU A 54 9.34 -2.11 9.36
N SER A 55 10.11 -3.09 8.87
CA SER A 55 11.28 -3.62 9.54
C SER A 55 12.32 -2.51 9.68
N GLY A 56 12.36 -1.57 8.72
CA GLY A 56 13.23 -0.42 8.74
C GLY A 56 13.81 -0.06 7.38
N THR A 57 13.73 -0.95 6.39
CA THR A 57 14.32 -0.84 5.08
C THR A 57 13.59 0.22 4.24
N ARG A 58 14.19 0.67 3.15
CA ARG A 58 13.49 1.27 2.02
C ARG A 58 14.23 0.96 0.73
N GLY A 59 13.53 0.99 -0.40
CA GLY A 59 14.13 0.79 -1.71
C GLY A 59 13.78 1.92 -2.66
N PRO A 60 14.54 2.12 -3.73
CA PRO A 60 14.51 3.31 -4.58
C PRO A 60 13.39 3.25 -5.62
N LEU A 61 12.14 3.23 -5.15
CA LEU A 61 10.90 3.18 -5.94
C LEU A 61 10.99 4.10 -7.14
N SER A 62 11.28 5.39 -6.95
CA SER A 62 11.48 6.31 -8.04
C SER A 62 12.57 7.32 -7.68
N ARG A 63 13.33 7.78 -8.67
CA ARG A 63 14.31 8.86 -8.54
C ARG A 63 14.37 9.63 -9.86
N VAL A 64 14.90 10.85 -9.86
CA VAL A 64 15.11 11.64 -11.05
C VAL A 64 16.09 10.92 -11.99
N GLY A 65 16.09 11.27 -13.27
CA GLY A 65 17.04 10.74 -14.23
C GLY A 65 17.19 11.70 -15.42
N LEU A 66 17.59 11.17 -16.56
CA LEU A 66 17.27 11.75 -17.87
C LEU A 66 15.83 11.34 -18.20
N GLU A 67 15.19 11.97 -19.18
CA GLU A 67 13.83 11.61 -19.59
C GLU A 67 13.89 10.55 -20.69
N PRO A 68 12.90 9.64 -20.79
CA PRO A 68 12.91 8.61 -21.82
C PRO A 68 12.58 9.21 -23.18
N PRO A 69 13.44 9.02 -24.19
CA PRO A 69 13.23 9.53 -25.54
C PRO A 69 12.16 8.72 -26.27
N PRO A 70 11.61 9.21 -27.40
CA PRO A 70 10.52 8.53 -28.10
C PRO A 70 10.96 7.26 -28.85
N GLY A 71 12.27 7.01 -29.01
CA GLY A 71 12.82 5.77 -29.54
C GLY A 71 12.99 4.68 -28.47
N LYS A 72 12.49 4.93 -27.26
CA LYS A 72 12.59 4.17 -26.03
C LYS A 72 11.20 4.30 -25.40
N ARG A 73 10.91 3.54 -24.36
CA ARG A 73 9.93 3.92 -23.35
C ARG A 73 10.55 3.51 -22.03
N GLU A 74 10.25 4.23 -20.95
CA GLU A 74 10.65 3.84 -19.61
C GLU A 74 9.59 4.40 -18.65
N CYS A 75 9.40 3.70 -17.54
CA CYS A 75 8.28 3.89 -16.63
C CYS A 75 8.52 5.13 -15.77
N ARG A 76 7.97 6.30 -16.09
CA ARG A 76 8.09 7.50 -15.26
C ARG A 76 6.74 7.98 -14.76
N VAL A 77 6.76 8.81 -13.72
CA VAL A 77 5.57 9.04 -12.87
C VAL A 77 5.41 10.50 -12.44
N GLY A 78 6.36 11.38 -12.78
CA GLY A 78 6.29 12.80 -12.45
C GLY A 78 7.64 13.28 -11.92
N GLN A 79 8.61 13.50 -12.81
CA GLN A 79 10.03 13.84 -12.58
C GLN A 79 10.89 12.60 -12.37
N TYR A 80 10.32 11.53 -11.81
CA TYR A 80 11.06 10.34 -11.46
C TYR A 80 10.72 9.23 -12.45
N VAL A 81 11.70 8.39 -12.75
CA VAL A 81 11.49 7.09 -13.38
C VAL A 81 11.34 6.10 -12.22
N VAL A 82 10.33 5.25 -12.25
CA VAL A 82 10.06 4.21 -11.27
C VAL A 82 10.81 2.94 -11.69
N ASP A 83 10.75 1.91 -10.84
CA ASP A 83 11.13 0.57 -11.22
C ASP A 83 10.26 -0.44 -10.47
N LEU A 84 9.76 -1.46 -11.17
CA LEU A 84 9.20 -2.68 -10.57
C LEU A 84 10.30 -3.36 -9.77
N THR A 85 11.52 -3.33 -10.31
CA THR A 85 12.72 -3.80 -9.65
C THR A 85 12.85 -3.17 -8.24
N SER A 86 12.56 -1.89 -8.09
CA SER A 86 12.68 -1.22 -6.81
C SER A 86 11.54 -1.56 -5.85
N PHE A 87 10.44 -2.14 -6.35
CA PHE A 87 9.49 -2.82 -5.52
C PHE A 87 10.07 -4.20 -5.16
N GLU A 88 10.39 -5.07 -6.12
CA GLU A 88 10.77 -6.48 -5.87
C GLU A 88 11.97 -6.65 -4.94
N GLN A 89 12.76 -5.58 -4.74
CA GLN A 89 13.76 -5.50 -3.68
C GLN A 89 13.20 -5.81 -2.29
N LEU A 90 12.01 -5.33 -1.95
CA LEU A 90 11.46 -5.39 -0.60
C LEU A 90 9.95 -5.66 -0.59
N ALA A 91 9.22 -5.07 -1.54
CA ALA A 91 7.79 -5.24 -1.76
C ALA A 91 7.54 -6.58 -2.47
N LEU A 92 8.11 -7.64 -1.92
CA LEU A 92 8.03 -9.03 -2.35
C LEU A 92 7.95 -9.87 -1.06
N PRO A 93 8.96 -9.90 -0.18
CA PRO A 93 8.86 -10.59 1.10
C PRO A 93 7.84 -9.95 2.05
N VAL A 94 7.69 -8.62 2.08
CA VAL A 94 6.75 -7.97 3.01
C VAL A 94 5.30 -8.38 2.78
N LEU A 95 4.95 -8.88 1.59
CA LEU A 95 3.61 -9.35 1.30
C LEU A 95 3.36 -10.67 2.05
N ARG A 96 4.37 -11.52 2.23
CA ARG A 96 4.25 -12.74 3.00
C ARG A 96 5.56 -13.10 3.67
N ASN A 97 5.60 -12.92 4.98
CA ASN A 97 6.57 -13.59 5.81
C ASN A 97 6.10 -15.02 6.03
N ALA A 98 7.03 -15.98 6.11
CA ALA A 98 6.74 -17.38 6.38
C ALA A 98 5.97 -17.51 7.70
N ASP A 99 4.78 -18.11 7.66
CA ASP A 99 3.86 -18.19 8.79
C ASP A 99 3.82 -19.63 9.27
N CYS A 100 3.31 -20.56 8.44
CA CYS A 100 3.05 -21.95 8.81
C CYS A 100 2.18 -22.00 10.08
N SER A 101 2.20 -23.09 10.84
CA SER A 101 1.21 -23.33 11.88
C SER A 101 1.61 -22.61 13.18
N SER A 102 1.37 -21.30 13.21
CA SER A 102 1.68 -20.36 14.28
C SER A 102 0.55 -20.31 15.33
N GLY A 103 0.58 -19.36 16.27
CA GLY A 103 -0.49 -19.14 17.25
C GLY A 103 -1.65 -18.33 16.66
N PRO A 104 -2.70 -18.05 17.44
CA PRO A 104 -3.71 -17.05 17.08
C PRO A 104 -3.05 -15.66 17.06
N GLY A 105 -3.57 -14.77 16.23
CA GLY A 105 -2.93 -13.49 15.98
C GLY A 105 -3.07 -13.15 14.51
N GLN A 106 -4.20 -12.56 14.13
CA GLN A 106 -4.43 -12.12 12.77
C GLN A 106 -3.30 -11.19 12.34
N ARG A 107 -2.77 -11.50 11.17
CA ARG A 107 -1.66 -10.78 10.57
C ARG A 107 -2.26 -9.59 9.83
N VAL A 108 -1.46 -8.60 9.50
CA VAL A 108 -1.85 -7.47 8.68
C VAL A 108 -0.84 -7.41 7.53
N CYS A 109 -1.26 -6.83 6.41
CA CYS A 109 -0.38 -6.37 5.35
C CYS A 109 -0.78 -4.96 4.96
N VAL A 110 0.18 -4.15 4.51
CA VAL A 110 -0.01 -2.71 4.34
C VAL A 110 0.54 -2.29 2.98
N ILE A 111 -0.31 -1.67 2.14
CA ILE A 111 -0.01 -1.37 0.76
C ILE A 111 -0.69 -0.04 0.44
N ASP A 112 -0.08 1.11 0.74
CA ASP A 112 -0.59 2.42 0.28
C ASP A 112 -0.29 2.58 -1.23
N GLU A 113 -0.85 3.63 -1.84
CA GLU A 113 -0.72 4.07 -3.24
C GLU A 113 -0.59 2.92 -4.25
N ILE A 114 -1.69 2.18 -4.41
CA ILE A 114 -1.93 1.26 -5.52
C ILE A 114 -2.62 2.14 -6.58
N GLY A 115 -1.85 2.74 -7.49
CA GLY A 115 -2.38 3.75 -8.40
C GLY A 115 -1.45 3.99 -9.59
N LYS A 116 -0.40 4.79 -9.41
CA LYS A 116 0.53 5.19 -10.47
C LYS A 116 1.12 4.02 -11.24
N MET A 117 1.38 2.88 -10.59
CA MET A 117 1.93 1.74 -11.30
C MET A 117 0.95 1.07 -12.25
N GLU A 118 -0.33 1.47 -12.34
CA GLU A 118 -1.37 0.80 -13.11
C GLU A 118 -0.84 0.27 -14.45
N LEU A 119 -0.20 1.12 -15.25
CA LEU A 119 0.31 0.77 -16.56
C LEU A 119 1.36 -0.34 -16.47
N PHE A 120 2.29 -0.22 -15.51
CA PHE A 120 3.49 -1.02 -15.34
C PHE A 120 3.26 -2.31 -14.53
N SER A 121 2.09 -2.48 -13.92
CA SER A 121 1.82 -3.46 -12.86
C SER A 121 2.15 -4.89 -13.32
N GLN A 122 3.20 -5.52 -12.78
CA GLN A 122 3.49 -6.93 -12.99
C GLN A 122 3.50 -7.69 -11.66
N LEU A 123 4.64 -7.68 -10.96
CA LEU A 123 4.80 -8.47 -9.73
C LEU A 123 3.82 -8.04 -8.64
N PHE A 124 3.27 -6.82 -8.76
CA PHE A 124 2.23 -6.25 -7.93
C PHE A 124 1.07 -7.23 -7.79
N ILE A 125 0.22 -7.42 -8.82
CA ILE A 125 -0.80 -8.46 -8.86
C ILE A 125 -0.36 -9.75 -8.14
N GLN A 126 0.74 -10.39 -8.55
CA GLN A 126 1.16 -11.68 -8.01
C GLN A 126 1.36 -11.63 -6.51
N ALA A 127 2.25 -10.74 -6.05
CA ALA A 127 2.67 -10.67 -4.67
C ALA A 127 1.46 -10.37 -3.78
N VAL A 128 0.65 -9.41 -4.21
CA VAL A 128 -0.61 -9.05 -3.61
C VAL A 128 -1.53 -10.28 -3.56
N ARG A 129 -1.70 -10.99 -4.67
CA ARG A 129 -2.62 -12.13 -4.80
C ARG A 129 -2.22 -13.31 -3.93
N GLN A 130 -0.93 -13.50 -3.64
CA GLN A 130 -0.47 -14.47 -2.66
C GLN A 130 -1.20 -14.20 -1.34
N THR A 131 -1.01 -12.98 -0.85
CA THR A 131 -1.51 -12.43 0.41
C THR A 131 -3.04 -12.44 0.48
N LEU A 132 -3.71 -12.14 -0.63
CA LEU A 132 -5.17 -12.13 -0.71
C LEU A 132 -5.72 -13.53 -0.43
N SER A 133 -5.00 -14.57 -0.83
CA SER A 133 -5.42 -15.96 -0.61
C SER A 133 -5.12 -16.41 0.84
N THR A 134 -4.40 -15.61 1.63
CA THR A 134 -4.15 -15.95 3.02
C THR A 134 -5.29 -15.33 3.86
N PRO A 135 -5.88 -16.09 4.79
CA PRO A 135 -6.92 -15.59 5.69
C PRO A 135 -6.37 -14.81 6.88
N GLY A 136 -5.22 -15.24 7.43
CA GLY A 136 -4.69 -14.67 8.66
C GLY A 136 -4.34 -13.20 8.47
N THR A 137 -3.62 -12.89 7.38
CA THR A 137 -3.26 -11.55 6.95
C THR A 137 -4.49 -10.71 6.60
N ILE A 138 -4.37 -9.39 6.72
CA ILE A 138 -5.47 -8.45 6.60
C ILE A 138 -4.87 -7.31 5.81
N ILE A 139 -5.23 -7.17 4.54
CA ILE A 139 -4.75 -6.08 3.71
C ILE A 139 -5.31 -4.77 4.29
N LEU A 140 -4.54 -3.70 4.17
CA LEU A 140 -4.85 -2.35 4.57
C LEU A 140 -4.21 -1.42 3.53
N GLY A 141 -4.97 -1.01 2.51
CA GLY A 141 -4.44 -0.22 1.39
C GLY A 141 -5.27 1.02 1.07
N THR A 142 -4.81 1.89 0.16
CA THR A 142 -5.59 3.07 -0.26
C THR A 142 -5.66 3.19 -1.82
N ILE A 143 -6.76 2.76 -2.45
CA ILE A 143 -6.96 2.89 -3.90
C ILE A 143 -7.41 4.30 -4.29
N PRO A 144 -6.92 4.89 -5.41
CA PRO A 144 -7.53 6.07 -5.98
C PRO A 144 -8.91 5.71 -6.52
N VAL A 145 -9.88 6.58 -6.27
CA VAL A 145 -11.28 6.28 -6.46
C VAL A 145 -11.60 5.99 -7.93
N PRO A 146 -12.37 4.93 -8.21
CA PRO A 146 -12.74 4.57 -9.57
C PRO A 146 -13.69 5.63 -10.12
N LYS A 147 -13.41 6.14 -11.32
CA LYS A 147 -14.25 7.09 -12.04
C LYS A 147 -13.98 6.94 -13.53
N GLY A 148 -12.74 7.19 -13.97
CA GLY A 148 -12.35 7.04 -15.36
C GLY A 148 -12.07 5.58 -15.67
N LYS A 149 -10.89 5.28 -16.22
CA LYS A 149 -10.60 3.95 -16.73
C LYS A 149 -10.44 2.93 -15.58
N PRO A 150 -10.65 1.63 -15.83
CA PRO A 150 -10.62 0.62 -14.78
C PRO A 150 -9.17 0.30 -14.43
N LEU A 151 -8.66 0.82 -13.31
CA LEU A 151 -7.24 0.70 -12.99
C LEU A 151 -6.87 -0.77 -12.79
N ALA A 152 -5.87 -1.25 -13.54
CA ALA A 152 -5.55 -2.67 -13.69
C ALA A 152 -5.30 -3.37 -12.35
N LEU A 153 -4.31 -2.95 -11.56
CA LEU A 153 -4.07 -3.56 -10.23
C LEU A 153 -5.27 -3.33 -9.28
N VAL A 154 -6.02 -2.23 -9.43
CA VAL A 154 -7.19 -1.97 -8.60
C VAL A 154 -8.25 -3.04 -8.89
N GLU A 155 -8.48 -3.35 -10.16
CA GLU A 155 -9.42 -4.35 -10.64
C GLU A 155 -9.14 -5.71 -10.00
N GLU A 156 -7.86 -6.07 -9.79
CA GLU A 156 -7.48 -7.35 -9.20
C GLU A 156 -8.10 -7.57 -7.81
N ILE A 157 -8.35 -6.47 -7.10
CA ILE A 157 -8.86 -6.49 -5.74
C ILE A 157 -10.32 -6.03 -5.72
N ARG A 158 -10.72 -5.14 -6.63
CA ARG A 158 -12.12 -4.72 -6.75
C ARG A 158 -12.98 -5.93 -7.09
N ASN A 159 -12.42 -6.88 -7.84
CA ASN A 159 -13.05 -8.16 -8.14
C ASN A 159 -13.18 -9.09 -6.93
N ARG A 160 -12.63 -8.78 -5.76
CA ARG A 160 -12.98 -9.49 -4.53
C ARG A 160 -14.34 -9.05 -4.03
N LYS A 161 -14.62 -7.74 -4.12
CA LYS A 161 -15.86 -7.08 -3.73
C LYS A 161 -16.19 -7.19 -2.23
N ASP A 162 -15.68 -8.19 -1.50
CA ASP A 162 -15.75 -8.29 -0.05
C ASP A 162 -15.04 -7.11 0.64
N VAL A 163 -14.02 -6.55 -0.01
CA VAL A 163 -13.13 -5.54 0.52
C VAL A 163 -13.93 -4.34 1.03
N LYS A 164 -13.58 -3.82 2.21
CA LYS A 164 -14.12 -2.53 2.64
C LYS A 164 -13.53 -1.48 1.71
N VAL A 165 -14.29 -0.44 1.39
CA VAL A 165 -13.83 0.71 0.64
C VAL A 165 -14.22 1.92 1.49
N PHE A 166 -13.32 2.33 2.39
CA PHE A 166 -13.50 3.49 3.24
C PHE A 166 -13.17 4.75 2.44
N ASN A 167 -14.18 5.50 2.03
CA ASN A 167 -14.00 6.83 1.46
C ASN A 167 -13.39 7.73 2.54
N VAL A 168 -12.10 8.05 2.45
CA VAL A 168 -11.49 9.14 3.20
C VAL A 168 -12.23 10.42 2.78
N THR A 169 -12.23 11.45 3.62
CA THR A 169 -12.39 12.81 3.16
C THR A 169 -11.36 13.64 3.89
N LYS A 170 -11.07 14.84 3.38
CA LYS A 170 -10.32 15.84 4.15
C LYS A 170 -11.13 16.29 5.37
N GLU A 171 -12.42 15.99 5.40
CA GLU A 171 -13.33 16.51 6.41
C GLU A 171 -13.31 15.60 7.64
N ASN A 172 -13.56 14.31 7.45
CA ASN A 172 -13.65 13.30 8.50
C ASN A 172 -12.38 12.47 8.57
N ARG A 173 -11.32 12.88 7.86
CA ARG A 173 -10.00 12.26 7.81
C ARG A 173 -9.66 11.53 9.12
N ASN A 174 -9.53 12.28 10.22
CA ASN A 174 -9.00 11.76 11.47
C ASN A 174 -10.02 10.97 12.29
N HIS A 175 -11.22 10.78 11.76
CA HIS A 175 -12.28 9.90 12.24
C HIS A 175 -12.39 8.66 11.37
N LEU A 176 -11.67 8.58 10.26
CA LEU A 176 -11.71 7.37 9.46
C LEU A 176 -10.78 6.32 10.05
N LEU A 177 -9.55 6.73 10.40
CA LEU A 177 -8.56 5.98 11.17
C LEU A 177 -9.28 5.05 12.17
N PRO A 178 -10.06 5.53 13.17
CA PRO A 178 -10.69 4.65 14.15
C PRO A 178 -11.79 3.74 13.60
N ASP A 179 -12.52 4.14 12.55
CA ASP A 179 -13.53 3.29 11.91
C ASP A 179 -12.85 2.11 11.21
N ILE A 180 -11.66 2.35 10.65
CA ILE A 180 -10.81 1.32 10.10
C ILE A 180 -10.32 0.39 11.23
N VAL A 181 -9.85 0.93 12.37
CA VAL A 181 -9.43 0.12 13.52
C VAL A 181 -10.54 -0.90 13.86
N THR A 182 -11.79 -0.44 13.90
CA THR A 182 -12.93 -1.28 14.21
C THR A 182 -13.07 -2.43 13.23
N CYS A 183 -13.05 -2.21 11.90
CA CYS A 183 -13.21 -3.28 10.94
C CYS A 183 -12.12 -4.34 11.06
N VAL A 184 -10.90 -3.95 11.48
CA VAL A 184 -9.82 -4.89 11.76
C VAL A 184 -10.20 -5.69 13.01
N GLN A 185 -10.36 -5.04 14.17
CA GLN A 185 -10.52 -5.76 15.43
C GLN A 185 -11.86 -6.50 15.56
N SER A 186 -12.87 -6.16 14.76
CA SER A 186 -14.16 -6.84 14.80
C SER A 186 -14.02 -8.34 14.48
N SER A 187 -12.93 -8.80 13.85
CA SER A 187 -12.77 -10.24 13.65
C SER A 187 -12.47 -10.97 14.97
N ARG A 188 -12.10 -10.25 16.04
CA ARG A 188 -12.04 -10.77 17.40
C ARG A 188 -13.41 -10.64 18.06
N LYS A 189 -14.03 -9.46 17.98
CA LYS A 189 -15.29 -9.13 18.65
C LYS A 189 -16.38 -10.10 18.21
N ALA A 1 -14.62 -8.31 10.47
CA ALA A 1 -13.20 -8.24 10.08
C ALA A 1 -12.95 -8.89 8.71
N ARG A 2 -12.27 -8.19 7.79
CA ARG A 2 -11.59 -8.71 6.60
C ARG A 2 -10.63 -7.61 6.11
N HIS A 3 -10.11 -7.74 4.89
CA HIS A 3 -9.32 -6.73 4.19
C HIS A 3 -9.98 -5.35 4.29
N VAL A 4 -9.22 -4.28 4.51
CA VAL A 4 -9.72 -2.90 4.50
C VAL A 4 -8.88 -2.06 3.53
N PHE A 5 -9.55 -1.14 2.83
CA PHE A 5 -9.00 -0.23 1.85
C PHE A 5 -9.66 1.13 2.00
N LEU A 6 -8.97 2.24 1.74
CA LEU A 6 -9.56 3.59 1.73
C LEU A 6 -9.72 4.10 0.31
N THR A 7 -10.64 5.04 0.13
CA THR A 7 -10.91 5.68 -1.14
C THR A 7 -11.38 7.12 -0.89
N GLY A 8 -11.62 7.87 -1.96
CA GLY A 8 -12.23 9.21 -1.93
C GLY A 8 -11.47 10.22 -2.81
N PRO A 9 -11.88 11.50 -2.80
CA PRO A 9 -11.21 12.59 -3.52
C PRO A 9 -9.86 12.91 -2.86
N PRO A 10 -8.98 13.69 -3.52
CA PRO A 10 -7.69 14.06 -2.95
C PRO A 10 -7.85 15.08 -1.82
N GLY A 11 -7.94 14.59 -0.58
CA GLY A 11 -7.99 15.42 0.60
C GLY A 11 -6.61 15.84 1.06
N VAL A 12 -5.65 14.93 0.88
CA VAL A 12 -4.41 14.79 1.62
C VAL A 12 -4.71 14.52 3.10
N GLY A 13 -4.45 13.30 3.53
CA GLY A 13 -4.49 12.94 4.95
C GLY A 13 -4.58 11.45 5.21
N LYS A 14 -4.26 10.58 4.23
CA LYS A 14 -4.60 9.17 4.25
C LYS A 14 -3.46 8.34 4.80
N THR A 15 -2.28 8.48 4.21
CA THR A 15 -1.07 7.73 4.49
C THR A 15 -0.77 7.77 5.99
N THR A 16 -0.94 8.92 6.65
CA THR A 16 -0.79 9.10 8.09
C THR A 16 -1.73 8.20 8.92
N LEU A 17 -2.99 8.04 8.52
CA LEU A 17 -3.96 7.25 9.27
C LEU A 17 -3.53 5.80 9.15
N ILE A 18 -3.24 5.34 7.93
CA ILE A 18 -2.75 3.99 7.71
C ILE A 18 -1.45 3.76 8.51
N HIS A 19 -0.53 4.75 8.55
CA HIS A 19 0.68 4.67 9.33
C HIS A 19 0.35 4.40 10.79
N LYS A 20 -0.48 5.25 11.39
CA LYS A 20 -0.86 5.10 12.79
C LYS A 20 -1.54 3.77 13.02
N ALA A 21 -2.27 3.23 12.05
CA ALA A 21 -2.90 1.92 12.14
C ALA A 21 -1.87 0.89 12.60
N SER A 22 -0.67 0.93 12.00
CA SER A 22 0.39 0.00 12.34
C SER A 22 0.71 0.12 13.82
N GLU A 23 0.86 1.35 14.31
CA GLU A 23 1.34 1.71 15.64
C GLU A 23 0.33 1.35 16.73
N VAL A 24 -0.95 1.24 16.36
CA VAL A 24 -2.07 0.87 17.23
C VAL A 24 -2.14 -0.63 17.34
N LEU A 25 -2.09 -1.34 16.21
CA LEU A 25 -2.02 -2.80 16.19
C LEU A 25 -0.79 -3.22 16.98
N LYS A 26 0.35 -2.56 16.75
CA LYS A 26 1.57 -2.84 17.49
C LYS A 26 1.35 -2.60 18.98
N SER A 27 0.69 -1.51 19.36
CA SER A 27 0.35 -1.27 20.75
C SER A 27 -0.58 -2.35 21.33
N SER A 28 -1.38 -3.01 20.48
CA SER A 28 -2.26 -4.12 20.83
C SER A 28 -1.54 -5.48 20.72
N GLY A 29 -0.26 -5.52 20.38
CA GLY A 29 0.49 -6.76 20.23
C GLY A 29 0.21 -7.51 18.93
N VAL A 30 -0.48 -6.91 17.95
CA VAL A 30 -0.77 -7.54 16.68
C VAL A 30 0.45 -7.33 15.78
N PRO A 31 1.14 -8.40 15.33
CA PRO A 31 2.22 -8.25 14.35
C PRO A 31 1.67 -7.68 13.04
N VAL A 32 2.27 -6.57 12.66
CA VAL A 32 2.11 -5.91 11.38
C VAL A 32 3.14 -6.47 10.42
N ASP A 33 2.90 -6.30 9.13
CA ASP A 33 3.90 -6.35 8.09
C ASP A 33 3.52 -5.27 7.06
N GLY A 34 4.28 -5.04 6.00
CA GLY A 34 3.78 -4.23 4.88
C GLY A 34 4.83 -3.30 4.29
N PHE A 35 4.39 -2.31 3.52
CA PHE A 35 5.22 -1.22 3.07
C PHE A 35 4.36 0.03 2.85
N TYR A 36 5.02 1.17 2.95
CA TYR A 36 4.61 2.46 2.46
C TYR A 36 5.67 2.85 1.43
N THR A 37 5.56 4.03 0.83
CA THR A 37 6.29 4.40 -0.37
C THR A 37 6.14 5.94 -0.33
N GLU A 38 7.12 6.66 0.22
CA GLU A 38 6.95 8.09 0.55
C GLU A 38 7.70 8.98 -0.43
N GLU A 39 7.26 10.25 -0.54
CA GLU A 39 7.97 11.22 -1.36
C GLU A 39 9.31 11.54 -0.70
N VAL A 40 10.39 11.06 -1.33
CA VAL A 40 11.75 11.32 -0.92
C VAL A 40 12.03 12.80 -1.23
N ARG A 41 12.12 13.59 -0.16
CA ARG A 41 12.36 15.01 -0.15
C ARG A 41 13.66 15.26 0.59
N GLN A 42 14.74 15.57 -0.13
CA GLN A 42 16.03 15.90 0.46
C GLN A 42 16.05 17.42 0.63
N GLY A 43 15.85 17.93 1.84
CA GLY A 43 15.78 19.36 2.13
C GLY A 43 14.93 20.14 1.12
N GLY A 44 13.71 19.67 0.87
CA GLY A 44 12.74 20.29 -0.05
C GLY A 44 12.99 19.99 -1.53
N ARG A 45 14.08 19.33 -1.92
CA ARG A 45 14.25 18.86 -3.28
C ARG A 45 13.39 17.62 -3.44
N ARG A 46 12.45 17.61 -4.39
CA ARG A 46 11.88 16.38 -4.91
C ARG A 46 12.94 15.72 -5.80
N ILE A 47 13.29 14.47 -5.50
CA ILE A 47 14.31 13.71 -6.23
C ILE A 47 13.85 12.29 -6.58
N GLY A 48 12.73 11.84 -6.00
CA GLY A 48 12.24 10.49 -6.21
C GLY A 48 11.24 10.13 -5.14
N PHE A 49 10.95 8.84 -5.01
CA PHE A 49 10.22 8.23 -3.93
C PHE A 49 10.97 6.93 -3.63
N ASP A 50 11.10 6.51 -2.38
CA ASP A 50 11.66 5.20 -2.01
C ASP A 50 10.53 4.39 -1.38
N VAL A 51 10.51 3.07 -1.58
CA VAL A 51 9.67 2.14 -0.84
C VAL A 51 10.15 2.24 0.62
N VAL A 52 9.31 1.94 1.62
CA VAL A 52 9.73 1.86 3.00
C VAL A 52 8.91 0.74 3.65
N THR A 53 9.53 -0.27 4.25
CA THR A 53 8.82 -1.29 5.03
C THR A 53 8.36 -0.69 6.36
N LEU A 54 7.68 -1.47 7.19
CA LEU A 54 7.47 -1.16 8.61
C LEU A 54 8.61 -1.70 9.47
N SER A 55 9.46 -2.58 8.92
CA SER A 55 10.52 -3.24 9.66
C SER A 55 11.58 -2.18 9.98
N GLY A 56 12.00 -1.44 8.96
CA GLY A 56 13.15 -0.55 9.05
C GLY A 56 14.10 -0.75 7.87
N THR A 57 13.57 -0.74 6.65
CA THR A 57 14.28 -0.90 5.40
C THR A 57 13.58 -0.01 4.36
N ARG A 58 14.36 0.52 3.42
CA ARG A 58 14.00 1.43 2.34
C ARG A 58 14.31 0.77 1.00
N GLY A 59 13.73 1.23 -0.11
CA GLY A 59 13.93 0.64 -1.42
C GLY A 59 13.99 1.70 -2.53
N PRO A 60 14.95 1.63 -3.45
CA PRO A 60 15.21 2.61 -4.51
C PRO A 60 14.15 2.64 -5.64
N LEU A 61 12.89 2.95 -5.30
CA LEU A 61 11.69 2.82 -6.13
C LEU A 61 11.75 3.75 -7.33
N SER A 62 11.78 5.06 -7.14
CA SER A 62 11.98 6.01 -8.23
C SER A 62 13.09 6.98 -7.84
N ARG A 63 13.98 7.26 -8.78
CA ARG A 63 14.96 8.34 -8.73
C ARG A 63 15.23 8.81 -10.15
N VAL A 64 15.93 9.93 -10.30
CA VAL A 64 16.40 10.44 -11.56
C VAL A 64 17.27 9.37 -12.25
N GLY A 65 17.34 9.39 -13.59
CA GLY A 65 18.15 8.43 -14.32
C GLY A 65 18.03 8.64 -15.83
N LEU A 66 18.15 9.88 -16.28
CA LEU A 66 17.87 10.33 -17.65
C LEU A 66 16.47 9.93 -18.12
N GLU A 67 16.20 10.08 -19.40
CA GLU A 67 14.92 9.74 -20.02
C GLU A 67 15.11 8.68 -21.12
N PRO A 68 14.12 7.80 -21.31
CA PRO A 68 14.13 6.82 -22.38
C PRO A 68 13.95 7.58 -23.71
N PRO A 69 14.88 7.43 -24.66
CA PRO A 69 14.84 8.11 -25.94
C PRO A 69 13.82 7.45 -26.89
N PRO A 70 13.50 8.05 -28.05
CA PRO A 70 12.50 7.50 -28.96
C PRO A 70 12.87 6.13 -29.54
N GLY A 71 14.10 5.64 -29.36
CA GLY A 71 14.53 4.33 -29.81
C GLY A 71 14.46 3.24 -28.73
N LYS A 72 14.28 3.57 -27.44
CA LYS A 72 14.45 2.65 -26.32
C LYS A 72 13.33 2.91 -25.32
N ARG A 73 12.75 1.84 -24.77
CA ARG A 73 11.59 1.93 -23.91
C ARG A 73 11.92 1.37 -22.53
N GLU A 74 11.75 2.21 -21.51
CA GLU A 74 11.82 1.86 -20.10
C GLU A 74 10.81 2.72 -19.36
N CYS A 75 10.60 2.47 -18.06
CA CYS A 75 9.64 3.21 -17.24
C CYS A 75 10.14 4.64 -17.03
N ARG A 76 9.25 5.61 -16.91
CA ARG A 76 9.61 6.97 -16.50
C ARG A 76 8.41 7.64 -15.83
N VAL A 77 8.65 8.45 -14.80
CA VAL A 77 7.65 9.12 -13.98
C VAL A 77 8.05 10.61 -13.88
N GLY A 78 7.74 11.38 -14.93
CA GLY A 78 7.92 12.84 -15.05
C GLY A 78 9.34 13.40 -14.82
N GLN A 79 10.33 12.56 -14.55
CA GLN A 79 11.71 12.91 -14.22
C GLN A 79 12.44 11.60 -13.92
N TYR A 80 11.85 10.81 -13.03
CA TYR A 80 12.45 9.59 -12.50
C TYR A 80 12.26 8.45 -13.49
N VAL A 81 12.98 7.35 -13.29
CA VAL A 81 12.58 6.03 -13.75
C VAL A 81 12.24 5.24 -12.48
N VAL A 82 11.11 4.53 -12.48
CA VAL A 82 10.79 3.59 -11.43
C VAL A 82 11.56 2.30 -11.68
N ASP A 83 11.63 1.42 -10.68
CA ASP A 83 12.27 0.12 -10.80
C ASP A 83 11.43 -0.91 -10.08
N LEU A 84 10.70 -1.76 -10.81
CA LEU A 84 9.85 -2.83 -10.24
C LEU A 84 10.68 -3.81 -9.41
N THR A 85 11.98 -3.92 -9.67
CA THR A 85 12.92 -4.68 -8.86
C THR A 85 13.04 -4.05 -7.46
N SER A 86 12.95 -2.73 -7.31
CA SER A 86 13.02 -2.08 -6.00
C SER A 86 11.94 -2.63 -5.08
N PHE A 87 10.71 -2.69 -5.60
CA PHE A 87 9.62 -3.35 -4.91
C PHE A 87 10.02 -4.79 -4.62
N GLU A 88 10.50 -5.54 -5.62
CA GLU A 88 10.74 -6.96 -5.41
C GLU A 88 11.86 -7.23 -4.38
N GLN A 89 12.73 -6.26 -4.07
CA GLN A 89 13.74 -6.41 -3.02
C GLN A 89 13.11 -6.51 -1.64
N LEU A 90 12.13 -5.65 -1.32
CA LEU A 90 11.59 -5.55 0.04
C LEU A 90 10.08 -5.77 0.10
N ALA A 91 9.34 -5.23 -0.86
CA ALA A 91 7.89 -5.34 -1.00
C ALA A 91 7.56 -6.64 -1.73
N LEU A 92 8.13 -7.75 -1.25
CA LEU A 92 7.99 -9.08 -1.83
C LEU A 92 7.96 -10.10 -0.68
N PRO A 93 9.00 -10.21 0.17
CA PRO A 93 8.90 -11.02 1.40
C PRO A 93 7.84 -10.47 2.37
N VAL A 94 7.71 -9.15 2.49
CA VAL A 94 6.77 -8.49 3.41
C VAL A 94 5.34 -8.97 3.13
N LEU A 95 5.02 -9.18 1.86
CA LEU A 95 3.66 -9.49 1.43
C LEU A 95 3.19 -10.80 2.01
N ARG A 96 4.09 -11.75 2.24
CA ARG A 96 3.84 -13.04 2.85
C ARG A 96 5.19 -13.72 3.03
N ASN A 97 5.62 -13.79 4.28
CA ASN A 97 6.67 -14.67 4.74
C ASN A 97 6.03 -15.84 5.48
N ALA A 98 6.80 -16.89 5.75
CA ALA A 98 6.28 -18.10 6.39
C ALA A 98 7.35 -18.79 7.23
N ASP A 99 7.98 -18.01 8.11
CA ASP A 99 9.17 -18.38 8.86
C ASP A 99 9.10 -17.81 10.28
N CYS A 100 10.02 -18.24 11.15
CA CYS A 100 10.11 -17.93 12.57
C CYS A 100 8.89 -18.46 13.34
N SER A 101 9.10 -19.52 14.11
CA SER A 101 8.11 -20.28 14.89
C SER A 101 7.61 -19.52 16.14
N SER A 102 7.21 -18.26 15.98
CA SER A 102 6.65 -17.43 17.05
C SER A 102 5.13 -17.36 16.94
N GLY A 103 4.46 -16.83 17.97
CA GLY A 103 3.02 -16.79 18.20
C GLY A 103 2.14 -16.58 16.95
N PRO A 104 0.99 -17.28 16.85
CA PRO A 104 -0.01 -17.09 15.81
C PRO A 104 -0.94 -15.91 16.11
N GLY A 105 -1.93 -15.72 15.23
CA GLY A 105 -2.66 -14.50 15.04
C GLY A 105 -2.69 -14.30 13.54
N GLN A 106 -2.55 -13.05 13.12
CA GLN A 106 -2.59 -12.62 11.74
C GLN A 106 -1.52 -11.57 11.45
N ARG A 107 -1.12 -11.54 10.18
CA ARG A 107 -0.21 -10.56 9.59
C ARG A 107 -0.99 -9.37 9.08
N VAL A 108 -1.11 -8.26 9.79
CA VAL A 108 -1.73 -7.10 9.18
C VAL A 108 -0.71 -6.50 8.21
N CYS A 109 -0.78 -6.88 6.93
CA CYS A 109 0.03 -6.29 5.87
C CYS A 109 -0.47 -4.88 5.54
N VAL A 110 0.35 -4.11 4.82
CA VAL A 110 0.04 -2.72 4.48
C VAL A 110 0.55 -2.37 3.11
N ILE A 111 -0.25 -1.60 2.34
CA ILE A 111 0.06 -1.18 0.99
C ILE A 111 -0.64 0.16 0.71
N ASP A 112 0.09 1.27 0.74
CA ASP A 112 -0.38 2.54 0.19
C ASP A 112 0.35 2.79 -1.15
N GLU A 113 0.24 3.97 -1.73
CA GLU A 113 0.65 4.36 -3.08
C GLU A 113 0.27 3.29 -4.12
N ILE A 114 -0.97 2.85 -4.07
CA ILE A 114 -1.58 2.14 -5.17
C ILE A 114 -2.15 3.26 -6.04
N GLY A 115 -1.59 3.51 -7.22
CA GLY A 115 -2.05 4.56 -8.12
C GLY A 115 -0.95 5.03 -9.07
N LYS A 116 0.16 5.63 -8.60
CA LYS A 116 1.18 6.14 -9.53
C LYS A 116 1.87 5.00 -10.28
N MET A 117 1.86 3.80 -9.70
CA MET A 117 2.35 2.59 -10.34
C MET A 117 1.47 2.13 -11.50
N GLU A 118 0.27 2.69 -11.72
CA GLU A 118 -0.77 2.26 -12.67
C GLU A 118 -0.25 1.46 -13.86
N LEU A 119 0.50 2.11 -14.75
CA LEU A 119 0.99 1.51 -15.99
C LEU A 119 2.09 0.47 -15.70
N PHE A 120 3.04 0.83 -14.84
CA PHE A 120 4.25 0.06 -14.60
C PHE A 120 3.97 -1.26 -13.89
N SER A 121 2.90 -1.31 -13.10
CA SER A 121 2.46 -2.35 -12.20
C SER A 121 2.66 -3.75 -12.80
N GLN A 122 3.54 -4.57 -12.24
CA GLN A 122 3.80 -5.94 -12.73
C GLN A 122 3.68 -6.96 -11.59
N LEU A 123 4.77 -7.23 -10.86
CA LEU A 123 4.75 -8.20 -9.75
C LEU A 123 3.81 -7.75 -8.65
N PHE A 124 3.43 -6.46 -8.62
CA PHE A 124 2.43 -5.87 -7.78
C PHE A 124 1.13 -6.69 -7.79
N ILE A 125 0.40 -6.74 -8.91
CA ILE A 125 -0.76 -7.58 -9.12
C ILE A 125 -0.60 -8.95 -8.46
N GLN A 126 0.46 -9.67 -8.83
CA GLN A 126 0.67 -11.04 -8.40
C GLN A 126 0.82 -11.12 -6.90
N ALA A 127 1.75 -10.34 -6.35
CA ALA A 127 2.10 -10.42 -4.96
C ALA A 127 0.87 -10.06 -4.12
N VAL A 128 0.14 -9.02 -4.52
CA VAL A 128 -1.09 -8.56 -3.87
C VAL A 128 -2.15 -9.65 -3.94
N ARG A 129 -2.40 -10.29 -5.09
CA ARG A 129 -3.36 -11.40 -5.18
C ARG A 129 -2.95 -12.57 -4.31
N GLN A 130 -1.68 -12.97 -4.32
CA GLN A 130 -1.18 -14.06 -3.47
C GLN A 130 -1.45 -13.73 -1.99
N THR A 131 -1.30 -12.48 -1.57
CA THR A 131 -1.60 -12.04 -0.21
C THR A 131 -3.10 -11.95 0.04
N LEU A 132 -3.92 -11.48 -0.90
CA LEU A 132 -5.39 -11.49 -0.76
C LEU A 132 -5.89 -12.92 -0.60
N SER A 133 -5.26 -13.88 -1.28
CA SER A 133 -5.57 -15.31 -1.26
C SER A 133 -5.14 -15.92 0.07
N THR A 134 -4.20 -15.30 0.80
CA THR A 134 -3.82 -15.71 2.14
C THR A 134 -4.92 -15.25 3.10
N PRO A 135 -5.38 -16.12 4.02
CA PRO A 135 -6.44 -15.80 4.96
C PRO A 135 -5.93 -14.99 6.16
N GLY A 136 -4.76 -15.36 6.69
CA GLY A 136 -4.26 -14.85 7.95
C GLY A 136 -3.33 -13.67 7.79
N THR A 137 -2.98 -13.23 6.59
CA THR A 137 -2.56 -11.84 6.42
C THR A 137 -3.87 -11.01 6.35
N ILE A 138 -3.81 -9.69 6.59
CA ILE A 138 -4.92 -8.79 6.36
C ILE A 138 -4.33 -7.77 5.41
N ILE A 139 -5.09 -7.35 4.39
CA ILE A 139 -4.66 -6.26 3.53
C ILE A 139 -5.26 -5.01 4.13
N LEU A 140 -4.45 -3.95 4.17
CA LEU A 140 -4.74 -2.66 4.76
C LEU A 140 -4.13 -1.64 3.78
N GLY A 141 -4.92 -0.82 3.10
CA GLY A 141 -4.34 0.03 2.06
C GLY A 141 -5.22 1.17 1.62
N THR A 142 -4.79 1.91 0.58
CA THR A 142 -5.55 3.05 0.04
C THR A 142 -5.51 2.97 -1.49
N ILE A 143 -6.64 3.15 -2.17
CA ILE A 143 -6.80 3.11 -3.62
C ILE A 143 -7.57 4.35 -4.10
N PRO A 144 -7.30 4.91 -5.30
CA PRO A 144 -8.01 6.07 -5.81
C PRO A 144 -9.46 5.72 -6.18
N VAL A 145 -10.37 6.68 -6.04
CA VAL A 145 -11.78 6.48 -6.31
C VAL A 145 -12.02 6.34 -7.82
N PRO A 146 -12.78 5.32 -8.26
CA PRO A 146 -13.18 5.16 -9.65
C PRO A 146 -14.26 6.21 -9.95
N LYS A 147 -13.88 7.22 -10.76
CA LYS A 147 -14.83 8.18 -11.33
C LYS A 147 -15.75 7.40 -12.27
N GLY A 148 -15.13 6.88 -13.33
CA GLY A 148 -15.67 5.87 -14.23
C GLY A 148 -14.83 4.65 -13.98
N LYS A 149 -13.98 4.25 -14.93
CA LYS A 149 -13.20 3.03 -14.75
C LYS A 149 -12.17 3.16 -13.61
N PRO A 150 -11.85 2.06 -12.93
CA PRO A 150 -10.69 1.91 -12.05
C PRO A 150 -9.35 1.83 -12.83
N LEU A 151 -8.26 1.38 -12.19
CA LEU A 151 -6.95 1.15 -12.77
C LEU A 151 -6.62 -0.34 -12.65
N ALA A 152 -5.56 -0.73 -13.36
CA ALA A 152 -4.99 -2.07 -13.45
C ALA A 152 -4.83 -2.76 -12.08
N LEU A 153 -3.95 -2.27 -11.21
CA LEU A 153 -3.77 -2.84 -9.86
C LEU A 153 -5.10 -2.76 -9.11
N VAL A 154 -5.77 -1.61 -9.15
CA VAL A 154 -6.99 -1.37 -8.40
C VAL A 154 -8.06 -2.43 -8.76
N GLU A 155 -8.13 -2.90 -10.00
CA GLU A 155 -9.05 -3.93 -10.47
C GLU A 155 -8.76 -5.30 -9.83
N GLU A 156 -7.51 -5.58 -9.44
CA GLU A 156 -7.16 -6.79 -8.71
C GLU A 156 -7.87 -6.81 -7.35
N ILE A 157 -8.04 -5.63 -6.76
CA ILE A 157 -8.67 -5.42 -5.45
C ILE A 157 -10.18 -5.22 -5.64
N ARG A 158 -10.60 -4.51 -6.69
CA ARG A 158 -12.00 -4.17 -6.91
C ARG A 158 -12.81 -5.42 -7.26
N ASN A 159 -12.17 -6.44 -7.84
CA ASN A 159 -12.80 -7.74 -8.06
C ASN A 159 -13.25 -8.38 -6.75
N ARG A 160 -12.45 -8.20 -5.68
CA ARG A 160 -12.59 -8.95 -4.45
C ARG A 160 -13.93 -8.72 -3.78
N LYS A 161 -14.46 -7.49 -3.85
CA LYS A 161 -15.73 -7.00 -3.31
C LYS A 161 -15.87 -7.06 -1.79
N ASP A 162 -15.41 -8.12 -1.10
CA ASP A 162 -15.41 -8.24 0.36
C ASP A 162 -14.57 -7.13 0.98
N VAL A 163 -13.56 -6.65 0.25
CA VAL A 163 -12.78 -5.47 0.56
C VAL A 163 -13.72 -4.29 0.86
N LYS A 164 -13.77 -3.91 2.14
CA LYS A 164 -14.39 -2.67 2.58
C LYS A 164 -13.58 -1.52 2.02
N VAL A 165 -14.21 -0.63 1.26
CA VAL A 165 -13.59 0.50 0.64
C VAL A 165 -14.12 1.77 1.30
N PHE A 166 -13.53 2.13 2.44
CA PHE A 166 -13.98 3.22 3.30
C PHE A 166 -13.67 4.59 2.63
N ASN A 167 -14.70 5.39 2.35
CA ASN A 167 -14.58 6.70 1.72
C ASN A 167 -14.15 7.75 2.75
N VAL A 168 -12.86 8.08 2.81
CA VAL A 168 -12.38 9.21 3.60
C VAL A 168 -12.89 10.50 2.94
N THR A 169 -13.43 11.40 3.75
CA THR A 169 -13.54 12.81 3.41
C THR A 169 -12.33 13.46 4.03
N LYS A 170 -11.85 14.55 3.43
CA LYS A 170 -10.90 15.42 4.10
C LYS A 170 -11.49 15.95 5.41
N GLU A 171 -12.81 16.09 5.49
CA GLU A 171 -13.47 16.73 6.63
C GLU A 171 -13.36 15.85 7.88
N ASN A 172 -13.80 14.60 7.79
CA ASN A 172 -13.84 13.65 8.91
C ASN A 172 -12.69 12.63 8.80
N ARG A 173 -11.61 12.98 8.08
CA ARG A 173 -10.47 12.11 7.85
C ARG A 173 -9.97 11.43 9.11
N ASN A 174 -9.86 12.18 10.23
CA ASN A 174 -9.25 11.64 11.44
C ASN A 174 -10.15 10.67 12.20
N HIS A 175 -11.31 10.37 11.65
CA HIS A 175 -12.23 9.33 12.07
C HIS A 175 -12.32 8.37 10.90
N LEU A 176 -11.18 7.78 10.58
CA LEU A 176 -11.12 6.55 9.81
C LEU A 176 -10.05 5.59 10.31
N LEU A 177 -8.87 6.09 10.72
CA LEU A 177 -7.89 5.26 11.43
C LEU A 177 -8.59 4.34 12.45
N PRO A 178 -9.36 4.86 13.42
CA PRO A 178 -10.00 4.01 14.42
C PRO A 178 -11.07 3.09 13.83
N ASP A 179 -11.72 3.47 12.73
CA ASP A 179 -12.85 2.76 12.17
C ASP A 179 -12.37 1.46 11.53
N ILE A 180 -11.21 1.55 10.89
CA ILE A 180 -10.48 0.44 10.31
C ILE A 180 -10.01 -0.46 11.45
N VAL A 181 -9.41 0.08 12.52
CA VAL A 181 -8.97 -0.70 13.68
C VAL A 181 -10.17 -1.46 14.24
N THR A 182 -11.34 -0.82 14.36
CA THR A 182 -12.58 -1.41 14.83
C THR A 182 -12.94 -2.60 13.93
N CYS A 183 -12.88 -2.41 12.61
CA CYS A 183 -13.20 -3.46 11.65
C CYS A 183 -12.20 -4.63 11.74
N VAL A 184 -10.91 -4.36 11.97
CA VAL A 184 -9.90 -5.39 12.14
C VAL A 184 -10.16 -6.15 13.45
N GLN A 185 -10.24 -5.46 14.59
CA GLN A 185 -10.37 -6.10 15.90
C GLN A 185 -11.66 -6.87 16.03
N SER A 186 -12.73 -6.46 15.33
CA SER A 186 -14.06 -7.01 15.35
C SER A 186 -14.05 -8.52 15.59
N SER A 187 -13.26 -9.28 14.83
CA SER A 187 -13.19 -10.73 14.86
C SER A 187 -14.57 -11.27 14.47
N ARG A 188 -15.49 -11.42 15.41
CA ARG A 188 -16.91 -11.56 15.11
C ARG A 188 -17.54 -10.22 14.71
N LYS A 189 -17.23 -9.15 15.45
CA LYS A 189 -18.21 -8.38 16.23
C LYS A 189 -19.61 -8.54 15.70
N ALA A 1 -15.77 -9.13 8.69
CA ALA A 1 -14.60 -8.24 8.66
C ALA A 1 -13.42 -9.03 8.10
N ARG A 2 -12.88 -8.58 6.97
CA ARG A 2 -11.83 -9.26 6.23
C ARG A 2 -10.71 -8.25 5.98
N HIS A 3 -10.60 -7.77 4.75
CA HIS A 3 -9.60 -6.82 4.30
C HIS A 3 -10.16 -5.40 4.42
N VAL A 4 -9.30 -4.39 4.45
CA VAL A 4 -9.70 -2.99 4.44
C VAL A 4 -8.83 -2.26 3.42
N PHE A 5 -9.39 -1.23 2.80
CA PHE A 5 -8.73 -0.30 1.92
C PHE A 5 -9.32 1.08 2.11
N LEU A 6 -8.56 2.10 1.74
CA LEU A 6 -8.98 3.50 1.79
C LEU A 6 -9.16 3.96 0.35
N THR A 7 -10.24 4.68 0.06
CA THR A 7 -10.48 5.24 -1.26
C THR A 7 -11.06 6.66 -1.08
N GLY A 8 -11.50 7.31 -2.14
CA GLY A 8 -11.97 8.69 -2.10
C GLY A 8 -10.90 9.66 -2.61
N PRO A 9 -11.13 10.98 -2.49
CA PRO A 9 -10.37 12.00 -3.21
C PRO A 9 -8.92 12.16 -2.69
N PRO A 10 -8.04 12.80 -3.49
CA PRO A 10 -6.65 13.09 -3.13
C PRO A 10 -6.56 14.29 -2.18
N GLY A 11 -6.97 14.11 -0.94
CA GLY A 11 -6.83 15.09 0.13
C GLY A 11 -5.55 14.92 0.94
N VAL A 12 -4.52 14.30 0.34
CA VAL A 12 -3.12 14.32 0.72
C VAL A 12 -2.82 14.17 2.22
N GLY A 13 -3.63 13.37 2.91
CA GLY A 13 -3.52 13.07 4.32
C GLY A 13 -3.81 11.60 4.63
N LYS A 14 -3.93 10.77 3.60
CA LYS A 14 -4.43 9.40 3.67
C LYS A 14 -3.38 8.50 4.29
N THR A 15 -2.14 8.55 3.79
CA THR A 15 -1.04 7.75 4.28
C THR A 15 -0.83 8.02 5.78
N THR A 16 -1.04 9.25 6.25
CA THR A 16 -0.98 9.60 7.65
C THR A 16 -2.07 8.89 8.48
N LEU A 17 -3.30 8.72 7.98
CA LEU A 17 -4.34 8.02 8.73
C LEU A 17 -3.96 6.55 8.82
N ILE A 18 -3.61 5.91 7.69
CA ILE A 18 -3.17 4.52 7.70
C ILE A 18 -1.95 4.33 8.60
N HIS A 19 -0.98 5.25 8.59
CA HIS A 19 0.18 5.19 9.47
C HIS A 19 -0.26 4.96 10.91
N LYS A 20 -1.26 5.72 11.34
CA LYS A 20 -1.78 5.66 12.69
C LYS A 20 -2.52 4.36 12.97
N ALA A 21 -2.97 3.63 11.95
CA ALA A 21 -3.61 2.35 12.15
C ALA A 21 -2.58 1.31 12.61
N SER A 22 -1.34 1.44 12.16
CA SER A 22 -0.33 0.42 12.37
C SER A 22 0.27 0.56 13.76
N GLU A 23 0.56 1.79 14.19
CA GLU A 23 1.07 2.06 15.53
C GLU A 23 0.16 1.49 16.61
N VAL A 24 -1.15 1.58 16.39
CA VAL A 24 -2.18 1.05 17.30
C VAL A 24 -2.04 -0.46 17.44
N LEU A 25 -1.97 -1.16 16.31
CA LEU A 25 -1.80 -2.61 16.29
C LEU A 25 -0.46 -2.97 16.91
N LYS A 26 0.58 -2.16 16.71
CA LYS A 26 1.86 -2.39 17.36
C LYS A 26 1.72 -2.22 18.87
N SER A 27 0.93 -1.26 19.35
CA SER A 27 0.58 -1.10 20.75
C SER A 27 -0.32 -2.22 21.27
N SER A 28 -0.75 -3.14 20.42
CA SER A 28 -1.44 -4.37 20.76
C SER A 28 -0.56 -5.61 20.52
N GLY A 29 0.63 -5.43 19.94
CA GLY A 29 1.55 -6.49 19.56
C GLY A 29 1.05 -7.31 18.38
N VAL A 30 0.09 -6.81 17.60
CA VAL A 30 -0.36 -7.51 16.40
C VAL A 30 0.83 -7.56 15.43
N PRO A 31 1.13 -8.71 14.80
CA PRO A 31 2.27 -8.84 13.91
C PRO A 31 1.95 -8.23 12.54
N VAL A 32 2.34 -6.98 12.38
CA VAL A 32 2.20 -6.23 11.14
C VAL A 32 3.52 -6.28 10.36
N ASP A 33 3.41 -6.49 9.05
CA ASP A 33 4.46 -6.39 8.05
C ASP A 33 3.82 -5.70 6.84
N GLY A 34 4.61 -5.36 5.83
CA GLY A 34 4.15 -4.80 4.56
C GLY A 34 5.15 -3.75 4.10
N PHE A 35 4.75 -2.80 3.26
CA PHE A 35 5.56 -1.64 2.92
C PHE A 35 4.71 -0.38 2.79
N TYR A 36 5.35 0.82 2.76
CA TYR A 36 4.63 2.03 2.37
C TYR A 36 5.58 2.90 1.54
N THR A 37 5.12 4.06 1.08
CA THR A 37 5.99 5.06 0.46
C THR A 37 5.61 6.43 1.04
N GLU A 38 6.58 7.25 1.39
CA GLU A 38 6.35 8.46 2.19
C GLU A 38 6.99 9.72 1.60
N GLU A 39 7.15 9.71 0.27
CA GLU A 39 7.98 10.60 -0.53
C GLU A 39 9.43 10.70 0.00
N VAL A 40 10.27 11.51 -0.65
CA VAL A 40 11.67 11.70 -0.28
C VAL A 40 11.97 13.16 -0.57
N ARG A 41 12.38 13.92 0.45
CA ARG A 41 12.63 15.36 0.33
C ARG A 41 14.01 15.66 0.93
N GLN A 42 15.01 15.94 0.10
CA GLN A 42 16.40 16.07 0.59
C GLN A 42 16.64 17.53 0.97
N GLY A 43 16.01 17.96 2.06
CA GLY A 43 15.83 19.39 2.34
C GLY A 43 14.84 19.95 1.32
N GLY A 44 13.57 19.63 1.50
CA GLY A 44 12.45 20.29 0.83
C GLY A 44 12.13 19.80 -0.58
N ARG A 45 13.12 19.51 -1.43
CA ARG A 45 12.84 19.34 -2.85
C ARG A 45 12.12 18.02 -3.13
N ARG A 46 11.26 17.98 -4.15
CA ARG A 46 10.83 16.69 -4.71
C ARG A 46 12.02 16.09 -5.45
N ILE A 47 12.32 14.81 -5.21
CA ILE A 47 13.42 14.09 -5.88
C ILE A 47 13.12 12.62 -6.15
N GLY A 48 12.27 11.97 -5.37
CA GLY A 48 12.05 10.56 -5.55
C GLY A 48 10.94 10.06 -4.65
N PHE A 49 10.76 8.76 -4.65
CA PHE A 49 10.07 8.03 -3.61
C PHE A 49 11.05 6.93 -3.19
N ASP A 50 10.92 6.50 -1.94
CA ASP A 50 11.53 5.31 -1.40
C ASP A 50 10.37 4.42 -1.00
N VAL A 51 10.63 3.13 -0.81
CA VAL A 51 9.71 2.13 -0.34
C VAL A 51 10.20 1.63 1.00
N VAL A 52 9.34 1.29 1.95
CA VAL A 52 9.79 1.08 3.32
C VAL A 52 9.04 -0.07 3.94
N THR A 53 9.75 -1.18 4.13
CA THR A 53 9.15 -2.36 4.76
C THR A 53 8.89 -2.04 6.23
N LEU A 54 7.81 -2.57 6.79
CA LEU A 54 7.60 -2.48 8.22
C LEU A 54 8.57 -3.36 9.03
N SER A 55 9.40 -4.19 8.39
CA SER A 55 10.51 -4.87 9.02
C SER A 55 11.76 -3.97 9.07
N GLY A 56 11.67 -2.68 8.70
CA GLY A 56 12.71 -1.68 8.92
C GLY A 56 13.78 -1.61 7.81
N THR A 57 13.64 -2.38 6.73
CA THR A 57 14.36 -2.15 5.49
C THR A 57 13.64 -1.05 4.68
N ARG A 58 14.30 -0.51 3.65
CA ARG A 58 13.69 0.36 2.65
C ARG A 58 14.34 0.15 1.29
N GLY A 59 13.78 0.71 0.22
CA GLY A 59 14.49 0.76 -1.03
C GLY A 59 14.12 1.94 -1.90
N PRO A 60 14.68 2.02 -3.11
CA PRO A 60 15.05 3.31 -3.69
C PRO A 60 14.17 3.75 -4.87
N LEU A 61 13.01 3.09 -5.05
CA LEU A 61 11.87 3.36 -5.94
C LEU A 61 12.17 4.19 -7.18
N SER A 62 12.37 5.50 -7.02
CA SER A 62 12.95 6.31 -8.06
C SER A 62 13.76 7.44 -7.43
N ARG A 63 14.67 8.03 -8.18
CA ARG A 63 15.59 9.11 -7.78
C ARG A 63 15.81 10.10 -8.95
N VAL A 64 14.71 10.60 -9.51
CA VAL A 64 14.64 11.47 -10.71
C VAL A 64 15.13 10.72 -11.97
N GLY A 65 14.78 11.20 -13.16
CA GLY A 65 15.32 10.72 -14.42
C GLY A 65 14.81 11.58 -15.56
N LEU A 66 15.62 11.67 -16.61
CA LEU A 66 15.33 12.41 -17.84
C LEU A 66 14.06 11.83 -18.47
N GLU A 67 13.27 12.64 -19.19
CA GLU A 67 12.15 12.12 -20.00
C GLU A 67 12.68 11.11 -21.03
N PRO A 68 11.84 10.19 -21.53
CA PRO A 68 12.25 9.24 -22.55
C PRO A 68 12.49 9.97 -23.88
N PRO A 69 13.62 9.72 -24.55
CA PRO A 69 13.86 10.17 -25.92
C PRO A 69 12.99 9.36 -26.90
N PRO A 70 12.69 9.92 -28.08
CA PRO A 70 11.73 9.34 -29.00
C PRO A 70 12.24 7.99 -29.51
N GLY A 71 11.58 6.91 -29.10
CA GLY A 71 12.00 5.53 -29.35
C GLY A 71 11.98 4.76 -28.05
N LYS A 72 12.77 5.19 -27.07
CA LYS A 72 12.76 4.59 -25.73
C LYS A 72 11.45 4.95 -25.06
N ARG A 73 10.90 4.00 -24.31
CA ARG A 73 9.81 4.22 -23.37
C ARG A 73 10.02 3.24 -22.22
N GLU A 74 9.66 3.65 -21.01
CA GLU A 74 10.08 2.96 -19.81
C GLU A 74 9.19 3.27 -18.60
N CYS A 75 9.58 2.75 -17.44
CA CYS A 75 9.01 3.02 -16.14
C CYS A 75 9.15 4.50 -15.78
N ARG A 76 8.11 5.32 -15.90
CA ARG A 76 8.21 6.75 -15.72
C ARG A 76 6.95 7.20 -15.01
N VAL A 77 7.10 7.77 -13.83
CA VAL A 77 5.96 8.23 -13.03
C VAL A 77 5.65 9.67 -13.46
N GLY A 78 6.26 10.69 -12.83
CA GLY A 78 5.97 12.10 -13.11
C GLY A 78 7.23 12.87 -13.52
N GLN A 79 8.30 12.70 -12.75
CA GLN A 79 9.65 13.20 -13.05
C GLN A 79 10.73 12.22 -12.57
N TYR A 80 10.34 11.06 -12.05
CA TYR A 80 11.23 10.02 -11.62
C TYR A 80 10.96 8.79 -12.48
N VAL A 81 12.06 8.13 -12.86
CA VAL A 81 12.09 6.89 -13.60
C VAL A 81 12.06 5.78 -12.56
N VAL A 82 10.84 5.38 -12.18
CA VAL A 82 10.61 4.35 -11.18
C VAL A 82 11.15 3.02 -11.71
N ASP A 83 11.13 1.97 -10.90
CA ASP A 83 11.43 0.66 -11.45
C ASP A 83 10.64 -0.40 -10.73
N LEU A 84 10.00 -1.33 -11.45
CA LEU A 84 9.28 -2.45 -10.86
C LEU A 84 10.23 -3.31 -10.03
N THR A 85 11.47 -3.42 -10.48
CA THR A 85 12.57 -4.04 -9.79
C THR A 85 12.76 -3.42 -8.41
N SER A 86 12.71 -2.09 -8.25
CA SER A 86 13.06 -1.47 -6.98
C SER A 86 12.08 -1.90 -5.87
N PHE A 87 10.84 -2.21 -6.26
CA PHE A 87 9.85 -2.86 -5.44
C PHE A 87 10.24 -4.31 -5.19
N GLU A 88 10.52 -5.09 -6.24
CA GLU A 88 10.84 -6.52 -6.14
C GLU A 88 11.89 -6.80 -5.06
N GLN A 89 12.84 -5.89 -4.87
CA GLN A 89 13.92 -6.04 -3.92
C GLN A 89 13.45 -6.23 -2.48
N LEU A 90 12.32 -5.63 -2.09
CA LEU A 90 11.89 -5.62 -0.68
C LEU A 90 10.38 -5.70 -0.51
N ALA A 91 9.61 -5.09 -1.40
CA ALA A 91 8.16 -4.98 -1.40
C ALA A 91 7.51 -6.21 -2.06
N LEU A 92 8.16 -7.37 -1.92
CA LEU A 92 7.74 -8.67 -2.43
C LEU A 92 7.70 -9.65 -1.26
N PRO A 93 8.82 -9.98 -0.58
CA PRO A 93 8.79 -10.91 0.55
C PRO A 93 7.91 -10.42 1.72
N VAL A 94 7.73 -9.11 1.88
CA VAL A 94 6.81 -8.56 2.89
C VAL A 94 5.36 -9.03 2.69
N LEU A 95 4.95 -9.38 1.46
CA LEU A 95 3.59 -9.89 1.25
C LEU A 95 3.44 -11.31 1.78
N ARG A 96 4.51 -12.10 1.92
CA ARG A 96 4.48 -13.40 2.60
C ARG A 96 5.89 -13.82 2.86
N ASN A 97 6.21 -13.92 4.14
CA ASN A 97 7.45 -14.49 4.63
C ASN A 97 7.13 -15.86 5.21
N ALA A 98 8.12 -16.73 5.28
CA ALA A 98 7.96 -18.13 5.65
C ALA A 98 8.81 -18.36 6.89
N ASP A 99 8.17 -18.20 8.04
CA ASP A 99 8.78 -18.19 9.35
C ASP A 99 7.70 -18.48 10.37
N CYS A 100 7.87 -19.56 11.13
CA CYS A 100 6.86 -20.08 12.05
C CYS A 100 6.97 -19.35 13.40
N SER A 101 6.81 -18.02 13.34
CA SER A 101 6.81 -17.11 14.47
C SER A 101 5.88 -17.63 15.56
N SER A 102 6.43 -17.83 16.76
CA SER A 102 5.72 -18.38 17.91
C SER A 102 4.45 -17.58 18.17
N GLY A 103 3.33 -18.27 18.32
CA GLY A 103 2.00 -17.70 18.28
C GLY A 103 1.54 -17.53 16.83
N PRO A 104 1.11 -18.60 16.14
CA PRO A 104 0.28 -18.55 14.95
C PRO A 104 -1.02 -17.72 15.11
N GLY A 105 -1.90 -17.75 14.11
CA GLY A 105 -3.15 -17.07 14.02
C GLY A 105 -3.02 -16.30 12.74
N GLN A 106 -2.93 -14.97 12.78
CA GLN A 106 -2.84 -14.18 11.57
C GLN A 106 -1.98 -12.93 11.75
N ARG A 107 -1.43 -12.52 10.60
CA ARG A 107 -0.65 -11.33 10.36
C ARG A 107 -1.53 -10.19 9.91
N VAL A 108 -0.97 -8.98 9.78
CA VAL A 108 -1.54 -7.87 9.05
C VAL A 108 -0.54 -7.52 7.96
N CYS A 109 -1.02 -7.29 6.74
CA CYS A 109 -0.25 -6.71 5.66
C CYS A 109 -0.60 -5.22 5.60
N VAL A 110 0.33 -4.41 5.10
CA VAL A 110 0.14 -2.99 4.85
C VAL A 110 0.71 -2.72 3.47
N ILE A 111 -0.04 -2.06 2.61
CA ILE A 111 0.41 -1.70 1.29
C ILE A 111 -0.10 -0.27 1.13
N ASP A 112 0.71 0.75 1.43
CA ASP A 112 0.27 2.14 1.29
C ASP A 112 1.05 2.92 0.23
N GLU A 113 0.62 2.69 -1.01
CA GLU A 113 0.89 3.41 -2.22
C GLU A 113 -0.26 3.03 -3.17
N ILE A 114 -0.10 1.89 -3.85
CA ILE A 114 -0.90 1.26 -4.90
C ILE A 114 -1.21 2.18 -6.10
N GLY A 115 -1.08 3.50 -6.01
CA GLY A 115 -1.30 4.41 -7.12
C GLY A 115 -0.09 4.53 -8.06
N LYS A 116 1.15 4.71 -7.58
CA LYS A 116 2.21 5.14 -8.51
C LYS A 116 2.64 4.05 -9.51
N MET A 117 2.32 2.78 -9.25
CA MET A 117 2.41 1.67 -10.20
C MET A 117 1.01 1.24 -10.66
N GLU A 118 -0.04 2.07 -10.55
CA GLU A 118 -1.45 1.73 -10.84
C GLU A 118 -1.69 1.15 -12.23
N LEU A 119 -0.76 1.42 -13.14
CA LEU A 119 -0.84 1.09 -14.56
C LEU A 119 0.39 0.29 -15.00
N PHE A 120 1.54 0.52 -14.37
CA PHE A 120 2.81 -0.11 -14.75
C PHE A 120 3.06 -1.44 -14.05
N SER A 121 2.17 -1.81 -13.15
CA SER A 121 2.18 -2.96 -12.25
C SER A 121 2.61 -4.21 -13.00
N GLN A 122 3.44 -5.06 -12.38
CA GLN A 122 3.87 -6.30 -13.03
C GLN A 122 4.02 -7.46 -12.02
N LEU A 123 4.55 -7.22 -10.82
CA LEU A 123 4.51 -8.19 -9.72
C LEU A 123 3.41 -7.83 -8.75
N PHE A 124 2.99 -6.57 -8.71
CA PHE A 124 1.92 -6.05 -7.87
C PHE A 124 0.73 -6.97 -7.89
N ILE A 125 0.10 -7.14 -9.05
CA ILE A 125 -0.92 -8.11 -9.35
C ILE A 125 -0.76 -9.42 -8.58
N GLN A 126 0.37 -10.07 -8.78
CA GLN A 126 0.66 -11.40 -8.29
C GLN A 126 0.79 -11.34 -6.77
N ALA A 127 1.68 -10.47 -6.30
CA ALA A 127 2.04 -10.38 -4.90
C ALA A 127 0.83 -10.00 -4.04
N VAL A 128 -0.04 -9.17 -4.59
CA VAL A 128 -1.33 -8.83 -4.03
C VAL A 128 -2.19 -10.09 -4.06
N ARG A 129 -2.48 -10.66 -5.23
CA ARG A 129 -3.44 -11.76 -5.37
C ARG A 129 -3.07 -12.96 -4.51
N GLN A 130 -1.79 -13.29 -4.35
CA GLN A 130 -1.35 -14.36 -3.48
C GLN A 130 -1.91 -14.11 -2.07
N THR A 131 -1.51 -13.00 -1.46
CA THR A 131 -1.79 -12.70 -0.07
C THR A 131 -3.22 -12.19 0.16
N LEU A 132 -3.96 -11.80 -0.88
CA LEU A 132 -5.41 -11.59 -0.79
C LEU A 132 -6.13 -12.89 -0.45
N SER A 133 -5.47 -14.03 -0.64
CA SER A 133 -5.98 -15.35 -0.36
C SER A 133 -4.94 -16.15 0.43
N THR A 134 -4.14 -15.47 1.28
CA THR A 134 -3.31 -16.14 2.26
C THR A 134 -4.20 -16.49 3.45
N PRO A 135 -4.10 -17.71 3.99
CA PRO A 135 -4.65 -18.07 5.29
C PRO A 135 -3.71 -17.50 6.36
N GLY A 136 -4.13 -16.45 7.06
CA GLY A 136 -3.39 -15.91 8.19
C GLY A 136 -2.62 -14.62 7.89
N THR A 137 -3.12 -13.73 7.04
CA THR A 137 -2.71 -12.32 6.95
C THR A 137 -4.01 -11.50 6.82
N ILE A 138 -3.94 -10.16 6.90
CA ILE A 138 -5.09 -9.28 6.81
C ILE A 138 -4.60 -8.08 5.99
N ILE A 139 -5.01 -7.94 4.72
CA ILE A 139 -4.67 -6.76 3.93
C ILE A 139 -5.26 -5.50 4.57
N LEU A 140 -4.43 -4.47 4.62
CA LEU A 140 -4.79 -3.07 4.79
C LEU A 140 -4.00 -2.29 3.73
N GLY A 141 -4.53 -1.18 3.20
CA GLY A 141 -3.81 -0.35 2.26
C GLY A 141 -4.67 0.78 1.70
N THR A 142 -4.18 1.52 0.70
CA THR A 142 -4.99 2.51 0.00
C THR A 142 -5.14 2.17 -1.50
N ILE A 143 -6.22 2.66 -2.13
CA ILE A 143 -6.48 2.64 -3.56
C ILE A 143 -7.05 4.02 -3.96
N PRO A 144 -6.46 4.74 -4.94
CA PRO A 144 -7.06 5.98 -5.43
C PRO A 144 -8.44 5.72 -6.04
N VAL A 145 -9.34 6.69 -5.97
CA VAL A 145 -10.68 6.61 -6.57
C VAL A 145 -10.55 6.94 -8.08
N PRO A 146 -11.11 6.09 -8.96
CA PRO A 146 -10.82 6.12 -10.39
C PRO A 146 -11.43 7.35 -11.04
N LYS A 147 -12.73 7.59 -10.82
CA LYS A 147 -13.47 8.79 -11.23
C LYS A 147 -13.06 9.24 -12.64
N GLY A 148 -13.19 8.32 -13.59
CA GLY A 148 -12.50 8.30 -14.87
C GLY A 148 -12.51 6.86 -15.37
N LYS A 149 -11.52 6.50 -16.19
CA LYS A 149 -11.32 5.10 -16.61
C LYS A 149 -10.97 4.24 -15.40
N PRO A 150 -11.02 2.91 -15.57
CA PRO A 150 -10.47 2.00 -14.59
C PRO A 150 -8.94 2.07 -14.63
N LEU A 151 -8.32 1.46 -13.63
CA LEU A 151 -6.88 1.32 -13.45
C LEU A 151 -6.57 -0.17 -13.64
N ALA A 152 -5.31 -0.57 -13.60
CA ALA A 152 -4.89 -1.98 -13.72
C ALA A 152 -4.84 -2.56 -12.30
N LEU A 153 -3.76 -2.28 -11.56
CA LEU A 153 -3.53 -2.76 -10.20
C LEU A 153 -4.73 -2.49 -9.29
N VAL A 154 -5.32 -1.30 -9.34
CA VAL A 154 -6.44 -0.98 -8.46
C VAL A 154 -7.68 -1.80 -8.81
N GLU A 155 -7.91 -2.18 -10.07
CA GLU A 155 -9.01 -3.07 -10.41
C GLU A 155 -8.83 -4.42 -9.72
N GLU A 156 -7.59 -4.90 -9.53
CA GLU A 156 -7.35 -6.19 -8.90
C GLU A 156 -7.93 -6.24 -7.49
N ILE A 157 -7.77 -5.17 -6.70
CA ILE A 157 -8.33 -5.07 -5.35
C ILE A 157 -9.81 -4.66 -5.45
N ARG A 158 -10.18 -3.75 -6.35
CA ARG A 158 -11.56 -3.29 -6.45
C ARG A 158 -12.48 -4.47 -6.77
N ASN A 159 -12.01 -5.46 -7.53
CA ASN A 159 -12.75 -6.64 -7.96
C ASN A 159 -12.96 -7.66 -6.83
N ARG A 160 -12.63 -7.36 -5.57
CA ARG A 160 -12.85 -8.30 -4.47
C ARG A 160 -14.14 -7.99 -3.72
N LYS A 161 -14.50 -6.70 -3.60
CA LYS A 161 -15.78 -6.14 -3.09
C LYS A 161 -16.09 -6.45 -1.63
N ASP A 162 -15.47 -7.47 -1.05
CA ASP A 162 -15.40 -7.85 0.36
C ASP A 162 -14.50 -6.90 1.14
N VAL A 163 -13.48 -6.34 0.49
CA VAL A 163 -12.64 -5.27 0.98
C VAL A 163 -13.56 -4.11 1.40
N LYS A 164 -13.42 -3.65 2.64
CA LYS A 164 -14.04 -2.41 3.07
C LYS A 164 -13.29 -1.32 2.33
N VAL A 165 -13.89 -0.60 1.38
CA VAL A 165 -13.29 0.55 0.79
C VAL A 165 -13.87 1.77 1.51
N PHE A 166 -13.12 2.26 2.49
CA PHE A 166 -13.44 3.46 3.23
C PHE A 166 -13.27 4.67 2.31
N ASN A 167 -14.37 5.16 1.73
CA ASN A 167 -14.38 6.41 0.96
C ASN A 167 -14.14 7.57 1.92
N VAL A 168 -12.91 8.06 2.00
CA VAL A 168 -12.54 9.24 2.80
C VAL A 168 -13.29 10.47 2.26
N THR A 169 -13.32 11.55 3.03
CA THR A 169 -13.76 12.85 2.58
C THR A 169 -12.81 13.90 3.13
N LYS A 170 -12.78 15.02 2.43
CA LYS A 170 -12.39 16.32 2.96
C LYS A 170 -12.95 16.60 4.35
N GLU A 171 -14.14 16.08 4.67
CA GLU A 171 -14.81 16.44 5.91
C GLU A 171 -14.22 15.63 7.06
N ASN A 172 -14.22 14.29 6.96
CA ASN A 172 -14.07 13.39 8.10
C ASN A 172 -12.82 12.51 7.93
N ARG A 173 -11.92 12.92 7.03
CA ARG A 173 -10.59 12.36 6.81
C ARG A 173 -9.91 12.01 8.15
N ASN A 174 -9.65 13.01 9.00
CA ASN A 174 -8.93 12.90 10.28
C ASN A 174 -9.72 12.15 11.36
N HIS A 175 -10.85 11.54 11.02
CA HIS A 175 -11.77 10.81 11.87
C HIS A 175 -12.05 9.43 11.29
N LEU A 176 -11.21 8.98 10.33
CA LEU A 176 -11.39 7.68 9.68
C LEU A 176 -10.44 6.63 10.24
N LEU A 177 -9.23 7.01 10.67
CA LEU A 177 -8.33 6.12 11.42
C LEU A 177 -9.11 5.23 12.42
N PRO A 178 -9.91 5.77 13.35
CA PRO A 178 -10.60 4.93 14.34
C PRO A 178 -11.63 3.97 13.75
N ASP A 179 -12.18 4.26 12.57
CA ASP A 179 -13.16 3.45 11.86
C ASP A 179 -12.46 2.31 11.12
N ILE A 180 -11.29 2.57 10.54
CA ILE A 180 -10.40 1.54 10.01
C ILE A 180 -10.01 0.58 11.13
N VAL A 181 -9.52 1.09 12.27
CA VAL A 181 -9.21 0.31 13.46
C VAL A 181 -10.45 -0.50 13.87
N THR A 182 -11.65 0.09 13.87
CA THR A 182 -12.90 -0.59 14.19
C THR A 182 -13.14 -1.78 13.25
N CYS A 183 -12.91 -1.60 11.95
CA CYS A 183 -13.05 -2.65 10.97
C CYS A 183 -12.05 -3.79 11.28
N VAL A 184 -10.79 -3.44 11.53
CA VAL A 184 -9.72 -4.39 11.79
C VAL A 184 -10.04 -5.21 13.03
N GLN A 185 -10.36 -4.57 14.17
CA GLN A 185 -10.66 -5.27 15.43
C GLN A 185 -11.97 -6.05 15.40
N SER A 186 -12.77 -5.93 14.33
CA SER A 186 -14.09 -6.52 14.30
C SER A 186 -13.94 -8.04 14.38
N SER A 187 -13.46 -8.67 13.31
CA SER A 187 -13.52 -10.10 12.99
C SER A 187 -14.91 -10.77 13.14
N ARG A 188 -15.91 -10.14 13.76
CA ARG A 188 -17.07 -10.80 14.36
C ARG A 188 -18.31 -9.94 14.37
N LYS A 189 -18.22 -8.63 14.16
CA LYS A 189 -19.37 -7.74 14.25
C LYS A 189 -19.61 -7.06 12.92
N ALA A 1 -13.97 -8.39 10.23
CA ALA A 1 -12.65 -7.90 9.77
C ALA A 1 -12.41 -8.34 8.33
N ARG A 2 -12.94 -7.57 7.36
CA ARG A 2 -12.57 -7.69 5.95
C ARG A 2 -11.63 -6.54 5.64
N HIS A 3 -10.39 -6.89 5.34
CA HIS A 3 -9.51 -6.30 4.33
C HIS A 3 -9.93 -4.86 4.00
N VAL A 4 -9.37 -3.87 4.68
CA VAL A 4 -9.89 -2.51 4.66
C VAL A 4 -9.08 -1.70 3.66
N PHE A 5 -9.76 -1.08 2.71
CA PHE A 5 -9.15 -0.23 1.69
C PHE A 5 -9.68 1.18 1.81
N LEU A 6 -8.95 2.12 1.23
CA LEU A 6 -9.20 3.55 1.28
C LEU A 6 -9.30 4.11 -0.12
N THR A 7 -10.02 5.22 -0.25
CA THR A 7 -10.23 5.90 -1.52
C THR A 7 -10.61 7.37 -1.22
N GLY A 8 -10.63 8.21 -2.24
CA GLY A 8 -11.08 9.61 -2.28
C GLY A 8 -10.00 10.55 -1.76
N PRO A 9 -8.83 10.66 -2.41
CA PRO A 9 -7.63 11.30 -1.86
C PRO A 9 -7.93 12.75 -1.40
N PRO A 10 -7.77 13.09 -0.10
CA PRO A 10 -8.35 14.30 0.46
C PRO A 10 -7.56 15.57 0.16
N GLY A 11 -6.51 15.84 0.93
CA GLY A 11 -5.53 16.85 0.58
C GLY A 11 -4.14 16.25 0.64
N VAL A 12 -4.03 14.99 0.21
CA VAL A 12 -2.81 14.19 0.22
C VAL A 12 -2.14 14.23 1.61
N GLY A 13 -2.80 13.60 2.58
CA GLY A 13 -2.26 13.34 3.91
C GLY A 13 -2.81 12.04 4.48
N LYS A 14 -3.27 11.13 3.62
CA LYS A 14 -4.02 9.94 4.03
C LYS A 14 -3.10 8.81 4.44
N THR A 15 -1.91 8.71 3.82
CA THR A 15 -0.91 7.72 4.17
C THR A 15 -0.52 7.92 5.64
N THR A 16 -0.43 9.14 6.14
CA THR A 16 -0.14 9.43 7.54
C THR A 16 -1.17 8.79 8.49
N LEU A 17 -2.44 8.71 8.10
CA LEU A 17 -3.47 8.03 8.88
C LEU A 17 -3.24 6.51 8.83
N ILE A 18 -2.73 5.96 7.73
CA ILE A 18 -2.43 4.54 7.60
C ILE A 18 -1.11 4.22 8.35
N HIS A 19 -0.12 5.13 8.43
CA HIS A 19 1.05 4.97 9.29
C HIS A 19 0.56 4.69 10.70
N LYS A 20 -0.33 5.57 11.16
CA LYS A 20 -0.87 5.49 12.49
C LYS A 20 -1.73 4.25 12.69
N ALA A 21 -2.15 3.55 11.63
CA ALA A 21 -2.84 2.28 11.80
C ALA A 21 -1.87 1.19 12.23
N SER A 22 -0.60 1.26 11.81
CA SER A 22 0.37 0.22 12.05
C SER A 22 0.87 0.33 13.49
N GLU A 23 1.25 1.52 13.94
CA GLU A 23 1.70 1.77 15.31
C GLU A 23 0.71 1.18 16.33
N VAL A 24 -0.59 1.34 16.06
CA VAL A 24 -1.65 0.89 16.93
C VAL A 24 -1.59 -0.62 17.07
N LEU A 25 -1.73 -1.34 15.96
CA LEU A 25 -1.71 -2.80 15.95
C LEU A 25 -0.44 -3.31 16.59
N LYS A 26 0.69 -2.67 16.27
CA LYS A 26 1.97 -3.11 16.79
C LYS A 26 1.96 -3.04 18.31
N SER A 27 1.50 -1.92 18.85
CA SER A 27 1.33 -1.72 20.28
C SER A 27 0.35 -2.75 20.84
N SER A 28 -0.75 -3.02 20.12
CA SER A 28 -1.80 -3.95 20.50
C SER A 28 -1.38 -5.42 20.41
N GLY A 29 -0.20 -5.73 19.87
CA GLY A 29 0.33 -7.08 19.78
C GLY A 29 0.01 -7.77 18.46
N VAL A 30 -0.53 -7.06 17.46
CA VAL A 30 -0.97 -7.61 16.19
C VAL A 30 0.16 -7.34 15.19
N PRO A 31 0.94 -8.37 14.80
CA PRO A 31 2.18 -8.19 14.05
C PRO A 31 1.89 -7.78 12.60
N VAL A 32 1.96 -6.48 12.33
CA VAL A 32 1.84 -5.91 11.00
C VAL A 32 3.04 -6.37 10.17
N ASP A 33 2.82 -6.55 8.87
CA ASP A 33 3.86 -6.36 7.88
C ASP A 33 3.31 -5.62 6.66
N GLY A 34 4.17 -5.19 5.74
CA GLY A 34 3.77 -4.58 4.46
C GLY A 34 4.77 -3.50 4.05
N PHE A 35 4.36 -2.63 3.13
CA PHE A 35 5.14 -1.46 2.74
C PHE A 35 4.24 -0.25 2.52
N TYR A 36 4.86 0.91 2.51
CA TYR A 36 4.28 2.17 2.09
C TYR A 36 5.33 2.93 1.29
N THR A 37 4.89 3.85 0.45
CA THR A 37 5.77 4.67 -0.37
C THR A 37 5.84 6.02 0.32
N GLU A 38 6.93 6.23 1.04
CA GLU A 38 7.18 7.47 1.75
C GLU A 38 7.68 8.51 0.75
N GLU A 39 7.56 9.78 1.15
CA GLU A 39 8.16 10.91 0.48
C GLU A 39 9.62 11.07 0.88
N VAL A 40 10.52 10.60 0.04
CA VAL A 40 11.94 10.90 0.11
C VAL A 40 12.16 12.42 0.02
N ARG A 41 12.53 13.06 1.13
CA ARG A 41 12.84 14.50 1.15
C ARG A 41 14.35 14.67 1.36
N GLN A 42 15.10 14.99 0.30
CA GLN A 42 16.56 15.18 0.46
C GLN A 42 16.86 16.39 1.36
N GLY A 43 16.05 17.43 1.22
CA GLY A 43 16.23 18.74 1.84
C GLY A 43 15.00 19.57 1.51
N GLY A 44 13.83 19.14 2.00
CA GLY A 44 12.57 19.82 1.79
C GLY A 44 12.04 19.81 0.35
N ARG A 45 12.54 18.96 -0.54
CA ARG A 45 12.00 18.73 -1.87
C ARG A 45 11.76 17.24 -2.00
N ARG A 46 10.65 16.83 -2.63
CA ARG A 46 10.35 15.43 -2.88
C ARG A 46 11.18 14.98 -4.09
N ILE A 47 12.31 14.33 -3.82
CA ILE A 47 13.20 13.87 -4.88
C ILE A 47 12.69 12.60 -5.54
N GLY A 48 11.70 11.93 -4.94
CA GLY A 48 10.94 10.90 -5.63
C GLY A 48 10.04 10.26 -4.61
N PHE A 49 10.11 8.94 -4.52
CA PHE A 49 9.49 8.17 -3.44
C PHE A 49 10.52 7.17 -2.93
N ASP A 50 10.34 6.68 -1.69
CA ASP A 50 11.17 5.63 -1.09
C ASP A 50 10.28 4.63 -0.35
N VAL A 51 10.51 3.33 -0.56
CA VAL A 51 9.56 2.31 -0.11
C VAL A 51 9.97 1.87 1.27
N VAL A 52 9.28 2.33 2.31
CA VAL A 52 9.55 1.93 3.68
C VAL A 52 8.68 0.71 3.98
N THR A 53 9.28 -0.32 4.56
CA THR A 53 8.58 -1.52 5.00
C THR A 53 8.24 -1.38 6.48
N LEU A 54 7.23 -2.08 6.97
CA LEU A 54 6.89 -2.08 8.38
C LEU A 54 7.83 -2.96 9.22
N SER A 55 8.94 -3.48 8.65
CA SER A 55 10.10 -3.98 9.39
C SER A 55 11.32 -3.05 9.20
N GLY A 56 11.19 -1.91 8.52
CA GLY A 56 12.14 -0.80 8.63
C GLY A 56 13.25 -0.81 7.58
N THR A 57 13.24 -1.74 6.63
CA THR A 57 14.02 -1.58 5.41
C THR A 57 13.33 -0.50 4.56
N ARG A 58 14.09 0.26 3.79
CA ARG A 58 13.62 1.37 2.98
C ARG A 58 14.32 1.34 1.63
N GLY A 59 13.60 1.46 0.51
CA GLY A 59 14.22 1.25 -0.80
C GLY A 59 14.18 2.47 -1.70
N PRO A 60 14.82 2.40 -2.87
CA PRO A 60 14.55 3.32 -3.95
C PRO A 60 13.11 3.10 -4.43
N LEU A 61 12.57 4.04 -5.20
CA LEU A 61 11.43 3.76 -6.06
C LEU A 61 11.67 4.52 -7.34
N SER A 62 11.57 5.84 -7.28
CA SER A 62 11.79 6.70 -8.41
C SER A 62 12.68 7.86 -8.00
N ARG A 63 13.34 8.49 -8.97
CA ARG A 63 14.07 9.76 -8.78
C ARG A 63 14.01 10.59 -10.06
N VAL A 64 14.20 11.90 -9.93
CA VAL A 64 14.15 12.84 -11.05
C VAL A 64 15.25 12.49 -12.06
N GLY A 65 14.92 12.53 -13.34
CA GLY A 65 15.83 12.46 -14.45
C GLY A 65 15.20 13.19 -15.62
N LEU A 66 16.00 13.51 -16.63
CA LEU A 66 15.52 13.95 -17.95
C LEU A 66 14.55 12.91 -18.52
N GLU A 67 13.65 13.36 -19.37
CA GLU A 67 12.63 12.50 -19.96
C GLU A 67 13.25 11.49 -20.96
N PRO A 68 12.50 10.44 -21.32
CA PRO A 68 13.03 9.32 -22.07
C PRO A 68 13.03 9.63 -23.57
N PRO A 69 14.07 9.22 -24.30
CA PRO A 69 14.15 9.42 -25.75
C PRO A 69 13.29 8.38 -26.47
N PRO A 70 12.98 8.57 -27.77
CA PRO A 70 12.14 7.65 -28.53
C PRO A 70 12.87 6.33 -28.86
N GLY A 71 14.14 6.19 -28.46
CA GLY A 71 14.96 5.00 -28.62
C GLY A 71 15.30 4.33 -27.28
N LYS A 72 14.68 4.71 -26.16
CA LYS A 72 14.77 3.98 -24.91
C LYS A 72 13.40 3.96 -24.26
N ARG A 73 13.22 3.09 -23.27
CA ARG A 73 12.02 3.05 -22.46
C ARG A 73 12.34 2.53 -21.07
N GLU A 74 11.45 2.86 -20.14
CA GLU A 74 11.42 2.48 -18.74
C GLU A 74 10.03 2.87 -18.22
N CYS A 75 9.84 2.80 -16.91
CA CYS A 75 8.63 3.27 -16.25
C CYS A 75 8.91 4.67 -15.70
N ARG A 76 8.10 5.68 -16.02
CA ARG A 76 8.38 7.07 -15.64
C ARG A 76 7.08 7.75 -15.25
N VAL A 77 7.12 8.56 -14.21
CA VAL A 77 5.99 9.27 -13.63
C VAL A 77 6.35 10.76 -13.57
N GLY A 78 5.98 11.49 -14.63
CA GLY A 78 6.10 12.94 -14.70
C GLY A 78 7.53 13.39 -14.97
N GLN A 79 8.37 13.30 -13.95
CA GLN A 79 9.78 13.65 -13.98
C GLN A 79 10.63 12.56 -13.32
N TYR A 80 10.05 11.78 -12.39
CA TYR A 80 10.77 10.73 -11.73
C TYR A 80 10.66 9.48 -12.60
N VAL A 81 11.78 8.94 -13.09
CA VAL A 81 11.76 7.57 -13.60
C VAL A 81 11.62 6.67 -12.37
N VAL A 82 10.71 5.71 -12.38
CA VAL A 82 10.56 4.68 -11.39
C VAL A 82 11.33 3.45 -11.84
N ASP A 83 11.34 2.40 -11.02
CA ASP A 83 11.69 1.09 -11.53
C ASP A 83 10.92 0.00 -10.79
N LEU A 84 10.75 -1.15 -11.44
CA LEU A 84 10.06 -2.30 -10.85
C LEU A 84 11.01 -3.08 -9.95
N THR A 85 12.31 -3.04 -10.22
CA THR A 85 13.33 -3.53 -9.32
C THR A 85 13.35 -2.71 -8.02
N SER A 86 13.13 -1.40 -8.07
CA SER A 86 13.06 -0.59 -6.87
C SER A 86 11.93 -1.06 -5.95
N PHE A 87 10.83 -1.58 -6.52
CA PHE A 87 9.82 -2.29 -5.74
C PHE A 87 10.35 -3.65 -5.30
N GLU A 88 10.84 -4.50 -6.21
CA GLU A 88 11.21 -5.90 -5.93
C GLU A 88 12.21 -6.04 -4.78
N GLN A 89 12.98 -4.99 -4.52
CA GLN A 89 13.81 -4.80 -3.35
C GLN A 89 13.11 -5.23 -2.07
N LEU A 90 11.90 -4.72 -1.80
CA LEU A 90 11.22 -4.84 -0.50
C LEU A 90 9.72 -5.02 -0.64
N ALA A 91 9.10 -4.45 -1.67
CA ALA A 91 7.68 -4.60 -1.98
C ALA A 91 7.47 -5.92 -2.74
N LEU A 92 7.98 -7.01 -2.16
CA LEU A 92 7.97 -8.36 -2.71
C LEU A 92 7.83 -9.38 -1.58
N PRO A 93 8.72 -9.43 -0.56
CA PRO A 93 8.53 -10.30 0.59
C PRO A 93 7.40 -9.82 1.50
N VAL A 94 7.24 -8.51 1.68
CA VAL A 94 6.23 -7.92 2.55
C VAL A 94 4.82 -8.38 2.19
N LEU A 95 4.56 -8.56 0.89
CA LEU A 95 3.28 -9.03 0.42
C LEU A 95 3.02 -10.43 0.94
N ARG A 96 4.04 -11.29 1.01
CA ARG A 96 3.94 -12.70 1.32
C ARG A 96 4.91 -13.06 2.42
N ASN A 97 4.55 -12.69 3.65
CA ASN A 97 5.39 -12.78 4.83
C ASN A 97 4.78 -13.71 5.88
N ALA A 98 3.71 -14.46 5.53
CA ALA A 98 3.28 -15.65 6.24
C ALA A 98 2.39 -16.55 5.38
N ASP A 99 2.18 -17.80 5.82
CA ASP A 99 1.32 -18.79 5.18
C ASP A 99 -0.02 -18.90 5.90
N CYS A 100 0.02 -18.91 7.25
CA CYS A 100 -1.12 -19.02 8.15
C CYS A 100 -1.92 -20.32 7.93
N SER A 101 -1.24 -21.47 7.99
CA SER A 101 -1.82 -22.79 7.69
C SER A 101 -2.88 -23.27 8.71
N SER A 102 -2.99 -22.64 9.88
CA SER A 102 -4.05 -22.77 10.88
C SER A 102 -3.83 -21.72 11.98
N GLY A 103 -4.77 -21.64 12.92
CA GLY A 103 -4.70 -20.79 14.09
C GLY A 103 -5.40 -19.47 13.79
N PRO A 104 -6.31 -18.99 14.66
CA PRO A 104 -7.00 -17.72 14.45
C PRO A 104 -6.04 -16.55 14.66
N GLY A 105 -6.56 -15.33 14.49
CA GLY A 105 -5.77 -14.13 14.57
C GLY A 105 -5.37 -13.80 13.16
N GLN A 106 -6.26 -13.13 12.41
CA GLN A 106 -5.93 -12.72 11.06
C GLN A 106 -4.66 -11.87 11.14
N ARG A 107 -3.70 -12.14 10.25
CA ARG A 107 -2.49 -11.33 10.08
C ARG A 107 -2.91 -9.92 9.63
N VAL A 108 -1.99 -8.99 9.43
CA VAL A 108 -2.23 -7.72 8.77
C VAL A 108 -1.16 -7.58 7.70
N CYS A 109 -1.56 -7.08 6.52
CA CYS A 109 -0.66 -6.68 5.46
C CYS A 109 -0.99 -5.22 5.08
N VAL A 110 -0.06 -4.47 4.47
CA VAL A 110 -0.18 -3.02 4.24
C VAL A 110 0.42 -2.67 2.86
N ILE A 111 -0.34 -1.95 2.01
CA ILE A 111 -0.07 -1.75 0.60
C ILE A 111 -0.65 -0.36 0.21
N ASP A 112 0.03 0.74 0.54
CA ASP A 112 -0.48 2.10 0.23
C ASP A 112 -0.25 2.50 -1.24
N GLU A 113 -0.77 3.66 -1.67
CA GLU A 113 -0.48 4.38 -2.93
C GLU A 113 -0.73 3.56 -4.22
N ILE A 114 -1.53 2.51 -4.13
CA ILE A 114 -1.94 1.73 -5.30
C ILE A 114 -2.58 2.69 -6.31
N GLY A 115 -2.09 2.68 -7.54
CA GLY A 115 -2.63 3.42 -8.67
C GLY A 115 -1.53 4.03 -9.54
N LYS A 116 -0.39 4.47 -8.99
CA LYS A 116 0.70 5.00 -9.84
C LYS A 116 1.21 3.91 -10.79
N MET A 117 1.36 2.71 -10.24
CA MET A 117 1.78 1.51 -10.93
C MET A 117 0.62 0.82 -11.64
N GLU A 118 -0.53 1.47 -11.87
CA GLU A 118 -1.68 0.85 -12.55
C GLU A 118 -1.25 0.16 -13.85
N LEU A 119 -0.34 0.79 -14.61
CA LEU A 119 0.23 0.23 -15.81
C LEU A 119 1.50 -0.54 -15.49
N PHE A 120 2.42 0.07 -14.73
CA PHE A 120 3.78 -0.44 -14.57
C PHE A 120 3.85 -1.76 -13.80
N SER A 121 2.87 -2.08 -12.96
CA SER A 121 2.87 -3.24 -12.07
C SER A 121 3.10 -4.55 -12.82
N GLN A 122 3.88 -5.44 -12.22
CA GLN A 122 4.24 -6.73 -12.78
C GLN A 122 4.16 -7.81 -11.70
N LEU A 123 5.19 -7.97 -10.88
CA LEU A 123 5.21 -8.98 -9.83
C LEU A 123 4.33 -8.57 -8.66
N PHE A 124 3.87 -7.32 -8.58
CA PHE A 124 2.91 -6.86 -7.60
C PHE A 124 1.68 -7.75 -7.56
N ILE A 125 0.96 -7.87 -8.67
CA ILE A 125 -0.11 -8.81 -8.91
C ILE A 125 0.15 -10.16 -8.22
N GLN A 126 1.24 -10.82 -8.57
CA GLN A 126 1.58 -12.12 -8.02
C GLN A 126 1.80 -12.01 -6.52
N ALA A 127 2.65 -11.08 -6.12
CA ALA A 127 3.09 -10.99 -4.76
C ALA A 127 1.90 -10.81 -3.82
N VAL A 128 0.99 -9.88 -4.15
CA VAL A 128 -0.20 -9.65 -3.35
C VAL A 128 -1.12 -10.87 -3.41
N ARG A 129 -1.37 -11.41 -4.60
CA ARG A 129 -2.25 -12.61 -4.73
C ARG A 129 -1.80 -13.73 -3.81
N GLN A 130 -0.50 -13.93 -3.59
CA GLN A 130 0.02 -15.01 -2.77
C GLN A 130 -0.48 -14.95 -1.33
N THR A 131 -0.79 -13.76 -0.84
CA THR A 131 -1.40 -13.57 0.47
C THR A 131 -2.91 -13.34 0.37
N LEU A 132 -3.45 -12.72 -0.70
CA LEU A 132 -4.90 -12.61 -0.91
C LEU A 132 -5.56 -13.99 -1.02
N SER A 133 -4.78 -15.02 -1.31
CA SER A 133 -5.19 -16.40 -1.41
C SER A 133 -5.62 -16.94 -0.03
N THR A 134 -5.01 -16.41 1.03
CA THR A 134 -5.35 -16.65 2.41
C THR A 134 -6.77 -16.11 2.62
N PRO A 135 -7.60 -16.79 3.42
CA PRO A 135 -8.88 -16.30 3.96
C PRO A 135 -8.68 -15.21 5.02
N GLY A 136 -7.48 -14.64 5.07
CA GLY A 136 -6.88 -14.01 6.22
C GLY A 136 -5.75 -13.10 5.72
N THR A 137 -4.84 -12.73 6.64
CA THR A 137 -4.30 -11.38 6.67
C THR A 137 -5.45 -10.36 6.74
N ILE A 138 -5.11 -9.06 6.82
CA ILE A 138 -6.07 -7.99 6.72
C ILE A 138 -5.30 -7.05 5.84
N ILE A 139 -5.67 -6.99 4.56
CA ILE A 139 -5.04 -6.01 3.69
C ILE A 139 -5.46 -4.65 4.24
N LEU A 140 -4.52 -3.73 4.22
CA LEU A 140 -4.69 -2.32 4.48
C LEU A 140 -4.09 -1.64 3.28
N GLY A 141 -4.76 -0.64 2.70
CA GLY A 141 -4.17 0.03 1.56
C GLY A 141 -5.05 1.15 1.02
N THR A 142 -4.53 1.90 0.07
CA THR A 142 -5.20 3.06 -0.51
C THR A 142 -5.18 2.94 -2.02
N ILE A 143 -6.35 2.97 -2.66
CA ILE A 143 -6.57 2.70 -4.06
C ILE A 143 -7.41 3.85 -4.67
N PRO A 144 -7.50 4.00 -6.00
CA PRO A 144 -8.28 5.08 -6.57
C PRO A 144 -9.80 4.89 -6.44
N VAL A 145 -10.54 5.97 -6.67
CA VAL A 145 -12.01 5.99 -6.67
C VAL A 145 -12.49 5.33 -7.96
N PRO A 146 -13.59 4.57 -7.87
CA PRO A 146 -13.86 3.53 -8.82
C PRO A 146 -14.46 4.10 -10.10
N LYS A 147 -13.63 4.17 -11.13
CA LYS A 147 -13.98 4.73 -12.43
C LYS A 147 -14.30 3.57 -13.37
N GLY A 148 -14.99 3.87 -14.48
CA GLY A 148 -15.67 2.94 -15.38
C GLY A 148 -15.12 1.53 -15.37
N LYS A 149 -14.00 1.32 -16.05
CA LYS A 149 -13.37 0.00 -16.08
C LYS A 149 -12.32 -0.06 -14.98
N PRO A 150 -12.21 -1.17 -14.24
CA PRO A 150 -11.15 -1.35 -13.27
C PRO A 150 -9.82 -1.54 -14.01
N LEU A 151 -8.71 -1.41 -13.28
CA LEU A 151 -7.33 -1.46 -13.80
C LEU A 151 -6.69 -2.77 -13.37
N ALA A 152 -5.50 -3.08 -13.88
CA ALA A 152 -4.80 -4.34 -13.73
C ALA A 152 -4.58 -4.77 -12.28
N LEU A 153 -3.62 -4.17 -11.59
CA LEU A 153 -3.37 -4.47 -10.17
C LEU A 153 -4.64 -4.17 -9.36
N VAL A 154 -5.42 -3.15 -9.76
CA VAL A 154 -6.67 -2.82 -9.07
C VAL A 154 -7.64 -4.00 -9.13
N GLU A 155 -7.68 -4.78 -10.21
CA GLU A 155 -8.53 -5.95 -10.38
C GLU A 155 -8.13 -7.07 -9.43
N GLU A 156 -6.88 -7.12 -8.95
CA GLU A 156 -6.45 -8.07 -7.93
C GLU A 156 -7.09 -7.72 -6.58
N ILE A 157 -7.12 -6.43 -6.25
CA ILE A 157 -7.69 -5.93 -5.00
C ILE A 157 -9.21 -5.96 -5.07
N ARG A 158 -9.78 -5.43 -6.15
CA ARG A 158 -11.21 -5.34 -6.39
C ARG A 158 -11.83 -6.74 -6.53
N ASN A 159 -11.02 -7.75 -6.86
CA ASN A 159 -11.51 -9.12 -6.97
C ASN A 159 -12.05 -9.63 -5.64
N ARG A 160 -11.55 -9.12 -4.51
CA ARG A 160 -11.87 -9.69 -3.20
C ARG A 160 -13.34 -9.52 -2.84
N LYS A 161 -13.97 -8.42 -3.27
CA LYS A 161 -15.38 -8.06 -3.05
C LYS A 161 -15.65 -7.75 -1.58
N ASP A 162 -15.38 -8.69 -0.68
CA ASP A 162 -15.48 -8.54 0.77
C ASP A 162 -14.26 -7.78 1.23
N VAL A 163 -14.32 -6.48 1.02
CA VAL A 163 -13.38 -5.44 1.38
C VAL A 163 -14.24 -4.28 1.91
N LYS A 164 -13.86 -3.66 3.03
CA LYS A 164 -14.42 -2.35 3.41
C LYS A 164 -13.74 -1.33 2.52
N VAL A 165 -14.45 -0.36 1.95
CA VAL A 165 -13.82 0.76 1.25
C VAL A 165 -14.22 2.05 1.96
N PHE A 166 -13.37 2.53 2.86
CA PHE A 166 -13.58 3.82 3.51
C PHE A 166 -13.23 4.94 2.53
N ASN A 167 -14.26 5.58 1.98
CA ASN A 167 -14.15 6.89 1.37
C ASN A 167 -13.86 7.86 2.52
N VAL A 168 -12.62 8.35 2.61
CA VAL A 168 -12.27 9.48 3.48
C VAL A 168 -13.14 10.66 3.00
N THR A 169 -13.45 11.64 3.85
CA THR A 169 -13.82 12.97 3.38
C THR A 169 -12.62 13.87 3.57
N LYS A 170 -12.57 14.99 2.86
CA LYS A 170 -11.63 16.06 3.17
C LYS A 170 -11.89 16.62 4.57
N GLU A 171 -13.08 16.36 5.14
CA GLU A 171 -13.54 17.07 6.33
C GLU A 171 -13.28 16.26 7.60
N ASN A 172 -13.78 15.02 7.67
CA ASN A 172 -13.60 14.12 8.82
C ASN A 172 -12.33 13.30 8.64
N ARG A 173 -11.43 13.72 7.74
CA ARG A 173 -10.18 13.07 7.39
C ARG A 173 -9.47 12.51 8.64
N ASN A 174 -9.36 13.28 9.72
CA ASN A 174 -8.63 12.93 10.94
C ASN A 174 -9.36 11.95 11.87
N HIS A 175 -10.52 11.44 11.44
CA HIS A 175 -11.37 10.52 12.16
C HIS A 175 -11.73 9.32 11.26
N LEU A 176 -10.74 8.78 10.55
CA LEU A 176 -10.90 7.57 9.76
C LEU A 176 -9.95 6.48 10.25
N LEU A 177 -8.70 6.82 10.55
CA LEU A 177 -7.72 5.93 11.18
C LEU A 177 -8.40 5.11 12.30
N PRO A 178 -9.07 5.70 13.33
CA PRO A 178 -9.69 4.90 14.40
C PRO A 178 -10.84 4.02 13.91
N ASP A 179 -11.51 4.44 12.84
CA ASP A 179 -12.65 3.73 12.25
C ASP A 179 -12.16 2.47 11.54
N ILE A 180 -11.05 2.60 10.83
CA ILE A 180 -10.28 1.51 10.24
C ILE A 180 -9.83 0.59 11.36
N VAL A 181 -9.19 1.09 12.42
CA VAL A 181 -8.77 0.29 13.58
C VAL A 181 -9.96 -0.52 14.11
N THR A 182 -11.14 0.08 14.22
CA THR A 182 -12.34 -0.60 14.72
C THR A 182 -12.70 -1.76 13.78
N CYS A 183 -12.75 -1.51 12.47
CA CYS A 183 -13.03 -2.51 11.45
C CYS A 183 -12.02 -3.67 11.46
N VAL A 184 -10.73 -3.34 11.62
CA VAL A 184 -9.59 -4.26 11.66
C VAL A 184 -9.68 -5.12 12.93
N GLN A 185 -9.78 -4.49 14.10
CA GLN A 185 -9.76 -5.16 15.39
C GLN A 185 -11.02 -6.03 15.59
N SER A 186 -12.11 -5.71 14.88
CA SER A 186 -13.42 -6.32 14.94
C SER A 186 -13.35 -7.84 15.02
N SER A 187 -12.64 -8.52 14.12
CA SER A 187 -12.88 -9.94 13.84
C SER A 187 -14.38 -10.22 13.67
N ARG A 188 -15.08 -10.67 14.72
CA ARG A 188 -16.52 -10.96 14.79
C ARG A 188 -17.22 -10.15 15.89
N LYS A 189 -16.51 -9.32 16.65
CA LYS A 189 -17.07 -8.51 17.71
C LYS A 189 -18.09 -7.57 17.09
N ALA A 1 -12.75 -12.16 8.89
CA ALA A 1 -11.64 -11.23 8.57
C ALA A 1 -11.70 -10.86 7.09
N ARG A 2 -11.76 -9.55 6.81
CA ARG A 2 -11.99 -8.96 5.49
C ARG A 2 -11.01 -7.82 5.30
N HIS A 3 -10.51 -7.72 4.09
CA HIS A 3 -9.59 -6.70 3.63
C HIS A 3 -10.29 -5.34 3.67
N VAL A 4 -9.55 -4.27 3.95
CA VAL A 4 -10.07 -2.91 3.99
C VAL A 4 -9.17 -2.07 3.08
N PHE A 5 -9.74 -1.09 2.38
CA PHE A 5 -9.01 -0.26 1.42
C PHE A 5 -9.49 1.18 1.49
N LEU A 6 -8.57 2.12 1.74
CA LEU A 6 -8.85 3.54 1.63
C LEU A 6 -9.00 3.90 0.16
N THR A 7 -9.78 4.95 -0.11
CA THR A 7 -9.88 5.60 -1.41
C THR A 7 -10.28 7.07 -1.20
N GLY A 8 -10.52 7.79 -2.30
CA GLY A 8 -10.90 9.21 -2.33
C GLY A 8 -9.90 10.03 -3.15
N PRO A 9 -10.15 11.33 -3.34
CA PRO A 9 -9.14 12.26 -3.80
C PRO A 9 -8.13 12.55 -2.66
N PRO A 10 -6.90 12.97 -2.99
CA PRO A 10 -5.87 13.20 -1.99
C PRO A 10 -6.14 14.49 -1.21
N GLY A 11 -5.62 14.56 0.01
CA GLY A 11 -5.56 15.80 0.79
C GLY A 11 -4.17 16.06 1.33
N VAL A 12 -3.17 15.28 0.90
CA VAL A 12 -1.77 15.34 1.28
C VAL A 12 -1.57 14.99 2.77
N GLY A 13 -0.79 13.94 3.00
CA GLY A 13 -0.57 13.34 4.33
C GLY A 13 -1.59 12.24 4.64
N LYS A 14 -2.11 11.52 3.64
CA LYS A 14 -3.08 10.44 3.88
C LYS A 14 -2.49 9.30 4.69
N THR A 15 -1.30 8.86 4.26
CA THR A 15 -0.56 7.72 4.80
C THR A 15 -0.55 7.74 6.32
N THR A 16 -0.42 8.91 6.95
CA THR A 16 -0.32 9.10 8.37
C THR A 16 -1.43 8.37 9.13
N LEU A 17 -2.69 8.39 8.67
CA LEU A 17 -3.76 7.74 9.44
C LEU A 17 -3.64 6.22 9.32
N ILE A 18 -3.19 5.71 8.18
CA ILE A 18 -3.03 4.28 7.95
C ILE A 18 -1.81 3.76 8.71
N HIS A 19 -0.69 4.48 8.64
CA HIS A 19 0.54 4.20 9.36
C HIS A 19 0.26 4.15 10.85
N LYS A 20 -0.42 5.18 11.40
CA LYS A 20 -0.73 5.16 12.81
C LYS A 20 -1.71 4.03 13.11
N ALA A 21 -2.65 3.70 12.20
CA ALA A 21 -3.52 2.55 12.39
C ALA A 21 -2.71 1.27 12.63
N SER A 22 -1.52 1.13 12.02
CA SER A 22 -0.63 0.00 12.24
C SER A 22 0.01 0.07 13.63
N GLU A 23 0.56 1.22 14.01
CA GLU A 23 1.29 1.41 15.28
C GLU A 23 0.41 1.07 16.49
N VAL A 24 -0.88 1.35 16.38
CA VAL A 24 -1.89 1.06 17.38
C VAL A 24 -1.90 -0.45 17.62
N LEU A 25 -2.04 -1.25 16.57
CA LEU A 25 -1.96 -2.70 16.66
C LEU A 25 -0.58 -3.11 17.16
N LYS A 26 0.50 -2.45 16.74
CA LYS A 26 1.85 -2.80 17.15
C LYS A 26 1.99 -2.69 18.67
N SER A 27 1.44 -1.64 19.26
CA SER A 27 1.29 -1.48 20.71
C SER A 27 0.45 -2.63 21.31
N SER A 28 -0.38 -3.27 20.50
CA SER A 28 -1.24 -4.39 20.86
C SER A 28 -0.70 -5.78 20.52
N GLY A 29 0.60 -5.94 20.27
CA GLY A 29 1.21 -7.26 20.09
C GLY A 29 0.58 -7.99 18.90
N VAL A 30 0.22 -7.25 17.86
CA VAL A 30 -0.20 -7.79 16.58
C VAL A 30 0.99 -8.41 15.84
N PRO A 31 0.77 -9.32 14.88
CA PRO A 31 1.60 -9.45 13.69
C PRO A 31 1.11 -8.49 12.59
N VAL A 32 1.80 -7.36 12.40
CA VAL A 32 1.71 -6.50 11.21
C VAL A 32 2.98 -6.74 10.39
N ASP A 33 2.91 -6.61 9.07
CA ASP A 33 4.05 -6.29 8.22
C ASP A 33 3.57 -5.68 6.88
N GLY A 34 4.48 -5.34 5.96
CA GLY A 34 4.17 -4.71 4.68
C GLY A 34 5.23 -3.66 4.34
N PHE A 35 4.83 -2.64 3.60
CA PHE A 35 5.63 -1.48 3.24
C PHE A 35 4.76 -0.22 3.36
N TYR A 36 5.36 0.94 3.19
CA TYR A 36 4.68 2.19 2.89
C TYR A 36 5.58 2.98 1.94
N THR A 37 5.00 3.93 1.22
CA THR A 37 5.58 4.42 -0.02
C THR A 37 5.92 5.89 0.22
N GLU A 38 6.99 6.12 0.98
CA GLU A 38 7.24 7.43 1.58
C GLU A 38 7.65 8.45 0.51
N GLU A 39 7.11 9.66 0.65
CA GLU A 39 7.47 10.84 -0.09
C GLU A 39 8.87 11.27 0.35
N VAL A 40 9.82 11.18 -0.57
CA VAL A 40 11.18 11.67 -0.37
C VAL A 40 11.14 13.19 -0.45
N ARG A 41 10.95 13.83 0.71
CA ARG A 41 10.86 15.27 0.83
C ARG A 41 12.12 15.76 1.54
N GLN A 42 13.08 16.31 0.80
CA GLN A 42 14.38 16.74 1.33
C GLN A 42 14.23 18.06 2.10
N GLY A 43 13.45 18.06 3.18
CA GLY A 43 12.94 19.29 3.77
C GLY A 43 11.80 19.82 2.92
N GLY A 44 10.69 19.08 2.84
CA GLY A 44 9.42 19.58 2.31
C GLY A 44 9.21 19.45 0.79
N ARG A 45 10.28 19.35 -0.01
CA ARG A 45 10.18 19.28 -1.48
C ARG A 45 9.69 17.90 -1.92
N ARG A 46 9.72 17.54 -3.21
CA ARG A 46 9.29 16.21 -3.65
C ARG A 46 10.14 15.70 -4.80
N ILE A 47 11.22 15.00 -4.45
CA ILE A 47 12.24 14.60 -5.39
C ILE A 47 12.12 13.12 -5.79
N GLY A 48 11.28 12.34 -5.11
CA GLY A 48 11.06 10.95 -5.46
C GLY A 48 10.19 10.25 -4.42
N PHE A 49 10.13 8.93 -4.50
CA PHE A 49 9.46 8.06 -3.55
C PHE A 49 10.35 6.85 -3.29
N ASP A 50 10.17 6.16 -2.17
CA ASP A 50 10.88 4.91 -1.79
C ASP A 50 9.85 3.94 -1.19
N VAL A 51 10.09 2.61 -1.13
CA VAL A 51 9.25 1.69 -0.36
C VAL A 51 9.96 1.40 0.96
N VAL A 52 9.55 2.05 2.04
CA VAL A 52 10.07 1.75 3.37
C VAL A 52 9.30 0.53 3.90
N THR A 53 9.99 -0.55 4.27
CA THR A 53 9.35 -1.70 4.90
C THR A 53 9.33 -1.47 6.42
N LEU A 54 8.51 -2.23 7.14
CA LEU A 54 8.49 -2.13 8.59
C LEU A 54 9.71 -2.79 9.23
N SER A 55 10.45 -3.65 8.51
CA SER A 55 11.75 -4.15 8.95
C SER A 55 12.71 -2.96 9.05
N GLY A 56 12.59 -1.99 8.12
CA GLY A 56 13.43 -0.81 8.06
C GLY A 56 14.28 -0.76 6.80
N THR A 57 14.07 -1.70 5.87
CA THR A 57 14.63 -1.69 4.54
C THR A 57 13.95 -0.55 3.77
N ARG A 58 14.53 -0.13 2.63
CA ARG A 58 13.92 0.85 1.75
C ARG A 58 14.24 0.50 0.31
N GLY A 59 13.27 0.56 -0.60
CA GLY A 59 13.56 0.40 -2.01
C GLY A 59 13.63 1.77 -2.65
N PRO A 60 14.63 2.02 -3.50
CA PRO A 60 14.85 3.29 -4.19
C PRO A 60 13.89 3.47 -5.38
N LEU A 61 12.59 3.63 -5.10
CA LEU A 61 11.49 3.51 -6.05
C LEU A 61 11.66 4.42 -7.25
N SER A 62 11.56 5.73 -7.03
CA SER A 62 11.63 6.67 -8.13
C SER A 62 12.44 7.88 -7.75
N ARG A 63 13.00 8.52 -8.79
CA ARG A 63 13.83 9.70 -8.73
C ARG A 63 13.65 10.43 -10.04
N VAL A 64 13.96 11.72 -10.09
CA VAL A 64 14.22 12.41 -11.33
C VAL A 64 15.31 11.69 -12.13
N GLY A 65 15.39 11.95 -13.43
CA GLY A 65 16.43 11.37 -14.27
C GLY A 65 16.39 11.99 -15.66
N LEU A 66 16.62 11.17 -16.68
CA LEU A 66 16.32 11.48 -18.08
C LEU A 66 14.80 11.40 -18.32
N GLU A 67 14.36 11.77 -19.51
CA GLU A 67 12.99 11.62 -19.99
C GLU A 67 12.94 10.82 -21.29
N PRO A 68 11.82 10.18 -21.64
CA PRO A 68 11.68 9.49 -22.91
C PRO A 68 11.24 10.47 -24.01
N PRO A 69 11.77 10.30 -25.23
CA PRO A 69 11.28 11.00 -26.41
C PRO A 69 9.83 10.56 -26.75
N PRO A 70 9.12 11.29 -27.63
CA PRO A 70 7.70 11.08 -27.91
C PRO A 70 7.44 9.82 -28.78
N GLY A 71 7.67 8.65 -28.20
CA GLY A 71 7.43 7.35 -28.82
C GLY A 71 7.88 6.25 -27.89
N LYS A 72 9.15 6.33 -27.47
CA LYS A 72 9.74 5.63 -26.34
C LYS A 72 8.96 5.92 -25.07
N ARG A 73 9.08 5.04 -24.08
CA ARG A 73 8.79 5.27 -22.67
C ARG A 73 9.72 4.36 -21.89
N GLU A 74 10.05 4.73 -20.64
CA GLU A 74 10.87 3.92 -19.77
C GLU A 74 10.53 4.29 -18.32
N CYS A 75 9.64 3.52 -17.68
CA CYS A 75 9.18 3.61 -16.30
C CYS A 75 8.80 5.02 -15.81
N ARG A 76 8.23 5.85 -16.67
CA ARG A 76 8.03 7.27 -16.38
C ARG A 76 6.76 7.40 -15.55
N VAL A 77 6.80 8.12 -14.43
CA VAL A 77 5.70 8.26 -13.49
C VAL A 77 5.54 9.75 -13.19
N GLY A 78 4.75 10.44 -14.02
CA GLY A 78 4.54 11.88 -13.96
C GLY A 78 5.76 12.66 -14.45
N GLN A 79 6.86 12.59 -13.69
CA GLN A 79 8.16 13.17 -13.99
C GLN A 79 9.28 12.19 -13.65
N TYR A 80 9.16 11.39 -12.60
CA TYR A 80 10.24 10.54 -12.13
C TYR A 80 10.32 9.31 -13.03
N VAL A 81 11.38 8.52 -12.88
CA VAL A 81 11.50 7.18 -13.43
C VAL A 81 11.38 6.25 -12.23
N VAL A 82 10.38 5.36 -12.20
CA VAL A 82 10.30 4.30 -11.21
C VAL A 82 11.21 3.13 -11.61
N ASP A 83 11.25 2.12 -10.74
CA ASP A 83 12.05 0.93 -10.86
C ASP A 83 11.18 -0.20 -10.30
N LEU A 84 10.71 -1.11 -11.17
CA LEU A 84 9.89 -2.27 -10.80
C LEU A 84 10.72 -3.22 -9.93
N THR A 85 12.01 -3.26 -10.20
CA THR A 85 13.03 -3.91 -9.42
C THR A 85 12.94 -3.39 -7.98
N SER A 86 12.88 -2.07 -7.75
CA SER A 86 12.76 -1.48 -6.41
C SER A 86 11.55 -2.00 -5.64
N PHE A 87 10.51 -2.51 -6.30
CA PHE A 87 9.46 -3.24 -5.62
C PHE A 87 9.93 -4.65 -5.32
N GLU A 88 10.27 -5.44 -6.34
CA GLU A 88 10.76 -6.82 -6.27
C GLU A 88 11.88 -7.01 -5.23
N GLN A 89 12.65 -5.96 -4.93
CA GLN A 89 13.73 -5.92 -3.97
C GLN A 89 13.32 -6.21 -2.53
N LEU A 90 12.08 -5.90 -2.15
CA LEU A 90 11.62 -5.96 -0.76
C LEU A 90 10.09 -5.96 -0.63
N ALA A 91 9.38 -5.32 -1.55
CA ALA A 91 7.94 -5.46 -1.72
C ALA A 91 7.66 -6.78 -2.47
N LEU A 92 8.21 -7.87 -1.94
CA LEU A 92 8.14 -9.21 -2.48
C LEU A 92 7.96 -10.20 -1.31
N PRO A 93 8.89 -10.31 -0.33
CA PRO A 93 8.65 -11.09 0.88
C PRO A 93 7.47 -10.55 1.69
N VAL A 94 7.33 -9.22 1.85
CA VAL A 94 6.29 -8.62 2.68
C VAL A 94 4.87 -9.07 2.28
N LEU A 95 4.69 -9.57 1.04
CA LEU A 95 3.45 -10.16 0.58
C LEU A 95 3.38 -11.60 1.12
N ARG A 96 3.10 -11.74 2.43
CA ARG A 96 3.01 -12.95 3.22
C ARG A 96 4.34 -13.70 3.27
N ASN A 97 5.13 -13.46 4.30
CA ASN A 97 6.37 -14.14 4.60
C ASN A 97 6.33 -14.61 6.04
N ALA A 98 6.43 -15.93 6.21
CA ALA A 98 6.73 -16.61 7.47
C ALA A 98 5.75 -16.33 8.63
N ASP A 99 4.59 -15.80 8.30
CA ASP A 99 3.46 -15.39 9.11
C ASP A 99 3.00 -16.37 10.20
N CYS A 100 3.17 -17.68 9.99
CA CYS A 100 2.34 -18.69 10.64
C CYS A 100 2.60 -18.78 12.15
N SER A 101 3.69 -19.43 12.55
CA SER A 101 4.02 -19.85 13.92
C SER A 101 3.00 -20.77 14.63
N SER A 102 1.70 -20.75 14.29
CA SER A 102 0.59 -20.95 15.21
C SER A 102 0.60 -19.93 16.37
N GLY A 103 -0.52 -19.80 17.08
CA GLY A 103 -0.78 -18.71 18.01
C GLY A 103 -1.77 -17.76 17.37
N PRO A 104 -1.32 -16.76 16.57
CA PRO A 104 -2.23 -15.99 15.75
C PRO A 104 -2.75 -16.86 14.60
N GLY A 105 -4.01 -16.65 14.21
CA GLY A 105 -4.59 -17.20 12.99
C GLY A 105 -4.57 -16.20 11.85
N GLN A 106 -4.21 -14.94 12.12
CA GLN A 106 -4.35 -13.83 11.20
C GLN A 106 -3.24 -12.81 11.38
N ARG A 107 -3.11 -11.91 10.40
CA ARG A 107 -2.02 -10.97 10.20
C ARG A 107 -2.61 -9.67 9.68
N VAL A 108 -1.83 -8.59 9.61
CA VAL A 108 -2.23 -7.36 8.95
C VAL A 108 -1.12 -7.10 7.95
N CYS A 109 -1.48 -6.88 6.68
CA CYS A 109 -0.53 -6.50 5.65
C CYS A 109 -0.79 -5.03 5.30
N VAL A 110 0.22 -4.31 4.80
CA VAL A 110 0.17 -2.87 4.64
C VAL A 110 0.78 -2.46 3.29
N ILE A 111 0.01 -1.74 2.46
CA ILE A 111 0.32 -1.44 1.05
C ILE A 111 -0.28 -0.06 0.70
N ASP A 112 0.43 1.05 0.94
CA ASP A 112 -0.03 2.39 0.51
C ASP A 112 0.42 2.69 -0.92
N GLU A 113 -0.19 3.72 -1.52
CA GLU A 113 0.07 4.26 -2.85
C GLU A 113 -0.06 3.18 -3.94
N ILE A 114 -1.24 2.56 -4.03
CA ILE A 114 -1.54 1.58 -5.06
C ILE A 114 -2.07 2.31 -6.31
N GLY A 115 -1.37 3.36 -6.78
CA GLY A 115 -1.84 4.16 -7.90
C GLY A 115 -0.74 4.69 -8.81
N LYS A 116 0.54 4.35 -8.61
CA LYS A 116 1.65 4.93 -9.37
C LYS A 116 2.15 3.96 -10.44
N MET A 117 2.94 2.94 -10.08
CA MET A 117 3.32 1.82 -10.94
C MET A 117 2.13 1.10 -11.58
N GLU A 118 0.91 1.27 -11.05
CA GLU A 118 -0.29 0.52 -11.34
C GLU A 118 -0.35 0.01 -12.79
N LEU A 119 -0.35 0.89 -13.79
CA LEU A 119 -0.53 0.51 -15.19
C LEU A 119 0.61 -0.36 -15.72
N PHE A 120 1.82 -0.19 -15.18
CA PHE A 120 3.03 -0.89 -15.56
C PHE A 120 3.32 -2.11 -14.69
N SER A 121 2.69 -2.21 -13.51
CA SER A 121 3.00 -3.20 -12.49
C SER A 121 2.92 -4.63 -13.06
N GLN A 122 3.70 -5.53 -12.48
CA GLN A 122 3.79 -6.92 -12.91
C GLN A 122 3.66 -7.84 -11.70
N LEU A 123 4.79 -8.16 -11.06
CA LEU A 123 4.84 -8.96 -9.83
C LEU A 123 3.97 -8.36 -8.72
N PHE A 124 3.64 -7.07 -8.73
CA PHE A 124 2.74 -6.47 -7.77
C PHE A 124 1.44 -7.25 -7.67
N ILE A 125 0.68 -7.31 -8.76
CA ILE A 125 -0.52 -8.12 -8.90
C ILE A 125 -0.31 -9.49 -8.29
N GLN A 126 0.70 -10.20 -8.79
CA GLN A 126 0.88 -11.61 -8.54
C GLN A 126 1.17 -11.84 -7.07
N ALA A 127 1.96 -10.94 -6.50
CA ALA A 127 2.47 -11.07 -5.17
C ALA A 127 1.35 -10.79 -4.18
N VAL A 128 0.68 -9.65 -4.34
CA VAL A 128 -0.38 -9.23 -3.41
C VAL A 128 -1.55 -10.20 -3.46
N ARG A 129 -1.82 -10.74 -4.64
CA ARG A 129 -2.77 -11.84 -4.83
C ARG A 129 -2.46 -13.00 -3.88
N GLN A 130 -1.20 -13.41 -3.67
CA GLN A 130 -0.87 -14.45 -2.70
C GLN A 130 -1.35 -14.08 -1.30
N THR A 131 -1.12 -12.83 -0.88
CA THR A 131 -1.50 -12.32 0.42
C THR A 131 -3.03 -12.28 0.56
N LEU A 132 -3.73 -11.75 -0.45
CA LEU A 132 -5.18 -11.61 -0.48
C LEU A 132 -5.86 -12.98 -0.44
N SER A 133 -5.17 -14.03 -0.90
CA SER A 133 -5.63 -15.40 -0.92
C SER A 133 -5.54 -16.03 0.48
N THR A 134 -4.92 -15.35 1.45
CA THR A 134 -4.96 -15.73 2.84
C THR A 134 -6.15 -14.99 3.47
N PRO A 135 -6.99 -15.66 4.27
CA PRO A 135 -8.12 -15.04 4.94
C PRO A 135 -7.67 -14.21 6.15
N GLY A 136 -6.69 -14.72 6.91
CA GLY A 136 -6.24 -14.08 8.12
C GLY A 136 -5.35 -12.87 7.87
N THR A 137 -4.53 -12.81 6.82
CA THR A 137 -3.81 -11.57 6.56
C THR A 137 -4.83 -10.49 6.18
N ILE A 138 -4.66 -9.27 6.69
CA ILE A 138 -5.68 -8.24 6.65
C ILE A 138 -4.96 -7.12 5.93
N ILE A 139 -5.00 -7.22 4.60
CA ILE A 139 -4.56 -6.17 3.72
C ILE A 139 -5.35 -4.93 4.12
N LEU A 140 -4.63 -3.92 4.58
CA LEU A 140 -5.03 -2.54 4.46
C LEU A 140 -4.19 -1.97 3.33
N GLY A 141 -4.81 -1.24 2.40
CA GLY A 141 -4.09 -0.48 1.41
C GLY A 141 -4.84 0.77 0.99
N THR A 142 -4.21 1.66 0.22
CA THR A 142 -4.85 2.89 -0.26
C THR A 142 -4.81 2.90 -1.79
N ILE A 143 -5.94 2.56 -2.41
CA ILE A 143 -6.13 2.64 -3.86
C ILE A 143 -6.58 4.07 -4.22
N PRO A 144 -6.28 4.57 -5.43
CA PRO A 144 -6.81 5.84 -5.90
C PRO A 144 -8.28 5.68 -6.28
N VAL A 145 -9.07 6.73 -6.05
CA VAL A 145 -10.43 6.83 -6.56
C VAL A 145 -10.40 6.79 -8.08
N PRO A 146 -11.35 6.08 -8.72
CA PRO A 146 -11.41 5.93 -10.16
C PRO A 146 -11.89 7.24 -10.82
N LYS A 147 -11.70 7.36 -12.13
CA LYS A 147 -12.07 8.54 -12.90
C LYS A 147 -12.57 8.15 -14.29
N GLY A 148 -11.97 7.16 -14.94
CA GLY A 148 -12.41 6.69 -16.24
C GLY A 148 -11.57 5.49 -16.63
N LYS A 149 -12.21 4.48 -17.22
CA LYS A 149 -11.68 3.14 -17.48
C LYS A 149 -11.25 2.40 -16.21
N PRO A 150 -11.06 1.07 -16.32
CA PRO A 150 -10.45 0.24 -15.29
C PRO A 150 -9.02 0.70 -15.03
N LEU A 151 -8.44 0.23 -13.92
CA LEU A 151 -7.01 0.30 -13.65
C LEU A 151 -6.46 -1.12 -13.79
N ALA A 152 -5.15 -1.30 -13.75
CA ALA A 152 -4.53 -2.64 -13.82
C ALA A 152 -4.45 -3.22 -12.40
N LEU A 153 -3.43 -2.86 -11.62
CA LEU A 153 -3.22 -3.38 -10.26
C LEU A 153 -4.44 -3.23 -9.36
N VAL A 154 -5.15 -2.11 -9.44
CA VAL A 154 -6.27 -1.85 -8.54
C VAL A 154 -7.45 -2.79 -8.88
N GLU A 155 -7.57 -3.24 -10.12
CA GLU A 155 -8.57 -4.24 -10.49
C GLU A 155 -8.30 -5.54 -9.72
N GLU A 156 -7.04 -5.87 -9.42
CA GLU A 156 -6.69 -7.13 -8.75
C GLU A 156 -7.32 -7.22 -7.37
N ILE A 157 -7.45 -6.07 -6.72
CA ILE A 157 -8.03 -5.91 -5.41
C ILE A 157 -9.53 -5.74 -5.55
N ARG A 158 -10.00 -4.92 -6.50
CA ARG A 158 -11.44 -4.70 -6.70
C ARG A 158 -12.14 -6.03 -7.02
N ASN A 159 -11.46 -6.93 -7.75
CA ASN A 159 -11.89 -8.28 -8.09
C ASN A 159 -12.20 -9.12 -6.86
N ARG A 160 -11.61 -8.84 -5.68
CA ARG A 160 -11.85 -9.67 -4.51
C ARG A 160 -13.25 -9.48 -3.96
N LYS A 161 -13.93 -8.36 -4.27
CA LYS A 161 -15.26 -7.99 -3.78
C LYS A 161 -15.33 -7.74 -2.27
N ASP A 162 -14.92 -8.70 -1.46
CA ASP A 162 -14.86 -8.71 0.01
C ASP A 162 -13.73 -7.78 0.54
N VAL A 163 -13.61 -6.59 -0.07
CA VAL A 163 -12.67 -5.51 0.16
C VAL A 163 -13.53 -4.31 0.52
N LYS A 164 -13.57 -3.97 1.82
CA LYS A 164 -14.31 -2.83 2.34
C LYS A 164 -13.67 -1.55 1.78
N VAL A 165 -14.46 -0.60 1.25
CA VAL A 165 -13.97 0.63 0.63
C VAL A 165 -14.23 1.80 1.57
N PHE A 166 -13.15 2.44 2.03
CA PHE A 166 -13.11 3.54 2.96
C PHE A 166 -12.77 4.81 2.18
N ASN A 167 -13.77 5.43 1.55
CA ASN A 167 -13.65 6.77 0.99
C ASN A 167 -13.32 7.73 2.13
N VAL A 168 -12.16 8.38 2.08
CA VAL A 168 -11.81 9.47 3.01
C VAL A 168 -12.49 10.75 2.46
N THR A 169 -12.78 11.70 3.33
CA THR A 169 -12.93 13.09 2.93
C THR A 169 -11.75 13.85 3.52
N LYS A 170 -11.45 15.00 2.95
CA LYS A 170 -10.53 15.95 3.54
C LYS A 170 -11.14 16.54 4.81
N GLU A 171 -12.46 16.43 5.00
CA GLU A 171 -13.14 17.03 6.14
C GLU A 171 -13.06 16.14 7.36
N ASN A 172 -13.15 14.81 7.21
CA ASN A 172 -13.12 13.84 8.30
C ASN A 172 -11.86 12.98 8.25
N ARG A 173 -10.86 13.40 7.46
CA ARG A 173 -9.58 12.73 7.32
C ARG A 173 -9.02 12.43 8.72
N ASN A 174 -8.95 13.47 9.57
CA ASN A 174 -8.39 13.41 10.91
C ASN A 174 -9.23 12.63 11.92
N HIS A 175 -10.32 12.01 11.50
CA HIS A 175 -11.11 11.10 12.34
C HIS A 175 -11.28 9.72 11.71
N LEU A 176 -10.67 9.44 10.55
CA LEU A 176 -10.81 8.12 9.94
C LEU A 176 -9.84 7.08 10.51
N LEU A 177 -8.75 7.48 11.17
CA LEU A 177 -7.80 6.54 11.77
C LEU A 177 -8.55 5.55 12.69
N PRO A 178 -9.34 5.98 13.70
CA PRO A 178 -10.03 5.03 14.58
C PRO A 178 -11.08 4.19 13.86
N ASP A 179 -11.66 4.68 12.76
CA ASP A 179 -12.71 4.01 12.01
C ASP A 179 -12.14 2.80 11.30
N ILE A 180 -10.93 2.96 10.75
CA ILE A 180 -10.17 1.90 10.12
C ILE A 180 -9.82 0.86 11.19
N VAL A 181 -9.23 1.30 12.31
CA VAL A 181 -8.87 0.47 13.45
C VAL A 181 -10.11 -0.32 13.92
N THR A 182 -11.27 0.33 13.98
CA THR A 182 -12.53 -0.24 14.40
C THR A 182 -12.87 -1.40 13.48
N CYS A 183 -12.91 -1.20 12.16
CA CYS A 183 -13.35 -2.22 11.22
C CYS A 183 -12.59 -3.53 11.42
N VAL A 184 -11.28 -3.42 11.65
CA VAL A 184 -10.39 -4.53 11.92
C VAL A 184 -10.74 -5.12 13.29
N GLN A 185 -10.78 -4.33 14.37
CA GLN A 185 -11.03 -4.85 15.72
C GLN A 185 -12.41 -5.51 15.86
N SER A 186 -13.40 -4.97 15.16
CA SER A 186 -14.77 -5.42 14.97
C SER A 186 -14.86 -6.74 14.20
N SER A 187 -13.75 -7.44 13.93
CA SER A 187 -13.77 -8.77 13.36
C SER A 187 -12.99 -9.69 14.31
N ARG A 188 -13.44 -10.95 14.39
CA ARG A 188 -13.01 -12.00 15.33
C ARG A 188 -13.20 -11.67 16.81
N LYS A 189 -13.31 -10.41 17.23
CA LYS A 189 -13.81 -10.07 18.56
C LYS A 189 -15.32 -9.96 18.45
N ALA A 1 -17.00 -6.92 9.44
CA ALA A 1 -15.93 -7.90 9.63
C ALA A 1 -15.45 -8.42 8.28
N ARG A 2 -14.48 -7.76 7.63
CA ARG A 2 -13.64 -8.30 6.56
C ARG A 2 -12.52 -7.30 6.27
N HIS A 3 -11.85 -7.42 5.12
CA HIS A 3 -10.83 -6.52 4.59
C HIS A 3 -11.32 -5.06 4.60
N VAL A 4 -10.41 -4.09 4.62
CA VAL A 4 -10.76 -2.66 4.64
C VAL A 4 -9.78 -1.87 3.77
N PHE A 5 -10.27 -0.86 3.06
CA PHE A 5 -9.51 0.05 2.21
C PHE A 5 -10.07 1.47 2.33
N LEU A 6 -9.29 2.48 1.92
CA LEU A 6 -9.79 3.80 1.58
C LEU A 6 -9.93 3.86 0.06
N THR A 7 -10.78 4.78 -0.40
CA THR A 7 -10.82 5.28 -1.75
C THR A 7 -11.13 6.78 -1.66
N GLY A 8 -11.24 7.43 -2.81
CA GLY A 8 -11.70 8.80 -2.92
C GLY A 8 -10.65 9.67 -3.59
N PRO A 9 -10.86 11.00 -3.59
CA PRO A 9 -9.84 11.95 -3.99
C PRO A 9 -8.76 12.03 -2.90
N PRO A 10 -7.51 11.65 -3.15
CA PRO A 10 -6.49 11.64 -2.11
C PRO A 10 -6.15 13.07 -1.67
N GLY A 11 -6.76 13.51 -0.57
CA GLY A 11 -6.61 14.86 -0.03
C GLY A 11 -5.14 15.14 0.24
N VAL A 12 -4.53 14.30 1.08
CA VAL A 12 -3.10 14.08 1.29
C VAL A 12 -2.89 13.08 2.42
N GLY A 13 -3.62 13.22 3.54
CA GLY A 13 -3.35 12.50 4.78
C GLY A 13 -3.81 11.05 4.79
N LYS A 14 -4.23 10.51 3.64
CA LYS A 14 -4.75 9.15 3.56
C LYS A 14 -3.73 8.13 4.06
N THR A 15 -2.46 8.36 3.72
CA THR A 15 -1.38 7.50 4.20
C THR A 15 -1.28 7.61 5.70
N THR A 16 -1.48 8.79 6.32
CA THR A 16 -1.30 9.02 7.74
C THR A 16 -2.29 8.20 8.54
N LEU A 17 -3.49 8.01 7.99
CA LEU A 17 -4.48 7.13 8.55
C LEU A 17 -3.95 5.69 8.60
N ILE A 18 -3.54 5.15 7.46
CA ILE A 18 -3.19 3.74 7.34
C ILE A 18 -1.86 3.47 8.06
N HIS A 19 -0.91 4.41 7.99
CA HIS A 19 0.33 4.44 8.72
C HIS A 19 0.04 4.21 10.19
N LYS A 20 -0.73 5.13 10.78
CA LYS A 20 -1.07 5.05 12.19
C LYS A 20 -1.88 3.79 12.51
N ALA A 21 -2.71 3.28 11.60
CA ALA A 21 -3.41 2.03 11.85
C ALA A 21 -2.39 0.93 12.16
N SER A 22 -1.29 0.90 11.40
CA SER A 22 -0.28 -0.10 11.65
C SER A 22 0.43 0.23 12.95
N GLU A 23 0.83 1.50 13.21
CA GLU A 23 1.57 1.89 14.42
C GLU A 23 0.85 1.50 15.71
N VAL A 24 -0.47 1.60 15.71
CA VAL A 24 -1.35 1.29 16.82
C VAL A 24 -1.29 -0.20 17.09
N LEU A 25 -1.54 -1.03 16.08
CA LEU A 25 -1.48 -2.46 16.20
C LEU A 25 -0.02 -2.90 16.46
N LYS A 26 0.99 -2.21 15.93
CA LYS A 26 2.41 -2.52 16.20
C LYS A 26 2.74 -2.35 17.67
N SER A 27 2.12 -1.34 18.30
CA SER A 27 2.09 -1.23 19.74
C SER A 27 1.38 -2.44 20.36
N SER A 28 0.32 -2.93 19.72
CA SER A 28 -0.32 -4.21 20.01
C SER A 28 0.56 -5.44 19.73
N GLY A 29 1.84 -5.28 19.36
CA GLY A 29 2.73 -6.38 19.02
C GLY A 29 2.19 -7.20 17.85
N VAL A 30 1.30 -6.61 17.04
CA VAL A 30 0.66 -7.28 15.93
C VAL A 30 1.75 -7.87 15.03
N PRO A 31 1.52 -9.06 14.48
CA PRO A 31 2.25 -9.51 13.32
C PRO A 31 1.76 -8.74 12.10
N VAL A 32 2.46 -7.66 11.79
CA VAL A 32 2.25 -6.94 10.55
C VAL A 32 3.44 -7.14 9.61
N ASP A 33 3.14 -7.30 8.33
CA ASP A 33 4.09 -7.28 7.23
C ASP A 33 3.61 -6.24 6.23
N GLY A 34 4.44 -5.92 5.24
CA GLY A 34 4.02 -5.11 4.11
C GLY A 34 5.10 -4.10 3.77
N PHE A 35 4.71 -3.07 3.05
CA PHE A 35 5.55 -1.93 2.71
C PHE A 35 4.66 -0.69 2.73
N TYR A 36 5.27 0.48 2.80
CA TYR A 36 4.58 1.73 2.63
C TYR A 36 5.49 2.64 1.82
N THR A 37 5.10 2.91 0.57
CA THR A 37 5.76 3.89 -0.25
C THR A 37 5.45 5.28 0.33
N GLU A 38 6.45 6.16 0.46
CA GLU A 38 6.31 7.43 1.18
C GLU A 38 7.02 8.55 0.42
N GLU A 39 6.63 9.81 0.68
CA GLU A 39 7.29 10.98 0.10
C GLU A 39 8.67 11.14 0.73
N VAL A 40 9.64 11.61 -0.06
CA VAL A 40 11.04 11.74 0.32
C VAL A 40 11.38 13.21 0.13
N ARG A 41 11.50 13.90 1.27
CA ARG A 41 11.61 15.32 1.40
C ARG A 41 12.89 15.69 2.15
N GLN A 42 14.04 15.69 1.50
CA GLN A 42 15.32 15.74 2.23
C GLN A 42 15.52 17.05 3.00
N GLY A 43 14.84 18.11 2.56
CA GLY A 43 14.68 19.35 3.30
C GLY A 43 13.32 19.93 2.91
N GLY A 44 12.28 19.10 2.88
CA GLY A 44 10.96 19.51 2.41
C GLY A 44 10.83 19.55 0.87
N ARG A 45 11.85 19.12 0.10
CA ARG A 45 11.80 19.16 -1.36
C ARG A 45 11.48 17.77 -1.87
N ARG A 46 10.44 17.64 -2.66
CA ARG A 46 10.10 16.44 -3.42
C ARG A 46 11.22 16.10 -4.40
N ILE A 47 12.14 15.26 -3.95
CA ILE A 47 13.23 14.69 -4.73
C ILE A 47 12.89 13.30 -5.24
N GLY A 48 11.87 12.65 -4.67
CA GLY A 48 11.50 11.31 -5.02
C GLY A 48 10.52 10.71 -4.04
N PHE A 49 10.36 9.41 -4.13
CA PHE A 49 9.66 8.56 -3.17
C PHE A 49 10.59 7.38 -2.86
N ASP A 50 10.37 6.68 -1.75
CA ASP A 50 11.10 5.49 -1.31
C ASP A 50 10.04 4.43 -0.98
N VAL A 51 10.42 3.15 -0.91
CA VAL A 51 9.57 2.11 -0.35
C VAL A 51 10.09 1.81 1.05
N VAL A 52 9.35 2.16 2.11
CA VAL A 52 9.71 1.75 3.47
C VAL A 52 9.00 0.41 3.76
N THR A 53 9.45 -0.33 4.77
CA THR A 53 8.85 -1.59 5.21
C THR A 53 8.53 -1.47 6.69
N LEU A 54 7.63 -2.32 7.19
CA LEU A 54 7.35 -2.44 8.61
C LEU A 54 8.53 -3.04 9.36
N SER A 55 9.45 -3.76 8.70
CA SER A 55 10.70 -4.18 9.33
C SER A 55 11.55 -2.95 9.73
N GLY A 56 11.38 -1.81 9.04
CA GLY A 56 12.17 -0.59 9.22
C GLY A 56 13.28 -0.49 8.17
N THR A 57 13.32 -1.39 7.18
CA THR A 57 14.18 -1.26 6.01
C THR A 57 13.44 -0.40 5.00
N ARG A 58 14.15 0.19 4.04
CA ARG A 58 13.62 1.14 3.07
C ARG A 58 14.49 1.06 1.83
N GLY A 59 13.92 1.27 0.65
CA GLY A 59 14.73 1.28 -0.56
C GLY A 59 14.21 2.27 -1.60
N PRO A 60 14.88 2.31 -2.76
CA PRO A 60 14.61 3.30 -3.81
C PRO A 60 13.16 3.24 -4.31
N LEU A 61 12.74 4.22 -5.10
CA LEU A 61 11.54 4.04 -5.93
C LEU A 61 11.68 4.88 -7.19
N SER A 62 11.67 6.20 -7.04
CA SER A 62 11.72 7.12 -8.17
C SER A 62 12.41 8.37 -7.70
N ARG A 63 13.46 8.79 -8.40
CA ARG A 63 14.12 10.08 -8.21
C ARG A 63 14.23 10.76 -9.57
N VAL A 64 14.53 12.06 -9.57
CA VAL A 64 14.58 12.88 -10.78
C VAL A 64 15.60 12.25 -11.73
N GLY A 65 15.14 11.87 -12.93
CA GLY A 65 15.99 11.25 -13.95
C GLY A 65 15.74 11.94 -15.27
N LEU A 66 15.28 11.20 -16.27
CA LEU A 66 14.92 11.69 -17.58
C LEU A 66 13.59 11.03 -17.97
N GLU A 67 12.83 11.63 -18.89
CA GLU A 67 11.59 11.11 -19.43
C GLU A 67 11.86 10.18 -20.63
N PRO A 68 10.88 9.40 -21.09
CA PRO A 68 11.06 8.42 -22.16
C PRO A 68 11.03 9.16 -23.51
N PRO A 69 11.90 8.77 -24.44
CA PRO A 69 12.02 9.43 -25.74
C PRO A 69 10.91 8.96 -26.68
N PRO A 70 10.78 9.59 -27.86
CA PRO A 70 9.91 9.10 -28.90
C PRO A 70 10.51 7.80 -29.46
N GLY A 71 10.00 6.64 -29.01
CA GLY A 71 10.44 5.32 -29.44
C GLY A 71 10.66 4.43 -28.23
N LYS A 72 11.81 4.57 -27.53
CA LYS A 72 12.11 3.75 -26.35
C LYS A 72 11.00 3.93 -25.32
N ARG A 73 10.40 2.84 -24.88
CA ARG A 73 9.35 2.90 -23.88
C ARG A 73 10.00 2.68 -22.52
N GLU A 74 9.58 3.45 -21.54
CA GLU A 74 10.03 3.32 -20.16
C GLU A 74 8.82 3.56 -19.26
N CYS A 75 9.04 3.83 -17.98
CA CYS A 75 8.02 4.36 -17.08
C CYS A 75 8.53 5.70 -16.55
N ARG A 76 7.72 6.29 -15.68
CA ARG A 76 7.85 7.55 -14.97
C ARG A 76 6.44 7.95 -14.60
N VAL A 77 6.33 8.92 -13.72
CA VAL A 77 5.05 9.56 -13.39
C VAL A 77 5.13 11.05 -13.70
N GLY A 78 6.34 11.57 -13.94
CA GLY A 78 6.66 12.94 -14.27
C GLY A 78 7.80 13.35 -13.36
N GLN A 79 8.83 14.00 -13.90
CA GLN A 79 10.11 14.34 -13.28
C GLN A 79 10.89 13.08 -12.88
N TYR A 80 10.40 12.33 -11.90
CA TYR A 80 10.98 11.13 -11.39
C TYR A 80 10.62 9.98 -12.33
N VAL A 81 11.51 8.98 -12.42
CA VAL A 81 11.28 7.75 -13.15
C VAL A 81 11.42 6.60 -12.16
N VAL A 82 10.45 5.67 -12.18
CA VAL A 82 10.36 4.59 -11.22
C VAL A 82 11.21 3.40 -11.67
N ASP A 83 11.24 2.36 -10.83
CA ASP A 83 12.03 1.16 -11.00
C ASP A 83 11.28 0.08 -10.23
N LEU A 84 10.59 -0.84 -10.92
CA LEU A 84 9.93 -1.97 -10.27
C LEU A 84 10.92 -2.95 -9.68
N THR A 85 12.15 -2.92 -10.18
CA THR A 85 13.35 -3.36 -9.51
C THR A 85 13.35 -3.05 -8.01
N SER A 86 12.96 -1.83 -7.60
CA SER A 86 13.00 -1.48 -6.19
C SER A 86 11.81 -2.13 -5.48
N PHE A 87 10.66 -2.25 -6.15
CA PHE A 87 9.54 -2.98 -5.60
C PHE A 87 9.94 -4.44 -5.35
N GLU A 88 10.68 -5.09 -6.25
CA GLU A 88 11.09 -6.48 -6.06
C GLU A 88 12.25 -6.65 -5.05
N GLN A 89 12.89 -5.56 -4.62
CA GLN A 89 13.71 -5.58 -3.41
C GLN A 89 12.81 -5.84 -2.21
N LEU A 90 11.94 -4.87 -1.88
CA LEU A 90 11.37 -4.78 -0.55
C LEU A 90 9.94 -5.30 -0.51
N ALA A 91 9.15 -4.90 -1.51
CA ALA A 91 7.74 -5.18 -1.65
C ALA A 91 7.57 -6.50 -2.40
N LEU A 92 8.28 -7.54 -1.96
CA LEU A 92 8.31 -8.86 -2.58
C LEU A 92 8.17 -9.95 -1.52
N PRO A 93 9.09 -10.10 -0.55
CA PRO A 93 8.94 -11.09 0.52
C PRO A 93 7.75 -10.77 1.45
N VAL A 94 7.45 -9.49 1.66
CA VAL A 94 6.39 -9.02 2.55
C VAL A 94 5.01 -9.53 2.13
N LEU A 95 4.80 -9.86 0.85
CA LEU A 95 3.54 -10.39 0.38
C LEU A 95 3.33 -11.84 0.84
N ARG A 96 4.36 -12.51 1.38
CA ARG A 96 4.29 -13.87 1.89
C ARG A 96 5.17 -13.95 3.13
N ASN A 97 4.62 -13.66 4.29
CA ASN A 97 5.24 -13.95 5.59
C ASN A 97 4.74 -15.30 6.07
N ALA A 98 5.49 -15.92 7.00
CA ALA A 98 5.06 -17.08 7.77
C ALA A 98 5.38 -16.86 9.25
N ASP A 99 4.69 -17.57 10.14
CA ASP A 99 5.01 -17.70 11.56
C ASP A 99 4.31 -18.96 12.08
N CYS A 100 2.97 -18.94 12.12
CA CYS A 100 2.12 -20.06 12.48
C CYS A 100 0.83 -20.02 11.66
N SER A 101 -0.09 -20.96 11.93
CA SER A 101 -1.47 -20.88 11.46
C SER A 101 -2.16 -19.68 12.15
N SER A 102 -3.24 -19.19 11.52
CA SER A 102 -3.86 -17.90 11.79
C SER A 102 -4.15 -17.69 13.27
N GLY A 103 -4.87 -18.66 13.85
CA GLY A 103 -5.23 -18.71 15.25
C GLY A 103 -5.95 -17.45 15.74
N PRO A 104 -6.13 -17.30 17.06
CA PRO A 104 -6.45 -16.02 17.64
C PRO A 104 -5.27 -15.07 17.38
N GLY A 105 -5.48 -14.08 16.53
CA GLY A 105 -4.47 -13.12 16.12
C GLY A 105 -4.84 -12.59 14.76
N GLN A 106 -4.54 -13.36 13.70
CA GLN A 106 -4.58 -12.97 12.29
C GLN A 106 -3.47 -11.93 12.03
N ARG A 107 -2.61 -12.25 11.06
CA ARG A 107 -1.60 -11.35 10.54
C ARG A 107 -2.28 -10.13 9.95
N VAL A 108 -1.52 -9.07 9.71
CA VAL A 108 -1.97 -7.88 9.03
C VAL A 108 -1.00 -7.67 7.89
N CYS A 109 -1.47 -7.14 6.75
CA CYS A 109 -0.55 -6.56 5.79
C CYS A 109 -0.81 -5.07 5.65
N VAL A 110 0.17 -4.41 5.07
CA VAL A 110 0.10 -3.02 4.66
C VAL A 110 0.44 -3.00 3.19
N ILE A 111 -0.44 -2.40 2.39
CA ILE A 111 -0.22 -2.17 1.00
C ILE A 111 -0.84 -0.79 0.76
N ASP A 112 -0.15 0.25 1.21
CA ASP A 112 -0.58 1.62 0.95
C ASP A 112 -0.23 1.99 -0.50
N GLU A 113 -0.79 3.10 -0.99
CA GLU A 113 -0.34 3.78 -2.20
C GLU A 113 -0.52 2.97 -3.49
N ILE A 114 -1.52 2.07 -3.54
CA ILE A 114 -1.88 1.28 -4.71
C ILE A 114 -2.50 2.22 -5.76
N GLY A 115 -1.71 3.03 -6.46
CA GLY A 115 -2.22 4.01 -7.40
C GLY A 115 -1.16 4.55 -8.36
N LYS A 116 0.03 4.96 -7.88
CA LYS A 116 1.04 5.50 -8.81
C LYS A 116 1.62 4.42 -9.72
N MET A 117 1.87 3.22 -9.20
CA MET A 117 2.36 2.09 -9.98
C MET A 117 1.28 1.49 -10.87
N GLU A 118 0.00 1.82 -10.70
CA GLU A 118 -1.19 1.04 -11.09
C GLU A 118 -1.22 0.46 -12.50
N LEU A 119 -0.48 1.04 -13.44
CA LEU A 119 -0.45 0.65 -14.85
C LEU A 119 0.81 -0.10 -15.21
N PHE A 120 1.86 0.10 -14.44
CA PHE A 120 3.20 -0.42 -14.65
C PHE A 120 3.41 -1.67 -13.79
N SER A 121 2.72 -1.73 -12.66
CA SER A 121 2.71 -2.80 -11.67
C SER A 121 2.58 -4.12 -12.40
N GLN A 122 3.58 -5.01 -12.35
CA GLN A 122 3.57 -6.23 -13.10
C GLN A 122 3.35 -7.45 -12.20
N LEU A 123 4.40 -8.02 -11.61
CA LEU A 123 4.28 -9.15 -10.69
C LEU A 123 3.65 -8.77 -9.36
N PHE A 124 3.43 -7.50 -9.04
CA PHE A 124 2.69 -7.08 -7.88
C PHE A 124 1.31 -7.73 -7.81
N ILE A 125 0.46 -7.68 -8.85
CA ILE A 125 -0.72 -8.47 -9.05
C ILE A 125 -0.53 -9.94 -8.61
N GLN A 126 0.48 -10.67 -9.10
CA GLN A 126 0.73 -12.04 -8.66
C GLN A 126 1.07 -12.08 -7.18
N ALA A 127 2.08 -11.30 -6.77
CA ALA A 127 2.62 -11.39 -5.44
C ALA A 127 1.56 -11.08 -4.39
N VAL A 128 0.82 -9.98 -4.56
CA VAL A 128 -0.19 -9.53 -3.62
C VAL A 128 -1.36 -10.50 -3.56
N ARG A 129 -1.64 -11.19 -4.67
CA ARG A 129 -2.57 -12.32 -4.67
C ARG A 129 -2.21 -13.34 -3.59
N GLN A 130 -0.92 -13.62 -3.39
CA GLN A 130 -0.50 -14.55 -2.35
C GLN A 130 -0.90 -14.06 -0.97
N THR A 131 -0.84 -12.75 -0.69
CA THR A 131 -1.29 -12.18 0.57
C THR A 131 -2.82 -12.27 0.67
N LEU A 132 -3.52 -11.85 -0.39
CA LEU A 132 -4.98 -11.75 -0.49
C LEU A 132 -5.66 -13.09 -0.24
N SER A 133 -5.00 -14.17 -0.62
CA SER A 133 -5.51 -15.52 -0.58
C SER A 133 -4.49 -16.44 0.13
N THR A 134 -3.72 -15.90 1.07
CA THR A 134 -3.21 -16.61 2.22
C THR A 134 -4.39 -16.72 3.20
N PRO A 135 -4.29 -17.58 4.21
CA PRO A 135 -5.21 -17.62 5.33
C PRO A 135 -4.73 -16.64 6.40
N GLY A 136 -5.62 -15.73 6.83
CA GLY A 136 -5.50 -15.07 8.11
C GLY A 136 -4.55 -13.87 8.17
N THR A 137 -3.97 -13.39 7.08
CA THR A 137 -3.50 -11.99 7.00
C THR A 137 -4.74 -11.08 6.89
N ILE A 138 -4.55 -9.77 7.08
CA ILE A 138 -5.65 -8.81 7.14
C ILE A 138 -5.23 -7.71 6.20
N ILE A 139 -5.82 -7.68 5.02
CA ILE A 139 -5.48 -6.66 4.06
C ILE A 139 -5.97 -5.32 4.60
N LEU A 140 -5.07 -4.34 4.55
CA LEU A 140 -5.32 -2.93 4.79
C LEU A 140 -4.50 -2.15 3.77
N GLY A 141 -5.09 -1.11 3.16
CA GLY A 141 -4.39 -0.33 2.15
C GLY A 141 -5.20 0.85 1.65
N THR A 142 -4.66 1.53 0.63
CA THR A 142 -5.31 2.64 -0.06
C THR A 142 -5.28 2.37 -1.57
N ILE A 143 -6.43 2.51 -2.22
CA ILE A 143 -6.57 2.60 -3.67
C ILE A 143 -7.13 4.00 -4.00
N PRO A 144 -7.06 4.48 -5.26
CA PRO A 144 -7.79 5.67 -5.71
C PRO A 144 -9.22 5.30 -6.13
N VAL A 145 -10.08 6.31 -6.18
CA VAL A 145 -11.37 6.23 -6.85
C VAL A 145 -11.12 6.10 -8.37
N PRO A 146 -11.87 5.26 -9.07
CA PRO A 146 -11.81 5.14 -10.52
C PRO A 146 -12.56 6.32 -11.14
N LYS A 147 -12.27 6.63 -12.41
CA LYS A 147 -12.95 7.70 -13.13
C LYS A 147 -13.13 7.25 -14.57
N GLY A 148 -12.06 7.08 -15.32
CA GLY A 148 -12.06 6.75 -16.74
C GLY A 148 -12.21 5.26 -16.96
N LYS A 149 -11.25 4.65 -17.66
CA LYS A 149 -11.13 3.20 -17.84
C LYS A 149 -10.91 2.51 -16.49
N PRO A 150 -10.96 1.17 -16.42
CA PRO A 150 -10.67 0.46 -15.19
C PRO A 150 -9.19 0.64 -14.83
N LEU A 151 -8.82 0.27 -13.62
CA LEU A 151 -7.47 0.41 -13.12
C LEU A 151 -6.91 -0.99 -12.92
N ALA A 152 -5.67 -1.22 -13.31
CA ALA A 152 -5.16 -2.54 -13.65
C ALA A 152 -4.75 -3.33 -12.41
N LEU A 153 -3.76 -2.86 -11.66
CA LEU A 153 -3.43 -3.45 -10.36
C LEU A 153 -4.60 -3.28 -9.38
N VAL A 154 -5.26 -2.12 -9.39
CA VAL A 154 -6.31 -1.82 -8.41
C VAL A 154 -7.50 -2.76 -8.61
N GLU A 155 -7.74 -3.25 -9.83
CA GLU A 155 -8.77 -4.25 -10.12
C GLU A 155 -8.55 -5.51 -9.26
N GLU A 156 -7.31 -5.85 -8.89
CA GLU A 156 -7.01 -7.04 -8.08
C GLU A 156 -7.65 -6.97 -6.70
N ILE A 157 -7.67 -5.77 -6.11
CA ILE A 157 -8.30 -5.48 -4.83
C ILE A 157 -9.78 -5.20 -5.09
N ARG A 158 -10.14 -4.45 -6.12
CA ARG A 158 -11.53 -4.06 -6.34
C ARG A 158 -12.42 -5.26 -6.67
N ASN A 159 -11.84 -6.39 -7.09
CA ASN A 159 -12.59 -7.63 -7.28
C ASN A 159 -13.00 -8.21 -5.92
N ARG A 160 -12.29 -7.85 -4.86
CA ARG A 160 -12.65 -8.14 -3.48
C ARG A 160 -13.80 -7.18 -3.16
N LYS A 161 -15.02 -7.58 -3.53
CA LYS A 161 -16.22 -6.81 -3.23
C LYS A 161 -16.43 -6.74 -1.72
N ASP A 162 -15.95 -7.75 -1.00
CA ASP A 162 -15.91 -7.92 0.45
C ASP A 162 -14.79 -7.06 1.06
N VAL A 163 -14.84 -5.76 0.80
CA VAL A 163 -13.93 -4.74 1.33
C VAL A 163 -14.81 -3.64 1.89
N LYS A 164 -14.60 -3.25 3.16
CA LYS A 164 -15.11 -1.96 3.64
C LYS A 164 -14.32 -0.92 2.86
N VAL A 165 -14.94 -0.28 1.88
CA VAL A 165 -14.35 0.87 1.22
C VAL A 165 -14.79 2.08 2.03
N PHE A 166 -13.95 2.58 2.93
CA PHE A 166 -14.12 3.92 3.46
C PHE A 166 -13.83 4.91 2.32
N ASN A 167 -14.51 6.05 2.29
CA ASN A 167 -14.20 7.15 1.38
C ASN A 167 -13.43 8.18 2.18
N VAL A 168 -12.25 8.58 1.75
CA VAL A 168 -11.59 9.74 2.32
C VAL A 168 -12.25 11.00 1.74
N THR A 169 -12.09 12.12 2.42
CA THR A 169 -12.42 13.46 1.96
C THR A 169 -11.15 14.25 2.21
N LYS A 170 -10.87 15.26 1.40
CA LYS A 170 -9.84 16.25 1.75
C LYS A 170 -10.12 16.95 3.08
N GLU A 171 -11.35 16.88 3.63
CA GLU A 171 -11.72 17.55 4.85
C GLU A 171 -11.22 16.70 6.03
N ASN A 172 -11.81 15.52 6.24
CA ASN A 172 -11.55 14.66 7.39
C ASN A 172 -10.41 13.68 7.05
N ARG A 173 -9.52 14.11 6.15
CA ARG A 173 -8.47 13.27 5.57
C ARG A 173 -7.51 12.68 6.59
N ASN A 174 -7.40 13.30 7.77
CA ASN A 174 -6.48 12.94 8.82
C ASN A 174 -7.21 12.38 10.05
N HIS A 175 -8.51 12.12 9.91
CA HIS A 175 -9.37 11.64 10.97
C HIS A 175 -9.78 10.18 10.83
N LEU A 176 -9.58 9.51 9.67
CA LEU A 176 -10.47 8.36 9.44
C LEU A 176 -9.96 7.08 10.12
N LEU A 177 -8.67 7.04 10.45
CA LEU A 177 -7.92 6.00 11.18
C LEU A 177 -8.82 5.14 12.10
N PRO A 178 -9.43 5.67 13.17
CA PRO A 178 -10.15 4.87 14.15
C PRO A 178 -11.31 4.08 13.56
N ASP A 179 -11.94 4.56 12.49
CA ASP A 179 -13.06 3.86 11.84
C ASP A 179 -12.54 2.55 11.23
N ILE A 180 -11.38 2.63 10.60
CA ILE A 180 -10.70 1.53 9.97
C ILE A 180 -10.22 0.56 11.05
N VAL A 181 -9.54 1.03 12.11
CA VAL A 181 -9.09 0.19 13.22
C VAL A 181 -10.28 -0.46 13.94
N THR A 182 -11.40 0.25 14.09
CA THR A 182 -12.62 -0.30 14.63
C THR A 182 -13.06 -1.46 13.74
N CYS A 183 -13.08 -1.26 12.42
CA CYS A 183 -13.51 -2.30 11.49
C CYS A 183 -12.58 -3.53 11.56
N VAL A 184 -11.30 -3.34 11.89
CA VAL A 184 -10.34 -4.44 12.10
C VAL A 184 -10.67 -5.20 13.40
N GLN A 185 -10.82 -4.53 14.54
CA GLN A 185 -11.11 -5.24 15.79
C GLN A 185 -12.53 -5.80 15.80
N SER A 186 -13.49 -5.11 15.19
CA SER A 186 -14.83 -5.56 14.88
C SER A 186 -14.84 -6.64 13.79
N SER A 187 -13.70 -6.92 13.15
CA SER A 187 -13.57 -8.11 12.33
C SER A 187 -13.31 -9.35 13.19
N ARG A 188 -12.92 -9.18 14.46
CA ARG A 188 -12.97 -10.24 15.46
C ARG A 188 -14.36 -10.27 16.07
N LYS A 189 -14.85 -9.14 16.60
CA LYS A 189 -16.13 -9.07 17.26
C LYS A 189 -17.18 -8.57 16.29
N ALA A 1 -10.30 -10.89 10.11
CA ALA A 1 -10.56 -9.54 9.59
C ALA A 1 -10.50 -9.58 8.10
N ARG A 2 -11.61 -9.21 7.46
CA ARG A 2 -11.65 -9.03 6.03
C ARG A 2 -10.79 -7.83 5.69
N HIS A 3 -10.62 -7.61 4.40
CA HIS A 3 -9.78 -6.55 3.87
C HIS A 3 -10.49 -5.20 4.07
N VAL A 4 -9.73 -4.13 4.26
CA VAL A 4 -10.24 -2.77 4.33
C VAL A 4 -9.47 -1.95 3.30
N PHE A 5 -10.17 -1.13 2.51
CA PHE A 5 -9.56 -0.28 1.50
C PHE A 5 -10.18 1.11 1.52
N LEU A 6 -9.33 2.10 1.75
CA LEU A 6 -9.64 3.50 1.63
C LEU A 6 -9.94 3.81 0.17
N THR A 7 -10.71 4.88 -0.02
CA THR A 7 -10.84 5.53 -1.31
C THR A 7 -11.40 6.96 -1.16
N GLY A 8 -11.57 7.65 -2.28
CA GLY A 8 -12.26 8.91 -2.43
C GLY A 8 -11.32 9.94 -3.05
N PRO A 9 -10.82 10.92 -2.27
CA PRO A 9 -9.85 11.92 -2.74
C PRO A 9 -8.48 11.30 -3.03
N PRO A 10 -7.51 12.06 -3.57
CA PRO A 10 -6.10 11.68 -3.56
C PRO A 10 -5.54 11.68 -2.14
N GLY A 11 -4.24 11.40 -1.97
CA GLY A 11 -3.47 11.52 -0.75
C GLY A 11 -3.23 12.99 -0.42
N VAL A 12 -4.30 13.78 -0.31
CA VAL A 12 -4.34 15.02 0.46
C VAL A 12 -4.32 14.65 1.96
N GLY A 13 -3.36 13.84 2.38
CA GLY A 13 -3.17 13.52 3.78
C GLY A 13 -3.97 12.27 4.14
N LYS A 14 -3.68 11.14 3.50
CA LYS A 14 -4.28 9.84 3.83
C LYS A 14 -3.22 8.90 4.38
N THR A 15 -2.01 8.91 3.81
CA THR A 15 -0.93 7.99 4.16
C THR A 15 -0.64 8.07 5.67
N THR A 16 -0.59 9.27 6.25
CA THR A 16 -0.37 9.46 7.68
C THR A 16 -1.46 8.81 8.54
N LEU A 17 -2.73 8.77 8.13
CA LEU A 17 -3.76 8.13 8.95
C LEU A 17 -3.50 6.62 8.94
N ILE A 18 -3.21 6.07 7.77
CA ILE A 18 -2.90 4.66 7.62
C ILE A 18 -1.65 4.31 8.45
N HIS A 19 -0.65 5.20 8.53
CA HIS A 19 0.53 4.98 9.36
C HIS A 19 0.11 4.67 10.79
N LYS A 20 -0.80 5.46 11.36
CA LYS A 20 -1.27 5.21 12.72
C LYS A 20 -1.96 3.86 12.82
N ALA A 21 -2.59 3.38 11.74
CA ALA A 21 -3.22 2.07 11.76
C ALA A 21 -2.18 0.96 11.97
N SER A 22 -0.92 1.14 11.58
CA SER A 22 0.14 0.20 11.91
C SER A 22 0.49 0.39 13.38
N GLU A 23 0.81 1.62 13.80
CA GLU A 23 1.26 2.01 15.13
C GLU A 23 0.37 1.42 16.23
N VAL A 24 -0.94 1.52 16.07
CA VAL A 24 -1.89 1.06 17.08
C VAL A 24 -1.82 -0.45 17.28
N LEU A 25 -1.79 -1.18 16.16
CA LEU A 25 -1.68 -2.63 16.19
C LEU A 25 -0.31 -3.03 16.68
N LYS A 26 0.74 -2.27 16.29
CA LYS A 26 2.08 -2.53 16.82
C LYS A 26 2.04 -2.46 18.34
N SER A 27 1.35 -1.47 18.88
CA SER A 27 1.13 -1.28 20.30
C SER A 27 0.28 -2.39 20.91
N SER A 28 -0.59 -3.03 20.15
CA SER A 28 -1.33 -4.21 20.56
C SER A 28 -0.47 -5.48 20.50
N GLY A 29 0.75 -5.40 19.98
CA GLY A 29 1.63 -6.54 19.74
C GLY A 29 1.36 -7.24 18.41
N VAL A 30 0.46 -6.74 17.56
CA VAL A 30 0.09 -7.39 16.32
C VAL A 30 1.24 -7.17 15.33
N PRO A 31 1.77 -8.23 14.69
CA PRO A 31 2.78 -8.11 13.66
C PRO A 31 2.16 -7.49 12.40
N VAL A 32 2.82 -6.46 11.88
CA VAL A 32 2.40 -5.75 10.69
C VAL A 32 3.53 -5.90 9.68
N ASP A 33 3.16 -6.16 8.43
CA ASP A 33 4.06 -6.37 7.31
C ASP A 33 3.62 -5.46 6.18
N GLY A 34 4.45 -5.32 5.15
CA GLY A 34 4.11 -4.53 3.99
C GLY A 34 5.23 -3.56 3.68
N PHE A 35 4.91 -2.53 2.92
CA PHE A 35 5.78 -1.39 2.71
C PHE A 35 4.91 -0.15 2.73
N TYR A 36 5.52 1.03 2.85
CA TYR A 36 4.82 2.25 2.50
C TYR A 36 5.73 2.98 1.53
N THR A 37 5.36 4.17 1.06
CA THR A 37 6.32 5.02 0.39
C THR A 37 6.04 6.43 0.85
N GLU A 38 7.10 7.17 1.13
CA GLU A 38 7.04 8.52 1.63
C GLU A 38 7.96 9.38 0.80
N GLU A 39 7.66 10.67 0.79
CA GLU A 39 8.41 11.62 0.00
C GLU A 39 9.79 11.81 0.64
N VAL A 40 10.79 11.33 -0.07
CA VAL A 40 12.18 11.48 0.27
C VAL A 40 12.57 12.93 -0.06
N ARG A 41 13.09 13.63 0.94
CA ARG A 41 13.45 15.03 0.90
C ARG A 41 14.90 15.15 1.29
N GLN A 42 15.73 15.78 0.46
CA GLN A 42 17.15 15.91 0.79
C GLN A 42 17.31 16.88 1.97
N GLY A 43 16.51 17.95 1.97
CA GLY A 43 16.53 19.02 2.94
C GLY A 43 15.20 19.79 2.88
N GLY A 44 14.08 19.07 2.69
CA GLY A 44 12.72 19.62 2.58
C GLY A 44 12.09 19.53 1.19
N ARG A 45 12.90 19.36 0.13
CA ARG A 45 12.42 19.42 -1.26
C ARG A 45 12.39 18.03 -1.87
N ARG A 46 11.36 17.80 -2.69
CA ARG A 46 11.04 16.51 -3.29
C ARG A 46 12.14 16.06 -4.26
N ILE A 47 12.62 14.82 -4.11
CA ILE A 47 13.65 14.19 -4.93
C ILE A 47 13.32 12.74 -5.30
N GLY A 48 12.32 12.12 -4.70
CA GLY A 48 11.93 10.75 -4.99
C GLY A 48 11.08 10.15 -3.88
N PHE A 49 10.90 8.85 -3.93
CA PHE A 49 10.07 8.04 -3.06
C PHE A 49 10.85 6.75 -2.78
N ASP A 50 11.08 6.44 -1.50
CA ASP A 50 11.67 5.15 -1.10
C ASP A 50 10.54 4.19 -0.75
N VAL A 51 10.65 2.88 -1.03
CA VAL A 51 9.65 1.88 -0.68
C VAL A 51 10.09 1.19 0.59
N VAL A 52 9.37 1.40 1.68
CA VAL A 52 9.94 1.31 3.01
C VAL A 52 9.17 0.30 3.83
N THR A 53 9.81 -0.83 4.14
CA THR A 53 9.16 -1.92 4.83
C THR A 53 9.01 -1.54 6.30
N LEU A 54 8.02 -2.17 6.92
CA LEU A 54 7.83 -2.14 8.37
C LEU A 54 8.95 -2.92 9.07
N SER A 55 9.72 -3.71 8.32
CA SER A 55 10.96 -4.36 8.74
C SER A 55 12.18 -3.44 8.58
N GLY A 56 11.98 -2.15 8.28
CA GLY A 56 13.05 -1.16 8.33
C GLY A 56 13.98 -1.18 7.13
N THR A 57 13.61 -1.86 6.04
CA THR A 57 14.29 -1.79 4.75
C THR A 57 13.72 -0.58 3.99
N ARG A 58 14.41 -0.07 2.96
CA ARG A 58 13.87 0.95 2.08
C ARG A 58 14.47 0.79 0.68
N GLY A 59 13.72 1.04 -0.41
CA GLY A 59 14.22 0.76 -1.76
C GLY A 59 13.95 1.92 -2.71
N PRO A 60 14.74 2.07 -3.78
CA PRO A 60 14.76 3.23 -4.66
C PRO A 60 13.62 3.19 -5.70
N LEU A 61 12.40 3.30 -5.21
CA LEU A 61 11.14 3.31 -5.97
C LEU A 61 11.18 4.35 -7.06
N SER A 62 11.40 5.62 -6.73
CA SER A 62 11.64 6.63 -7.73
C SER A 62 12.63 7.62 -7.18
N ARG A 63 13.54 8.09 -8.03
CA ARG A 63 14.50 9.14 -7.70
C ARG A 63 14.77 9.99 -8.93
N VAL A 64 15.37 11.17 -8.73
CA VAL A 64 15.80 12.01 -9.83
C VAL A 64 16.70 11.17 -10.75
N GLY A 65 16.48 11.31 -12.05
CA GLY A 65 17.29 10.79 -13.12
C GLY A 65 17.12 11.75 -14.28
N LEU A 66 18.00 11.63 -15.27
CA LEU A 66 17.90 12.35 -16.53
C LEU A 66 16.66 11.87 -17.29
N GLU A 67 16.24 12.61 -18.30
CA GLU A 67 15.28 12.14 -19.28
C GLU A 67 15.92 11.04 -20.14
N PRO A 68 15.08 10.12 -20.68
CA PRO A 68 15.54 8.89 -21.29
C PRO A 68 16.20 9.16 -22.66
N PRO A 69 17.43 8.70 -22.86
CA PRO A 69 18.17 8.86 -24.11
C PRO A 69 17.60 7.96 -25.22
N PRO A 70 18.09 8.07 -26.46
CA PRO A 70 17.76 7.11 -27.50
C PRO A 70 18.34 5.74 -27.10
N GLY A 71 17.49 4.71 -27.06
CA GLY A 71 17.92 3.32 -26.86
C GLY A 71 18.06 2.91 -25.38
N LYS A 72 17.70 3.75 -24.41
CA LYS A 72 17.58 3.37 -23.00
C LYS A 72 16.41 4.18 -22.46
N ARG A 73 15.51 3.54 -21.74
CA ARG A 73 14.54 4.22 -20.89
C ARG A 73 14.16 3.27 -19.76
N GLU A 74 13.28 3.68 -18.87
CA GLU A 74 12.55 2.78 -17.99
C GLU A 74 11.10 3.28 -17.92
N CYS A 75 10.31 2.89 -16.90
CA CYS A 75 9.08 3.61 -16.56
C CYS A 75 9.42 4.72 -15.57
N ARG A 76 8.54 5.71 -15.44
CA ARG A 76 8.87 6.97 -14.78
C ARG A 76 7.62 7.62 -14.24
N VAL A 77 7.80 8.50 -13.28
CA VAL A 77 6.75 9.16 -12.52
C VAL A 77 7.26 10.59 -12.31
N GLY A 78 6.76 11.50 -13.14
CA GLY A 78 6.85 12.96 -13.01
C GLY A 78 8.10 13.48 -12.33
N GLN A 79 9.20 13.60 -13.09
CA GLN A 79 10.59 13.91 -12.72
C GLN A 79 11.38 12.61 -12.58
N TYR A 80 10.94 11.72 -11.70
CA TYR A 80 11.71 10.55 -11.30
C TYR A 80 11.54 9.44 -12.33
N VAL A 81 12.52 8.52 -12.39
CA VAL A 81 12.36 7.25 -13.08
C VAL A 81 12.00 6.23 -11.99
N VAL A 82 11.00 5.38 -12.21
CA VAL A 82 10.59 4.36 -11.29
C VAL A 82 11.42 3.10 -11.53
N ASP A 83 11.36 2.16 -10.60
CA ASP A 83 11.94 0.84 -10.79
C ASP A 83 11.09 -0.22 -10.13
N LEU A 84 10.51 -1.14 -10.90
CA LEU A 84 9.89 -2.35 -10.35
C LEU A 84 10.93 -3.26 -9.74
N THR A 85 12.15 -3.21 -10.26
CA THR A 85 13.37 -3.66 -9.63
C THR A 85 13.41 -3.31 -8.14
N SER A 86 13.08 -2.06 -7.78
CA SER A 86 13.15 -1.66 -6.39
C SER A 86 12.07 -2.32 -5.55
N PHE A 87 10.87 -2.51 -6.10
CA PHE A 87 9.82 -3.23 -5.41
C PHE A 87 10.32 -4.63 -5.14
N GLU A 88 10.81 -5.30 -6.19
CA GLU A 88 11.23 -6.69 -6.14
C GLU A 88 12.48 -6.89 -5.25
N GLN A 89 13.15 -5.81 -4.80
CA GLN A 89 14.25 -5.90 -3.83
C GLN A 89 13.79 -6.34 -2.45
N LEU A 90 12.63 -5.88 -1.98
CA LEU A 90 12.23 -6.02 -0.58
C LEU A 90 10.74 -6.37 -0.49
N ALA A 91 9.93 -5.73 -1.32
CA ALA A 91 8.49 -5.94 -1.36
C ALA A 91 8.17 -7.15 -2.25
N LEU A 92 8.79 -8.29 -1.97
CA LEU A 92 8.31 -9.63 -2.33
C LEU A 92 8.01 -10.43 -1.06
N PRO A 93 9.01 -10.79 -0.22
CA PRO A 93 8.78 -11.56 1.01
C PRO A 93 8.04 -10.77 2.08
N VAL A 94 7.89 -9.45 1.93
CA VAL A 94 7.06 -8.68 2.85
C VAL A 94 5.57 -9.07 2.71
N LEU A 95 5.20 -9.55 1.51
CA LEU A 95 3.87 -10.08 1.21
C LEU A 95 3.67 -11.49 1.78
N ARG A 96 4.72 -12.19 2.22
CA ARG A 96 4.73 -13.48 2.94
C ARG A 96 6.17 -13.88 3.25
N ASN A 97 6.50 -14.03 4.52
CA ASN A 97 7.78 -14.48 5.07
C ASN A 97 7.52 -15.76 5.85
N ALA A 98 8.41 -16.76 5.74
CA ALA A 98 8.27 -18.07 6.40
C ALA A 98 6.88 -18.66 6.14
N ASP A 99 6.47 -19.63 6.97
CA ASP A 99 5.13 -20.18 7.19
C ASP A 99 5.26 -21.59 7.76
N CYS A 100 5.35 -21.65 9.09
CA CYS A 100 5.44 -22.84 9.93
C CYS A 100 4.70 -22.58 11.24
N SER A 101 4.48 -23.59 12.09
CA SER A 101 3.97 -23.42 13.45
C SER A 101 5.05 -22.79 14.33
N SER A 102 5.02 -21.47 14.55
CA SER A 102 5.97 -20.78 15.42
C SER A 102 5.35 -19.53 16.04
N GLY A 103 4.93 -18.58 15.21
CA GLY A 103 4.26 -17.36 15.61
C GLY A 103 2.88 -17.26 14.98
N PRO A 104 1.93 -18.15 15.34
CA PRO A 104 0.53 -18.08 14.92
C PRO A 104 -0.22 -16.95 15.63
N GLY A 105 -1.48 -16.75 15.28
CA GLY A 105 -2.10 -15.44 15.36
C GLY A 105 -2.14 -14.95 13.92
N GLN A 106 -2.17 -13.64 13.72
CA GLN A 106 -2.50 -13.05 12.42
C GLN A 106 -1.63 -11.83 12.15
N ARG A 107 -1.45 -11.60 10.85
CA ARG A 107 -0.57 -10.62 10.25
C ARG A 107 -1.41 -9.49 9.67
N VAL A 108 -0.77 -8.43 9.21
CA VAL A 108 -1.41 -7.31 8.54
C VAL A 108 -0.53 -7.00 7.33
N CYS A 109 -1.10 -6.51 6.23
CA CYS A 109 -0.35 -6.08 5.07
C CYS A 109 -0.69 -4.62 4.76
N VAL A 110 0.27 -3.74 5.03
CA VAL A 110 0.27 -2.37 4.53
C VAL A 110 0.61 -2.39 3.04
N ILE A 111 -0.26 -1.80 2.22
CA ILE A 111 -0.01 -1.56 0.81
C ILE A 111 -0.63 -0.20 0.54
N ASP A 112 0.13 0.76 0.00
CA ASP A 112 -0.39 2.09 -0.30
C ASP A 112 0.27 2.63 -1.57
N GLU A 113 -0.08 3.85 -1.99
CA GLU A 113 0.23 4.43 -3.28
C GLU A 113 -0.11 3.44 -4.42
N ILE A 114 -1.23 2.75 -4.26
CA ILE A 114 -1.86 1.97 -5.32
C ILE A 114 -2.48 3.03 -6.23
N GLY A 115 -1.67 3.67 -7.06
CA GLY A 115 -2.03 4.87 -7.80
C GLY A 115 -1.08 5.06 -8.97
N LYS A 116 0.09 5.67 -8.75
CA LYS A 116 1.01 5.98 -9.87
C LYS A 116 1.50 4.76 -10.62
N MET A 117 1.41 3.57 -10.03
CA MET A 117 1.77 2.33 -10.67
C MET A 117 0.71 1.85 -11.67
N GLU A 118 -0.35 2.61 -12.00
CA GLU A 118 -1.53 2.16 -12.75
C GLU A 118 -1.27 1.36 -14.05
N LEU A 119 -0.12 1.56 -14.70
CA LEU A 119 0.28 0.83 -15.91
C LEU A 119 1.49 -0.06 -15.67
N PHE A 120 2.25 0.19 -14.59
CA PHE A 120 3.53 -0.45 -14.33
C PHE A 120 3.35 -1.61 -13.36
N SER A 121 2.25 -1.65 -12.59
CA SER A 121 1.89 -2.74 -11.69
C SER A 121 1.98 -4.05 -12.47
N GLN A 122 2.88 -4.94 -12.07
CA GLN A 122 3.07 -6.20 -12.76
C GLN A 122 3.22 -7.32 -11.73
N LEU A 123 4.39 -7.52 -11.12
CA LEU A 123 4.51 -8.47 -10.01
C LEU A 123 3.62 -8.05 -8.85
N PHE A 124 3.31 -6.75 -8.76
CA PHE A 124 2.35 -6.15 -7.86
C PHE A 124 1.08 -7.00 -7.73
N ILE A 125 0.29 -7.17 -8.81
CA ILE A 125 -0.81 -8.09 -8.93
C ILE A 125 -0.50 -9.43 -8.26
N GLN A 126 0.50 -10.16 -8.74
CA GLN A 126 0.77 -11.53 -8.28
C GLN A 126 1.04 -11.55 -6.79
N ALA A 127 1.96 -10.69 -6.35
CA ALA A 127 2.51 -10.67 -5.03
C ALA A 127 1.40 -10.33 -4.02
N VAL A 128 0.65 -9.26 -4.28
CA VAL A 128 -0.48 -8.84 -3.48
C VAL A 128 -1.52 -9.97 -3.48
N ARG A 129 -1.83 -10.54 -4.65
CA ARG A 129 -2.84 -11.58 -4.78
C ARG A 129 -2.55 -12.79 -3.89
N GLN A 130 -1.28 -13.16 -3.68
CA GLN A 130 -0.92 -14.20 -2.69
C GLN A 130 -1.42 -13.82 -1.30
N THR A 131 -1.12 -12.61 -0.86
CA THR A 131 -1.56 -12.13 0.45
C THR A 131 -3.09 -12.06 0.53
N LEU A 132 -3.80 -11.83 -0.59
CA LEU A 132 -5.27 -11.90 -0.64
C LEU A 132 -5.76 -13.34 -0.51
N SER A 133 -5.00 -14.34 -0.97
CA SER A 133 -5.33 -15.73 -0.77
C SER A 133 -5.21 -16.14 0.70
N THR A 134 -4.40 -15.41 1.48
CA THR A 134 -4.05 -15.78 2.83
C THR A 134 -5.22 -15.37 3.75
N PRO A 135 -5.64 -16.25 4.66
CA PRO A 135 -6.69 -15.95 5.63
C PRO A 135 -6.18 -15.09 6.80
N GLY A 136 -4.91 -15.28 7.18
CA GLY A 136 -4.36 -14.77 8.42
C GLY A 136 -3.62 -13.43 8.30
N THR A 137 -3.20 -13.00 7.11
CA THR A 137 -2.79 -11.61 6.91
C THR A 137 -4.06 -10.76 6.80
N ILE A 138 -3.94 -9.42 6.91
CA ILE A 138 -5.10 -8.54 6.96
C ILE A 138 -4.73 -7.39 6.05
N ILE A 139 -5.27 -7.38 4.84
CA ILE A 139 -4.96 -6.35 3.87
C ILE A 139 -5.63 -5.05 4.31
N LEU A 140 -4.86 -3.96 4.24
CA LEU A 140 -5.29 -2.59 4.46
C LEU A 140 -4.62 -1.72 3.39
N GLY A 141 -5.34 -0.94 2.57
CA GLY A 141 -4.70 -0.05 1.61
C GLY A 141 -5.55 1.10 1.14
N THR A 142 -5.02 1.87 0.19
CA THR A 142 -5.69 3.08 -0.32
C THR A 142 -5.72 3.01 -1.84
N ILE A 143 -6.91 2.88 -2.44
CA ILE A 143 -7.09 2.89 -3.90
C ILE A 143 -7.77 4.19 -4.34
N PRO A 144 -7.56 4.67 -5.58
CA PRO A 144 -8.32 5.79 -6.11
C PRO A 144 -9.75 5.33 -6.36
N VAL A 145 -10.72 6.23 -6.26
CA VAL A 145 -12.12 5.89 -6.34
C VAL A 145 -12.48 5.43 -7.75
N PRO A 146 -13.08 4.24 -7.91
CA PRO A 146 -13.47 3.72 -9.20
C PRO A 146 -14.67 4.51 -9.69
N LYS A 147 -14.46 5.34 -10.70
CA LYS A 147 -15.52 6.13 -11.35
C LYS A 147 -15.14 6.43 -12.80
N GLY A 148 -13.86 6.68 -13.06
CA GLY A 148 -13.36 7.23 -14.30
C GLY A 148 -12.81 6.15 -15.21
N LYS A 149 -11.71 5.51 -14.80
CA LYS A 149 -11.05 4.45 -15.56
C LYS A 149 -10.71 3.32 -14.58
N PRO A 150 -10.51 2.09 -15.07
CA PRO A 150 -10.10 0.96 -14.25
C PRO A 150 -8.57 0.93 -14.15
N LEU A 151 -8.05 0.41 -13.04
CA LEU A 151 -6.62 0.31 -12.78
C LEU A 151 -6.35 -1.15 -12.45
N ALA A 152 -5.29 -1.72 -13.02
CA ALA A 152 -4.95 -3.14 -12.94
C ALA A 152 -4.93 -3.64 -11.49
N LEU A 153 -4.02 -3.12 -10.68
CA LEU A 153 -3.91 -3.57 -9.29
C LEU A 153 -5.22 -3.31 -8.52
N VAL A 154 -5.93 -2.22 -8.79
CA VAL A 154 -7.20 -1.94 -8.12
C VAL A 154 -8.19 -3.06 -8.44
N GLU A 155 -8.28 -3.48 -9.71
CA GLU A 155 -9.13 -4.57 -10.14
C GLU A 155 -8.83 -5.84 -9.32
N GLU A 156 -7.56 -6.16 -9.04
CA GLU A 156 -7.18 -7.36 -8.29
C GLU A 156 -7.84 -7.45 -6.91
N ILE A 157 -8.17 -6.30 -6.32
CA ILE A 157 -8.79 -6.17 -5.01
C ILE A 157 -10.30 -5.92 -5.18
N ARG A 158 -10.71 -5.11 -6.18
CA ARG A 158 -12.12 -4.82 -6.50
C ARG A 158 -12.87 -6.13 -6.75
N ASN A 159 -12.18 -7.12 -7.31
CA ASN A 159 -12.59 -8.51 -7.50
C ASN A 159 -13.26 -9.10 -6.27
N ARG A 160 -12.75 -8.79 -5.07
CA ARG A 160 -13.19 -9.46 -3.86
C ARG A 160 -14.61 -9.05 -3.50
N LYS A 161 -15.02 -7.82 -3.82
CA LYS A 161 -16.30 -7.18 -3.46
C LYS A 161 -16.49 -6.98 -1.95
N ASP A 162 -16.02 -7.90 -1.12
CA ASP A 162 -16.13 -7.88 0.33
C ASP A 162 -15.41 -6.71 0.99
N VAL A 163 -14.31 -6.20 0.43
CA VAL A 163 -13.45 -5.24 1.13
C VAL A 163 -14.27 -4.03 1.60
N LYS A 164 -14.12 -3.67 2.89
CA LYS A 164 -14.69 -2.44 3.45
C LYS A 164 -14.18 -1.28 2.60
N VAL A 165 -15.07 -0.58 1.92
CA VAL A 165 -14.71 0.66 1.23
C VAL A 165 -14.92 1.78 2.23
N PHE A 166 -13.84 2.28 2.83
CA PHE A 166 -13.91 3.57 3.49
C PHE A 166 -13.70 4.66 2.42
N ASN A 167 -14.78 5.10 1.76
CA ASN A 167 -14.77 6.36 1.02
C ASN A 167 -14.63 7.47 2.05
N VAL A 168 -13.42 7.92 2.33
CA VAL A 168 -13.23 9.01 3.28
C VAL A 168 -13.86 10.26 2.71
N THR A 169 -14.00 11.28 3.55
CA THR A 169 -14.30 12.61 3.08
C THR A 169 -13.23 13.50 3.65
N LYS A 170 -12.95 14.61 2.98
CA LYS A 170 -12.16 15.70 3.52
C LYS A 170 -12.85 16.29 4.77
N GLU A 171 -14.13 15.99 5.03
CA GLU A 171 -14.80 16.45 6.25
C GLU A 171 -14.23 15.66 7.44
N ASN A 172 -14.42 14.34 7.45
CA ASN A 172 -14.08 13.44 8.56
C ASN A 172 -12.64 12.97 8.46
N ARG A 173 -11.79 13.66 7.70
CA ARG A 173 -10.52 13.13 7.20
C ARG A 173 -9.65 12.51 8.31
N ASN A 174 -9.56 13.18 9.46
CA ASN A 174 -8.81 12.81 10.65
C ASN A 174 -9.57 11.89 11.63
N HIS A 175 -10.69 11.28 11.21
CA HIS A 175 -11.54 10.38 12.00
C HIS A 175 -11.86 9.11 11.23
N LEU A 176 -11.10 8.82 10.16
CA LEU A 176 -11.25 7.56 9.46
C LEU A 176 -10.44 6.46 10.13
N LEU A 177 -9.20 6.79 10.54
CA LEU A 177 -8.24 5.92 11.19
C LEU A 177 -8.94 5.05 12.27
N PRO A 178 -9.60 5.63 13.31
CA PRO A 178 -10.30 4.85 14.33
C PRO A 178 -11.46 3.99 13.82
N ASP A 179 -12.07 4.35 12.69
CA ASP A 179 -13.16 3.63 12.04
C ASP A 179 -12.59 2.35 11.42
N ILE A 180 -11.45 2.47 10.72
CA ILE A 180 -10.67 1.37 10.17
C ILE A 180 -10.25 0.41 11.30
N VAL A 181 -9.61 0.91 12.36
CA VAL A 181 -9.16 0.05 13.46
C VAL A 181 -10.34 -0.74 14.02
N THR A 182 -11.48 -0.08 14.25
CA THR A 182 -12.68 -0.74 14.73
C THR A 182 -13.08 -1.87 13.78
N CYS A 183 -13.10 -1.65 12.47
CA CYS A 183 -13.58 -2.65 11.53
C CYS A 183 -12.80 -3.97 11.66
N VAL A 184 -11.49 -3.86 11.86
CA VAL A 184 -10.60 -4.99 12.08
C VAL A 184 -10.93 -5.66 13.42
N GLN A 185 -10.99 -4.89 14.50
CA GLN A 185 -11.25 -5.40 15.84
C GLN A 185 -12.66 -5.99 15.98
N SER A 186 -13.63 -5.47 15.24
CA SER A 186 -14.96 -6.04 15.11
C SER A 186 -14.81 -7.46 14.58
N SER A 187 -14.08 -7.68 13.48
CA SER A 187 -13.89 -9.03 12.96
C SER A 187 -13.13 -9.96 13.93
N ARG A 188 -12.47 -9.46 14.98
CA ARG A 188 -11.89 -10.31 16.02
C ARG A 188 -12.97 -10.86 16.95
N LYS A 189 -13.82 -9.99 17.51
CA LYS A 189 -14.91 -10.40 18.39
C LYS A 189 -16.06 -10.98 17.57
N ALA A 1 -12.12 -12.56 8.36
CA ALA A 1 -11.65 -11.17 8.27
C ALA A 1 -12.14 -10.55 6.98
N ARG A 2 -12.95 -9.49 7.07
CA ARG A 2 -13.12 -8.62 5.90
C ARG A 2 -11.88 -7.72 5.82
N HIS A 3 -11.25 -7.70 4.66
CA HIS A 3 -10.17 -6.79 4.30
C HIS A 3 -10.75 -5.37 4.21
N VAL A 4 -9.89 -4.36 4.33
CA VAL A 4 -10.30 -2.96 4.41
C VAL A 4 -9.40 -2.17 3.48
N PHE A 5 -9.99 -1.22 2.76
CA PHE A 5 -9.28 -0.27 1.93
C PHE A 5 -9.78 1.13 2.23
N LEU A 6 -8.86 2.09 2.34
CA LEU A 6 -9.19 3.50 2.23
C LEU A 6 -9.36 3.87 0.76
N THR A 7 -10.08 4.96 0.49
CA THR A 7 -10.05 5.63 -0.80
C THR A 7 -10.37 7.13 -0.65
N GLY A 8 -10.17 7.90 -1.70
CA GLY A 8 -10.47 9.33 -1.76
C GLY A 8 -9.71 9.98 -2.93
N PRO A 9 -9.74 11.31 -3.04
CA PRO A 9 -8.89 12.04 -3.97
C PRO A 9 -7.42 11.99 -3.50
N PRO A 10 -6.45 12.39 -4.33
CA PRO A 10 -5.05 12.47 -3.91
C PRO A 10 -4.86 13.57 -2.86
N GLY A 11 -3.76 13.47 -2.10
CA GLY A 11 -3.34 14.37 -1.03
C GLY A 11 -4.50 14.84 -0.17
N VAL A 12 -5.01 13.93 0.66
CA VAL A 12 -6.09 14.21 1.60
C VAL A 12 -5.77 13.71 3.03
N GLY A 13 -4.63 13.05 3.24
CA GLY A 13 -4.20 12.54 4.54
C GLY A 13 -4.46 11.05 4.71
N LYS A 14 -4.67 10.29 3.62
CA LYS A 14 -4.91 8.85 3.71
C LYS A 14 -3.76 8.18 4.46
N THR A 15 -2.52 8.45 4.02
CA THR A 15 -1.34 7.76 4.52
C THR A 15 -1.15 8.06 6.01
N THR A 16 -1.57 9.24 6.50
CA THR A 16 -1.53 9.58 7.92
C THR A 16 -2.34 8.59 8.77
N LEU A 17 -3.57 8.29 8.33
CA LEU A 17 -4.46 7.38 9.03
C LEU A 17 -3.80 6.02 9.07
N ILE A 18 -3.28 5.57 7.93
CA ILE A 18 -2.69 4.26 7.81
C ILE A 18 -1.39 4.17 8.62
N HIS A 19 -0.57 5.22 8.65
CA HIS A 19 0.68 5.30 9.41
C HIS A 19 0.38 4.96 10.86
N LYS A 20 -0.57 5.69 11.45
CA LYS A 20 -1.04 5.43 12.80
C LYS A 20 -1.44 3.97 12.97
N ALA A 21 -2.13 3.37 12.00
CA ALA A 21 -2.61 2.00 12.13
C ALA A 21 -1.48 1.01 12.48
N SER A 22 -0.26 1.23 11.99
CA SER A 22 0.87 0.38 12.33
C SER A 22 1.10 0.43 13.83
N GLU A 23 1.31 1.64 14.35
CA GLU A 23 1.66 1.96 15.72
C GLU A 23 0.59 1.46 16.69
N VAL A 24 -0.66 1.42 16.24
CA VAL A 24 -1.83 0.97 17.00
C VAL A 24 -1.83 -0.55 17.09
N LEU A 25 -1.69 -1.27 15.98
CA LEU A 25 -1.61 -2.72 16.00
C LEU A 25 -0.37 -3.15 16.79
N LYS A 26 0.70 -2.37 16.69
CA LYS A 26 1.93 -2.55 17.47
C LYS A 26 1.76 -2.19 18.95
N SER A 27 0.75 -1.40 19.31
CA SER A 27 0.27 -1.19 20.67
C SER A 27 -0.78 -2.24 21.07
N SER A 28 -1.23 -3.09 20.14
CA SER A 28 -2.30 -4.06 20.33
C SER A 28 -1.81 -5.52 20.24
N GLY A 29 -0.52 -5.76 20.06
CA GLY A 29 0.01 -7.12 19.94
C GLY A 29 -0.37 -7.76 18.61
N VAL A 30 -0.24 -7.04 17.49
CA VAL A 30 -0.46 -7.59 16.15
C VAL A 30 0.80 -7.28 15.33
N PRO A 31 1.64 -8.28 15.01
CA PRO A 31 2.86 -8.11 14.23
C PRO A 31 2.55 -7.96 12.74
N VAL A 32 2.42 -6.70 12.31
CA VAL A 32 2.13 -6.34 10.93
C VAL A 32 3.35 -6.65 10.03
N ASP A 33 3.12 -6.57 8.72
CA ASP A 33 4.18 -6.30 7.76
C ASP A 33 3.57 -5.56 6.58
N GLY A 34 4.41 -4.90 5.77
CA GLY A 34 4.01 -4.26 4.51
C GLY A 34 4.94 -3.10 4.18
N PHE A 35 4.52 -2.26 3.23
CA PHE A 35 5.31 -1.11 2.80
C PHE A 35 4.42 0.10 2.56
N TYR A 36 5.06 1.27 2.41
CA TYR A 36 4.43 2.54 2.12
C TYR A 36 5.35 3.31 1.18
N THR A 37 4.77 4.21 0.38
CA THR A 37 5.52 5.31 -0.20
C THR A 37 5.68 6.34 0.92
N GLU A 38 6.93 6.71 1.20
CA GLU A 38 7.21 7.93 1.92
C GLU A 38 7.72 8.92 0.86
N GLU A 39 7.29 10.17 0.98
CA GLU A 39 7.78 11.22 0.12
C GLU A 39 9.20 11.59 0.51
N VAL A 40 9.99 11.97 -0.49
CA VAL A 40 11.43 12.17 -0.40
C VAL A 40 11.73 13.55 -0.94
N ARG A 41 11.89 14.49 -0.01
CA ARG A 41 12.37 15.84 -0.24
C ARG A 41 13.55 16.06 0.69
N GLN A 42 14.45 16.95 0.27
CA GLN A 42 15.72 17.22 0.92
C GLN A 42 15.82 18.73 1.15
N GLY A 43 15.77 19.52 0.08
CA GLY A 43 15.58 20.96 0.09
C GLY A 43 14.15 21.33 -0.31
N GLY A 44 13.17 20.48 0.01
CA GLY A 44 11.76 20.66 -0.29
C GLY A 44 11.37 20.31 -1.73
N ARG A 45 12.32 20.18 -2.66
CA ARG A 45 11.98 19.76 -4.02
C ARG A 45 11.81 18.26 -4.04
N ARG A 46 10.87 17.72 -4.81
CA ARG A 46 10.80 16.28 -4.99
C ARG A 46 12.04 15.81 -5.73
N ILE A 47 12.67 14.72 -5.27
CA ILE A 47 13.88 14.14 -5.87
C ILE A 47 13.68 12.67 -6.22
N GLY A 48 12.67 12.00 -5.68
CA GLY A 48 12.35 10.62 -5.99
C GLY A 48 11.34 10.15 -4.96
N PHE A 49 11.30 8.85 -4.69
CA PHE A 49 10.60 8.25 -3.55
C PHE A 49 11.50 7.14 -2.99
N ASP A 50 11.24 6.72 -1.75
CA ASP A 50 11.86 5.51 -1.20
C ASP A 50 10.75 4.66 -0.58
N VAL A 51 10.88 3.34 -0.71
CA VAL A 51 9.89 2.34 -0.30
C VAL A 51 10.19 1.94 1.13
N VAL A 52 9.55 2.60 2.09
CA VAL A 52 9.79 2.28 3.49
C VAL A 52 8.87 1.11 3.85
N THR A 53 9.32 0.24 4.76
CA THR A 53 8.54 -0.86 5.32
C THR A 53 8.16 -0.52 6.76
N LEU A 54 7.17 -1.22 7.31
CA LEU A 54 6.79 -1.03 8.71
C LEU A 54 7.91 -1.49 9.66
N SER A 55 8.68 -2.49 9.26
CA SER A 55 9.87 -2.93 9.99
C SER A 55 10.94 -1.84 9.99
N GLY A 56 10.90 -0.95 8.98
CA GLY A 56 11.76 0.20 8.90
C GLY A 56 12.90 0.03 7.89
N THR A 57 13.02 -1.13 7.24
CA THR A 57 13.84 -1.28 6.04
C THR A 57 13.28 -0.35 4.96
N ARG A 58 14.14 0.10 4.05
CA ARG A 58 13.82 1.07 3.01
C ARG A 58 14.41 0.65 1.66
N GLY A 59 13.84 1.10 0.54
CA GLY A 59 14.40 0.83 -0.79
C GLY A 59 14.34 2.02 -1.73
N PRO A 60 15.09 1.97 -2.83
CA PRO A 60 15.37 3.13 -3.67
C PRO A 60 14.27 3.50 -4.69
N LEU A 61 13.18 2.71 -4.76
CA LEU A 61 11.96 2.83 -5.57
C LEU A 61 12.11 3.63 -6.85
N SER A 62 12.11 4.96 -6.80
CA SER A 62 12.42 5.77 -7.96
C SER A 62 13.47 6.82 -7.63
N ARG A 63 14.30 7.14 -8.61
CA ARG A 63 15.47 8.00 -8.48
C ARG A 63 15.67 8.75 -9.78
N VAL A 64 16.39 9.87 -9.76
CA VAL A 64 16.67 10.63 -10.96
C VAL A 64 17.50 9.74 -11.91
N GLY A 65 17.37 9.88 -13.24
CA GLY A 65 18.21 9.11 -14.17
C GLY A 65 17.66 9.04 -15.58
N LEU A 66 17.70 10.16 -16.34
CA LEU A 66 17.16 10.28 -17.70
C LEU A 66 15.71 9.76 -17.74
N GLU A 67 15.22 9.40 -18.91
CA GLU A 67 13.94 8.73 -19.13
C GLU A 67 14.08 7.72 -20.28
N PRO A 68 13.21 6.69 -20.35
CA PRO A 68 13.31 5.66 -21.38
C PRO A 68 12.90 6.22 -22.75
N PRO A 69 13.67 5.98 -23.82
CA PRO A 69 13.32 6.43 -25.16
C PRO A 69 12.06 5.71 -25.69
N PRO A 70 11.55 6.07 -26.89
CA PRO A 70 10.47 5.34 -27.52
C PRO A 70 10.94 3.95 -27.98
N GLY A 71 12.18 3.84 -28.45
CA GLY A 71 12.76 2.60 -28.94
C GLY A 71 12.97 1.61 -27.79
N LYS A 72 13.77 2.00 -26.77
CA LYS A 72 14.04 1.14 -25.63
C LYS A 72 12.86 1.14 -24.65
N ARG A 73 13.05 0.60 -23.45
CA ARG A 73 12.03 0.53 -22.42
C ARG A 73 12.68 0.69 -21.05
N GLU A 74 11.97 1.29 -20.11
CA GLU A 74 12.10 1.06 -18.68
C GLU A 74 10.85 1.66 -17.99
N CYS A 75 10.92 1.86 -16.67
CA CYS A 75 9.81 2.28 -15.81
C CYS A 75 10.07 3.71 -15.34
N ARG A 76 9.30 4.70 -15.80
CA ARG A 76 9.53 6.09 -15.42
C ARG A 76 8.25 6.66 -14.83
N VAL A 77 8.38 7.40 -13.74
CA VAL A 77 7.34 8.07 -12.99
C VAL A 77 7.80 9.53 -12.93
N GLY A 78 7.20 10.39 -13.76
CA GLY A 78 7.35 11.84 -13.81
C GLY A 78 8.68 12.37 -13.27
N GLN A 79 9.71 12.39 -14.12
CA GLN A 79 11.11 12.75 -13.91
C GLN A 79 11.94 11.48 -13.64
N TYR A 80 11.57 10.76 -12.59
CA TYR A 80 12.37 9.68 -12.01
C TYR A 80 12.13 8.40 -12.79
N VAL A 81 13.16 7.56 -12.89
CA VAL A 81 13.02 6.19 -13.34
C VAL A 81 12.72 5.40 -12.06
N VAL A 82 11.49 4.87 -11.93
CA VAL A 82 11.16 3.87 -10.94
C VAL A 82 11.80 2.55 -11.32
N ASP A 83 11.58 1.52 -10.52
CA ASP A 83 11.78 0.17 -10.96
C ASP A 83 10.82 -0.72 -10.19
N LEU A 84 10.33 -1.77 -10.84
CA LEU A 84 9.61 -2.88 -10.22
C LEU A 84 10.59 -3.67 -9.38
N THR A 85 11.81 -3.84 -9.87
CA THR A 85 12.90 -4.44 -9.11
C THR A 85 13.08 -3.69 -7.80
N SER A 86 13.08 -2.35 -7.81
CA SER A 86 13.29 -1.58 -6.59
C SER A 86 12.19 -1.80 -5.55
N PHE A 87 11.02 -2.33 -5.95
CA PHE A 87 10.05 -2.93 -5.04
C PHE A 87 10.52 -4.32 -4.64
N GLU A 88 10.69 -5.24 -5.60
CA GLU A 88 10.99 -6.66 -5.42
C GLU A 88 12.08 -6.94 -4.38
N GLN A 89 13.07 -6.04 -4.25
CA GLN A 89 14.14 -6.19 -3.25
C GLN A 89 13.59 -6.40 -1.84
N LEU A 90 12.52 -5.69 -1.47
CA LEU A 90 12.06 -5.64 -0.08
C LEU A 90 10.53 -5.67 0.07
N ALA A 91 9.79 -5.11 -0.90
CA ALA A 91 8.34 -4.99 -0.92
C ALA A 91 7.73 -6.26 -1.54
N LEU A 92 8.29 -7.41 -1.18
CA LEU A 92 8.00 -8.71 -1.77
C LEU A 92 7.90 -9.74 -0.64
N PRO A 93 8.94 -9.97 0.18
CA PRO A 93 8.82 -10.79 1.39
C PRO A 93 7.74 -10.25 2.34
N VAL A 94 7.61 -8.91 2.47
CA VAL A 94 6.62 -8.31 3.35
C VAL A 94 5.20 -8.77 3.03
N LEU A 95 4.92 -9.07 1.76
CA LEU A 95 3.58 -9.38 1.29
C LEU A 95 3.21 -10.79 1.74
N ARG A 96 4.13 -11.74 1.76
CA ARG A 96 3.90 -13.05 2.35
C ARG A 96 5.24 -13.64 2.74
N ASN A 97 5.63 -13.40 3.98
CA ASN A 97 6.81 -13.98 4.57
C ASN A 97 6.57 -15.47 4.83
N ALA A 98 7.61 -16.26 5.07
CA ALA A 98 7.51 -17.69 5.33
C ALA A 98 7.09 -17.91 6.79
N ASP A 99 5.95 -18.57 7.01
CA ASP A 99 5.24 -18.57 8.29
C ASP A 99 5.87 -19.55 9.27
N CYS A 100 6.19 -19.08 10.48
CA CYS A 100 6.69 -19.90 11.58
C CYS A 100 6.26 -19.29 12.92
N SER A 101 6.35 -20.07 13.99
CA SER A 101 6.16 -19.72 15.39
C SER A 101 4.68 -19.54 15.74
N SER A 102 4.22 -20.24 16.77
CA SER A 102 2.86 -20.14 17.28
C SER A 102 2.60 -18.74 17.89
N GLY A 103 1.33 -18.37 18.07
CA GLY A 103 0.91 -17.13 18.73
C GLY A 103 -0.43 -16.67 18.16
N PRO A 104 -0.46 -15.72 17.21
CA PRO A 104 -1.67 -15.40 16.45
C PRO A 104 -1.98 -16.50 15.43
N GLY A 105 -3.04 -16.31 14.63
CA GLY A 105 -3.33 -17.13 13.47
C GLY A 105 -3.27 -16.22 12.24
N GLN A 106 -4.17 -15.25 12.24
CA GLN A 106 -4.27 -14.24 11.19
C GLN A 106 -3.10 -13.28 11.28
N ARG A 107 -2.94 -12.48 10.23
CA ARG A 107 -1.84 -11.55 10.07
C ARG A 107 -2.37 -10.25 9.49
N VAL A 108 -1.52 -9.26 9.25
CA VAL A 108 -1.90 -8.05 8.55
C VAL A 108 -0.89 -7.87 7.41
N CYS A 109 -1.36 -7.36 6.28
CA CYS A 109 -0.59 -6.93 5.13
C CYS A 109 -1.01 -5.48 4.84
N VAL A 110 -0.07 -4.64 4.42
CA VAL A 110 -0.32 -3.21 4.23
C VAL A 110 0.37 -2.73 2.96
N ILE A 111 -0.38 -1.97 2.16
CA ILE A 111 0.01 -1.49 0.84
C ILE A 111 -0.70 -0.13 0.67
N ASP A 112 -0.04 0.92 0.17
CA ASP A 112 -0.66 2.21 -0.19
C ASP A 112 -0.15 2.59 -1.59
N GLU A 113 -0.48 3.79 -2.04
CA GLU A 113 -0.56 4.26 -3.40
C GLU A 113 -1.53 3.40 -4.21
N ILE A 114 -1.06 2.25 -4.69
CA ILE A 114 -1.69 1.35 -5.67
C ILE A 114 -2.09 2.07 -6.99
N GLY A 115 -2.04 3.41 -7.06
CA GLY A 115 -2.34 4.22 -8.22
C GLY A 115 -1.15 4.33 -9.15
N LYS A 116 -0.02 4.85 -8.67
CA LYS A 116 1.15 5.25 -9.49
C LYS A 116 1.66 4.16 -10.43
N MET A 117 1.49 2.88 -10.08
CA MET A 117 2.03 1.77 -10.84
C MET A 117 1.10 1.30 -11.95
N GLU A 118 -0.02 1.98 -12.20
CA GLU A 118 -1.11 1.66 -13.13
C GLU A 118 -0.70 0.78 -14.31
N LEU A 119 0.18 1.28 -15.18
CA LEU A 119 0.62 0.56 -16.36
C LEU A 119 1.83 -0.32 -16.07
N PHE A 120 2.72 0.13 -15.18
CA PHE A 120 4.01 -0.48 -14.93
C PHE A 120 3.92 -1.81 -14.19
N SER A 121 2.87 -1.99 -13.40
CA SER A 121 2.66 -3.09 -12.47
C SER A 121 2.86 -4.45 -13.16
N GLN A 122 3.81 -5.23 -12.65
CA GLN A 122 4.10 -6.59 -13.08
C GLN A 122 3.84 -7.50 -11.89
N LEU A 123 4.88 -7.79 -11.09
CA LEU A 123 4.73 -8.67 -9.92
C LEU A 123 3.86 -8.06 -8.83
N PHE A 124 3.43 -6.80 -8.96
CA PHE A 124 2.45 -6.15 -8.11
C PHE A 124 1.16 -6.97 -8.06
N ILE A 125 0.45 -7.09 -9.19
CA ILE A 125 -0.67 -7.98 -9.39
C ILE A 125 -0.51 -9.32 -8.66
N GLN A 126 0.55 -10.06 -8.98
CA GLN A 126 0.77 -11.38 -8.41
C GLN A 126 0.87 -11.28 -6.90
N ALA A 127 1.73 -10.41 -6.40
CA ALA A 127 2.05 -10.39 -5.00
C ALA A 127 0.81 -10.01 -4.18
N VAL A 128 -0.02 -9.11 -4.71
CA VAL A 128 -1.32 -8.76 -4.15
C VAL A 128 -2.22 -10.01 -4.15
N ARG A 129 -2.49 -10.64 -5.31
CA ARG A 129 -3.40 -11.78 -5.37
C ARG A 129 -2.94 -12.92 -4.45
N GLN A 130 -1.64 -13.17 -4.36
CA GLN A 130 -1.11 -14.29 -3.57
C GLN A 130 -1.36 -14.07 -2.08
N THR A 131 -1.31 -12.83 -1.59
CA THR A 131 -1.64 -12.55 -0.19
C THR A 131 -3.15 -12.46 0.02
N LEU A 132 -3.93 -12.02 -0.98
CA LEU A 132 -5.39 -12.16 -0.96
C LEU A 132 -5.80 -13.65 -0.90
N SER A 133 -4.90 -14.57 -1.29
CA SER A 133 -5.06 -16.01 -1.33
C SER A 133 -4.54 -16.69 -0.05
N THR A 134 -3.86 -15.96 0.85
CA THR A 134 -3.59 -16.45 2.18
C THR A 134 -4.96 -16.64 2.87
N PRO A 135 -5.18 -17.76 3.58
CA PRO A 135 -6.43 -18.03 4.26
C PRO A 135 -6.70 -16.99 5.35
N GLY A 136 -5.63 -16.55 6.04
CA GLY A 136 -5.63 -15.38 6.89
C GLY A 136 -5.04 -14.19 6.11
N THR A 137 -4.06 -13.50 6.71
CA THR A 137 -3.68 -12.11 6.49
C THR A 137 -4.89 -11.16 6.39
N ILE A 138 -4.66 -9.84 6.46
CA ILE A 138 -5.72 -8.86 6.51
C ILE A 138 -5.13 -7.71 5.72
N ILE A 139 -5.69 -7.37 4.55
CA ILE A 139 -5.19 -6.22 3.83
C ILE A 139 -5.74 -5.00 4.54
N LEU A 140 -4.86 -4.05 4.82
CA LEU A 140 -5.20 -2.67 5.08
C LEU A 140 -4.57 -1.88 3.93
N GLY A 141 -5.36 -1.57 2.90
CA GLY A 141 -4.85 -0.97 1.69
C GLY A 141 -5.37 0.44 1.48
N THR A 142 -4.85 1.16 0.48
CA THR A 142 -5.50 2.36 -0.04
C THR A 142 -5.47 2.29 -1.56
N ILE A 143 -6.59 2.58 -2.23
CA ILE A 143 -6.73 2.71 -3.67
C ILE A 143 -7.32 4.09 -4.02
N PRO A 144 -7.10 4.60 -5.24
CA PRO A 144 -7.82 5.79 -5.70
C PRO A 144 -9.27 5.43 -6.07
N VAL A 145 -10.19 6.39 -5.91
CA VAL A 145 -11.59 6.24 -6.30
C VAL A 145 -11.71 5.95 -7.80
N PRO A 146 -12.77 5.24 -8.21
CA PRO A 146 -13.18 5.13 -9.59
C PRO A 146 -13.68 6.50 -10.07
N LYS A 147 -13.77 6.68 -11.39
CA LYS A 147 -14.33 7.90 -11.97
C LYS A 147 -14.80 7.57 -13.38
N GLY A 148 -13.85 7.14 -14.23
CA GLY A 148 -14.11 6.64 -15.55
C GLY A 148 -13.61 5.20 -15.63
N LYS A 149 -12.65 4.91 -16.50
CA LYS A 149 -12.23 3.54 -16.76
C LYS A 149 -11.61 2.89 -15.52
N PRO A 150 -11.71 1.56 -15.38
CA PRO A 150 -10.95 0.81 -14.39
C PRO A 150 -9.45 1.02 -14.61
N LEU A 151 -8.65 0.84 -13.57
CA LEU A 151 -7.20 0.84 -13.61
C LEU A 151 -6.72 -0.57 -13.29
N ALA A 152 -5.70 -1.02 -14.00
CA ALA A 152 -5.25 -2.41 -14.05
C ALA A 152 -4.93 -3.00 -12.67
N LEU A 153 -3.85 -2.54 -12.02
CA LEU A 153 -3.47 -3.03 -10.69
C LEU A 153 -4.63 -2.82 -9.70
N VAL A 154 -5.35 -1.68 -9.77
CA VAL A 154 -6.47 -1.41 -8.87
C VAL A 154 -7.58 -2.46 -9.05
N GLU A 155 -7.78 -3.03 -10.24
CA GLU A 155 -8.79 -4.06 -10.50
C GLU A 155 -8.49 -5.30 -9.65
N GLU A 156 -7.23 -5.60 -9.33
CA GLU A 156 -6.86 -6.72 -8.46
C GLU A 156 -7.44 -6.57 -7.04
N ILE A 157 -7.74 -5.33 -6.64
CA ILE A 157 -8.36 -5.00 -5.36
C ILE A 157 -9.86 -4.81 -5.61
N ARG A 158 -10.24 -4.06 -6.64
CA ARG A 158 -11.62 -3.64 -6.84
C ARG A 158 -12.54 -4.82 -7.19
N ASN A 159 -11.99 -6.00 -7.50
CA ASN A 159 -12.74 -7.23 -7.64
C ASN A 159 -13.14 -7.85 -6.31
N ARG A 160 -12.63 -7.37 -5.17
CA ARG A 160 -12.94 -7.90 -3.86
C ARG A 160 -14.34 -7.44 -3.47
N LYS A 161 -15.38 -8.19 -3.84
CA LYS A 161 -16.75 -7.97 -3.38
C LYS A 161 -16.91 -8.46 -1.93
N ASP A 162 -16.03 -7.99 -1.05
CA ASP A 162 -16.06 -8.11 0.39
C ASP A 162 -15.30 -6.95 1.06
N VAL A 163 -14.50 -6.17 0.33
CA VAL A 163 -13.66 -5.11 0.89
C VAL A 163 -14.53 -3.96 1.39
N LYS A 164 -14.20 -3.41 2.56
CA LYS A 164 -14.71 -2.11 2.99
C LYS A 164 -13.99 -1.05 2.16
N VAL A 165 -14.68 -0.06 1.61
CA VAL A 165 -14.06 1.02 0.84
C VAL A 165 -14.30 2.31 1.63
N PHE A 166 -13.49 2.52 2.66
CA PHE A 166 -13.52 3.67 3.54
C PHE A 166 -13.11 4.93 2.80
N ASN A 167 -14.09 5.64 2.23
CA ASN A 167 -13.90 7.00 1.77
C ASN A 167 -13.59 7.88 2.97
N VAL A 168 -12.77 8.91 2.76
CA VAL A 168 -12.59 9.96 3.75
C VAL A 168 -12.94 11.30 3.11
N THR A 169 -12.97 12.27 4.00
CA THR A 169 -13.28 13.67 3.87
C THR A 169 -12.19 14.32 4.70
N LYS A 170 -11.52 15.30 4.09
CA LYS A 170 -10.45 16.11 4.68
C LYS A 170 -10.82 16.62 6.07
N GLU A 171 -12.11 16.71 6.36
CA GLU A 171 -12.63 17.33 7.57
C GLU A 171 -12.43 16.37 8.75
N ASN A 172 -13.18 15.27 8.78
CA ASN A 172 -13.27 14.28 9.86
C ASN A 172 -12.17 13.23 9.75
N ARG A 173 -11.10 13.49 8.99
CA ARG A 173 -10.19 12.47 8.50
C ARG A 173 -9.64 11.56 9.61
N ASN A 174 -9.21 12.12 10.75
CA ASN A 174 -8.49 11.35 11.76
C ASN A 174 -9.39 10.46 12.63
N HIS A 175 -10.69 10.42 12.31
CA HIS A 175 -11.64 9.46 12.84
C HIS A 175 -11.69 8.19 11.99
N LEU A 176 -11.05 8.14 10.81
CA LEU A 176 -11.08 6.90 10.03
C LEU A 176 -10.03 5.91 10.50
N LEU A 177 -8.85 6.36 10.95
CA LEU A 177 -7.85 5.48 11.56
C LEU A 177 -8.52 4.54 12.58
N PRO A 178 -9.23 5.00 13.62
CA PRO A 178 -9.85 4.07 14.57
C PRO A 178 -10.94 3.21 13.94
N ASP A 179 -11.62 3.67 12.89
CA ASP A 179 -12.75 2.94 12.31
C ASP A 179 -12.22 1.72 11.57
N ILE A 180 -11.13 1.89 10.83
CA ILE A 180 -10.34 0.83 10.22
C ILE A 180 -9.94 -0.19 11.30
N VAL A 181 -9.30 0.25 12.38
CA VAL A 181 -8.79 -0.67 13.39
C VAL A 181 -9.95 -1.39 14.10
N THR A 182 -11.10 -0.71 14.27
CA THR A 182 -12.30 -1.29 14.82
C THR A 182 -12.80 -2.38 13.85
N CYS A 183 -12.89 -2.08 12.56
CA CYS A 183 -13.28 -3.01 11.50
C CYS A 183 -12.33 -4.23 11.52
N VAL A 184 -11.04 -4.02 11.79
CA VAL A 184 -10.06 -5.09 11.90
C VAL A 184 -10.38 -6.01 13.08
N GLN A 185 -10.51 -5.49 14.31
CA GLN A 185 -10.83 -6.36 15.44
C GLN A 185 -12.24 -6.96 15.34
N SER A 186 -13.16 -6.36 14.58
CA SER A 186 -14.54 -6.80 14.45
C SER A 186 -14.65 -8.25 13.92
N SER A 187 -13.74 -8.71 13.05
CA SER A 187 -13.74 -10.10 12.61
C SER A 187 -12.83 -10.99 13.49
N ARG A 188 -12.08 -10.43 14.44
CA ARG A 188 -11.30 -11.22 15.40
C ARG A 188 -12.16 -11.60 16.58
N LYS A 189 -12.81 -10.59 17.18
CA LYS A 189 -13.23 -10.68 18.57
C LYS A 189 -14.31 -11.74 18.72
N ALA A 1 -13.39 -9.07 10.12
CA ALA A 1 -12.50 -8.11 9.44
C ALA A 1 -12.20 -8.58 8.02
N ARG A 2 -13.16 -8.42 7.10
CA ARG A 2 -12.93 -8.76 5.69
C ARG A 2 -12.20 -7.61 5.03
N HIS A 3 -10.91 -7.47 5.35
CA HIS A 3 -9.93 -6.56 4.77
C HIS A 3 -10.36 -5.09 4.94
N VAL A 4 -9.43 -4.15 4.73
CA VAL A 4 -9.77 -2.73 4.73
C VAL A 4 -8.99 -2.06 3.60
N PHE A 5 -9.64 -1.14 2.90
CA PHE A 5 -9.01 -0.25 1.95
C PHE A 5 -9.57 1.17 2.07
N LEU A 6 -8.81 2.17 1.63
CA LEU A 6 -9.18 3.57 1.67
C LEU A 6 -9.40 4.06 0.25
N THR A 7 -10.53 4.73 -0.01
CA THR A 7 -10.90 5.14 -1.37
C THR A 7 -11.40 6.60 -1.36
N GLY A 8 -11.49 7.19 -2.55
CA GLY A 8 -11.86 8.59 -2.76
C GLY A 8 -10.79 9.56 -2.26
N PRO A 9 -9.59 9.65 -2.87
CA PRO A 9 -8.56 10.57 -2.41
C PRO A 9 -8.98 12.02 -2.72
N PRO A 10 -9.09 12.92 -1.72
CA PRO A 10 -9.65 14.26 -1.94
C PRO A 10 -8.60 15.29 -2.32
N GLY A 11 -7.69 15.59 -1.40
CA GLY A 11 -6.50 16.37 -1.68
C GLY A 11 -5.24 15.66 -1.24
N VAL A 12 -5.34 14.35 -0.96
CA VAL A 12 -4.32 13.52 -0.37
C VAL A 12 -4.06 13.99 1.07
N GLY A 13 -4.17 13.02 1.96
CA GLY A 13 -3.84 13.14 3.38
C GLY A 13 -4.27 11.92 4.20
N LYS A 14 -5.07 11.03 3.62
CA LYS A 14 -5.42 9.75 4.25
C LYS A 14 -4.20 8.90 4.61
N THR A 15 -3.02 9.20 4.05
CA THR A 15 -1.74 8.56 4.31
C THR A 15 -1.40 8.62 5.80
N THR A 16 -1.71 9.73 6.48
CA THR A 16 -1.35 9.87 7.89
C THR A 16 -2.23 8.94 8.72
N LEU A 17 -3.45 8.66 8.26
CA LEU A 17 -4.33 7.73 8.94
C LEU A 17 -3.68 6.36 8.95
N ILE A 18 -3.27 5.85 7.79
CA ILE A 18 -2.67 4.54 7.68
C ILE A 18 -1.42 4.43 8.55
N HIS A 19 -0.55 5.46 8.52
CA HIS A 19 0.68 5.50 9.29
C HIS A 19 0.36 5.15 10.74
N LYS A 20 -0.46 5.99 11.39
CA LYS A 20 -0.91 5.77 12.75
C LYS A 20 -1.68 4.46 12.90
N ALA A 21 -2.49 4.05 11.91
CA ALA A 21 -3.33 2.85 12.04
C ALA A 21 -2.44 1.62 12.21
N SER A 22 -1.33 1.60 11.48
CA SER A 22 -0.35 0.56 11.55
C SER A 22 0.34 0.58 12.92
N GLU A 23 0.78 1.76 13.38
CA GLU A 23 1.46 1.94 14.68
C GLU A 23 0.64 1.37 15.84
N VAL A 24 -0.68 1.47 15.79
CA VAL A 24 -1.57 0.96 16.83
C VAL A 24 -1.45 -0.56 16.93
N LEU A 25 -1.46 -1.27 15.79
CA LEU A 25 -1.29 -2.72 15.78
C LEU A 25 0.12 -3.07 16.19
N LYS A 26 1.11 -2.25 15.79
CA LYS A 26 2.48 -2.48 16.24
C LYS A 26 2.51 -2.42 17.77
N SER A 27 1.84 -1.44 18.35
CA SER A 27 1.67 -1.25 19.78
C SER A 27 0.97 -2.47 20.40
N SER A 28 0.03 -3.07 19.67
CA SER A 28 -0.73 -4.26 20.07
C SER A 28 0.08 -5.56 19.91
N GLY A 29 1.32 -5.50 19.42
CA GLY A 29 2.11 -6.69 19.13
C GLY A 29 1.61 -7.47 17.92
N VAL A 30 0.70 -6.91 17.11
CA VAL A 30 0.15 -7.60 15.95
C VAL A 30 1.23 -7.56 14.85
N PRO A 31 1.67 -8.72 14.32
CA PRO A 31 2.69 -8.78 13.29
C PRO A 31 2.15 -8.17 12.00
N VAL A 32 2.81 -7.10 11.55
CA VAL A 32 2.50 -6.39 10.33
C VAL A 32 3.70 -6.55 9.39
N ASP A 33 3.40 -6.72 8.12
CA ASP A 33 4.33 -6.55 7.02
C ASP A 33 3.65 -5.61 6.04
N GLY A 34 4.41 -5.12 5.07
CA GLY A 34 3.96 -4.24 4.01
C GLY A 34 5.01 -3.16 3.78
N PHE A 35 4.66 -2.06 3.13
CA PHE A 35 5.55 -0.90 3.02
C PHE A 35 4.79 0.42 3.05
N TYR A 36 5.45 1.57 3.22
CA TYR A 36 4.83 2.85 2.93
C TYR A 36 5.82 3.76 2.19
N THR A 37 5.41 4.97 1.79
CA THR A 37 6.16 5.83 0.88
C THR A 37 6.10 7.30 1.34
N GLU A 38 6.85 7.59 2.40
CA GLU A 38 6.75 8.77 3.26
C GLU A 38 7.32 10.08 2.67
N GLU A 39 7.40 10.19 1.35
CA GLU A 39 8.20 11.14 0.56
C GLU A 39 9.68 11.19 0.95
N VAL A 40 10.54 10.75 0.03
CA VAL A 40 11.99 10.80 0.20
C VAL A 40 12.44 12.26 0.08
N ARG A 41 13.08 12.78 1.13
CA ARG A 41 13.68 14.10 1.11
C ARG A 41 15.10 14.00 1.66
N GLN A 42 16.09 14.39 0.85
CA GLN A 42 17.50 14.31 1.27
C GLN A 42 17.92 15.59 2.03
N GLY A 43 17.02 16.56 2.16
CA GLY A 43 17.29 17.89 2.67
C GLY A 43 16.20 18.79 2.11
N GLY A 44 14.96 18.52 2.53
CA GLY A 44 13.75 19.26 2.21
C GLY A 44 13.28 19.23 0.75
N ARG A 45 14.04 18.66 -0.19
CA ARG A 45 13.60 18.57 -1.58
C ARG A 45 12.87 17.26 -1.77
N ARG A 46 11.87 17.21 -2.64
CA ARG A 46 11.41 15.94 -3.15
C ARG A 46 12.45 15.44 -4.13
N ILE A 47 12.76 14.16 -4.08
CA ILE A 47 13.67 13.47 -4.98
C ILE A 47 13.07 12.19 -5.54
N GLY A 48 12.03 11.67 -4.91
CA GLY A 48 11.19 10.64 -5.49
C GLY A 48 10.31 10.11 -4.40
N PHE A 49 10.30 8.78 -4.26
CA PHE A 49 9.66 8.06 -3.18
C PHE A 49 10.65 6.95 -2.82
N ASP A 50 10.59 6.49 -1.57
CA ASP A 50 11.39 5.45 -0.94
C ASP A 50 10.43 4.49 -0.27
N VAL A 51 10.77 3.20 -0.10
CA VAL A 51 9.78 2.20 0.20
C VAL A 51 10.12 1.46 1.47
N VAL A 52 9.35 1.76 2.50
CA VAL A 52 9.74 1.56 3.88
C VAL A 52 8.92 0.43 4.46
N THR A 53 9.55 -0.72 4.71
CA THR A 53 8.83 -1.85 5.22
C THR A 53 8.53 -1.63 6.70
N LEU A 54 7.37 -2.12 7.15
CA LEU A 54 6.91 -1.93 8.53
C LEU A 54 7.82 -2.64 9.54
N SER A 55 8.67 -3.56 9.06
CA SER A 55 9.73 -4.24 9.78
C SER A 55 10.74 -3.20 10.26
N GLY A 56 11.14 -2.27 9.39
CA GLY A 56 12.12 -1.24 9.69
C GLY A 56 12.97 -0.87 8.47
N THR A 57 12.99 -1.68 7.42
CA THR A 57 13.80 -1.50 6.23
C THR A 57 13.27 -0.32 5.40
N ARG A 58 14.04 0.10 4.39
CA ARG A 58 13.76 1.25 3.52
C ARG A 58 14.44 0.99 2.19
N GLY A 59 13.80 1.28 1.05
CA GLY A 59 14.41 1.00 -0.25
C GLY A 59 14.26 2.15 -1.21
N PRO A 60 14.90 2.03 -2.37
CA PRO A 60 14.67 2.92 -3.49
C PRO A 60 13.25 2.69 -4.03
N LEU A 61 12.77 3.58 -4.89
CA LEU A 61 11.48 3.42 -5.58
C LEU A 61 11.51 4.25 -6.83
N SER A 62 11.71 5.56 -6.72
CA SER A 62 11.86 6.42 -7.88
C SER A 62 12.93 7.48 -7.60
N ARG A 63 13.58 7.98 -8.65
CA ARG A 63 14.48 9.13 -8.58
C ARG A 63 14.25 10.00 -9.80
N VAL A 64 14.64 11.27 -9.70
CA VAL A 64 14.64 12.18 -10.84
C VAL A 64 15.59 11.60 -11.88
N GLY A 65 15.12 11.48 -13.11
CA GLY A 65 15.88 11.19 -14.29
C GLY A 65 15.26 12.03 -15.40
N LEU A 66 15.98 12.17 -16.50
CA LEU A 66 15.44 12.79 -17.71
C LEU A 66 14.30 11.94 -18.24
N GLU A 67 13.54 12.50 -19.18
CA GLU A 67 12.54 11.76 -19.93
C GLU A 67 13.25 10.60 -20.67
N PRO A 68 12.59 9.45 -20.81
CA PRO A 68 13.18 8.29 -21.44
C PRO A 68 13.39 8.58 -22.92
N PRO A 69 14.58 8.27 -23.46
CA PRO A 69 14.88 8.46 -24.87
C PRO A 69 14.08 7.47 -25.71
N PRO A 70 14.00 7.66 -27.04
CA PRO A 70 13.28 6.77 -27.93
C PRO A 70 14.07 5.47 -28.10
N GLY A 71 13.95 4.56 -27.12
CA GLY A 71 14.70 3.33 -27.02
C GLY A 71 14.59 2.84 -25.58
N LYS A 72 15.44 3.36 -24.69
CA LYS A 72 15.44 2.96 -23.29
C LYS A 72 14.10 3.35 -22.67
N ARG A 73 13.48 2.42 -21.96
CA ARG A 73 12.23 2.64 -21.26
C ARG A 73 12.26 1.79 -20.00
N GLU A 74 11.82 2.33 -18.86
CA GLU A 74 11.84 1.64 -17.58
C GLU A 74 10.81 2.36 -16.70
N CYS A 75 9.53 2.32 -17.09
CA CYS A 75 8.44 3.04 -16.47
C CYS A 75 8.71 4.55 -16.53
N ARG A 76 8.05 5.31 -15.65
CA ARG A 76 8.23 6.71 -15.23
C ARG A 76 6.93 7.26 -14.66
N VAL A 77 7.03 8.26 -13.79
CA VAL A 77 5.92 8.77 -13.01
C VAL A 77 6.16 10.27 -12.79
N GLY A 78 5.49 11.10 -13.58
CA GLY A 78 5.40 12.55 -13.40
C GLY A 78 6.66 13.29 -13.84
N GLN A 79 7.78 13.03 -13.17
CA GLN A 79 9.11 13.54 -13.46
C GLN A 79 10.20 12.54 -13.05
N TYR A 80 9.90 11.57 -12.19
CA TYR A 80 10.85 10.56 -11.76
C TYR A 80 10.70 9.34 -12.67
N VAL A 81 11.64 8.41 -12.55
CA VAL A 81 11.54 7.07 -13.11
C VAL A 81 11.41 6.15 -11.90
N VAL A 82 10.28 5.46 -11.73
CA VAL A 82 10.14 4.36 -10.78
C VAL A 82 10.96 3.17 -11.29
N ASP A 83 11.12 2.14 -10.47
CA ASP A 83 11.56 0.82 -10.92
C ASP A 83 10.75 -0.25 -10.21
N LEU A 84 10.41 -1.31 -10.93
CA LEU A 84 9.77 -2.49 -10.37
C LEU A 84 10.77 -3.25 -9.50
N THR A 85 12.07 -3.26 -9.86
CA THR A 85 13.12 -3.86 -9.04
C THR A 85 13.27 -3.12 -7.71
N SER A 86 13.11 -1.79 -7.67
CA SER A 86 13.24 -1.03 -6.44
C SER A 86 12.20 -1.47 -5.40
N PHE A 87 11.01 -1.84 -5.86
CA PHE A 87 10.04 -2.55 -5.03
C PHE A 87 10.60 -3.92 -4.62
N GLU A 88 10.86 -4.80 -5.60
CA GLU A 88 11.17 -6.22 -5.40
C GLU A 88 12.37 -6.45 -4.45
N GLN A 89 13.26 -5.47 -4.28
CA GLN A 89 14.37 -5.52 -3.33
C GLN A 89 13.91 -6.02 -1.96
N LEU A 90 12.83 -5.45 -1.43
CA LEU A 90 12.35 -5.64 -0.07
C LEU A 90 10.84 -5.85 -0.05
N ALA A 91 10.08 -5.26 -0.95
CA ALA A 91 8.64 -5.45 -0.98
C ALA A 91 8.28 -6.89 -1.35
N LEU A 92 8.97 -7.51 -2.30
CA LEU A 92 8.67 -8.90 -2.69
C LEU A 92 8.68 -9.86 -1.49
N PRO A 93 9.74 -9.91 -0.65
CA PRO A 93 9.70 -10.68 0.58
C PRO A 93 8.85 -10.05 1.69
N VAL A 94 8.49 -8.77 1.66
CA VAL A 94 7.50 -8.26 2.60
C VAL A 94 6.13 -8.87 2.27
N LEU A 95 5.80 -8.94 0.97
CA LEU A 95 4.56 -9.48 0.44
C LEU A 95 4.53 -11.00 0.65
N ARG A 96 5.66 -11.72 0.49
CA ARG A 96 5.77 -13.15 0.85
C ARG A 96 7.21 -13.53 1.14
N ASN A 97 7.60 -13.43 2.40
CA ASN A 97 8.68 -14.19 3.03
C ASN A 97 8.03 -15.38 3.73
N ALA A 98 8.85 -16.38 4.07
CA ALA A 98 8.64 -17.42 5.09
C ALA A 98 7.17 -17.72 5.42
N ASP A 99 6.64 -18.83 4.87
CA ASP A 99 5.23 -19.19 5.06
C ASP A 99 4.97 -19.45 6.56
N CYS A 100 5.66 -20.45 7.12
CA CYS A 100 5.96 -20.73 8.54
C CYS A 100 4.86 -20.41 9.58
N SER A 101 3.55 -20.53 9.23
CA SER A 101 2.40 -20.25 10.07
C SER A 101 2.57 -20.76 11.50
N SER A 102 3.08 -21.99 11.64
CA SER A 102 3.28 -22.74 12.88
C SER A 102 2.06 -22.67 13.79
N GLY A 103 1.10 -23.55 13.53
CA GLY A 103 -0.26 -23.35 14.00
C GLY A 103 -0.91 -22.12 13.33
N PRO A 104 -2.06 -21.65 13.83
CA PRO A 104 -2.72 -20.47 13.32
C PRO A 104 -1.93 -19.22 13.72
N GLY A 105 -1.45 -18.45 12.74
CA GLY A 105 -0.68 -17.23 12.94
C GLY A 105 -1.20 -16.19 11.97
N GLN A 106 -2.06 -15.28 12.43
CA GLN A 106 -2.55 -14.21 11.55
C GLN A 106 -1.44 -13.17 11.32
N ARG A 107 -1.57 -12.41 10.25
CA ARG A 107 -0.62 -11.40 9.79
C ARG A 107 -1.41 -10.17 9.36
N VAL A 108 -0.74 -9.07 9.07
CA VAL A 108 -1.34 -7.91 8.42
C VAL A 108 -0.44 -7.60 7.22
N CYS A 109 -1.00 -7.02 6.17
CA CYS A 109 -0.26 -6.47 5.05
C CYS A 109 -0.62 -5.00 4.91
N VAL A 110 0.29 -4.21 4.37
CA VAL A 110 0.13 -2.78 4.16
C VAL A 110 0.63 -2.43 2.76
N ILE A 111 -0.26 -1.92 1.90
CA ILE A 111 0.00 -1.70 0.49
C ILE A 111 -0.61 -0.34 0.17
N ASP A 112 -0.08 0.71 0.78
CA ASP A 112 -0.66 2.06 0.72
C ASP A 112 -0.59 2.61 -0.71
N GLU A 113 0.59 2.52 -1.32
CA GLU A 113 0.96 3.20 -2.56
C GLU A 113 0.34 2.54 -3.81
N ILE A 114 -0.98 2.57 -3.95
CA ILE A 114 -1.70 2.00 -5.08
C ILE A 114 -2.24 3.17 -5.91
N GLY A 115 -2.32 3.03 -7.23
CA GLY A 115 -2.87 4.04 -8.14
C GLY A 115 -1.90 4.37 -9.25
N LYS A 116 -0.89 5.21 -9.00
CA LYS A 116 0.01 5.64 -10.09
C LYS A 116 0.72 4.44 -10.75
N MET A 117 0.90 3.32 -10.03
CA MET A 117 1.48 2.12 -10.62
C MET A 117 0.56 1.45 -11.65
N GLU A 118 -0.71 1.84 -11.83
CA GLU A 118 -1.78 1.03 -12.47
C GLU A 118 -1.48 0.38 -13.83
N LEU A 119 -0.44 0.85 -14.54
CA LEU A 119 0.00 0.29 -15.81
C LEU A 119 1.38 -0.36 -15.73
N PHE A 120 2.19 0.02 -14.75
CA PHE A 120 3.54 -0.48 -14.53
C PHE A 120 3.52 -1.72 -13.64
N SER A 121 2.55 -1.83 -12.73
CA SER A 121 2.44 -2.88 -11.73
C SER A 121 2.55 -4.25 -12.41
N GLN A 122 3.56 -5.05 -12.06
CA GLN A 122 3.81 -6.30 -12.76
C GLN A 122 3.76 -7.49 -11.83
N LEU A 123 4.66 -7.57 -10.85
CA LEU A 123 4.64 -8.63 -9.87
C LEU A 123 3.52 -8.36 -8.85
N PHE A 124 2.99 -7.14 -8.79
CA PHE A 124 1.81 -6.74 -8.02
C PHE A 124 0.64 -7.71 -8.20
N ILE A 125 -0.03 -7.70 -9.35
CA ILE A 125 -1.16 -8.54 -9.68
C ILE A 125 -0.98 -10.01 -9.24
N GLN A 126 0.22 -10.58 -9.33
CA GLN A 126 0.51 -11.88 -8.73
C GLN A 126 0.60 -11.76 -7.22
N ALA A 127 1.65 -11.10 -6.71
CA ALA A 127 2.04 -11.12 -5.30
C ALA A 127 0.90 -10.65 -4.39
N VAL A 128 0.18 -9.62 -4.78
CA VAL A 128 -0.99 -9.09 -4.08
C VAL A 128 -2.06 -10.21 -4.05
N ARG A 129 -2.41 -10.83 -5.18
CA ARG A 129 -3.40 -11.92 -5.18
C ARG A 129 -2.96 -13.15 -4.39
N GLN A 130 -1.66 -13.46 -4.31
CA GLN A 130 -1.17 -14.52 -3.41
C GLN A 130 -1.58 -14.18 -1.98
N THR A 131 -1.21 -13.02 -1.48
CA THR A 131 -1.50 -12.65 -0.10
C THR A 131 -3.00 -12.50 0.16
N LEU A 132 -3.79 -12.11 -0.85
CA LEU A 132 -5.26 -12.02 -0.73
C LEU A 132 -5.88 -13.42 -0.66
N SER A 133 -5.24 -14.41 -1.28
CA SER A 133 -5.63 -15.80 -1.20
C SER A 133 -5.47 -16.31 0.24
N THR A 134 -4.47 -15.83 0.98
CA THR A 134 -4.22 -16.27 2.34
C THR A 134 -5.29 -15.67 3.28
N PRO A 135 -5.88 -16.50 4.16
CA PRO A 135 -6.91 -16.06 5.09
C PRO A 135 -6.34 -15.33 6.31
N GLY A 136 -5.12 -15.67 6.75
CA GLY A 136 -4.56 -15.17 7.99
C GLY A 136 -3.96 -13.77 7.87
N THR A 137 -3.42 -13.39 6.71
CA THR A 137 -2.94 -12.02 6.49
C THR A 137 -4.17 -11.11 6.33
N ILE A 138 -4.00 -9.79 6.46
CA ILE A 138 -5.09 -8.83 6.46
C ILE A 138 -4.58 -7.64 5.67
N ILE A 139 -4.92 -7.54 4.39
CA ILE A 139 -4.49 -6.40 3.57
C ILE A 139 -5.08 -5.11 4.14
N LEU A 140 -4.30 -4.02 4.04
CA LEU A 140 -4.69 -2.65 4.25
C LEU A 140 -4.06 -1.84 3.13
N GLY A 141 -4.84 -1.21 2.22
CA GLY A 141 -4.25 -0.41 1.15
C GLY A 141 -5.10 0.80 0.80
N THR A 142 -4.61 1.65 -0.09
CA THR A 142 -5.33 2.84 -0.52
C THR A 142 -5.63 2.73 -2.01
N ILE A 143 -6.74 2.10 -2.38
CA ILE A 143 -7.19 2.03 -3.77
C ILE A 143 -7.86 3.35 -4.17
N PRO A 144 -7.25 4.16 -5.06
CA PRO A 144 -7.94 5.33 -5.58
C PRO A 144 -9.06 4.88 -6.51
N VAL A 145 -10.04 5.74 -6.73
CA VAL A 145 -11.10 5.47 -7.67
C VAL A 145 -10.51 5.45 -9.09
N PRO A 146 -11.13 4.72 -10.02
CA PRO A 146 -10.84 4.85 -11.44
C PRO A 146 -11.35 6.21 -11.89
N LYS A 147 -12.67 6.27 -12.09
CA LYS A 147 -13.51 7.28 -12.71
C LYS A 147 -14.72 6.51 -13.20
N GLY A 148 -14.48 5.54 -14.08
CA GLY A 148 -15.51 4.59 -14.47
C GLY A 148 -15.09 3.62 -15.53
N LYS A 149 -14.25 2.68 -15.13
CA LYS A 149 -13.88 1.41 -15.74
C LYS A 149 -13.15 0.61 -14.64
N PRO A 150 -12.82 -0.66 -14.84
CA PRO A 150 -11.90 -1.44 -14.04
C PRO A 150 -10.47 -0.90 -14.22
N LEU A 151 -9.54 -1.22 -13.33
CA LEU A 151 -8.12 -0.90 -13.48
C LEU A 151 -7.38 -2.17 -13.88
N ALA A 152 -6.08 -2.08 -14.17
CA ALA A 152 -5.22 -3.25 -14.42
C ALA A 152 -4.32 -3.58 -13.21
N LEU A 153 -4.66 -3.06 -12.03
CA LEU A 153 -4.07 -3.47 -10.74
C LEU A 153 -5.16 -3.46 -9.68
N VAL A 154 -5.87 -2.35 -9.53
CA VAL A 154 -6.88 -2.20 -8.47
C VAL A 154 -8.01 -3.20 -8.68
N GLU A 155 -8.22 -3.73 -9.89
CA GLU A 155 -9.10 -4.85 -10.17
C GLU A 155 -8.86 -6.01 -9.19
N GLU A 156 -7.61 -6.29 -8.86
CA GLU A 156 -7.20 -7.38 -8.00
C GLU A 156 -7.81 -7.25 -6.60
N ILE A 157 -8.14 -6.02 -6.20
CA ILE A 157 -8.75 -5.70 -4.93
C ILE A 157 -10.25 -5.44 -5.15
N ARG A 158 -10.63 -4.79 -6.26
CA ARG A 158 -12.03 -4.51 -6.58
C ARG A 158 -12.84 -5.79 -6.74
N ASN A 159 -12.20 -6.89 -7.15
CA ASN A 159 -12.78 -8.22 -7.23
C ASN A 159 -13.42 -8.60 -5.90
N ARG A 160 -12.71 -8.40 -4.79
CA ARG A 160 -13.21 -8.67 -3.46
C ARG A 160 -13.85 -7.39 -2.93
N LYS A 161 -15.08 -7.09 -3.38
CA LYS A 161 -15.90 -6.02 -2.83
C LYS A 161 -16.14 -6.21 -1.32
N ASP A 162 -15.83 -7.39 -0.79
CA ASP A 162 -15.79 -7.74 0.62
C ASP A 162 -14.96 -6.75 1.43
N VAL A 163 -13.81 -6.27 0.90
CA VAL A 163 -12.94 -5.27 1.51
C VAL A 163 -13.79 -4.08 1.98
N LYS A 164 -13.66 -3.65 3.24
CA LYS A 164 -14.23 -2.37 3.67
C LYS A 164 -13.56 -1.29 2.83
N VAL A 165 -14.24 -0.69 1.87
CA VAL A 165 -13.78 0.56 1.32
C VAL A 165 -14.27 1.66 2.24
N PHE A 166 -13.37 2.22 3.04
CA PHE A 166 -13.60 3.48 3.69
C PHE A 166 -13.45 4.58 2.64
N ASN A 167 -14.56 4.96 2.02
CA ASN A 167 -14.67 6.21 1.28
C ASN A 167 -14.46 7.32 2.31
N VAL A 168 -13.31 8.00 2.29
CA VAL A 168 -13.10 9.15 3.16
C VAL A 168 -14.08 10.24 2.73
N THR A 169 -14.34 11.25 3.55
CA THR A 169 -14.98 12.45 3.05
C THR A 169 -14.09 13.64 3.33
N LYS A 170 -14.26 14.68 2.51
CA LYS A 170 -13.82 16.05 2.74
C LYS A 170 -14.39 16.65 4.04
N GLU A 171 -15.18 15.91 4.82
CA GLU A 171 -15.61 16.33 6.15
C GLU A 171 -14.65 15.81 7.23
N ASN A 172 -14.11 14.60 7.08
CA ASN A 172 -13.54 13.78 8.17
C ASN A 172 -12.11 13.29 7.89
N ARG A 173 -11.48 13.76 6.80
CA ARG A 173 -10.28 13.19 6.20
C ARG A 173 -9.18 12.79 7.19
N ASN A 174 -8.71 13.69 8.05
CA ASN A 174 -7.60 13.40 8.94
C ASN A 174 -8.05 12.70 10.23
N HIS A 175 -9.24 12.09 10.26
CA HIS A 175 -9.81 11.44 11.44
C HIS A 175 -10.36 10.05 11.15
N LEU A 176 -10.05 9.39 10.02
CA LEU A 176 -10.65 8.07 9.78
C LEU A 176 -9.81 6.93 10.38
N LEU A 177 -8.56 7.18 10.77
CA LEU A 177 -7.65 6.26 11.49
C LEU A 177 -8.44 5.30 12.41
N PRO A 178 -9.19 5.76 13.43
CA PRO A 178 -9.82 4.85 14.39
C PRO A 178 -10.92 4.00 13.75
N ASP A 179 -11.57 4.47 12.70
CA ASP A 179 -12.63 3.73 12.01
C ASP A 179 -12.02 2.55 11.28
N ILE A 180 -10.85 2.73 10.67
CA ILE A 180 -10.07 1.63 10.12
C ILE A 180 -9.77 0.66 11.24
N VAL A 181 -9.10 1.08 12.32
CA VAL A 181 -8.75 0.19 13.42
C VAL A 181 -10.01 -0.48 14.02
N THR A 182 -11.19 0.12 13.95
CA THR A 182 -12.42 -0.50 14.40
C THR A 182 -12.82 -1.71 13.54
N CYS A 183 -12.48 -1.74 12.25
CA CYS A 183 -13.05 -2.72 11.31
C CYS A 183 -12.17 -3.95 11.29
N VAL A 184 -10.88 -3.72 11.46
CA VAL A 184 -9.89 -4.72 11.80
C VAL A 184 -10.22 -5.28 13.19
N GLN A 185 -10.18 -4.47 14.26
CA GLN A 185 -10.30 -5.03 15.61
C GLN A 185 -11.69 -5.60 15.92
N SER A 186 -12.71 -5.29 15.12
CA SER A 186 -14.02 -5.93 15.14
C SER A 186 -13.87 -7.46 15.11
N SER A 187 -12.90 -8.00 14.35
CA SER A 187 -12.65 -9.43 14.26
C SER A 187 -12.28 -10.04 15.63
N ARG A 188 -11.64 -9.26 16.51
CA ARG A 188 -11.18 -9.69 17.82
C ARG A 188 -12.26 -9.49 18.90
N LYS A 189 -13.41 -8.91 18.55
CA LYS A 189 -14.59 -8.91 19.40
C LYS A 189 -15.40 -10.12 18.93
N ALA A 1 -11.66 -7.27 10.20
CA ALA A 1 -12.91 -7.99 9.90
C ALA A 1 -12.78 -8.75 8.56
N ARG A 2 -12.64 -8.02 7.47
CA ARG A 2 -12.43 -8.53 6.12
C ARG A 2 -11.19 -7.82 5.59
N HIS A 3 -11.39 -6.86 4.70
CA HIS A 3 -10.32 -6.09 4.07
C HIS A 3 -10.73 -4.61 4.19
N VAL A 4 -9.79 -3.66 4.20
CA VAL A 4 -10.11 -2.24 4.29
C VAL A 4 -9.21 -1.47 3.35
N PHE A 5 -9.78 -0.46 2.69
CA PHE A 5 -9.07 0.43 1.79
C PHE A 5 -9.45 1.87 2.08
N LEU A 6 -8.50 2.78 1.88
CA LEU A 6 -8.80 4.19 1.65
C LEU A 6 -8.89 4.45 0.16
N THR A 7 -9.69 5.43 -0.22
CA THR A 7 -9.80 5.94 -1.58
C THR A 7 -10.20 7.41 -1.50
N GLY A 8 -10.35 8.04 -2.67
CA GLY A 8 -10.51 9.46 -2.83
C GLY A 8 -9.20 10.08 -3.32
N PRO A 9 -9.14 11.41 -3.48
CA PRO A 9 -8.06 12.08 -4.19
C PRO A 9 -6.70 11.90 -3.49
N PRO A 10 -5.65 11.33 -4.14
CA PRO A 10 -4.34 11.06 -3.54
C PRO A 10 -3.58 12.32 -3.17
N GLY A 11 -3.74 12.81 -1.94
CA GLY A 11 -3.10 14.02 -1.43
C GLY A 11 -2.44 13.79 -0.08
N VAL A 12 -1.29 13.10 -0.06
CA VAL A 12 -0.25 13.07 0.97
C VAL A 12 -0.75 13.49 2.37
N GLY A 13 -1.42 12.54 3.01
CA GLY A 13 -1.94 12.63 4.36
C GLY A 13 -2.60 11.31 4.74
N LYS A 14 -3.27 10.67 3.77
CA LYS A 14 -3.90 9.37 3.96
C LYS A 14 -2.91 8.26 4.33
N THR A 15 -1.68 8.29 3.80
CA THR A 15 -0.65 7.35 4.20
C THR A 15 -0.44 7.45 5.71
N THR A 16 -0.37 8.65 6.29
CA THR A 16 -0.19 8.79 7.74
C THR A 16 -1.24 8.02 8.52
N LEU A 17 -2.50 7.95 8.07
CA LEU A 17 -3.54 7.28 8.85
C LEU A 17 -3.34 5.76 8.81
N ILE A 18 -2.91 5.21 7.68
CA ILE A 18 -2.61 3.79 7.56
C ILE A 18 -1.31 3.49 8.32
N HIS A 19 -0.29 4.34 8.19
CA HIS A 19 0.98 4.22 8.88
C HIS A 19 0.74 4.19 10.39
N LYS A 20 0.00 5.18 10.91
CA LYS A 20 -0.45 5.16 12.29
C LYS A 20 -1.19 3.86 12.63
N ALA A 21 -2.10 3.38 11.78
CA ALA A 21 -2.83 2.16 12.09
C ALA A 21 -1.92 0.94 12.33
N SER A 22 -0.66 0.93 11.86
CA SER A 22 0.23 -0.21 12.07
C SER A 22 0.83 -0.15 13.46
N GLU A 23 1.41 0.99 13.82
CA GLU A 23 2.09 1.18 15.10
C GLU A 23 1.14 0.91 16.26
N VAL A 24 -0.14 1.20 16.06
CA VAL A 24 -1.23 0.92 17.00
C VAL A 24 -1.22 -0.58 17.28
N LEU A 25 -1.48 -1.41 16.26
CA LEU A 25 -1.53 -2.87 16.37
C LEU A 25 -0.26 -3.40 17.00
N LYS A 26 0.89 -2.83 16.63
CA LYS A 26 2.16 -3.35 17.12
C LYS A 26 2.28 -3.11 18.62
N SER A 27 1.93 -1.90 19.05
CA SER A 27 1.83 -1.53 20.47
C SER A 27 0.76 -2.39 21.16
N SER A 28 -0.34 -2.75 20.49
CA SER A 28 -1.34 -3.69 21.01
C SER A 28 -0.71 -5.07 21.27
N GLY A 29 0.14 -5.49 20.33
CA GLY A 29 0.84 -6.77 20.33
C GLY A 29 0.46 -7.64 19.15
N VAL A 30 -0.29 -7.11 18.19
CA VAL A 30 -0.65 -7.82 16.97
C VAL A 30 0.58 -7.79 16.05
N PRO A 31 0.99 -8.93 15.48
CA PRO A 31 2.04 -8.97 14.49
C PRO A 31 1.53 -8.31 13.20
N VAL A 32 2.39 -7.53 12.55
CA VAL A 32 2.08 -6.71 11.38
C VAL A 32 3.14 -6.99 10.32
N ASP A 33 2.82 -6.72 9.05
CA ASP A 33 3.83 -6.61 8.00
C ASP A 33 3.31 -5.85 6.79
N GLY A 34 4.17 -5.59 5.80
CA GLY A 34 3.83 -4.94 4.56
C GLY A 34 4.83 -3.84 4.22
N PHE A 35 4.41 -2.90 3.40
CA PHE A 35 5.18 -1.76 2.97
C PHE A 35 4.23 -0.57 2.77
N TYR A 36 4.79 0.64 2.73
CA TYR A 36 4.08 1.87 2.53
C TYR A 36 5.00 2.85 1.81
N THR A 37 4.58 3.40 0.68
CA THR A 37 5.43 4.20 -0.21
C THR A 37 5.45 5.66 0.29
N GLU A 38 6.11 5.97 1.41
CA GLU A 38 5.96 7.27 2.11
C GLU A 38 6.78 8.43 1.51
N GLU A 39 6.67 8.60 0.19
CA GLU A 39 7.37 9.61 -0.59
C GLU A 39 8.89 9.62 -0.35
N VAL A 40 9.51 10.60 -0.97
CA VAL A 40 10.72 11.19 -0.48
C VAL A 40 10.40 12.68 -0.40
N ARG A 41 9.96 13.14 0.76
CA ARG A 41 10.01 14.54 1.12
C ARG A 41 11.33 14.77 1.84
N GLN A 42 12.33 15.36 1.18
CA GLN A 42 13.47 15.88 1.92
C GLN A 42 13.02 17.22 2.49
N GLY A 43 12.72 17.31 3.78
CA GLY A 43 12.20 18.53 4.42
C GLY A 43 11.08 19.16 3.59
N GLY A 44 10.08 18.35 3.21
CA GLY A 44 8.92 18.78 2.46
C GLY A 44 9.11 18.96 0.95
N ARG A 45 10.34 19.00 0.41
CA ARG A 45 10.55 19.15 -1.04
C ARG A 45 10.10 17.87 -1.75
N ARG A 46 9.26 17.99 -2.79
CA ARG A 46 8.65 16.83 -3.43
C ARG A 46 9.53 16.22 -4.52
N ILE A 47 10.65 15.63 -4.10
CA ILE A 47 11.73 15.23 -5.01
C ILE A 47 11.58 13.80 -5.55
N GLY A 48 10.56 13.03 -5.15
CA GLY A 48 10.43 11.64 -5.58
C GLY A 48 9.63 10.82 -4.59
N PHE A 49 9.68 9.50 -4.73
CA PHE A 49 8.97 8.55 -3.88
C PHE A 49 9.91 7.40 -3.58
N ASP A 50 9.76 6.78 -2.40
CA ASP A 50 10.49 5.59 -1.99
C ASP A 50 9.44 4.65 -1.38
N VAL A 51 9.73 3.35 -1.41
CA VAL A 51 9.05 2.34 -0.62
C VAL A 51 9.57 2.46 0.83
N VAL A 52 8.81 2.05 1.85
CA VAL A 52 9.20 1.95 3.26
C VAL A 52 8.57 0.65 3.80
N THR A 53 9.10 -0.01 4.85
CA THR A 53 8.45 -1.20 5.46
C THR A 53 8.08 -0.92 6.91
N LEU A 54 7.40 -1.88 7.53
CA LEU A 54 7.17 -1.88 8.97
C LEU A 54 8.39 -2.39 9.77
N SER A 55 9.62 -2.36 9.21
CA SER A 55 10.85 -2.83 9.86
C SER A 55 12.00 -1.81 9.91
N GLY A 56 11.91 -0.70 9.17
CA GLY A 56 12.99 0.29 9.05
C GLY A 56 13.63 0.32 7.67
N THR A 57 13.22 -0.53 6.72
CA THR A 57 13.74 -0.52 5.36
C THR A 57 13.20 0.69 4.60
N ARG A 58 13.88 1.03 3.52
CA ARG A 58 13.44 1.94 2.47
C ARG A 58 13.70 1.24 1.13
N GLY A 59 13.10 1.71 0.03
CA GLY A 59 13.38 1.21 -1.31
C GLY A 59 13.33 2.35 -2.31
N PRO A 60 14.22 2.39 -3.31
CA PRO A 60 14.47 3.53 -4.18
C PRO A 60 13.45 3.59 -5.35
N LEU A 61 12.18 3.78 -5.01
CA LEU A 61 11.02 3.68 -5.91
C LEU A 61 11.18 4.60 -7.13
N SER A 62 11.24 5.92 -6.97
CA SER A 62 11.55 6.83 -8.07
C SER A 62 12.39 8.00 -7.56
N ARG A 63 13.21 8.58 -8.43
CA ARG A 63 13.96 9.79 -8.16
C ARG A 63 13.94 10.65 -9.42
N VAL A 64 14.37 11.90 -9.30
CA VAL A 64 14.49 12.80 -10.45
C VAL A 64 15.41 12.09 -11.45
N GLY A 65 14.96 12.00 -12.70
CA GLY A 65 15.67 11.22 -13.69
C GLY A 65 15.32 11.68 -15.10
N LEU A 66 15.30 13.00 -15.31
CA LEU A 66 14.91 13.67 -16.54
C LEU A 66 13.50 13.20 -16.94
N GLU A 67 13.09 13.44 -18.18
CA GLU A 67 11.90 12.87 -18.78
C GLU A 67 12.30 12.27 -20.14
N PRO A 68 11.57 11.27 -20.65
CA PRO A 68 12.05 10.41 -21.73
C PRO A 68 12.17 11.17 -23.04
N PRO A 69 13.35 11.16 -23.68
CA PRO A 69 13.54 11.77 -24.98
C PRO A 69 12.85 10.93 -26.07
N PRO A 70 12.62 11.52 -27.26
CA PRO A 70 11.99 10.80 -28.35
C PRO A 70 12.91 9.68 -28.83
N GLY A 71 12.35 8.50 -29.10
CA GLY A 71 13.10 7.35 -29.58
C GLY A 71 13.85 6.59 -28.48
N LYS A 72 13.81 7.04 -27.23
CA LYS A 72 14.18 6.25 -26.06
C LYS A 72 12.90 5.72 -25.43
N ARG A 73 13.00 4.70 -24.57
CA ARG A 73 11.95 4.35 -23.64
C ARG A 73 12.59 3.94 -22.33
N GLU A 74 11.93 4.26 -21.22
CA GLU A 74 12.19 3.74 -19.88
C GLU A 74 10.88 3.87 -19.08
N CYS A 75 10.83 3.55 -17.79
CA CYS A 75 9.69 3.92 -16.95
C CYS A 75 9.66 5.43 -16.73
N ARG A 76 8.51 5.96 -16.30
CA ARG A 76 8.31 7.38 -15.99
C ARG A 76 6.98 7.52 -15.28
N VAL A 77 6.92 8.28 -14.19
CA VAL A 77 5.67 8.55 -13.48
C VAL A 77 5.39 10.05 -13.44
N GLY A 78 6.08 10.83 -14.28
CA GLY A 78 5.99 12.28 -14.34
C GLY A 78 7.12 12.82 -13.48
N GLN A 79 8.09 13.50 -14.09
CA GLN A 79 9.29 14.06 -13.49
C GLN A 79 10.30 12.99 -13.02
N TYR A 80 9.86 12.01 -12.23
CA TYR A 80 10.65 10.93 -11.66
C TYR A 80 10.43 9.68 -12.52
N VAL A 81 11.36 8.73 -12.48
CA VAL A 81 11.25 7.44 -13.16
C VAL A 81 11.20 6.36 -12.09
N VAL A 82 10.13 5.55 -12.10
CA VAL A 82 9.90 4.47 -11.16
C VAL A 82 10.58 3.18 -11.63
N ASP A 83 10.62 2.13 -10.80
CA ASP A 83 11.33 0.90 -11.16
C ASP A 83 10.83 -0.34 -10.41
N LEU A 84 10.10 -1.28 -11.04
CA LEU A 84 9.54 -2.49 -10.40
C LEU A 84 10.53 -3.21 -9.48
N THR A 85 11.81 -3.24 -9.82
CA THR A 85 12.82 -3.86 -8.98
C THR A 85 12.91 -3.20 -7.60
N SER A 86 12.71 -1.89 -7.45
CA SER A 86 12.67 -1.26 -6.13
C SER A 86 11.58 -1.90 -5.26
N PHE A 87 10.43 -2.22 -5.86
CA PHE A 87 9.40 -2.98 -5.16
C PHE A 87 9.92 -4.36 -4.82
N GLU A 88 10.55 -5.06 -5.76
CA GLU A 88 11.07 -6.40 -5.53
C GLU A 88 11.98 -6.46 -4.29
N GLN A 89 12.66 -5.36 -3.96
CA GLN A 89 13.65 -5.38 -2.90
C GLN A 89 13.02 -5.53 -1.51
N LEU A 90 11.80 -5.04 -1.31
CA LEU A 90 11.12 -5.15 -0.02
C LEU A 90 9.64 -5.44 -0.18
N ALA A 91 8.95 -4.75 -1.09
CA ALA A 91 7.53 -4.89 -1.38
C ALA A 91 7.23 -6.14 -2.22
N LEU A 92 7.94 -7.25 -1.95
CA LEU A 92 7.77 -8.57 -2.55
C LEU A 92 7.70 -9.60 -1.43
N PRO A 93 8.75 -9.83 -0.61
CA PRO A 93 8.70 -10.83 0.46
C PRO A 93 7.64 -10.52 1.52
N VAL A 94 7.29 -9.25 1.71
CA VAL A 94 6.25 -8.82 2.64
C VAL A 94 4.87 -9.40 2.27
N LEU A 95 4.63 -9.74 1.00
CA LEU A 95 3.37 -10.35 0.56
C LEU A 95 3.28 -11.82 0.98
N ARG A 96 4.33 -12.40 1.59
CA ARG A 96 4.28 -13.72 2.19
C ARG A 96 4.93 -13.65 3.57
N ASN A 97 4.20 -13.03 4.48
CA ASN A 97 4.51 -13.04 5.90
C ASN A 97 3.90 -14.29 6.54
N ALA A 98 4.72 -15.03 7.30
CA ALA A 98 4.30 -16.12 8.18
C ALA A 98 4.89 -15.92 9.58
N ASP A 99 4.40 -16.65 10.58
CA ASP A 99 4.76 -16.54 11.99
C ASP A 99 4.20 -17.80 12.68
N CYS A 100 4.31 -17.88 14.02
CA CYS A 100 3.87 -18.92 14.96
C CYS A 100 4.29 -20.38 14.67
N SER A 101 5.03 -20.64 13.59
CA SER A 101 5.36 -21.95 13.00
C SER A 101 4.27 -22.38 11.99
N SER A 102 3.42 -21.44 11.57
CA SER A 102 2.34 -21.46 10.60
C SER A 102 1.06 -22.12 11.09
N GLY A 103 0.07 -21.25 11.32
CA GLY A 103 -1.16 -21.57 12.02
C GLY A 103 -2.03 -20.32 12.17
N PRO A 104 -2.85 -20.24 13.23
CA PRO A 104 -3.73 -19.11 13.54
C PRO A 104 -2.95 -17.81 13.70
N GLY A 105 -3.68 -16.69 13.78
CA GLY A 105 -3.10 -15.36 13.80
C GLY A 105 -3.36 -14.79 12.42
N GLN A 106 -4.30 -13.86 12.34
CA GLN A 106 -4.48 -13.06 11.14
C GLN A 106 -3.26 -12.17 10.91
N ARG A 107 -2.99 -11.83 9.65
CA ARG A 107 -1.82 -11.05 9.24
C ARG A 107 -2.26 -9.73 8.65
N VAL A 108 -2.25 -8.64 9.39
CA VAL A 108 -2.50 -7.34 8.78
C VAL A 108 -1.36 -7.11 7.78
N CYS A 109 -1.70 -7.14 6.49
CA CYS A 109 -0.76 -6.91 5.41
C CYS A 109 -1.06 -5.56 4.81
N VAL A 110 -0.15 -4.65 5.10
CA VAL A 110 -0.18 -3.27 4.63
C VAL A 110 0.29 -3.25 3.18
N ILE A 111 -0.49 -2.63 2.29
CA ILE A 111 -0.20 -2.50 0.90
C ILE A 111 -0.67 -1.08 0.58
N ASP A 112 0.04 -0.04 0.98
CA ASP A 112 -0.42 1.33 0.72
C ASP A 112 -0.17 1.71 -0.75
N GLU A 113 -0.63 2.89 -1.18
CA GLU A 113 -0.35 3.55 -2.45
C GLU A 113 -0.36 2.62 -3.68
N ILE A 114 -1.53 2.08 -4.03
CA ILE A 114 -1.69 1.20 -5.19
C ILE A 114 -1.94 1.99 -6.49
N GLY A 115 -1.99 3.32 -6.45
CA GLY A 115 -2.25 4.14 -7.63
C GLY A 115 -1.04 4.29 -8.55
N LYS A 116 0.08 4.87 -8.09
CA LYS A 116 1.09 5.41 -9.01
C LYS A 116 1.61 4.42 -10.04
N MET A 117 1.85 3.16 -9.64
CA MET A 117 2.44 2.16 -10.51
C MET A 117 1.45 1.54 -11.49
N GLU A 118 0.15 1.85 -11.43
CA GLU A 118 -0.95 1.07 -12.02
C GLU A 118 -0.67 0.51 -13.42
N LEU A 119 -0.05 1.29 -14.30
CA LEU A 119 0.32 0.88 -15.64
C LEU A 119 1.41 -0.19 -15.61
N PHE A 120 2.57 0.16 -15.05
CA PHE A 120 3.78 -0.66 -15.00
C PHE A 120 3.56 -1.94 -14.18
N SER A 121 2.68 -1.85 -13.19
CA SER A 121 2.32 -2.83 -12.20
C SER A 121 2.26 -4.22 -12.82
N GLN A 122 3.26 -5.05 -12.49
CA GLN A 122 3.43 -6.38 -13.05
C GLN A 122 3.60 -7.38 -11.90
N LEU A 123 4.79 -7.44 -11.31
CA LEU A 123 5.09 -8.32 -10.17
C LEU A 123 4.12 -8.07 -9.04
N PHE A 124 3.64 -6.83 -8.89
CA PHE A 124 2.69 -6.40 -7.89
C PHE A 124 1.45 -7.29 -7.89
N ILE A 125 0.68 -7.39 -8.98
CA ILE A 125 -0.42 -8.28 -9.17
C ILE A 125 -0.12 -9.67 -8.62
N GLN A 126 0.94 -10.33 -9.09
CA GLN A 126 1.20 -11.71 -8.69
C GLN A 126 1.52 -11.78 -7.20
N ALA A 127 2.40 -10.89 -6.77
CA ALA A 127 2.90 -10.93 -5.42
C ALA A 127 1.77 -10.67 -4.43
N VAL A 128 1.01 -9.61 -4.63
CA VAL A 128 -0.08 -9.25 -3.73
C VAL A 128 -1.14 -10.35 -3.72
N ARG A 129 -1.31 -11.05 -4.85
CA ARG A 129 -2.15 -12.24 -4.92
C ARG A 129 -1.77 -13.30 -3.89
N GLN A 130 -0.49 -13.46 -3.57
CA GLN A 130 -0.03 -14.42 -2.55
C GLN A 130 -0.69 -14.14 -1.20
N THR A 131 -0.84 -12.86 -0.87
CA THR A 131 -1.53 -12.40 0.33
C THR A 131 -3.04 -12.45 0.13
N LEU A 132 -3.58 -12.01 -1.01
CA LEU A 132 -5.03 -11.99 -1.30
C LEU A 132 -5.63 -13.40 -1.37
N SER A 133 -4.81 -14.45 -1.54
CA SER A 133 -5.25 -15.83 -1.47
C SER A 133 -5.32 -16.33 -0.04
N THR A 134 -4.63 -15.72 0.92
CA THR A 134 -4.71 -16.18 2.29
C THR A 134 -5.90 -15.46 2.95
N PRO A 135 -6.77 -16.19 3.67
CA PRO A 135 -7.90 -15.61 4.37
C PRO A 135 -7.48 -14.98 5.70
N GLY A 136 -6.39 -15.49 6.29
CA GLY A 136 -5.86 -14.98 7.53
C GLY A 136 -5.29 -13.57 7.35
N THR A 137 -4.69 -13.24 6.21
CA THR A 137 -4.15 -11.91 5.98
C THR A 137 -5.29 -10.88 5.91
N ILE A 138 -5.05 -9.62 6.30
CA ILE A 138 -6.06 -8.57 6.34
C ILE A 138 -5.45 -7.48 5.48
N ILE A 139 -6.01 -7.30 4.28
CA ILE A 139 -5.50 -6.30 3.35
C ILE A 139 -5.84 -4.94 3.93
N LEU A 140 -4.85 -4.07 3.92
CA LEU A 140 -4.95 -2.74 4.50
C LEU A 140 -4.18 -1.77 3.61
N GLY A 141 -4.88 -1.05 2.72
CA GLY A 141 -4.23 -0.28 1.67
C GLY A 141 -4.96 1.00 1.28
N THR A 142 -4.47 1.63 0.21
CA THR A 142 -5.07 2.84 -0.40
C THR A 142 -5.10 2.79 -1.94
N ILE A 143 -6.30 2.69 -2.52
CA ILE A 143 -6.52 2.55 -3.97
C ILE A 143 -7.11 3.83 -4.56
N PRO A 144 -6.90 4.12 -5.86
CA PRO A 144 -7.56 5.24 -6.51
C PRO A 144 -9.06 4.98 -6.69
N VAL A 145 -9.82 6.06 -6.87
CA VAL A 145 -11.22 5.98 -7.29
C VAL A 145 -11.30 5.48 -8.74
N PRO A 146 -12.37 4.77 -9.10
CA PRO A 146 -12.54 4.24 -10.44
C PRO A 146 -13.01 5.36 -11.37
N LYS A 147 -12.10 5.86 -12.19
CA LYS A 147 -12.40 6.96 -13.11
C LYS A 147 -13.05 6.41 -14.37
N GLY A 148 -12.31 5.58 -15.11
CA GLY A 148 -12.70 5.03 -16.39
C GLY A 148 -12.13 3.63 -16.49
N LYS A 149 -13.00 2.61 -16.39
CA LYS A 149 -12.67 1.18 -16.34
C LYS A 149 -11.90 0.82 -15.05
N PRO A 150 -11.75 -0.48 -14.78
CA PRO A 150 -10.80 -1.02 -13.80
C PRO A 150 -9.37 -0.57 -14.11
N LEU A 151 -8.43 -0.80 -13.19
CA LEU A 151 -7.00 -0.58 -13.34
C LEU A 151 -6.32 -1.90 -12.98
N ALA A 152 -5.12 -2.19 -13.49
CA ALA A 152 -4.51 -3.52 -13.47
C ALA A 152 -4.33 -4.15 -12.08
N LEU A 153 -3.85 -3.38 -11.09
CA LEU A 153 -3.76 -3.87 -9.70
C LEU A 153 -5.14 -3.73 -9.03
N VAL A 154 -5.92 -2.71 -9.39
CA VAL A 154 -7.24 -2.49 -8.81
C VAL A 154 -8.19 -3.65 -9.20
N GLU A 155 -7.90 -4.38 -10.27
CA GLU A 155 -8.50 -5.65 -10.64
C GLU A 155 -8.24 -6.67 -9.53
N GLU A 156 -6.98 -6.92 -9.19
CA GLU A 156 -6.56 -7.84 -8.11
C GLU A 156 -7.26 -7.51 -6.80
N ILE A 157 -7.39 -6.23 -6.44
CA ILE A 157 -8.03 -5.85 -5.18
C ILE A 157 -9.55 -6.03 -5.29
N ARG A 158 -10.17 -5.46 -6.33
CA ARG A 158 -11.62 -5.38 -6.45
C ARG A 158 -12.24 -6.78 -6.42
N ASN A 159 -11.47 -7.81 -6.80
CA ASN A 159 -11.87 -9.20 -6.75
C ASN A 159 -12.31 -9.62 -5.34
N ARG A 160 -11.82 -8.95 -4.29
CA ARG A 160 -12.27 -9.22 -2.93
C ARG A 160 -13.72 -8.84 -2.73
N LYS A 161 -14.19 -7.76 -3.35
CA LYS A 161 -15.46 -7.04 -3.14
C LYS A 161 -15.72 -6.59 -1.70
N ASP A 162 -15.61 -7.47 -0.72
CA ASP A 162 -15.83 -7.22 0.70
C ASP A 162 -14.67 -6.41 1.30
N VAL A 163 -14.19 -5.40 0.58
CA VAL A 163 -13.32 -4.37 1.09
C VAL A 163 -14.22 -3.28 1.66
N LYS A 164 -13.92 -2.78 2.86
CA LYS A 164 -14.52 -1.54 3.35
C LYS A 164 -13.85 -0.42 2.57
N VAL A 165 -14.58 0.25 1.70
CA VAL A 165 -14.07 1.36 0.92
C VAL A 165 -14.33 2.62 1.75
N PHE A 166 -13.39 3.00 2.60
CA PHE A 166 -13.40 4.30 3.25
C PHE A 166 -12.99 5.36 2.22
N ASN A 167 -13.88 6.31 1.94
CA ASN A 167 -13.59 7.50 1.14
C ASN A 167 -12.99 8.54 2.06
N VAL A 168 -11.67 8.56 2.24
CA VAL A 168 -11.03 9.59 3.04
C VAL A 168 -11.32 10.95 2.41
N THR A 169 -11.51 11.97 3.21
CA THR A 169 -11.59 13.33 2.72
C THR A 169 -10.49 14.13 3.41
N LYS A 170 -9.95 15.12 2.72
CA LYS A 170 -9.10 16.15 3.33
C LYS A 170 -9.79 16.87 4.50
N GLU A 171 -11.11 16.72 4.65
CA GLU A 171 -11.85 17.33 5.75
C GLU A 171 -11.71 16.45 6.98
N ASN A 172 -12.09 15.17 6.89
CA ASN A 172 -12.18 14.27 8.04
C ASN A 172 -10.91 13.42 8.19
N ARG A 173 -9.89 13.67 7.36
CA ARG A 173 -8.65 12.88 7.22
C ARG A 173 -8.23 12.23 8.54
N ASN A 174 -8.03 13.02 9.59
CA ASN A 174 -7.40 12.59 10.84
C ASN A 174 -8.37 11.92 11.81
N HIS A 175 -9.61 11.71 11.41
CA HIS A 175 -10.58 10.83 12.08
C HIS A 175 -10.62 9.44 11.47
N LEU A 176 -10.10 9.24 10.25
CA LEU A 176 -10.35 7.97 9.59
C LEU A 176 -9.41 6.87 10.10
N LEU A 177 -8.24 7.22 10.62
CA LEU A 177 -7.31 6.26 11.21
C LEU A 177 -8.07 5.33 12.20
N PRO A 178 -8.77 5.80 13.25
CA PRO A 178 -9.49 4.92 14.18
C PRO A 178 -10.69 4.20 13.56
N ASP A 179 -11.24 4.70 12.46
CA ASP A 179 -12.35 4.05 11.75
C ASP A 179 -11.84 2.78 11.08
N ILE A 180 -10.66 2.88 10.45
CA ILE A 180 -9.98 1.76 9.83
C ILE A 180 -9.52 0.78 10.92
N VAL A 181 -8.90 1.25 12.01
CA VAL A 181 -8.58 0.44 13.20
C VAL A 181 -9.83 -0.32 13.64
N THR A 182 -10.98 0.35 13.78
CA THR A 182 -12.21 -0.29 14.23
C THR A 182 -12.55 -1.43 13.28
N CYS A 183 -12.58 -1.16 11.97
CA CYS A 183 -12.91 -2.17 10.99
C CYS A 183 -11.90 -3.33 10.97
N VAL A 184 -10.65 -3.10 11.36
CA VAL A 184 -9.64 -4.15 11.53
C VAL A 184 -10.01 -4.95 12.78
N GLN A 185 -9.91 -4.35 13.98
CA GLN A 185 -10.07 -5.04 15.28
C GLN A 185 -11.38 -5.80 15.39
N SER A 186 -12.37 -5.38 14.59
CA SER A 186 -13.71 -5.90 14.56
C SER A 186 -13.72 -7.43 14.59
N SER A 187 -12.82 -8.07 13.84
CA SER A 187 -12.89 -9.48 13.46
C SER A 187 -14.34 -9.75 13.00
N ARG A 188 -15.16 -10.31 13.88
CA ARG A 188 -16.60 -10.45 13.77
C ARG A 188 -17.36 -9.16 13.42
N LYS A 189 -17.21 -8.11 14.23
CA LYS A 189 -18.28 -7.15 14.47
C LYS A 189 -18.39 -6.09 13.39
N ALA A 1 -10.05 -13.25 8.70
CA ALA A 1 -11.18 -13.20 7.78
C ALA A 1 -10.89 -12.24 6.62
N ARG A 2 -11.11 -10.93 6.78
CA ARG A 2 -11.43 -10.03 5.68
C ARG A 2 -10.57 -8.77 5.70
N HIS A 3 -10.64 -7.95 4.64
CA HIS A 3 -9.70 -6.85 4.39
C HIS A 3 -10.47 -5.52 4.33
N VAL A 4 -9.73 -4.42 4.21
CA VAL A 4 -10.22 -3.04 4.19
C VAL A 4 -9.33 -2.32 3.16
N PHE A 5 -9.91 -1.39 2.41
CA PHE A 5 -9.20 -0.52 1.50
C PHE A 5 -9.81 0.88 1.58
N LEU A 6 -8.95 1.87 1.33
CA LEU A 6 -9.24 3.28 1.50
C LEU A 6 -9.38 3.90 0.14
N THR A 7 -10.31 4.83 0.02
CA THR A 7 -10.56 5.49 -1.23
C THR A 7 -11.22 6.85 -1.01
N GLY A 8 -11.69 7.47 -2.09
CA GLY A 8 -12.29 8.79 -2.11
C GLY A 8 -11.38 9.77 -2.84
N PRO A 9 -11.73 11.07 -2.86
CA PRO A 9 -10.90 12.10 -3.48
C PRO A 9 -9.64 12.33 -2.64
N PRO A 10 -8.58 12.94 -3.19
CA PRO A 10 -7.33 13.15 -2.46
C PRO A 10 -7.53 14.18 -1.35
N GLY A 11 -6.88 13.93 -0.20
CA GLY A 11 -7.15 14.61 1.06
C GLY A 11 -5.90 15.03 1.82
N VAL A 12 -4.70 15.07 1.21
CA VAL A 12 -3.41 15.38 1.79
C VAL A 12 -3.12 14.71 3.16
N GLY A 13 -3.62 13.49 3.34
CA GLY A 13 -3.48 12.74 4.58
C GLY A 13 -3.70 11.24 4.39
N LYS A 14 -3.58 10.71 3.18
CA LYS A 14 -3.86 9.30 2.92
C LYS A 14 -2.94 8.42 3.78
N THR A 15 -1.65 8.41 3.46
CA THR A 15 -0.67 7.63 4.20
C THR A 15 -0.61 8.10 5.66
N THR A 16 -0.86 9.37 5.97
CA THR A 16 -0.91 9.89 7.33
C THR A 16 -1.89 9.04 8.15
N LEU A 17 -3.12 8.84 7.67
CA LEU A 17 -4.11 8.05 8.39
C LEU A 17 -3.65 6.61 8.54
N ILE A 18 -3.18 5.98 7.47
CA ILE A 18 -2.82 4.56 7.53
C ILE A 18 -1.62 4.34 8.45
N HIS A 19 -0.56 5.14 8.35
CA HIS A 19 0.60 4.98 9.24
C HIS A 19 0.11 5.11 10.66
N LYS A 20 -0.73 6.11 10.89
CA LYS A 20 -1.24 6.34 12.22
C LYS A 20 -2.10 5.17 12.69
N ALA A 21 -2.69 4.38 11.78
CA ALA A 21 -3.48 3.20 12.07
C ALA A 21 -2.57 2.00 12.34
N SER A 22 -1.47 1.88 11.59
CA SER A 22 -0.53 0.80 11.69
C SER A 22 0.06 0.88 13.09
N GLU A 23 0.59 2.06 13.46
CA GLU A 23 1.35 2.26 14.68
C GLU A 23 0.59 1.92 15.96
N VAL A 24 -0.71 2.18 15.98
CA VAL A 24 -1.57 1.87 17.12
C VAL A 24 -1.54 0.37 17.39
N LEU A 25 -1.71 -0.45 16.36
CA LEU A 25 -1.62 -1.87 16.47
C LEU A 25 -0.16 -2.25 16.73
N LYS A 26 0.82 -1.59 16.08
CA LYS A 26 2.25 -1.92 16.22
C LYS A 26 2.66 -1.84 17.68
N SER A 27 2.28 -0.71 18.29
CA SER A 27 2.37 -0.42 19.71
C SER A 27 1.76 -1.60 20.46
N SER A 28 0.54 -1.98 20.06
CA SER A 28 -0.21 -3.14 20.52
C SER A 28 0.36 -4.52 20.16
N GLY A 29 1.62 -4.59 19.76
CA GLY A 29 2.36 -5.83 19.56
C GLY A 29 1.73 -6.72 18.50
N VAL A 30 0.90 -6.16 17.63
CA VAL A 30 0.33 -6.84 16.50
C VAL A 30 1.48 -7.40 15.62
N PRO A 31 1.31 -8.52 14.91
CA PRO A 31 2.16 -8.84 13.78
C PRO A 31 1.65 -8.10 12.53
N VAL A 32 2.40 -7.11 12.05
CA VAL A 32 2.15 -6.47 10.75
C VAL A 32 3.25 -6.91 9.77
N ASP A 33 3.11 -6.57 8.49
CA ASP A 33 4.13 -6.61 7.43
C ASP A 33 3.64 -5.63 6.36
N GLY A 34 4.44 -5.35 5.35
CA GLY A 34 4.07 -4.59 4.16
C GLY A 34 5.09 -3.50 3.95
N PHE A 35 4.73 -2.46 3.21
CA PHE A 35 5.63 -1.32 3.00
C PHE A 35 4.86 0.00 3.01
N TYR A 36 5.58 1.13 3.03
CA TYR A 36 4.96 2.40 2.73
C TYR A 36 5.90 3.16 1.80
N THR A 37 5.41 4.23 1.17
CA THR A 37 6.20 5.08 0.30
C THR A 37 6.01 6.49 0.85
N GLU A 38 6.76 6.79 1.90
CA GLU A 38 6.88 8.16 2.35
C GLU A 38 7.76 8.92 1.35
N GLU A 39 7.59 10.23 1.28
CA GLU A 39 8.41 11.08 0.46
C GLU A 39 9.80 11.19 1.08
N VAL A 40 10.82 10.88 0.27
CA VAL A 40 12.22 11.06 0.59
C VAL A 40 12.55 12.54 0.35
N ARG A 41 13.13 13.20 1.35
CA ARG A 41 13.59 14.58 1.28
C ARG A 41 15.03 14.68 1.75
N GLN A 42 15.65 15.83 1.47
CA GLN A 42 17.02 16.16 1.82
C GLN A 42 17.10 17.61 2.30
N GLY A 43 16.03 18.15 2.90
CA GLY A 43 15.92 19.58 3.20
C GLY A 43 14.48 20.07 3.36
N GLY A 44 13.52 19.31 2.81
CA GLY A 44 12.17 19.75 2.54
C GLY A 44 11.81 19.50 1.07
N ARG A 45 12.81 19.34 0.19
CA ARG A 45 12.60 19.13 -1.23
C ARG A 45 12.09 17.72 -1.43
N ARG A 46 11.14 17.54 -2.33
CA ARG A 46 10.89 16.22 -2.90
C ARG A 46 12.07 15.83 -3.77
N ILE A 47 12.51 14.59 -3.62
CA ILE A 47 13.48 13.94 -4.50
C ILE A 47 13.04 12.54 -4.90
N GLY A 48 11.90 12.05 -4.39
CA GLY A 48 11.36 10.78 -4.80
C GLY A 48 10.65 10.10 -3.64
N PHE A 49 10.53 8.79 -3.77
CA PHE A 49 9.89 7.87 -2.85
C PHE A 49 10.74 6.62 -2.83
N ASP A 50 11.01 6.09 -1.64
CA ASP A 50 11.59 4.77 -1.42
C ASP A 50 10.52 3.88 -0.78
N VAL A 51 10.70 2.56 -0.78
CA VAL A 51 9.65 1.62 -0.41
C VAL A 51 10.08 0.92 0.88
N VAL A 52 9.47 1.30 2.00
CA VAL A 52 10.02 1.05 3.33
C VAL A 52 9.19 -0.02 4.02
N THR A 53 9.80 -1.18 4.24
CA THR A 53 9.13 -2.27 4.92
C THR A 53 8.90 -1.89 6.38
N LEU A 54 7.85 -2.46 6.96
CA LEU A 54 7.58 -2.37 8.39
C LEU A 54 8.63 -3.15 9.21
N SER A 55 9.58 -3.84 8.56
CA SER A 55 10.61 -4.66 9.17
C SER A 55 12.01 -4.02 9.01
N GLY A 56 12.09 -2.73 8.73
CA GLY A 56 13.31 -1.95 8.95
C GLY A 56 14.11 -1.63 7.69
N THR A 57 13.64 -2.05 6.52
CA THR A 57 14.39 -2.01 5.27
C THR A 57 13.68 -1.05 4.31
N ARG A 58 14.32 -0.63 3.21
CA ARG A 58 13.84 0.45 2.34
C ARG A 58 14.40 0.23 0.95
N GLY A 59 13.64 0.52 -0.11
CA GLY A 59 14.07 0.23 -1.47
C GLY A 59 14.05 1.48 -2.34
N PRO A 60 15.01 1.66 -3.25
CA PRO A 60 15.15 2.80 -4.16
C PRO A 60 14.11 2.83 -5.30
N LEU A 61 12.82 2.97 -4.94
CA LEU A 61 11.65 2.93 -5.84
C LEU A 61 11.71 4.01 -6.92
N SER A 62 11.76 5.29 -6.59
CA SER A 62 12.02 6.32 -7.59
C SER A 62 12.81 7.45 -6.93
N ARG A 63 13.79 8.03 -7.61
CA ARG A 63 14.71 8.96 -6.96
C ARG A 63 15.33 9.91 -7.98
N VAL A 64 14.50 10.76 -8.58
CA VAL A 64 14.88 11.60 -9.73
C VAL A 64 15.35 10.66 -10.87
N GLY A 65 16.22 11.14 -11.76
CA GLY A 65 16.61 10.59 -13.04
C GLY A 65 16.59 11.74 -14.06
N LEU A 66 17.54 11.79 -14.99
CA LEU A 66 17.31 12.46 -16.26
C LEU A 66 16.20 11.70 -16.97
N GLU A 67 15.38 12.41 -17.74
CA GLU A 67 14.27 11.75 -18.40
C GLU A 67 14.80 10.76 -19.46
N PRO A 68 14.09 9.65 -19.66
CA PRO A 68 14.62 8.55 -20.46
C PRO A 68 14.66 8.95 -21.95
N PRO A 69 15.82 8.79 -22.60
CA PRO A 69 16.03 9.22 -23.99
C PRO A 69 15.28 8.29 -24.95
N PRO A 70 15.17 8.62 -26.25
CA PRO A 70 14.41 7.81 -27.21
C PRO A 70 15.01 6.41 -27.47
N GLY A 71 16.15 6.07 -26.85
CA GLY A 71 16.77 4.76 -26.92
C GLY A 71 16.70 3.97 -25.60
N LYS A 72 16.02 4.46 -24.55
CA LYS A 72 15.88 3.75 -23.28
C LYS A 72 14.54 4.08 -22.66
N ARG A 73 14.04 3.21 -21.78
CA ARG A 73 12.99 3.57 -20.85
C ARG A 73 13.08 2.66 -19.64
N GLU A 74 12.56 3.16 -18.52
CA GLU A 74 12.50 2.50 -17.23
C GLU A 74 11.24 3.01 -16.49
N CYS A 75 10.24 3.44 -17.28
CA CYS A 75 9.08 4.22 -16.88
C CYS A 75 9.46 5.52 -16.18
N ARG A 76 8.46 6.31 -15.77
CA ARG A 76 8.63 7.44 -14.87
C ARG A 76 7.28 7.90 -14.34
N VAL A 77 7.33 8.79 -13.37
CA VAL A 77 6.16 9.43 -12.78
C VAL A 77 6.38 10.94 -12.82
N GLY A 78 6.18 11.53 -13.99
CA GLY A 78 6.71 12.85 -14.28
C GLY A 78 8.23 12.84 -14.06
N GLN A 79 8.72 13.56 -13.05
CA GLN A 79 10.14 13.83 -12.95
C GLN A 79 10.99 12.66 -12.42
N TYR A 80 10.47 11.75 -11.58
CA TYR A 80 11.28 10.68 -11.05
C TYR A 80 11.12 9.49 -11.99
N VAL A 81 12.18 8.71 -12.15
CA VAL A 81 12.14 7.43 -12.84
C VAL A 81 11.95 6.37 -11.76
N VAL A 82 11.09 5.37 -11.99
CA VAL A 82 10.87 4.27 -11.08
C VAL A 82 11.86 3.15 -11.37
N ASP A 83 11.80 2.10 -10.56
CA ASP A 83 12.31 0.80 -10.94
C ASP A 83 11.45 -0.26 -10.24
N LEU A 84 10.67 -1.05 -10.96
CA LEU A 84 9.82 -2.10 -10.35
C LEU A 84 10.65 -3.19 -9.68
N THR A 85 11.86 -3.37 -10.14
CA THR A 85 12.86 -4.22 -9.53
C THR A 85 13.08 -3.79 -8.07
N SER A 86 12.94 -2.51 -7.72
CA SER A 86 13.01 -2.07 -6.33
C SER A 86 11.88 -2.70 -5.52
N PHE A 87 10.68 -2.87 -6.09
CA PHE A 87 9.63 -3.61 -5.44
C PHE A 87 10.07 -5.07 -5.27
N GLU A 88 10.53 -5.71 -6.34
CA GLU A 88 10.96 -7.11 -6.33
C GLU A 88 12.10 -7.39 -5.33
N GLN A 89 12.84 -6.39 -4.87
CA GLN A 89 13.88 -6.54 -3.85
C GLN A 89 13.26 -6.96 -2.51
N LEU A 90 12.33 -6.18 -1.99
CA LEU A 90 11.83 -6.26 -0.61
C LEU A 90 10.30 -6.33 -0.55
N ALA A 91 9.60 -5.66 -1.46
CA ALA A 91 8.15 -5.74 -1.62
C ALA A 91 7.82 -7.03 -2.39
N LEU A 92 8.40 -8.15 -1.98
CA LEU A 92 8.25 -9.49 -2.53
C LEU A 92 8.31 -10.48 -1.38
N PRO A 93 9.41 -10.60 -0.59
CA PRO A 93 9.41 -11.43 0.61
C PRO A 93 8.48 -10.89 1.72
N VAL A 94 8.14 -9.61 1.71
CA VAL A 94 7.23 -9.02 2.68
C VAL A 94 5.79 -9.53 2.50
N LEU A 95 5.37 -9.79 1.26
CA LEU A 95 3.97 -10.05 0.94
C LEU A 95 3.54 -11.34 1.62
N ARG A 96 4.22 -12.45 1.30
CA ARG A 96 4.02 -13.72 1.96
C ARG A 96 5.29 -14.00 2.73
N ASN A 97 5.35 -13.50 3.96
CA ASN A 97 6.45 -13.76 4.84
C ASN A 97 6.52 -15.25 5.14
N ALA A 98 7.76 -15.75 5.25
CA ALA A 98 8.13 -17.12 5.57
C ALA A 98 7.12 -18.10 5.01
N ASP A 99 6.43 -18.80 5.89
CA ASP A 99 5.22 -19.50 5.52
C ASP A 99 4.17 -19.26 6.61
N CYS A 100 4.29 -19.92 7.77
CA CYS A 100 3.65 -19.47 9.00
C CYS A 100 4.36 -20.07 10.21
N SER A 101 4.50 -21.40 10.23
CA SER A 101 5.04 -22.16 11.36
C SER A 101 4.36 -21.77 12.69
N SER A 102 3.04 -21.56 12.67
CA SER A 102 2.23 -21.22 13.83
C SER A 102 0.78 -21.66 13.58
N GLY A 103 0.06 -20.92 12.74
CA GLY A 103 -1.35 -21.11 12.43
C GLY A 103 -2.06 -19.78 12.67
N PRO A 104 -3.01 -19.68 13.62
CA PRO A 104 -3.69 -18.42 13.92
C PRO A 104 -2.73 -17.40 14.56
N GLY A 105 -3.25 -16.19 14.75
CA GLY A 105 -2.51 -14.98 15.07
C GLY A 105 -3.13 -13.82 14.28
N GLN A 106 -3.29 -14.03 12.97
CA GLN A 106 -3.72 -13.08 11.93
C GLN A 106 -2.75 -11.92 11.77
N ARG A 107 -2.16 -11.78 10.58
CA ARG A 107 -1.26 -10.69 10.23
C ARG A 107 -2.05 -9.51 9.68
N VAL A 108 -1.42 -8.35 9.55
CA VAL A 108 -1.86 -7.28 8.66
C VAL A 108 -0.85 -7.27 7.51
N CYS A 109 -1.27 -6.72 6.37
CA CYS A 109 -0.36 -6.32 5.32
C CYS A 109 -0.73 -4.91 4.88
N VAL A 110 0.25 -4.18 4.35
CA VAL A 110 0.14 -2.74 4.13
C VAL A 110 0.66 -2.42 2.74
N ILE A 111 -0.18 -1.83 1.89
CA ILE A 111 0.06 -1.62 0.47
C ILE A 111 -0.58 -0.28 0.13
N ASP A 112 0.16 0.80 0.31
CA ASP A 112 -0.37 2.16 0.24
C ASP A 112 0.01 2.80 -1.11
N GLU A 113 -0.45 4.02 -1.41
CA GLU A 113 -0.07 4.78 -2.62
C GLU A 113 -0.34 3.99 -3.92
N ILE A 114 -1.46 3.26 -4.02
CA ILE A 114 -1.75 2.40 -5.17
C ILE A 114 -2.33 3.27 -6.32
N GLY A 115 -1.59 4.27 -6.81
CA GLY A 115 -2.06 5.23 -7.81
C GLY A 115 -1.24 5.21 -9.09
N LYS A 116 0.07 5.39 -8.96
CA LYS A 116 0.99 5.53 -10.10
C LYS A 116 1.31 4.22 -10.79
N MET A 117 0.65 3.11 -10.46
CA MET A 117 1.00 1.78 -10.95
C MET A 117 -0.14 1.23 -11.83
N GLU A 118 -1.08 2.08 -12.25
CA GLU A 118 -2.16 1.83 -13.20
C GLU A 118 -1.72 0.98 -14.39
N LEU A 119 -0.53 1.25 -14.95
CA LEU A 119 0.03 0.52 -16.08
C LEU A 119 1.32 -0.19 -15.69
N PHE A 120 1.96 0.17 -14.58
CA PHE A 120 3.29 -0.33 -14.25
C PHE A 120 3.20 -1.52 -13.28
N SER A 121 2.04 -1.77 -12.67
CA SER A 121 1.82 -2.97 -11.90
C SER A 121 1.98 -4.21 -12.78
N GLN A 122 3.13 -4.89 -12.70
CA GLN A 122 3.26 -6.27 -13.13
C GLN A 122 3.19 -7.15 -11.89
N LEU A 123 4.29 -7.23 -11.14
CA LEU A 123 4.43 -8.10 -9.98
C LEU A 123 3.36 -7.86 -8.92
N PHE A 124 2.77 -6.66 -8.86
CA PHE A 124 1.68 -6.30 -7.95
C PHE A 124 0.52 -7.30 -8.02
N ILE A 125 -0.27 -7.35 -9.09
CA ILE A 125 -1.34 -8.30 -9.32
C ILE A 125 -1.05 -9.66 -8.69
N GLN A 126 0.09 -10.24 -9.01
CA GLN A 126 0.46 -11.55 -8.51
C GLN A 126 0.81 -11.50 -7.02
N ALA A 127 1.84 -10.76 -6.63
CA ALA A 127 2.40 -10.86 -5.30
C ALA A 127 1.36 -10.43 -4.26
N VAL A 128 0.60 -9.39 -4.60
CA VAL A 128 -0.55 -8.93 -3.83
C VAL A 128 -1.57 -10.08 -3.78
N ARG A 129 -2.04 -10.67 -4.89
CA ARG A 129 -3.05 -11.74 -4.81
C ARG A 129 -2.62 -12.94 -3.96
N GLN A 130 -1.33 -13.24 -3.94
CA GLN A 130 -0.74 -14.30 -3.08
C GLN A 130 -1.05 -13.96 -1.61
N THR A 131 -0.84 -12.70 -1.23
CA THR A 131 -1.15 -12.16 0.09
C THR A 131 -2.65 -12.21 0.37
N LEU A 132 -3.50 -11.86 -0.61
CA LEU A 132 -4.95 -11.85 -0.42
C LEU A 132 -5.47 -13.24 -0.04
N SER A 133 -4.86 -14.30 -0.59
CA SER A 133 -5.18 -15.70 -0.30
C SER A 133 -4.35 -16.28 0.86
N THR A 134 -3.49 -15.50 1.51
CA THR A 134 -2.84 -15.94 2.73
C THR A 134 -3.90 -15.92 3.83
N PRO A 135 -4.00 -16.97 4.65
CA PRO A 135 -5.00 -17.09 5.69
C PRO A 135 -4.65 -16.09 6.78
N GLY A 136 -5.56 -15.14 6.99
CA GLY A 136 -5.54 -14.33 8.19
C GLY A 136 -4.63 -13.11 8.10
N THR A 137 -3.88 -12.89 7.02
CA THR A 137 -3.28 -11.59 6.75
C THR A 137 -4.44 -10.62 6.42
N ILE A 138 -4.25 -9.32 6.66
CA ILE A 138 -5.34 -8.35 6.67
C ILE A 138 -4.80 -7.17 5.86
N ILE A 139 -5.10 -7.10 4.56
CA ILE A 139 -4.63 -5.99 3.75
C ILE A 139 -5.26 -4.71 4.29
N LEU A 140 -4.48 -3.64 4.32
CA LEU A 140 -4.91 -2.26 4.46
C LEU A 140 -4.19 -1.48 3.39
N GLY A 141 -4.89 -1.18 2.30
CA GLY A 141 -4.32 -0.41 1.20
C GLY A 141 -5.16 0.82 0.89
N THR A 142 -4.60 1.72 0.10
CA THR A 142 -5.24 2.98 -0.29
C THR A 142 -5.27 3.02 -1.82
N ILE A 143 -6.45 3.04 -2.42
CA ILE A 143 -6.73 2.95 -3.84
C ILE A 143 -7.51 4.20 -4.30
N PRO A 144 -7.15 4.87 -5.41
CA PRO A 144 -7.86 6.04 -5.89
C PRO A 144 -9.21 5.64 -6.48
N VAL A 145 -10.23 6.43 -6.16
CA VAL A 145 -11.62 6.11 -6.40
C VAL A 145 -11.91 6.02 -7.92
N PRO A 146 -12.40 4.88 -8.42
CA PRO A 146 -12.52 4.62 -9.83
C PRO A 146 -13.68 5.44 -10.40
N LYS A 147 -13.37 6.36 -11.31
CA LYS A 147 -14.35 7.01 -12.15
C LYS A 147 -13.73 7.07 -13.53
N GLY A 148 -14.25 6.30 -14.47
CA GLY A 148 -13.81 6.34 -15.85
C GLY A 148 -12.62 5.46 -16.17
N LYS A 149 -11.72 5.12 -15.23
CA LYS A 149 -10.57 4.28 -15.57
C LYS A 149 -10.48 3.04 -14.67
N PRO A 150 -10.26 1.85 -15.25
CA PRO A 150 -9.97 0.63 -14.51
C PRO A 150 -8.48 0.63 -14.15
N LEU A 151 -8.17 1.07 -12.93
CA LEU A 151 -6.84 0.94 -12.35
C LEU A 151 -6.51 -0.56 -12.28
N ALA A 152 -5.53 -1.03 -13.05
CA ALA A 152 -5.27 -2.45 -13.28
C ALA A 152 -5.17 -3.29 -12.01
N LEU A 153 -4.23 -2.99 -11.10
CA LEU A 153 -4.11 -3.72 -9.84
C LEU A 153 -5.36 -3.54 -9.01
N VAL A 154 -5.92 -2.32 -8.94
CA VAL A 154 -7.08 -2.07 -8.11
C VAL A 154 -8.24 -2.94 -8.57
N GLU A 155 -8.34 -3.30 -9.85
CA GLU A 155 -9.32 -4.24 -10.36
C GLU A 155 -9.15 -5.61 -9.69
N GLU A 156 -7.94 -6.07 -9.36
CA GLU A 156 -7.74 -7.30 -8.57
C GLU A 156 -8.53 -7.19 -7.26
N ILE A 157 -8.25 -6.13 -6.49
CA ILE A 157 -8.81 -5.91 -5.17
C ILE A 157 -10.31 -5.56 -5.24
N ARG A 158 -10.76 -4.92 -6.32
CA ARG A 158 -12.18 -4.64 -6.52
C ARG A 158 -12.93 -5.93 -6.79
N ASN A 159 -12.32 -6.85 -7.52
CA ASN A 159 -12.90 -8.13 -7.88
C ASN A 159 -13.18 -9.03 -6.67
N ARG A 160 -12.55 -8.79 -5.52
CA ARG A 160 -12.70 -9.67 -4.36
C ARG A 160 -14.03 -9.44 -3.66
N LYS A 161 -14.61 -8.25 -3.83
CA LYS A 161 -15.80 -7.72 -3.17
C LYS A 161 -15.62 -7.54 -1.67
N ASP A 162 -15.23 -8.60 -0.96
CA ASP A 162 -14.97 -8.79 0.48
C ASP A 162 -13.85 -7.88 1.02
N VAL A 163 -13.97 -6.60 0.75
CA VAL A 163 -13.06 -5.54 1.13
C VAL A 163 -13.97 -4.39 1.54
N LYS A 164 -13.84 -3.93 2.79
CA LYS A 164 -14.51 -2.71 3.23
C LYS A 164 -13.92 -1.56 2.42
N VAL A 165 -14.74 -0.81 1.70
CA VAL A 165 -14.29 0.31 0.88
C VAL A 165 -14.60 1.59 1.66
N PHE A 166 -13.64 2.07 2.44
CA PHE A 166 -13.76 3.30 3.21
C PHE A 166 -13.47 4.52 2.33
N ASN A 167 -14.52 5.21 1.90
CA ASN A 167 -14.41 6.46 1.16
C ASN A 167 -14.13 7.60 2.14
N VAL A 168 -12.87 8.02 2.30
CA VAL A 168 -12.51 9.21 3.06
C VAL A 168 -13.26 10.42 2.48
N THR A 169 -13.42 11.46 3.28
CA THR A 169 -13.79 12.78 2.79
C THR A 169 -12.69 13.74 3.21
N LYS A 170 -12.59 14.86 2.51
CA LYS A 170 -11.84 16.02 3.00
C LYS A 170 -12.39 16.48 4.37
N GLU A 171 -13.65 16.17 4.67
CA GLU A 171 -14.37 16.69 5.83
C GLU A 171 -14.01 15.89 7.09
N ASN A 172 -14.50 14.65 7.20
CA ASN A 172 -14.29 13.77 8.35
C ASN A 172 -12.98 12.99 8.17
N ARG A 173 -12.01 13.60 7.48
CA ARG A 173 -10.76 12.99 7.06
C ARG A 173 -10.12 12.25 8.24
N ASN A 174 -9.81 12.99 9.31
CA ASN A 174 -9.02 12.48 10.41
C ASN A 174 -9.80 11.58 11.37
N HIS A 175 -11.06 11.28 11.06
CA HIS A 175 -11.90 10.31 11.73
C HIS A 175 -11.91 8.98 11.01
N LEU A 176 -11.29 8.86 9.83
CA LEU A 176 -11.31 7.57 9.17
C LEU A 176 -10.35 6.58 9.84
N LEU A 177 -9.19 7.07 10.25
CA LEU A 177 -8.13 6.33 10.94
C LEU A 177 -8.72 5.38 12.00
N PRO A 178 -9.39 5.84 13.07
CA PRO A 178 -9.82 4.93 14.12
C PRO A 178 -10.94 4.02 13.66
N ASP A 179 -11.71 4.43 12.67
CA ASP A 179 -12.87 3.72 12.12
C ASP A 179 -12.38 2.48 11.35
N ILE A 180 -11.27 2.63 10.64
CA ILE A 180 -10.50 1.54 10.05
C ILE A 180 -10.05 0.59 11.15
N VAL A 181 -9.37 1.09 12.19
CA VAL A 181 -8.87 0.25 13.27
C VAL A 181 -10.03 -0.50 13.93
N THR A 182 -11.16 0.17 14.14
CA THR A 182 -12.39 -0.41 14.66
C THR A 182 -12.81 -1.59 13.77
N CYS A 183 -12.82 -1.42 12.45
CA CYS A 183 -13.17 -2.50 11.52
C CYS A 183 -12.19 -3.67 11.68
N VAL A 184 -10.88 -3.41 11.70
CA VAL A 184 -9.87 -4.45 11.81
C VAL A 184 -10.06 -5.25 13.10
N GLN A 185 -10.24 -4.58 14.24
CA GLN A 185 -10.45 -5.17 15.55
C GLN A 185 -11.74 -6.01 15.53
N SER A 186 -12.86 -5.42 15.12
CA SER A 186 -14.15 -6.06 15.02
C SER A 186 -14.05 -7.31 14.11
N SER A 187 -13.29 -7.23 13.02
CA SER A 187 -13.08 -8.32 12.07
C SER A 187 -12.16 -9.42 12.64
N ARG A 188 -11.62 -9.28 13.86
CA ARG A 188 -10.97 -10.34 14.62
C ARG A 188 -11.77 -10.77 15.85
N LYS A 189 -12.86 -10.07 16.21
CA LYS A 189 -13.82 -10.57 17.16
C LYS A 189 -14.62 -11.69 16.51
N ALA A 1 -9.87 -11.63 8.91
CA ALA A 1 -11.31 -11.83 8.65
C ALA A 1 -11.74 -11.12 7.37
N ARG A 2 -11.60 -9.79 7.27
CA ARG A 2 -11.83 -9.04 6.03
C ARG A 2 -10.71 -8.02 5.82
N HIS A 3 -10.60 -7.53 4.60
CA HIS A 3 -9.65 -6.51 4.19
C HIS A 3 -10.29 -5.13 4.37
N VAL A 4 -9.50 -4.06 4.53
CA VAL A 4 -9.97 -2.68 4.64
C VAL A 4 -9.19 -1.80 3.66
N PHE A 5 -9.90 -0.97 2.89
CA PHE A 5 -9.34 -0.17 1.81
C PHE A 5 -10.02 1.18 1.82
N LEU A 6 -9.25 2.24 1.66
CA LEU A 6 -9.79 3.59 1.55
C LEU A 6 -9.99 3.90 0.08
N THR A 7 -10.99 4.70 -0.26
CA THR A 7 -11.12 5.27 -1.59
C THR A 7 -11.68 6.69 -1.49
N GLY A 8 -11.51 7.47 -2.54
CA GLY A 8 -11.86 8.87 -2.59
C GLY A 8 -10.76 9.70 -3.26
N PRO A 9 -10.93 11.03 -3.29
CA PRO A 9 -10.07 11.94 -4.04
C PRO A 9 -8.68 12.09 -3.39
N PRO A 10 -7.70 12.67 -4.10
CA PRO A 10 -6.42 13.02 -3.52
C PRO A 10 -6.59 14.19 -2.54
N GLY A 11 -5.65 14.31 -1.61
CA GLY A 11 -5.65 15.39 -0.64
C GLY A 11 -4.48 15.42 0.31
N VAL A 12 -3.63 14.37 0.31
CA VAL A 12 -2.49 14.19 1.19
C VAL A 12 -2.95 14.13 2.64
N GLY A 13 -3.01 12.91 3.17
CA GLY A 13 -3.42 12.64 4.54
C GLY A 13 -3.91 11.22 4.76
N LYS A 14 -4.07 10.40 3.70
CA LYS A 14 -4.47 9.00 3.88
C LYS A 14 -3.35 8.18 4.49
N THR A 15 -2.09 8.51 4.20
CA THR A 15 -0.98 7.79 4.80
C THR A 15 -1.06 8.01 6.31
N THR A 16 -1.40 9.21 6.76
CA THR A 16 -1.60 9.64 8.12
C THR A 16 -2.79 8.93 8.80
N LEU A 17 -3.46 8.07 8.06
CA LEU A 17 -4.42 7.12 8.56
C LEU A 17 -3.73 5.77 8.61
N ILE A 18 -3.36 5.18 7.47
CA ILE A 18 -2.90 3.79 7.42
C ILE A 18 -1.62 3.59 8.22
N HIS A 19 -0.65 4.51 8.13
CA HIS A 19 0.60 4.41 8.88
C HIS A 19 0.26 4.38 10.35
N LYS A 20 -0.53 5.34 10.82
CA LYS A 20 -0.80 5.41 12.24
C LYS A 20 -1.65 4.21 12.66
N ALA A 21 -2.53 3.71 11.79
CA ALA A 21 -3.29 2.49 12.02
C ALA A 21 -2.35 1.30 12.26
N SER A 22 -1.25 1.23 11.52
CA SER A 22 -0.20 0.25 11.71
C SER A 22 0.43 0.47 13.09
N GLU A 23 0.98 1.66 13.36
CA GLU A 23 1.68 2.04 14.59
C GLU A 23 0.91 1.63 15.85
N VAL A 24 -0.39 1.90 15.87
CA VAL A 24 -1.26 1.56 17.00
C VAL A 24 -1.18 0.06 17.29
N LEU A 25 -1.44 -0.77 16.28
CA LEU A 25 -1.43 -2.21 16.41
C LEU A 25 0.00 -2.69 16.69
N LYS A 26 1.03 -2.02 16.15
CA LYS A 26 2.42 -2.38 16.43
C LYS A 26 2.68 -2.28 17.93
N SER A 27 2.19 -1.20 18.54
CA SER A 27 2.19 -1.01 19.98
C SER A 27 1.22 -1.98 20.68
N SER A 28 0.35 -2.65 19.91
CA SER A 28 -0.51 -3.74 20.34
C SER A 28 0.06 -5.14 20.13
N GLY A 29 1.35 -5.25 19.75
CA GLY A 29 1.97 -6.56 19.58
C GLY A 29 1.37 -7.33 18.41
N VAL A 30 0.72 -6.64 17.45
CA VAL A 30 0.31 -7.23 16.19
C VAL A 30 1.55 -7.79 15.46
N PRO A 31 1.43 -8.88 14.71
CA PRO A 31 2.31 -9.19 13.60
C PRO A 31 1.88 -8.40 12.37
N VAL A 32 2.62 -7.36 12.02
CA VAL A 32 2.41 -6.65 10.77
C VAL A 32 3.63 -6.79 9.88
N ASP A 33 3.40 -6.96 8.59
CA ASP A 33 4.43 -6.98 7.57
C ASP A 33 3.84 -6.49 6.26
N GLY A 34 4.60 -5.68 5.53
CA GLY A 34 4.13 -4.90 4.40
C GLY A 34 5.09 -3.73 4.26
N PHE A 35 4.71 -2.66 3.58
CA PHE A 35 5.56 -1.49 3.44
C PHE A 35 4.77 -0.20 3.33
N TYR A 36 5.46 0.94 3.28
CA TYR A 36 4.84 2.20 2.93
C TYR A 36 5.80 2.95 2.01
N THR A 37 5.42 4.12 1.51
CA THR A 37 6.21 4.90 0.58
C THR A 37 6.27 6.32 1.13
N GLU A 38 7.09 6.53 2.16
CA GLU A 38 7.20 7.85 2.75
C GLU A 38 7.99 8.76 1.80
N GLU A 39 7.72 10.07 1.88
CA GLU A 39 8.22 11.05 0.93
C GLU A 39 9.70 11.35 1.14
N VAL A 40 10.52 11.01 0.13
CA VAL A 40 11.95 11.25 0.21
C VAL A 40 12.19 12.73 -0.09
N ARG A 41 12.33 13.53 0.97
CA ARG A 41 12.82 14.89 0.90
C ARG A 41 14.26 14.87 1.37
N GLN A 42 15.21 15.27 0.51
CA GLN A 42 16.63 15.22 0.85
C GLN A 42 16.94 16.37 1.81
N GLY A 43 17.07 17.58 1.28
CA GLY A 43 17.29 18.79 2.04
C GLY A 43 16.02 19.62 1.99
N GLY A 44 14.90 19.06 2.44
CA GLY A 44 13.57 19.64 2.30
C GLY A 44 13.04 19.68 0.86
N ARG A 45 13.85 19.38 -0.16
CA ARG A 45 13.40 19.38 -1.55
C ARG A 45 12.78 18.02 -1.86
N ARG A 46 11.65 17.98 -2.57
CA ARG A 46 11.13 16.70 -3.04
C ARG A 46 11.99 16.20 -4.19
N ILE A 47 12.19 14.89 -4.23
CA ILE A 47 12.98 14.23 -5.27
C ILE A 47 12.42 12.86 -5.65
N GLY A 48 11.39 12.35 -4.96
CA GLY A 48 10.89 11.02 -5.20
C GLY A 48 10.46 10.33 -3.91
N PHE A 49 10.54 9.01 -3.91
CA PHE A 49 10.10 8.12 -2.85
C PHE A 49 11.13 7.02 -2.65
N ASP A 50 11.01 6.34 -1.51
CA ASP A 50 11.71 5.12 -1.10
C ASP A 50 10.61 4.20 -0.56
N VAL A 51 10.70 2.90 -0.79
CA VAL A 51 9.85 1.88 -0.15
C VAL A 51 10.36 1.62 1.27
N VAL A 52 9.50 1.20 2.21
CA VAL A 52 9.93 0.94 3.58
C VAL A 52 9.11 -0.16 4.23
N THR A 53 9.73 -1.32 4.49
CA THR A 53 9.10 -2.43 5.19
C THR A 53 8.75 -2.02 6.62
N LEU A 54 7.64 -2.54 7.17
CA LEU A 54 7.35 -2.39 8.58
C LEU A 54 8.38 -3.11 9.47
N SER A 55 9.16 -4.03 8.89
CA SER A 55 10.21 -4.77 9.56
C SER A 55 11.34 -3.83 9.96
N GLY A 56 11.58 -2.77 9.18
CA GLY A 56 12.56 -1.76 9.51
C GLY A 56 13.68 -1.59 8.47
N THR A 57 13.47 -1.99 7.21
CA THR A 57 14.41 -1.78 6.12
C THR A 57 13.69 -1.14 4.93
N ARG A 58 14.41 -0.38 4.11
CA ARG A 58 13.87 0.43 3.02
C ARG A 58 14.58 0.17 1.71
N GLY A 59 14.02 0.66 0.59
CA GLY A 59 14.76 0.63 -0.67
C GLY A 59 14.40 1.77 -1.61
N PRO A 60 15.05 1.80 -2.79
CA PRO A 60 14.87 2.87 -3.78
C PRO A 60 13.46 2.88 -4.37
N LEU A 61 13.11 3.87 -5.20
CA LEU A 61 11.85 3.86 -5.93
C LEU A 61 11.88 4.89 -7.04
N SER A 62 11.98 6.17 -6.71
CA SER A 62 11.97 7.25 -7.66
C SER A 62 12.91 8.32 -7.15
N ARG A 63 13.66 8.98 -8.05
CA ARG A 63 14.75 9.85 -7.63
C ARG A 63 15.16 10.90 -8.66
N VAL A 64 14.18 11.47 -9.38
CA VAL A 64 14.39 12.30 -10.57
C VAL A 64 15.04 11.44 -11.68
N GLY A 65 15.23 12.02 -12.86
CA GLY A 65 15.66 11.37 -14.08
C GLY A 65 15.16 12.19 -15.27
N LEU A 66 15.87 12.13 -16.40
CA LEU A 66 15.58 12.94 -17.58
C LEU A 66 14.20 12.63 -18.15
N GLU A 67 13.63 13.56 -18.92
CA GLU A 67 12.44 13.29 -19.69
C GLU A 67 12.74 12.25 -20.78
N PRO A 68 11.78 11.38 -21.10
CA PRO A 68 12.01 10.21 -21.92
C PRO A 68 12.17 10.61 -23.39
N PRO A 69 13.21 10.11 -24.06
CA PRO A 69 13.48 10.44 -25.44
C PRO A 69 12.38 9.86 -26.36
N PRO A 70 12.22 10.41 -27.57
CA PRO A 70 11.11 10.05 -28.45
C PRO A 70 11.24 8.60 -28.90
N GLY A 71 10.24 7.77 -28.61
CA GLY A 71 10.23 6.34 -28.92
C GLY A 71 10.73 5.48 -27.76
N LYS A 72 10.92 6.06 -26.56
CA LYS A 72 11.23 5.35 -25.34
C LYS A 72 10.13 5.65 -24.34
N ARG A 73 9.97 4.75 -23.38
CA ARG A 73 9.30 4.98 -22.10
C ARG A 73 9.92 4.04 -21.07
N GLU A 74 9.79 4.43 -19.82
CA GLU A 74 9.91 3.63 -18.61
C GLU A 74 8.73 4.05 -17.72
N CYS A 75 8.55 3.37 -16.59
CA CYS A 75 7.47 3.64 -15.65
C CYS A 75 7.80 4.94 -14.91
N ARG A 76 6.88 5.91 -14.85
CA ARG A 76 7.16 7.21 -14.24
C ARG A 76 5.90 7.80 -13.63
N VAL A 77 6.05 8.55 -12.56
CA VAL A 77 5.00 8.68 -11.55
C VAL A 77 4.76 10.13 -11.12
N GLY A 78 5.18 11.10 -11.93
CA GLY A 78 5.02 12.52 -11.68
C GLY A 78 6.40 13.09 -11.47
N GLN A 79 6.98 13.70 -12.52
CA GLN A 79 8.41 13.94 -12.71
C GLN A 79 9.19 12.63 -12.74
N TYR A 80 9.29 11.94 -11.61
CA TYR A 80 10.22 10.87 -11.34
C TYR A 80 9.93 9.65 -12.20
N VAL A 81 10.98 9.02 -12.72
CA VAL A 81 10.95 7.64 -13.18
C VAL A 81 10.90 6.80 -11.92
N VAL A 82 10.01 5.81 -11.86
CA VAL A 82 9.95 4.83 -10.80
C VAL A 82 10.77 3.62 -11.20
N ASP A 83 10.89 2.68 -10.28
CA ASP A 83 11.60 1.45 -10.48
C ASP A 83 10.77 0.28 -9.94
N LEU A 84 10.28 -0.60 -10.81
CA LEU A 84 9.53 -1.79 -10.40
C LEU A 84 10.47 -2.76 -9.67
N THR A 85 11.72 -2.85 -10.10
CA THR A 85 12.72 -3.70 -9.48
C THR A 85 13.01 -3.24 -8.05
N SER A 86 13.02 -1.92 -7.76
CA SER A 86 13.42 -1.46 -6.42
C SER A 86 12.43 -2.01 -5.38
N PHE A 87 11.16 -2.13 -5.77
CA PHE A 87 10.14 -2.79 -5.01
C PHE A 87 10.45 -4.27 -4.91
N GLU A 88 10.64 -4.98 -6.01
CA GLU A 88 10.96 -6.41 -6.06
C GLU A 88 12.16 -6.80 -5.17
N GLN A 89 12.97 -5.86 -4.67
CA GLN A 89 14.08 -6.13 -3.75
C GLN A 89 13.65 -6.36 -2.30
N LEU A 90 12.50 -5.84 -1.88
CA LEU A 90 12.03 -5.92 -0.51
C LEU A 90 10.50 -6.00 -0.41
N ALA A 91 9.75 -5.32 -1.29
CA ALA A 91 8.30 -5.43 -1.45
C ALA A 91 7.91 -6.72 -2.19
N LEU A 92 8.48 -7.86 -1.79
CA LEU A 92 8.21 -9.17 -2.39
C LEU A 92 7.98 -10.17 -1.25
N PRO A 93 8.94 -10.50 -0.38
CA PRO A 93 8.71 -11.36 0.77
C PRO A 93 7.79 -10.74 1.83
N VAL A 94 7.67 -9.41 1.91
CA VAL A 94 6.71 -8.80 2.84
C VAL A 94 5.28 -9.26 2.57
N LEU A 95 4.95 -9.55 1.30
CA LEU A 95 3.62 -10.00 0.92
C LEU A 95 3.35 -11.47 1.31
N ARG A 96 4.36 -12.22 1.74
CA ARG A 96 4.31 -13.63 2.16
C ARG A 96 5.75 -14.13 2.28
N ASN A 97 6.15 -14.52 3.48
CA ASN A 97 7.46 -15.08 3.75
C ASN A 97 7.37 -16.20 4.78
N ALA A 98 7.64 -17.42 4.35
CA ALA A 98 7.89 -18.61 5.15
C ALA A 98 6.77 -18.97 6.12
N ASP A 99 5.55 -18.89 5.62
CA ASP A 99 4.34 -19.27 6.33
C ASP A 99 4.27 -20.79 6.44
N CYS A 100 4.81 -21.36 7.51
CA CYS A 100 4.47 -22.70 7.97
C CYS A 100 4.91 -22.98 9.42
N SER A 101 5.33 -21.99 10.21
CA SER A 101 5.83 -22.23 11.57
C SER A 101 5.39 -21.15 12.56
N SER A 102 5.35 -19.87 12.16
CA SER A 102 5.01 -18.77 13.03
C SER A 102 3.62 -18.97 13.66
N GLY A 103 3.50 -18.53 14.91
CA GLY A 103 2.29 -18.64 15.71
C GLY A 103 1.05 -18.12 14.97
N PRO A 104 -0.09 -18.83 15.00
CA PRO A 104 -1.34 -18.35 14.43
C PRO A 104 -1.95 -17.28 15.35
N GLY A 105 -2.50 -16.23 14.75
CA GLY A 105 -2.94 -15.05 15.50
C GLY A 105 -3.26 -13.89 14.57
N GLN A 106 -3.86 -14.22 13.42
CA GLN A 106 -3.95 -13.37 12.24
C GLN A 106 -2.57 -12.85 11.84
N ARG A 107 -2.58 -11.89 10.92
CA ARG A 107 -1.49 -11.02 10.54
C ARG A 107 -2.15 -9.78 9.95
N VAL A 108 -1.39 -8.70 9.82
CA VAL A 108 -1.79 -7.53 9.08
C VAL A 108 -0.76 -7.37 7.98
N CYS A 109 -1.19 -6.87 6.82
CA CYS A 109 -0.30 -6.30 5.85
C CYS A 109 -0.66 -4.84 5.61
N VAL A 110 0.22 -4.11 4.91
CA VAL A 110 0.10 -2.69 4.69
C VAL A 110 0.58 -2.42 3.27
N ILE A 111 -0.27 -1.80 2.44
CA ILE A 111 0.09 -1.39 1.10
C ILE A 111 -0.73 -0.12 0.77
N ASP A 112 -0.17 1.06 1.05
CA ASP A 112 -0.71 2.36 0.65
C ASP A 112 -0.43 2.61 -0.84
N GLU A 113 -1.01 3.66 -1.41
CA GLU A 113 -0.60 4.29 -2.66
C GLU A 113 -0.86 3.45 -3.92
N ILE A 114 -1.86 2.57 -3.87
CA ILE A 114 -2.22 1.67 -4.96
C ILE A 114 -2.92 2.50 -6.07
N GLY A 115 -2.13 3.25 -6.84
CA GLY A 115 -2.62 4.07 -7.93
C GLY A 115 -1.56 4.71 -8.82
N LYS A 116 -0.46 5.27 -8.31
CA LYS A 116 0.56 5.77 -9.27
C LYS A 116 1.11 4.64 -10.14
N MET A 117 1.18 3.42 -9.60
CA MET A 117 1.56 2.21 -10.32
C MET A 117 0.45 1.63 -11.20
N GLU A 118 -0.73 2.23 -11.28
CA GLU A 118 -1.95 1.69 -11.91
C GLU A 118 -1.70 0.81 -13.15
N LEU A 119 -0.93 1.35 -14.08
CA LEU A 119 -0.64 0.76 -15.38
C LEU A 119 0.72 0.06 -15.41
N PHE A 120 1.67 0.52 -14.59
CA PHE A 120 3.03 -0.02 -14.53
C PHE A 120 3.09 -1.35 -13.78
N SER A 121 2.12 -1.58 -12.90
CA SER A 121 2.01 -2.70 -11.99
C SER A 121 2.22 -4.02 -12.73
N GLN A 122 3.11 -4.85 -12.20
CA GLN A 122 3.42 -6.18 -12.72
C GLN A 122 3.24 -7.18 -11.59
N LEU A 123 4.33 -7.53 -10.89
CA LEU A 123 4.30 -8.51 -9.81
C LEU A 123 3.38 -8.10 -8.65
N PHE A 124 2.96 -6.83 -8.55
CA PHE A 124 1.94 -6.35 -7.63
C PHE A 124 0.70 -7.23 -7.72
N ILE A 125 -0.09 -7.18 -8.81
CA ILE A 125 -1.25 -7.97 -9.09
C ILE A 125 -1.12 -9.38 -8.50
N GLN A 126 -0.05 -10.12 -8.84
CA GLN A 126 0.25 -11.41 -8.23
C GLN A 126 0.50 -11.33 -6.73
N ALA A 127 1.59 -10.70 -6.29
CA ALA A 127 2.06 -10.73 -4.91
C ALA A 127 0.98 -10.26 -3.93
N VAL A 128 0.25 -9.23 -4.33
CA VAL A 128 -0.90 -8.67 -3.64
C VAL A 128 -2.02 -9.70 -3.62
N ARG A 129 -2.41 -10.29 -4.77
CA ARG A 129 -3.42 -11.34 -4.81
C ARG A 129 -3.06 -12.50 -3.89
N GLN A 130 -1.78 -12.88 -3.84
CA GLN A 130 -1.28 -13.93 -2.98
C GLN A 130 -1.58 -13.58 -1.52
N THR A 131 -1.31 -12.34 -1.09
CA THR A 131 -1.68 -11.85 0.24
C THR A 131 -3.21 -11.79 0.41
N LEU A 132 -3.97 -11.34 -0.59
CA LEU A 132 -5.43 -11.23 -0.53
C LEU A 132 -6.08 -12.60 -0.32
N SER A 133 -5.42 -13.68 -0.72
CA SER A 133 -5.91 -15.05 -0.58
C SER A 133 -5.15 -15.84 0.50
N THR A 134 -4.09 -15.28 1.10
CA THR A 134 -3.37 -15.83 2.23
C THR A 134 -4.31 -15.87 3.44
N PRO A 135 -4.25 -16.95 4.23
CA PRO A 135 -4.95 -17.01 5.49
C PRO A 135 -4.26 -16.12 6.53
N GLY A 136 -5.04 -15.70 7.52
CA GLY A 136 -4.62 -14.94 8.69
C GLY A 136 -4.30 -13.48 8.39
N THR A 137 -3.52 -13.18 7.34
CA THR A 137 -3.13 -11.81 6.97
C THR A 137 -4.38 -10.96 6.67
N ILE A 138 -4.27 -9.65 6.81
CA ILE A 138 -5.37 -8.73 6.58
C ILE A 138 -4.79 -7.72 5.62
N ILE A 139 -5.53 -7.33 4.59
CA ILE A 139 -5.03 -6.25 3.74
C ILE A 139 -5.59 -4.96 4.29
N LEU A 140 -4.70 -4.02 4.53
CA LEU A 140 -5.00 -2.63 4.75
C LEU A 140 -4.38 -1.87 3.57
N GLY A 141 -5.08 -0.93 2.96
CA GLY A 141 -4.50 -0.14 1.90
C GLY A 141 -5.27 1.08 1.47
N THR A 142 -4.71 1.77 0.48
CA THR A 142 -5.32 2.98 -0.06
C THR A 142 -5.38 2.90 -1.58
N ILE A 143 -6.58 3.04 -2.14
CA ILE A 143 -6.84 3.14 -3.57
C ILE A 143 -7.45 4.51 -3.86
N PRO A 144 -7.32 5.08 -5.07
CA PRO A 144 -8.06 6.27 -5.48
C PRO A 144 -9.46 5.89 -5.98
N VAL A 145 -10.38 6.86 -5.96
CA VAL A 145 -11.64 6.76 -6.65
C VAL A 145 -11.39 6.91 -8.16
N PRO A 146 -12.04 6.09 -8.99
CA PRO A 146 -12.03 6.23 -10.44
C PRO A 146 -12.83 7.49 -10.84
N LYS A 147 -12.54 8.05 -12.01
CA LYS A 147 -13.21 9.21 -12.61
C LYS A 147 -13.66 8.95 -14.06
N GLY A 148 -13.18 7.91 -14.72
CA GLY A 148 -13.58 7.54 -16.07
C GLY A 148 -13.39 6.05 -16.27
N LYS A 149 -12.18 5.64 -16.67
CA LYS A 149 -11.91 4.27 -17.09
C LYS A 149 -11.14 3.50 -16.01
N PRO A 150 -11.26 2.17 -15.96
CA PRO A 150 -10.81 1.39 -14.82
C PRO A 150 -9.29 1.20 -14.85
N LEU A 151 -8.71 0.94 -13.68
CA LEU A 151 -7.28 0.91 -13.44
C LEU A 151 -6.93 -0.51 -13.00
N ALA A 152 -5.85 -1.04 -13.57
CA ALA A 152 -5.69 -2.50 -13.70
C ALA A 152 -5.39 -3.15 -12.35
N LEU A 153 -4.43 -2.57 -11.62
CA LEU A 153 -4.07 -2.99 -10.28
C LEU A 153 -5.28 -2.81 -9.34
N VAL A 154 -5.97 -1.67 -9.37
CA VAL A 154 -7.14 -1.50 -8.52
C VAL A 154 -8.25 -2.48 -8.89
N GLU A 155 -8.43 -2.84 -10.15
CA GLU A 155 -9.43 -3.81 -10.56
C GLU A 155 -9.11 -5.21 -10.03
N GLU A 156 -7.84 -5.53 -9.79
CA GLU A 156 -7.38 -6.76 -9.15
C GLU A 156 -7.89 -6.81 -7.71
N ILE A 157 -7.80 -5.69 -6.98
CA ILE A 157 -8.36 -5.55 -5.64
C ILE A 157 -9.88 -5.53 -5.70
N ARG A 158 -10.46 -4.80 -6.66
CA ARG A 158 -11.90 -4.63 -6.78
C ARG A 158 -12.56 -5.99 -7.02
N ASN A 159 -11.83 -6.93 -7.61
CA ASN A 159 -12.27 -8.27 -7.95
C ASN A 159 -12.51 -9.16 -6.73
N ARG A 160 -12.21 -8.71 -5.51
CA ARG A 160 -12.31 -9.55 -4.31
C ARG A 160 -13.67 -9.38 -3.65
N LYS A 161 -14.23 -8.17 -3.63
CA LYS A 161 -15.47 -7.78 -2.94
C LYS A 161 -15.42 -7.95 -1.42
N ASP A 162 -14.65 -8.89 -0.86
CA ASP A 162 -14.37 -8.99 0.58
C ASP A 162 -13.82 -7.65 1.11
N VAL A 163 -13.15 -6.87 0.27
CA VAL A 163 -12.65 -5.55 0.61
C VAL A 163 -13.83 -4.61 0.94
N LYS A 164 -13.92 -4.19 2.21
CA LYS A 164 -14.76 -3.10 2.71
C LYS A 164 -14.25 -1.79 2.08
N VAL A 165 -15.15 -0.96 1.52
CA VAL A 165 -14.77 0.22 0.76
C VAL A 165 -15.07 1.45 1.61
N PHE A 166 -14.07 1.90 2.36
CA PHE A 166 -14.13 3.06 3.25
C PHE A 166 -13.97 4.33 2.41
N ASN A 167 -15.08 4.99 2.06
CA ASN A 167 -15.03 6.21 1.25
C ASN A 167 -14.62 7.40 2.13
N VAL A 168 -13.37 7.83 2.00
CA VAL A 168 -12.89 9.09 2.53
C VAL A 168 -13.70 10.22 1.90
N THR A 169 -13.91 11.27 2.70
CA THR A 169 -14.43 12.54 2.25
C THR A 169 -13.39 13.54 2.65
N LYS A 170 -13.28 14.61 1.87
CA LYS A 170 -12.46 15.75 2.27
C LYS A 170 -12.82 16.23 3.67
N GLU A 171 -14.05 15.96 4.12
CA GLU A 171 -14.54 16.53 5.37
C GLU A 171 -13.93 15.82 6.57
N ASN A 172 -13.51 14.56 6.43
CA ASN A 172 -12.83 13.76 7.48
C ASN A 172 -11.61 12.98 6.93
N ARG A 173 -10.95 13.50 5.88
CA ARG A 173 -9.90 12.76 5.16
C ARG A 173 -8.64 12.46 5.96
N ASN A 174 -8.38 13.19 7.04
CA ASN A 174 -7.28 12.98 7.95
C ASN A 174 -7.82 12.49 9.30
N HIS A 175 -8.96 11.79 9.29
CA HIS A 175 -9.61 11.22 10.46
C HIS A 175 -10.11 9.78 10.25
N LEU A 176 -9.68 9.05 9.21
CA LEU A 176 -10.24 7.71 8.99
C LEU A 176 -9.54 6.63 9.83
N LEU A 177 -8.43 6.97 10.47
CA LEU A 177 -7.59 6.08 11.26
C LEU A 177 -8.44 5.24 12.24
N PRO A 178 -9.23 5.80 13.17
CA PRO A 178 -9.98 5.00 14.13
C PRO A 178 -11.04 4.10 13.48
N ASP A 179 -11.62 4.50 12.35
CA ASP A 179 -12.69 3.74 11.68
C ASP A 179 -12.11 2.39 11.25
N ILE A 180 -10.90 2.43 10.70
CA ILE A 180 -10.17 1.26 10.24
C ILE A 180 -9.82 0.40 11.45
N VAL A 181 -9.35 0.98 12.55
CA VAL A 181 -9.07 0.24 13.77
C VAL A 181 -10.34 -0.50 14.22
N THR A 182 -11.52 0.13 14.17
CA THR A 182 -12.78 -0.55 14.49
C THR A 182 -12.98 -1.73 13.55
N CYS A 183 -12.86 -1.53 12.23
CA CYS A 183 -13.05 -2.59 11.25
C CYS A 183 -12.04 -3.74 11.45
N VAL A 184 -10.85 -3.44 11.95
CA VAL A 184 -9.80 -4.42 12.19
C VAL A 184 -10.08 -5.21 13.48
N GLN A 185 -10.50 -4.58 14.59
CA GLN A 185 -10.91 -5.37 15.77
C GLN A 185 -12.13 -6.22 15.45
N SER A 186 -13.03 -5.69 14.61
CA SER A 186 -14.37 -6.18 14.37
C SER A 186 -14.37 -7.69 14.21
N SER A 187 -13.73 -8.22 13.16
CA SER A 187 -13.63 -9.63 12.83
C SER A 187 -14.99 -10.25 12.47
N ARG A 188 -15.95 -10.21 13.39
CA ARG A 188 -17.25 -10.89 13.37
C ARG A 188 -18.42 -9.94 13.57
N LYS A 189 -18.17 -8.67 13.91
CA LYS A 189 -19.16 -7.64 14.11
C LYS A 189 -18.98 -6.72 12.92
N ALA A 1 -15.41 -9.03 11.21
CA ALA A 1 -14.07 -8.78 10.66
C ALA A 1 -14.07 -8.95 9.14
N ARG A 2 -13.56 -7.98 8.38
CA ARG A 2 -13.15 -8.19 6.98
C ARG A 2 -12.01 -7.26 6.61
N HIS A 3 -11.37 -7.54 5.48
CA HIS A 3 -10.42 -6.69 4.78
C HIS A 3 -10.97 -5.28 4.58
N VAL A 4 -10.08 -4.29 4.42
CA VAL A 4 -10.45 -2.88 4.29
C VAL A 4 -9.72 -2.31 3.09
N PHE A 5 -10.37 -1.38 2.38
CA PHE A 5 -9.73 -0.51 1.42
C PHE A 5 -10.20 0.92 1.64
N LEU A 6 -9.29 1.87 1.42
CA LEU A 6 -9.55 3.29 1.59
C LEU A 6 -9.62 3.89 0.20
N THR A 7 -10.46 4.90 0.00
CA THR A 7 -10.60 5.51 -1.32
C THR A 7 -11.02 6.98 -1.21
N GLY A 8 -11.23 7.63 -2.36
CA GLY A 8 -11.49 9.05 -2.50
C GLY A 8 -10.59 9.69 -3.58
N PRO A 9 -10.79 10.98 -3.89
CA PRO A 9 -10.00 11.76 -4.84
C PRO A 9 -8.55 11.95 -4.35
N PRO A 10 -7.63 12.45 -5.20
CA PRO A 10 -6.22 12.62 -4.83
C PRO A 10 -6.03 13.58 -3.66
N GLY A 11 -4.86 13.54 -3.00
CA GLY A 11 -4.61 14.38 -1.84
C GLY A 11 -3.15 14.62 -1.61
N VAL A 12 -2.41 13.51 -1.54
CA VAL A 12 -1.04 13.46 -1.10
C VAL A 12 -0.97 13.89 0.37
N GLY A 13 -1.00 12.87 1.22
CA GLY A 13 -0.75 12.97 2.65
C GLY A 13 -1.35 11.78 3.39
N LYS A 14 -2.50 11.29 2.93
CA LYS A 14 -3.32 10.29 3.60
C LYS A 14 -2.62 8.95 3.94
N THR A 15 -1.50 8.65 3.30
CA THR A 15 -0.48 7.68 3.76
C THR A 15 -0.38 7.69 5.28
N THR A 16 -0.21 8.86 5.88
CA THR A 16 0.01 9.04 7.29
C THR A 16 -1.07 8.35 8.15
N LEU A 17 -2.30 8.18 7.66
CA LEU A 17 -3.32 7.46 8.40
C LEU A 17 -2.93 5.99 8.43
N ILE A 18 -2.72 5.34 7.28
CA ILE A 18 -2.37 3.93 7.25
C ILE A 18 -1.03 3.70 7.97
N HIS A 19 -0.05 4.59 7.78
CA HIS A 19 1.21 4.50 8.48
C HIS A 19 0.94 4.41 9.98
N LYS A 20 0.07 5.28 10.50
CA LYS A 20 -0.28 5.23 11.90
C LYS A 20 -1.19 4.07 12.23
N ALA A 21 -1.81 3.40 11.27
CA ALA A 21 -2.48 2.15 11.54
C ALA A 21 -1.43 1.13 11.99
N SER A 22 -0.24 1.10 11.37
CA SER A 22 0.77 0.12 11.71
C SER A 22 1.23 0.32 13.15
N GLU A 23 1.46 1.58 13.56
CA GLU A 23 2.05 1.86 14.85
C GLU A 23 1.09 1.46 15.96
N VAL A 24 -0.19 1.76 15.79
CA VAL A 24 -1.25 1.47 16.76
C VAL A 24 -1.39 -0.03 16.94
N LEU A 25 -1.52 -0.77 15.84
CA LEU A 25 -1.61 -2.22 15.89
C LEU A 25 -0.41 -2.79 16.64
N LYS A 26 0.77 -2.21 16.44
CA LYS A 26 1.98 -2.68 17.12
C LYS A 26 1.98 -2.31 18.60
N SER A 27 1.44 -1.17 18.97
CA SER A 27 1.01 -0.81 20.30
C SER A 27 -0.06 -1.70 20.91
N SER A 28 -0.73 -2.50 20.08
CA SER A 28 -1.71 -3.51 20.44
C SER A 28 -1.19 -4.94 20.23
N GLY A 29 0.07 -5.13 19.84
CA GLY A 29 0.66 -6.44 19.65
C GLY A 29 0.08 -7.22 18.47
N VAL A 30 -0.58 -6.56 17.52
CA VAL A 30 -1.16 -7.20 16.34
C VAL A 30 -0.05 -7.28 15.27
N PRO A 31 0.31 -8.49 14.78
CA PRO A 31 1.47 -8.68 13.91
C PRO A 31 1.23 -8.11 12.51
N VAL A 32 1.60 -6.85 12.33
CA VAL A 32 1.71 -6.17 11.05
C VAL A 32 2.94 -6.69 10.32
N ASP A 33 2.86 -6.77 9.00
CA ASP A 33 4.00 -6.54 8.11
C ASP A 33 3.52 -5.81 6.87
N GLY A 34 4.43 -5.43 5.96
CA GLY A 34 4.12 -4.90 4.65
C GLY A 34 5.10 -3.80 4.27
N PHE A 35 4.67 -2.88 3.42
CA PHE A 35 5.44 -1.73 3.00
C PHE A 35 4.54 -0.51 3.01
N TYR A 36 5.15 0.67 2.95
CA TYR A 36 4.50 1.89 2.52
C TYR A 36 5.50 2.60 1.62
N THR A 37 5.07 3.62 0.90
CA THR A 37 5.87 4.30 -0.10
C THR A 37 5.63 5.78 0.14
N GLU A 38 6.60 6.47 0.73
CA GLU A 38 6.45 7.86 1.13
C GLU A 38 7.16 8.77 0.14
N GLU A 39 6.75 10.04 0.13
CA GLU A 39 7.46 11.08 -0.60
C GLU A 39 8.73 11.38 0.19
N VAL A 40 9.89 11.22 -0.44
CA VAL A 40 11.14 11.70 0.09
C VAL A 40 11.09 13.22 -0.03
N ARG A 41 10.93 13.90 1.11
CA ARG A 41 10.84 15.34 1.23
C ARG A 41 11.90 15.81 2.21
N GLN A 42 13.08 16.15 1.72
CA GLN A 42 14.28 16.37 2.53
C GLN A 42 14.26 17.75 3.18
N GLY A 43 13.47 17.94 4.24
CA GLY A 43 13.10 19.27 4.68
C GLY A 43 12.24 19.90 3.59
N GLY A 44 11.10 19.27 3.30
CA GLY A 44 10.06 19.83 2.44
C GLY A 44 10.35 19.82 0.94
N ARG A 45 11.34 19.06 0.45
CA ARG A 45 11.83 19.13 -0.93
C ARG A 45 11.56 17.85 -1.68
N ARG A 46 10.70 17.89 -2.69
CA ARG A 46 10.31 16.73 -3.49
C ARG A 46 11.52 16.24 -4.29
N ILE A 47 12.10 15.10 -3.90
CA ILE A 47 13.28 14.54 -4.56
C ILE A 47 13.14 13.07 -4.92
N GLY A 48 12.10 12.38 -4.45
CA GLY A 48 11.92 10.98 -4.79
C GLY A 48 10.79 10.37 -3.97
N PHE A 49 10.72 9.05 -4.00
CA PHE A 49 9.94 8.24 -3.08
C PHE A 49 10.89 7.15 -2.55
N ASP A 50 10.56 6.55 -1.40
CA ASP A 50 11.27 5.36 -0.91
C ASP A 50 10.26 4.39 -0.27
N VAL A 51 10.45 3.08 -0.53
CA VAL A 51 9.54 2.03 -0.10
C VAL A 51 10.02 1.57 1.27
N VAL A 52 9.49 2.13 2.33
CA VAL A 52 9.79 1.66 3.67
C VAL A 52 9.09 0.30 3.87
N THR A 53 9.63 -0.56 4.72
CA THR A 53 8.96 -1.75 5.22
C THR A 53 8.81 -1.57 6.73
N LEU A 54 7.83 -2.22 7.33
CA LEU A 54 7.74 -2.24 8.79
C LEU A 54 8.81 -3.18 9.38
N SER A 55 9.47 -3.97 8.52
CA SER A 55 10.68 -4.72 8.77
C SER A 55 11.87 -3.78 9.02
N GLY A 56 11.76 -2.52 8.58
CA GLY A 56 12.70 -1.46 8.87
C GLY A 56 13.72 -1.20 7.76
N THR A 57 13.62 -1.92 6.64
CA THR A 57 14.36 -1.68 5.41
C THR A 57 13.61 -0.63 4.58
N ARG A 58 14.28 0.04 3.63
CA ARG A 58 13.73 1.11 2.81
C ARG A 58 14.37 1.00 1.42
N GLY A 59 13.58 1.04 0.35
CA GLY A 59 14.10 0.88 -1.01
C GLY A 59 13.98 2.19 -1.76
N PRO A 60 14.88 2.49 -2.72
CA PRO A 60 15.04 3.83 -3.26
C PRO A 60 14.00 4.24 -4.30
N LEU A 61 13.08 3.33 -4.67
CA LEU A 61 11.85 3.45 -5.45
C LEU A 61 11.89 4.38 -6.66
N SER A 62 11.99 5.69 -6.48
CA SER A 62 12.06 6.63 -7.58
C SER A 62 12.96 7.78 -7.20
N ARG A 63 14.07 7.94 -7.93
CA ARG A 63 14.97 9.08 -7.80
C ARG A 63 15.20 9.74 -9.16
N VAL A 64 15.35 11.06 -9.17
CA VAL A 64 15.50 11.86 -10.37
C VAL A 64 16.91 11.71 -10.91
N GLY A 65 17.06 11.39 -12.19
CA GLY A 65 18.30 10.90 -12.76
C GLY A 65 18.57 11.41 -14.17
N LEU A 66 18.49 12.73 -14.41
CA LEU A 66 18.73 13.35 -15.73
C LEU A 66 17.80 12.76 -16.79
N GLU A 67 17.99 13.17 -18.03
CA GLU A 67 17.34 12.56 -19.17
C GLU A 67 17.83 11.12 -19.32
N PRO A 68 17.03 10.20 -19.87
CA PRO A 68 17.39 8.80 -20.02
C PRO A 68 18.24 8.57 -21.27
N PRO A 69 19.29 7.74 -21.18
CA PRO A 69 20.13 7.38 -22.31
C PRO A 69 19.35 6.58 -23.36
N PRO A 70 19.81 6.52 -24.63
CA PRO A 70 19.05 5.93 -25.72
C PRO A 70 18.86 4.42 -25.52
N GLY A 71 17.73 3.89 -25.97
CA GLY A 71 17.39 2.47 -25.86
C GLY A 71 17.18 1.98 -24.43
N LYS A 72 17.22 2.86 -23.42
CA LYS A 72 17.18 2.50 -22.01
C LYS A 72 15.71 2.57 -21.54
N ARG A 73 15.41 3.28 -20.45
CA ARG A 73 14.08 3.65 -19.98
C ARG A 73 13.15 2.45 -19.73
N GLU A 74 12.95 2.08 -18.47
CA GLU A 74 12.02 1.01 -18.10
C GLU A 74 10.70 1.49 -17.52
N CYS A 75 10.64 2.75 -17.10
CA CYS A 75 9.51 3.37 -16.39
C CYS A 75 9.80 4.87 -16.21
N ARG A 76 8.80 5.64 -15.76
CA ARG A 76 8.98 6.87 -14.99
C ARG A 76 7.65 7.38 -14.45
N VAL A 77 7.73 8.23 -13.43
CA VAL A 77 6.58 8.81 -12.74
C VAL A 77 6.60 10.34 -12.84
N GLY A 78 7.69 10.90 -13.37
CA GLY A 78 7.78 12.30 -13.73
C GLY A 78 9.22 12.71 -13.60
N GLN A 79 9.54 13.44 -12.53
CA GLN A 79 10.90 13.84 -12.21
C GLN A 79 11.78 12.60 -12.04
N TYR A 80 11.23 11.53 -11.46
CA TYR A 80 11.90 10.29 -11.17
C TYR A 80 11.51 9.19 -12.16
N VAL A 81 12.35 8.16 -12.19
CA VAL A 81 12.15 6.89 -12.87
C VAL A 81 11.84 5.86 -11.78
N VAL A 82 10.64 5.27 -11.76
CA VAL A 82 10.41 4.12 -10.89
C VAL A 82 11.12 2.93 -11.51
N ASP A 83 11.32 1.91 -10.69
CA ASP A 83 11.98 0.68 -11.08
C ASP A 83 11.17 -0.42 -10.41
N LEU A 84 10.52 -1.32 -11.15
CA LEU A 84 9.78 -2.43 -10.54
C LEU A 84 10.72 -3.28 -9.66
N THR A 85 12.01 -3.33 -10.02
CA THR A 85 13.07 -3.89 -9.22
C THR A 85 13.21 -3.19 -7.84
N SER A 86 13.02 -1.87 -7.73
CA SER A 86 13.13 -1.19 -6.46
C SER A 86 11.96 -1.50 -5.52
N PHE A 87 10.83 -1.91 -6.09
CA PHE A 87 9.78 -2.59 -5.33
C PHE A 87 10.26 -3.98 -4.94
N GLU A 88 10.66 -4.83 -5.90
CA GLU A 88 11.04 -6.22 -5.64
C GLU A 88 12.10 -6.35 -4.52
N GLN A 89 12.95 -5.34 -4.35
CA GLN A 89 13.97 -5.32 -3.30
C GLN A 89 13.41 -5.63 -1.91
N LEU A 90 12.18 -5.22 -1.63
CA LEU A 90 11.61 -5.36 -0.28
C LEU A 90 10.12 -5.68 -0.34
N ALA A 91 9.39 -4.99 -1.21
CA ALA A 91 7.93 -5.01 -1.32
C ALA A 91 7.48 -6.21 -2.15
N LEU A 92 8.01 -7.39 -1.81
CA LEU A 92 7.82 -8.64 -2.52
C LEU A 92 7.77 -9.78 -1.49
N PRO A 93 8.85 -10.09 -0.74
CA PRO A 93 8.76 -11.06 0.35
C PRO A 93 7.81 -10.62 1.47
N VAL A 94 7.54 -9.33 1.65
CA VAL A 94 6.55 -8.88 2.63
C VAL A 94 5.16 -9.40 2.27
N LEU A 95 4.85 -9.46 0.97
CA LEU A 95 3.57 -9.88 0.44
C LEU A 95 3.52 -11.39 0.46
N ARG A 96 4.51 -12.06 -0.11
CA ARG A 96 4.61 -13.52 -0.07
C ARG A 96 5.91 -13.92 0.60
N ASN A 97 5.84 -13.95 1.91
CA ASN A 97 6.80 -14.62 2.78
C ASN A 97 6.50 -16.12 2.76
N ALA A 98 7.39 -16.91 3.35
CA ALA A 98 7.14 -18.30 3.64
C ALA A 98 7.29 -18.50 5.14
N ASP A 99 6.34 -19.20 5.74
CA ASP A 99 6.29 -19.69 7.12
C ASP A 99 6.48 -18.60 8.19
N CYS A 100 5.37 -18.09 8.72
CA CYS A 100 5.36 -17.03 9.71
C CYS A 100 4.20 -17.27 10.68
N SER A 101 4.52 -17.60 11.93
CA SER A 101 3.60 -17.55 13.06
C SER A 101 4.44 -17.51 14.34
N SER A 102 3.85 -17.15 15.48
CA SER A 102 4.37 -17.44 16.81
C SER A 102 3.27 -17.57 17.86
N GLY A 103 2.14 -16.89 17.72
CA GLY A 103 1.11 -16.83 18.75
C GLY A 103 -0.30 -16.91 18.18
N PRO A 104 -0.87 -15.80 17.68
CA PRO A 104 -2.19 -15.79 17.07
C PRO A 104 -2.16 -16.45 15.68
N GLY A 105 -3.30 -16.49 15.01
CA GLY A 105 -3.40 -16.91 13.62
C GLY A 105 -3.11 -15.74 12.70
N GLN A 106 -3.96 -14.71 12.78
CA GLN A 106 -3.98 -13.62 11.83
C GLN A 106 -2.75 -12.71 11.95
N ARG A 107 -2.42 -12.07 10.83
CA ARG A 107 -1.44 -11.01 10.63
C ARG A 107 -2.17 -9.84 9.99
N VAL A 108 -1.56 -8.68 9.88
CA VAL A 108 -2.06 -7.58 9.08
C VAL A 108 -1.06 -7.40 7.94
N CYS A 109 -1.52 -7.00 6.75
CA CYS A 109 -0.63 -6.53 5.71
C CYS A 109 -1.08 -5.18 5.15
N VAL A 110 -0.10 -4.40 4.69
CA VAL A 110 -0.22 -2.97 4.47
C VAL A 110 0.27 -2.66 3.06
N ILE A 111 -0.57 -2.00 2.25
CA ILE A 111 -0.35 -1.77 0.84
C ILE A 111 -0.96 -0.40 0.50
N ASP A 112 -0.38 0.69 1.01
CA ASP A 112 -0.95 2.03 0.83
C ASP A 112 -0.86 2.51 -0.63
N GLU A 113 0.21 2.17 -1.35
CA GLU A 113 0.46 2.76 -2.66
C GLU A 113 -0.10 1.86 -3.77
N ILE A 114 -1.38 2.06 -4.10
CA ILE A 114 -2.08 1.42 -5.20
C ILE A 114 -2.81 2.55 -5.93
N GLY A 115 -2.44 2.83 -7.18
CA GLY A 115 -2.97 3.96 -7.94
C GLY A 115 -1.91 4.51 -8.88
N LYS A 116 -0.84 5.10 -8.33
CA LYS A 116 0.26 5.63 -9.15
C LYS A 116 0.87 4.55 -10.05
N MET A 117 0.92 3.29 -9.61
CA MET A 117 1.54 2.20 -10.35
C MET A 117 0.61 1.56 -11.36
N GLU A 118 -0.63 2.03 -11.56
CA GLU A 118 -1.67 1.42 -12.41
C GLU A 118 -1.12 0.70 -13.65
N LEU A 119 -0.51 1.44 -14.57
CA LEU A 119 0.03 0.88 -15.80
C LEU A 119 1.30 0.08 -15.53
N PHE A 120 2.19 0.55 -14.65
CA PHE A 120 3.49 -0.08 -14.41
C PHE A 120 3.38 -1.42 -13.69
N SER A 121 2.29 -1.65 -12.95
CA SER A 121 2.08 -2.77 -12.04
C SER A 121 2.35 -4.09 -12.75
N GLN A 122 3.38 -4.83 -12.34
CA GLN A 122 3.68 -6.15 -12.89
C GLN A 122 3.61 -7.19 -11.78
N LEU A 123 4.72 -7.40 -11.05
CA LEU A 123 4.79 -8.33 -9.92
C LEU A 123 3.76 -8.02 -8.84
N PHE A 124 3.26 -6.79 -8.79
CA PHE A 124 2.27 -6.33 -7.86
C PHE A 124 1.04 -7.25 -7.88
N ILE A 125 0.32 -7.39 -9.01
CA ILE A 125 -0.75 -8.35 -9.20
C ILE A 125 -0.41 -9.72 -8.58
N GLN A 126 0.71 -10.35 -8.97
CA GLN A 126 1.10 -11.67 -8.46
C GLN A 126 1.24 -11.66 -6.95
N ALA A 127 2.07 -10.75 -6.44
CA ALA A 127 2.43 -10.71 -5.03
C ALA A 127 1.21 -10.42 -4.14
N VAL A 128 0.41 -9.44 -4.55
CA VAL A 128 -0.84 -9.08 -3.90
C VAL A 128 -1.77 -10.31 -3.95
N ARG A 129 -1.95 -10.96 -5.11
CA ARG A 129 -2.86 -12.11 -5.26
C ARG A 129 -2.51 -13.24 -4.29
N GLN A 130 -1.22 -13.49 -4.06
CA GLN A 130 -0.78 -14.47 -3.07
C GLN A 130 -1.19 -14.04 -1.66
N THR A 131 -1.04 -12.76 -1.29
CA THR A 131 -1.41 -12.27 0.03
C THR A 131 -2.93 -12.32 0.22
N LEU A 132 -3.70 -11.96 -0.80
CA LEU A 132 -5.15 -12.08 -0.85
C LEU A 132 -5.60 -13.53 -0.63
N SER A 133 -4.73 -14.49 -0.86
CA SER A 133 -4.95 -15.91 -0.69
C SER A 133 -4.29 -16.46 0.60
N THR A 134 -3.51 -15.68 1.35
CA THR A 134 -3.10 -16.05 2.70
C THR A 134 -4.37 -15.96 3.58
N PRO A 135 -4.63 -16.97 4.43
CA PRO A 135 -5.76 -16.93 5.36
C PRO A 135 -5.42 -16.03 6.54
N GLY A 136 -4.22 -16.19 7.11
CA GLY A 136 -3.80 -15.51 8.33
C GLY A 136 -3.14 -14.16 8.09
N THR A 137 -3.62 -13.32 7.17
CA THR A 137 -3.21 -11.93 7.01
C THR A 137 -4.48 -11.09 6.81
N ILE A 138 -4.43 -9.76 6.97
CA ILE A 138 -5.59 -8.88 6.87
C ILE A 138 -5.17 -7.69 6.01
N ILE A 139 -5.59 -7.67 4.74
CA ILE A 139 -5.31 -6.56 3.83
C ILE A 139 -6.03 -5.29 4.32
N LEU A 140 -5.26 -4.20 4.35
CA LEU A 140 -5.68 -2.80 4.35
C LEU A 140 -4.92 -2.15 3.17
N GLY A 141 -5.47 -1.14 2.48
CA GLY A 141 -4.69 -0.34 1.54
C GLY A 141 -5.53 0.70 0.80
N THR A 142 -4.88 1.63 0.09
CA THR A 142 -5.52 2.83 -0.43
C THR A 142 -5.58 2.78 -1.95
N ILE A 143 -6.77 2.86 -2.53
CA ILE A 143 -7.01 2.90 -3.98
C ILE A 143 -7.63 4.26 -4.37
N PRO A 144 -7.44 4.74 -5.60
CA PRO A 144 -8.15 5.93 -6.07
C PRO A 144 -9.64 5.62 -6.26
N VAL A 145 -10.50 6.64 -6.16
CA VAL A 145 -11.94 6.48 -6.34
C VAL A 145 -12.26 6.17 -7.80
N PRO A 146 -12.99 5.07 -8.09
CA PRO A 146 -13.30 4.67 -9.45
C PRO A 146 -14.38 5.55 -10.08
N LYS A 147 -14.35 5.67 -11.41
CA LYS A 147 -15.37 6.34 -12.23
C LYS A 147 -15.30 5.84 -13.67
N GLY A 148 -14.10 5.79 -14.24
CA GLY A 148 -13.86 5.60 -15.67
C GLY A 148 -13.77 4.13 -16.01
N LYS A 149 -12.96 3.77 -16.99
CA LYS A 149 -12.69 2.36 -17.26
C LYS A 149 -11.98 1.70 -16.06
N PRO A 150 -12.07 0.37 -15.94
CA PRO A 150 -11.51 -0.36 -14.82
C PRO A 150 -9.98 -0.33 -14.89
N LEU A 151 -9.32 -0.18 -13.75
CA LEU A 151 -7.87 -0.11 -13.61
C LEU A 151 -7.32 -1.46 -13.15
N ALA A 152 -6.12 -1.82 -13.63
CA ALA A 152 -5.45 -3.11 -13.52
C ALA A 152 -5.31 -3.66 -12.10
N LEU A 153 -4.29 -3.25 -11.32
CA LEU A 153 -4.07 -3.75 -9.96
C LEU A 153 -5.36 -3.56 -9.15
N VAL A 154 -6.02 -2.42 -9.34
CA VAL A 154 -7.24 -2.09 -8.65
C VAL A 154 -8.31 -3.16 -8.90
N GLU A 155 -8.47 -3.69 -10.13
CA GLU A 155 -9.41 -4.76 -10.45
C GLU A 155 -9.05 -6.04 -9.70
N GLU A 156 -7.75 -6.32 -9.51
CA GLU A 156 -7.27 -7.48 -8.75
C GLU A 156 -7.79 -7.46 -7.30
N ILE A 157 -8.18 -6.29 -6.80
CA ILE A 157 -8.77 -6.08 -5.50
C ILE A 157 -10.29 -5.87 -5.64
N ARG A 158 -10.75 -5.09 -6.62
CA ARG A 158 -12.15 -4.74 -6.83
C ARG A 158 -12.99 -5.99 -7.08
N ASN A 159 -12.37 -7.10 -7.47
CA ASN A 159 -13.06 -8.37 -7.64
C ASN A 159 -13.79 -8.78 -6.36
N ARG A 160 -13.29 -8.41 -5.19
CA ARG A 160 -13.58 -9.12 -3.94
C ARG A 160 -14.89 -8.66 -3.32
N LYS A 161 -15.20 -7.35 -3.37
CA LYS A 161 -16.43 -6.67 -2.95
C LYS A 161 -16.83 -6.81 -1.47
N ASP A 162 -16.25 -7.77 -0.74
CA ASP A 162 -16.49 -8.04 0.69
C ASP A 162 -15.81 -6.97 1.56
N VAL A 163 -14.75 -6.35 1.03
CA VAL A 163 -13.91 -5.35 1.69
C VAL A 163 -14.77 -4.21 2.26
N LYS A 164 -14.45 -3.69 3.45
CA LYS A 164 -14.93 -2.34 3.82
C LYS A 164 -14.35 -1.38 2.79
N VAL A 165 -15.10 -0.36 2.41
CA VAL A 165 -14.62 0.75 1.60
C VAL A 165 -14.82 2.02 2.42
N PHE A 166 -13.75 2.51 3.03
CA PHE A 166 -13.72 3.83 3.63
C PHE A 166 -13.34 4.86 2.56
N ASN A 167 -14.33 5.41 1.87
CA ASN A 167 -14.17 6.66 1.13
C ASN A 167 -13.83 7.74 2.16
N VAL A 168 -12.61 8.27 2.15
CA VAL A 168 -12.25 9.35 3.07
C VAL A 168 -12.99 10.62 2.62
N THR A 169 -12.99 11.62 3.50
CA THR A 169 -13.31 12.99 3.18
C THR A 169 -12.17 13.82 3.72
N LYS A 170 -11.94 15.00 3.15
CA LYS A 170 -11.14 16.02 3.82
C LYS A 170 -11.78 16.34 5.16
N GLU A 171 -13.10 16.27 5.19
CA GLU A 171 -13.97 16.69 6.28
C GLU A 171 -13.62 15.92 7.56
N ASN A 172 -13.42 14.60 7.46
CA ASN A 172 -13.02 13.75 8.58
C ASN A 172 -11.62 13.16 8.43
N ARG A 173 -10.76 13.74 7.57
CA ARG A 173 -9.49 13.16 7.11
C ARG A 173 -8.72 12.43 8.21
N ASN A 174 -8.47 13.07 9.36
CA ASN A 174 -7.60 12.58 10.40
C ASN A 174 -8.34 11.80 11.49
N HIS A 175 -9.63 11.56 11.30
CA HIS A 175 -10.44 10.61 12.07
C HIS A 175 -10.55 9.26 11.38
N LEU A 176 -9.99 9.08 10.18
CA LEU A 176 -10.17 7.80 9.53
C LEU A 176 -9.28 6.72 10.12
N LEU A 177 -8.05 7.07 10.53
CA LEU A 177 -7.10 6.13 11.13
C LEU A 177 -7.80 5.33 12.26
N PRO A 178 -8.38 5.94 13.32
CA PRO A 178 -8.96 5.15 14.40
C PRO A 178 -10.18 4.34 13.95
N ASP A 179 -10.86 4.78 12.90
CA ASP A 179 -12.01 4.09 12.32
C ASP A 179 -11.56 2.81 11.63
N ILE A 180 -10.46 2.91 10.88
CA ILE A 180 -9.77 1.78 10.29
C ILE A 180 -9.38 0.81 11.41
N VAL A 181 -8.74 1.29 12.47
CA VAL A 181 -8.35 0.48 13.62
C VAL A 181 -9.59 -0.22 14.21
N THR A 182 -10.72 0.48 14.39
CA THR A 182 -11.93 -0.13 14.93
C THR A 182 -12.40 -1.28 14.01
N CYS A 183 -12.38 -1.07 12.69
CA CYS A 183 -12.77 -2.07 11.70
C CYS A 183 -11.84 -3.29 11.79
N VAL A 184 -10.55 -3.06 12.01
CA VAL A 184 -9.54 -4.11 12.04
C VAL A 184 -9.63 -4.90 13.35
N GLN A 185 -9.77 -4.25 14.51
CA GLN A 185 -9.91 -4.96 15.78
C GLN A 185 -11.23 -5.73 15.89
N SER A 186 -12.20 -5.46 15.01
CA SER A 186 -13.59 -5.93 15.01
C SER A 186 -13.75 -7.36 15.53
N SER A 187 -12.97 -8.33 15.02
CA SER A 187 -13.17 -9.76 15.23
C SER A 187 -14.67 -10.09 15.23
N ARG A 188 -15.26 -10.26 16.43
CA ARG A 188 -16.61 -10.73 16.65
C ARG A 188 -17.23 -10.10 17.90
N LYS A 189 -17.36 -8.78 17.90
CA LYS A 189 -18.66 -8.19 18.23
C LYS A 189 -19.77 -8.73 17.32
N ALA A 1 -15.09 -9.80 10.05
CA ALA A 1 -14.53 -8.69 9.26
C ALA A 1 -13.36 -9.18 8.42
N ARG A 2 -12.94 -8.40 7.41
CA ARG A 2 -12.08 -8.88 6.34
C ARG A 2 -11.02 -7.82 6.01
N HIS A 3 -10.51 -7.85 4.79
CA HIS A 3 -9.71 -6.83 4.15
C HIS A 3 -10.39 -5.46 4.32
N VAL A 4 -9.66 -4.36 4.56
CA VAL A 4 -10.20 -3.00 4.40
C VAL A 4 -9.32 -2.13 3.50
N PHE A 5 -9.95 -1.19 2.80
CA PHE A 5 -9.35 -0.19 1.93
C PHE A 5 -10.00 1.18 2.12
N LEU A 6 -9.32 2.25 1.66
CA LEU A 6 -9.77 3.64 1.72
C LEU A 6 -9.96 4.14 0.29
N THR A 7 -11.06 4.85 0.02
CA THR A 7 -11.44 5.38 -1.28
C THR A 7 -11.96 6.83 -1.05
N GLY A 8 -12.38 7.53 -2.10
CA GLY A 8 -12.86 8.90 -2.02
C GLY A 8 -11.77 9.94 -2.32
N PRO A 9 -12.12 11.23 -2.35
CA PRO A 9 -11.30 12.29 -2.94
C PRO A 9 -10.03 12.60 -2.11
N PRO A 10 -8.87 12.82 -2.76
CA PRO A 10 -7.59 13.03 -2.09
C PRO A 10 -7.55 14.37 -1.36
N GLY A 11 -7.91 14.35 -0.08
CA GLY A 11 -7.93 15.52 0.78
C GLY A 11 -6.53 16.07 0.97
N VAL A 12 -5.71 15.40 1.80
CA VAL A 12 -4.32 15.81 1.99
C VAL A 12 -3.36 14.66 2.30
N GLY A 13 -3.75 13.70 3.14
CA GLY A 13 -2.84 12.66 3.60
C GLY A 13 -3.65 11.42 3.92
N LYS A 14 -3.96 10.61 2.90
CA LYS A 14 -4.49 9.27 3.11
C LYS A 14 -3.42 8.43 3.77
N THR A 15 -2.15 8.68 3.41
CA THR A 15 -0.98 8.07 4.01
C THR A 15 -1.14 8.18 5.51
N THR A 16 -1.18 9.40 6.03
CA THR A 16 -1.22 9.72 7.44
C THR A 16 -2.17 8.82 8.22
N LEU A 17 -3.41 8.64 7.76
CA LEU A 17 -4.43 7.91 8.52
C LEU A 17 -4.09 6.41 8.53
N ILE A 18 -3.76 5.82 7.38
CA ILE A 18 -3.35 4.42 7.28
C ILE A 18 -2.05 4.18 8.06
N HIS A 19 -1.03 5.02 7.85
CA HIS A 19 0.26 4.96 8.51
C HIS A 19 0.02 4.93 10.01
N LYS A 20 -0.81 5.85 10.52
CA LYS A 20 -1.20 5.84 11.91
C LYS A 20 -1.88 4.52 12.30
N ALA A 21 -2.75 3.98 11.46
CA ALA A 21 -3.42 2.69 11.73
C ALA A 21 -2.38 1.60 12.00
N SER A 22 -1.29 1.60 11.23
CA SER A 22 -0.18 0.70 11.46
C SER A 22 0.48 1.09 12.79
N GLU A 23 0.93 2.34 12.97
CA GLU A 23 1.64 2.83 14.18
C GLU A 23 0.97 2.45 15.50
N VAL A 24 -0.36 2.49 15.53
CA VAL A 24 -1.17 2.17 16.69
C VAL A 24 -1.04 0.68 16.97
N LEU A 25 -1.43 -0.19 16.03
CA LEU A 25 -1.39 -1.61 16.22
C LEU A 25 0.05 -2.06 16.44
N LYS A 26 1.05 -1.44 15.81
CA LYS A 26 2.48 -1.71 16.01
C LYS A 26 2.78 -1.58 17.50
N SER A 27 2.32 -0.48 18.11
CA SER A 27 2.44 -0.27 19.54
C SER A 27 1.60 -1.31 20.31
N SER A 28 0.56 -1.87 19.69
CA SER A 28 -0.23 -3.00 20.20
C SER A 28 0.40 -4.37 19.97
N GLY A 29 1.65 -4.42 19.50
CA GLY A 29 2.38 -5.66 19.32
C GLY A 29 1.77 -6.53 18.24
N VAL A 30 0.95 -5.96 17.35
CA VAL A 30 0.42 -6.63 16.18
C VAL A 30 1.58 -7.23 15.37
N PRO A 31 1.40 -8.35 14.67
CA PRO A 31 2.22 -8.67 13.52
C PRO A 31 1.79 -7.79 12.35
N VAL A 32 2.66 -6.88 11.94
CA VAL A 32 2.49 -6.16 10.68
C VAL A 32 3.67 -6.44 9.75
N ASP A 33 3.36 -6.53 8.45
CA ASP A 33 4.30 -6.71 7.36
C ASP A 33 3.77 -5.92 6.16
N GLY A 34 4.63 -5.55 5.21
CA GLY A 34 4.22 -4.80 4.05
C GLY A 34 5.23 -3.71 3.76
N PHE A 35 4.79 -2.68 3.04
CA PHE A 35 5.53 -1.46 2.81
C PHE A 35 4.57 -0.28 2.69
N TYR A 36 5.12 0.92 2.85
CA TYR A 36 4.40 2.19 2.71
C TYR A 36 5.27 3.05 1.80
N THR A 37 4.63 3.88 0.99
CA THR A 37 5.23 4.62 -0.09
C THR A 37 5.44 6.04 0.43
N GLU A 38 6.69 6.44 0.65
CA GLU A 38 7.05 7.63 1.42
C GLU A 38 8.02 8.51 0.64
N GLU A 39 8.25 9.73 1.15
CA GLU A 39 8.82 10.82 0.39
C GLU A 39 10.24 11.09 0.87
N VAL A 40 11.19 10.69 0.05
CA VAL A 40 12.59 11.02 0.23
C VAL A 40 12.75 12.50 -0.08
N ARG A 41 12.66 13.32 0.97
CA ARG A 41 12.92 14.75 0.95
C ARG A 41 14.18 15.00 1.75
N GLN A 42 15.24 15.46 1.08
CA GLN A 42 16.51 15.75 1.75
C GLN A 42 16.38 17.20 2.22
N GLY A 43 15.68 17.39 3.34
CA GLY A 43 15.24 18.71 3.73
C GLY A 43 14.11 19.15 2.81
N GLY A 44 14.20 20.38 2.32
CA GLY A 44 13.06 21.08 1.75
C GLY A 44 12.78 20.80 0.28
N ARG A 45 13.15 19.64 -0.29
CA ARG A 45 12.92 19.38 -1.71
C ARG A 45 12.72 17.89 -1.96
N ARG A 46 12.11 17.53 -3.08
CA ARG A 46 11.87 16.15 -3.51
C ARG A 46 13.01 15.65 -4.37
N ILE A 47 13.45 14.41 -4.13
CA ILE A 47 14.50 13.77 -4.93
C ILE A 47 14.13 12.35 -5.36
N GLY A 48 13.05 11.78 -4.85
CA GLY A 48 12.65 10.43 -5.19
C GLY A 48 11.67 9.89 -4.16
N PHE A 49 11.36 8.61 -4.27
CA PHE A 49 10.54 7.87 -3.33
C PHE A 49 11.22 6.52 -3.16
N ASP A 50 10.99 5.88 -2.02
CA ASP A 50 11.53 4.57 -1.68
C ASP A 50 10.36 3.63 -1.35
N VAL A 51 10.64 2.39 -0.96
CA VAL A 51 9.66 1.42 -0.49
C VAL A 51 10.15 0.95 0.88
N VAL A 52 9.75 1.62 1.97
CA VAL A 52 10.14 1.24 3.31
C VAL A 52 9.32 0.00 3.67
N THR A 53 9.98 -1.12 3.92
CA THR A 53 9.32 -2.29 4.46
C THR A 53 9.17 -2.11 5.97
N LEU A 54 8.17 -2.75 6.58
CA LEU A 54 8.01 -2.79 8.03
C LEU A 54 9.06 -3.66 8.74
N SER A 55 10.06 -4.16 7.99
CA SER A 55 11.27 -4.79 8.50
C SER A 55 12.43 -3.80 8.62
N GLY A 56 12.22 -2.51 8.35
CA GLY A 56 13.26 -1.50 8.57
C GLY A 56 14.24 -1.38 7.41
N THR A 57 13.90 -1.94 6.24
CA THR A 57 14.66 -1.79 5.01
C THR A 57 13.96 -0.74 4.13
N ARG A 58 14.55 -0.33 3.01
CA ARG A 58 13.95 0.61 2.06
C ARG A 58 14.54 0.35 0.68
N GLY A 59 13.70 0.21 -0.34
CA GLY A 59 14.17 0.01 -1.71
C GLY A 59 14.13 1.34 -2.43
N PRO A 60 15.07 1.61 -3.34
CA PRO A 60 15.21 2.90 -3.99
C PRO A 60 14.25 3.05 -5.18
N LEU A 61 12.95 3.11 -4.90
CA LEU A 61 11.82 3.06 -5.85
C LEU A 61 12.07 3.90 -7.07
N SER A 62 12.43 5.17 -6.90
CA SER A 62 12.73 6.01 -8.03
C SER A 62 13.72 7.11 -7.66
N ARG A 63 14.50 7.56 -8.64
CA ARG A 63 15.45 8.66 -8.54
C ARG A 63 15.40 9.50 -9.81
N VAL A 64 15.90 10.73 -9.78
CA VAL A 64 16.13 11.52 -10.99
C VAL A 64 17.22 10.81 -11.81
N GLY A 65 16.92 10.55 -13.08
CA GLY A 65 17.84 10.13 -14.14
C GLY A 65 17.82 11.19 -15.24
N LEU A 66 17.93 10.78 -16.51
CA LEU A 66 17.72 11.66 -17.66
C LEU A 66 16.24 11.66 -18.06
N GLU A 67 15.85 12.58 -18.93
CA GLU A 67 14.64 12.45 -19.75
C GLU A 67 14.90 11.43 -20.86
N PRO A 68 13.89 10.71 -21.35
CA PRO A 68 14.02 9.80 -22.47
C PRO A 68 14.05 10.56 -23.81
N PRO A 69 15.10 10.35 -24.62
CA PRO A 69 15.24 10.97 -25.93
C PRO A 69 14.24 10.39 -26.94
N PRO A 70 14.06 11.00 -28.13
CA PRO A 70 13.12 10.48 -29.11
C PRO A 70 13.57 9.10 -29.61
N GLY A 71 12.70 8.09 -29.50
CA GLY A 71 12.95 6.76 -30.01
C GLY A 71 13.58 5.80 -28.99
N LYS A 72 13.95 6.28 -27.80
CA LYS A 72 14.52 5.47 -26.72
C LYS A 72 13.96 6.00 -25.42
N ARG A 73 13.25 5.17 -24.69
CA ARG A 73 12.77 5.51 -23.35
C ARG A 73 12.87 4.34 -22.39
N GLU A 74 12.52 4.57 -21.13
CA GLU A 74 12.21 3.51 -20.20
C GLU A 74 11.18 4.05 -19.18
N CYS A 75 11.03 3.38 -18.04
CA CYS A 75 10.16 3.77 -16.95
C CYS A 75 10.43 5.21 -16.57
N ARG A 76 9.38 6.03 -16.47
CA ARG A 76 9.49 7.42 -16.08
C ARG A 76 8.22 7.76 -15.34
N VAL A 77 8.35 8.29 -14.13
CA VAL A 77 7.23 8.71 -13.29
C VAL A 77 7.29 10.22 -13.13
N GLY A 78 6.86 10.92 -14.18
CA GLY A 78 6.75 12.35 -14.29
C GLY A 78 8.05 13.15 -14.17
N GLN A 79 9.19 12.50 -13.93
CA GLN A 79 10.55 13.06 -13.85
C GLN A 79 11.55 11.97 -13.46
N TYR A 80 11.25 11.16 -12.44
CA TYR A 80 12.16 10.14 -11.91
C TYR A 80 12.02 8.86 -12.75
N VAL A 81 13.00 7.95 -12.71
CA VAL A 81 12.87 6.58 -13.21
C VAL A 81 12.42 5.72 -12.03
N VAL A 82 11.19 5.18 -12.03
CA VAL A 82 10.84 4.08 -11.14
C VAL A 82 11.38 2.77 -11.67
N ASP A 83 11.40 1.75 -10.83
CA ASP A 83 11.74 0.39 -11.21
C ASP A 83 10.85 -0.60 -10.44
N LEU A 84 10.60 -1.76 -11.04
CA LEU A 84 9.92 -2.92 -10.46
C LEU A 84 10.92 -3.77 -9.67
N THR A 85 12.18 -3.77 -10.07
CA THR A 85 13.29 -4.34 -9.34
C THR A 85 13.31 -3.76 -7.92
N SER A 86 13.09 -2.44 -7.75
CA SER A 86 13.10 -1.85 -6.43
C SER A 86 12.01 -2.40 -5.53
N PHE A 87 10.93 -2.95 -6.08
CA PHE A 87 9.94 -3.69 -5.31
C PHE A 87 10.47 -5.09 -5.05
N GLU A 88 10.81 -5.83 -6.11
CA GLU A 88 11.27 -7.22 -6.06
C GLU A 88 12.43 -7.44 -5.08
N GLN A 89 13.24 -6.41 -4.88
CA GLN A 89 14.32 -6.29 -3.92
C GLN A 89 13.96 -6.78 -2.53
N LEU A 90 12.83 -6.34 -1.98
CA LEU A 90 12.50 -6.48 -0.56
C LEU A 90 11.00 -6.57 -0.33
N ALA A 91 10.21 -5.86 -1.13
CA ALA A 91 8.76 -5.81 -1.07
C ALA A 91 8.19 -6.98 -1.87
N LEU A 92 8.77 -8.16 -1.66
CA LEU A 92 8.47 -9.38 -2.40
C LEU A 92 8.29 -10.51 -1.37
N PRO A 93 9.32 -10.90 -0.59
CA PRO A 93 9.14 -11.78 0.56
C PRO A 93 8.32 -11.15 1.68
N VAL A 94 8.23 -9.81 1.79
CA VAL A 94 7.42 -9.18 2.82
C VAL A 94 5.96 -9.65 2.75
N LEU A 95 5.45 -9.90 1.52
CA LEU A 95 4.10 -10.37 1.29
C LEU A 95 3.89 -11.79 1.86
N ARG A 96 4.94 -12.55 2.20
CA ARG A 96 4.81 -13.83 2.88
C ARG A 96 6.03 -14.02 3.79
N ASN A 97 5.99 -13.33 4.93
CA ASN A 97 6.78 -13.60 6.13
C ASN A 97 6.07 -14.72 6.91
N ALA A 98 6.80 -15.40 7.78
CA ALA A 98 6.24 -16.34 8.73
C ALA A 98 6.90 -16.17 10.09
N ASP A 99 6.12 -16.34 11.16
CA ASP A 99 6.58 -16.26 12.54
C ASP A 99 5.80 -17.27 13.40
N CYS A 100 6.16 -17.37 14.69
CA CYS A 100 5.56 -18.29 15.65
C CYS A 100 5.42 -17.66 17.04
N SER A 101 4.92 -16.44 17.13
CA SER A 101 4.24 -16.01 18.35
C SER A 101 2.92 -16.78 18.48
N SER A 102 2.58 -17.08 19.72
CA SER A 102 1.25 -17.53 20.12
C SER A 102 0.31 -16.32 20.09
N GLY A 103 -0.99 -16.59 20.16
CA GLY A 103 -2.05 -15.60 20.28
C GLY A 103 -2.65 -15.24 18.92
N PRO A 104 -3.75 -14.48 18.91
CA PRO A 104 -4.39 -14.03 17.69
C PRO A 104 -3.55 -12.92 17.05
N GLY A 105 -2.97 -13.20 15.88
CA GLY A 105 -2.14 -12.25 15.14
C GLY A 105 -2.28 -12.54 13.66
N GLN A 106 -3.40 -12.16 13.05
CA GLN A 106 -3.48 -12.16 11.59
C GLN A 106 -2.63 -10.99 11.10
N ARG A 107 -1.71 -11.31 10.20
CA ARG A 107 -0.62 -10.49 9.71
C ARG A 107 -1.16 -9.27 9.01
N VAL A 108 -1.23 -8.12 9.67
CA VAL A 108 -1.71 -6.91 9.06
C VAL A 108 -0.77 -6.59 7.90
N CYS A 109 -1.33 -6.62 6.68
CA CYS A 109 -0.63 -6.20 5.50
C CYS A 109 -0.68 -4.68 5.44
N VAL A 110 0.26 -4.11 4.71
CA VAL A 110 0.39 -2.69 4.50
C VAL A 110 0.79 -2.50 3.04
N ILE A 111 -0.09 -1.88 2.25
CA ILE A 111 0.12 -1.67 0.82
C ILE A 111 -0.49 -0.29 0.51
N ASP A 112 0.34 0.74 0.36
CA ASP A 112 -0.15 2.12 0.21
C ASP A 112 0.41 2.85 -1.01
N GLU A 113 -0.06 4.08 -1.22
CA GLU A 113 -0.23 4.78 -2.49
C GLU A 113 -1.25 4.02 -3.36
N ILE A 114 -0.83 2.91 -3.97
CA ILE A 114 -1.53 2.12 -5.00
C ILE A 114 -1.96 2.94 -6.25
N GLY A 115 -1.85 4.27 -6.27
CA GLY A 115 -2.12 5.08 -7.45
C GLY A 115 -1.01 4.94 -8.50
N LYS A 116 0.11 5.66 -8.32
CA LYS A 116 1.09 5.90 -9.38
C LYS A 116 1.72 4.63 -9.97
N MET A 117 1.83 3.54 -9.20
CA MET A 117 2.39 2.29 -9.72
C MET A 117 1.56 1.75 -10.87
N GLU A 118 0.27 2.09 -11.01
CA GLU A 118 -0.69 1.56 -11.99
C GLU A 118 -0.05 1.00 -13.26
N LEU A 119 0.58 1.84 -14.08
CA LEU A 119 1.02 1.45 -15.41
C LEU A 119 2.27 0.57 -15.38
N PHE A 120 2.96 0.53 -14.24
CA PHE A 120 4.20 -0.20 -13.99
C PHE A 120 3.89 -1.49 -13.22
N SER A 121 2.83 -1.48 -12.41
CA SER A 121 2.34 -2.51 -11.52
C SER A 121 2.29 -3.82 -12.31
N GLN A 122 3.23 -4.72 -12.04
CA GLN A 122 3.37 -5.95 -12.78
C GLN A 122 3.27 -7.09 -11.79
N LEU A 123 4.39 -7.54 -11.20
CA LEU A 123 4.34 -8.49 -10.11
C LEU A 123 3.51 -8.01 -8.93
N PHE A 124 3.14 -6.74 -8.87
CA PHE A 124 2.21 -6.18 -7.90
C PHE A 124 0.93 -6.98 -7.87
N ILE A 125 0.12 -6.98 -8.93
CA ILE A 125 -1.00 -7.87 -9.13
C ILE A 125 -0.73 -9.25 -8.51
N GLN A 126 0.37 -9.92 -8.89
CA GLN A 126 0.68 -11.28 -8.42
C GLN A 126 0.91 -11.33 -6.91
N ALA A 127 1.81 -10.50 -6.40
CA ALA A 127 2.32 -10.57 -5.05
C ALA A 127 1.22 -10.15 -4.07
N VAL A 128 0.52 -9.05 -4.39
CA VAL A 128 -0.64 -8.61 -3.64
C VAL A 128 -1.70 -9.72 -3.70
N ARG A 129 -1.97 -10.32 -4.87
CA ARG A 129 -2.89 -11.45 -4.99
C ARG A 129 -2.50 -12.62 -4.11
N GLN A 130 -1.21 -12.94 -3.95
CA GLN A 130 -0.73 -14.03 -3.10
C GLN A 130 -1.11 -13.87 -1.63
N THR A 131 -1.50 -12.66 -1.22
CA THR A 131 -1.66 -12.28 0.17
C THR A 131 -3.04 -11.66 0.45
N LEU A 132 -3.73 -11.22 -0.60
CA LEU A 132 -5.19 -11.28 -0.65
C LEU A 132 -5.60 -12.74 -0.44
N SER A 133 -4.98 -13.65 -1.19
CA SER A 133 -5.18 -15.09 -1.13
C SER A 133 -4.34 -15.69 0.00
N THR A 134 -4.44 -15.12 1.19
CA THR A 134 -4.01 -15.77 2.42
C THR A 134 -5.03 -15.40 3.50
N PRO A 135 -5.53 -16.36 4.30
CA PRO A 135 -6.46 -16.05 5.37
C PRO A 135 -5.74 -15.39 6.56
N GLY A 136 -4.51 -15.81 6.87
CA GLY A 136 -3.75 -15.36 8.03
C GLY A 136 -3.19 -13.94 7.93
N THR A 137 -3.68 -13.11 7.01
CA THR A 137 -3.31 -11.71 6.85
C THR A 137 -4.56 -10.84 7.07
N ILE A 138 -4.38 -9.53 7.23
CA ILE A 138 -5.45 -8.55 7.16
C ILE A 138 -4.94 -7.49 6.20
N ILE A 139 -5.38 -7.49 4.94
CA ILE A 139 -5.02 -6.39 4.03
C ILE A 139 -5.54 -5.09 4.65
N LEU A 140 -4.66 -4.09 4.66
CA LEU A 140 -5.00 -2.70 4.78
C LEU A 140 -4.23 -1.94 3.71
N GLY A 141 -4.81 -0.86 3.18
CA GLY A 141 -4.20 -0.09 2.13
C GLY A 141 -5.13 1.02 1.65
N THR A 142 -4.68 1.83 0.71
CA THR A 142 -5.44 2.91 0.09
C THR A 142 -5.64 2.53 -1.37
N ILE A 143 -6.77 2.91 -2.00
CA ILE A 143 -6.97 2.83 -3.44
C ILE A 143 -7.57 4.17 -3.88
N PRO A 144 -7.02 4.87 -4.89
CA PRO A 144 -7.55 6.16 -5.31
C PRO A 144 -8.95 5.99 -5.91
N VAL A 145 -9.82 6.97 -5.69
CA VAL A 145 -11.18 6.98 -6.18
C VAL A 145 -11.18 6.90 -7.72
N PRO A 146 -12.03 6.05 -8.31
CA PRO A 146 -12.12 5.89 -9.75
C PRO A 146 -12.70 7.15 -10.38
N LYS A 147 -13.87 7.58 -9.91
CA LYS A 147 -14.72 8.60 -10.51
C LYS A 147 -15.21 8.07 -11.87
N GLY A 148 -14.41 8.19 -12.93
CA GLY A 148 -14.70 7.57 -14.23
C GLY A 148 -14.25 6.12 -14.22
N LYS A 149 -13.11 5.82 -14.87
CA LYS A 149 -12.63 4.44 -15.06
C LYS A 149 -12.02 3.89 -13.76
N PRO A 150 -11.93 2.57 -13.61
CA PRO A 150 -11.16 1.92 -12.57
C PRO A 150 -9.67 1.96 -12.96
N LEU A 151 -8.79 1.35 -12.17
CA LEU A 151 -7.37 1.22 -12.44
C LEU A 151 -7.06 -0.27 -12.34
N ALA A 152 -6.13 -0.78 -13.17
CA ALA A 152 -5.77 -2.19 -13.31
C ALA A 152 -5.51 -2.87 -11.96
N LEU A 153 -4.45 -2.46 -11.28
CA LEU A 153 -4.08 -2.94 -9.94
C LEU A 153 -5.25 -2.80 -8.96
N VAL A 154 -6.01 -1.70 -9.03
CA VAL A 154 -7.17 -1.51 -8.16
C VAL A 154 -8.25 -2.56 -8.49
N GLU A 155 -8.45 -2.95 -9.75
CA GLU A 155 -9.43 -3.94 -10.16
C GLU A 155 -9.14 -5.31 -9.56
N GLU A 156 -7.88 -5.64 -9.29
CA GLU A 156 -7.49 -6.87 -8.61
C GLU A 156 -8.19 -6.98 -7.25
N ILE A 157 -8.27 -5.83 -6.57
CA ILE A 157 -8.92 -5.66 -5.27
C ILE A 157 -10.42 -5.40 -5.47
N ARG A 158 -10.82 -4.66 -6.50
CA ARG A 158 -12.22 -4.29 -6.71
C ARG A 158 -13.06 -5.51 -7.03
N ASN A 159 -12.49 -6.50 -7.73
CA ASN A 159 -13.17 -7.73 -8.08
C ASN A 159 -13.55 -8.49 -6.81
N ARG A 160 -12.76 -8.35 -5.75
CA ARG A 160 -12.98 -9.05 -4.47
C ARG A 160 -14.37 -8.68 -3.94
N LYS A 161 -14.76 -7.40 -4.07
CA LYS A 161 -16.06 -6.79 -3.78
C LYS A 161 -16.52 -6.89 -2.32
N ASP A 162 -15.95 -7.78 -1.52
CA ASP A 162 -16.22 -7.92 -0.08
C ASP A 162 -15.32 -7.00 0.76
N VAL A 163 -14.36 -6.31 0.13
CA VAL A 163 -13.53 -5.29 0.74
C VAL A 163 -14.42 -4.15 1.28
N LYS A 164 -14.23 -3.80 2.56
CA LYS A 164 -14.73 -2.56 3.13
C LYS A 164 -13.95 -1.47 2.40
N VAL A 165 -14.63 -0.57 1.69
CA VAL A 165 -14.01 0.55 1.06
C VAL A 165 -14.55 1.79 1.73
N PHE A 166 -13.84 2.23 2.75
CA PHE A 166 -14.14 3.43 3.52
C PHE A 166 -13.96 4.63 2.60
N ASN A 167 -15.05 5.15 2.02
CA ASN A 167 -15.06 6.41 1.30
C ASN A 167 -14.86 7.53 2.32
N VAL A 168 -13.67 8.13 2.34
CA VAL A 168 -13.36 9.29 3.18
C VAL A 168 -14.36 10.38 2.84
N THR A 169 -14.49 11.37 3.71
CA THR A 169 -15.16 12.61 3.34
C THR A 169 -14.22 13.72 3.75
N LYS A 170 -14.35 14.88 3.12
CA LYS A 170 -13.74 16.09 3.66
C LYS A 170 -14.30 16.39 5.06
N GLU A 171 -15.48 15.89 5.38
CA GLU A 171 -16.14 16.20 6.65
C GLU A 171 -15.60 15.30 7.77
N ASN A 172 -15.33 14.04 7.43
CA ASN A 172 -14.78 12.96 8.24
C ASN A 172 -13.57 12.51 7.43
N ARG A 173 -12.46 13.26 7.57
CA ARG A 173 -11.19 13.02 6.86
C ARG A 173 -10.11 12.44 7.77
N ASN A 174 -10.04 12.81 9.07
CA ASN A 174 -8.98 12.41 10.00
C ASN A 174 -9.48 11.49 11.12
N HIS A 175 -10.76 11.13 11.11
CA HIS A 175 -11.44 10.28 12.10
C HIS A 175 -11.60 8.85 11.60
N LEU A 176 -11.13 8.56 10.39
CA LEU A 176 -11.38 7.27 9.79
C LEU A 176 -10.46 6.21 10.38
N LEU A 177 -9.26 6.61 10.77
CA LEU A 177 -8.27 5.76 11.42
C LEU A 177 -8.96 4.80 12.43
N PRO A 178 -9.65 5.27 13.49
CA PRO A 178 -10.29 4.37 14.45
C PRO A 178 -11.48 3.56 13.92
N ASP A 179 -12.17 4.02 12.87
CA ASP A 179 -13.27 3.27 12.22
C ASP A 179 -12.67 2.00 11.59
N ILE A 180 -11.54 2.14 10.89
CA ILE A 180 -10.78 1.03 10.34
C ILE A 180 -10.28 0.14 11.48
N VAL A 181 -9.65 0.69 12.53
CA VAL A 181 -9.15 -0.12 13.66
C VAL A 181 -10.31 -0.92 14.28
N THR A 182 -11.48 -0.31 14.46
CA THR A 182 -12.65 -1.00 14.98
C THR A 182 -13.10 -2.11 14.02
N CYS A 183 -12.98 -1.89 12.71
CA CYS A 183 -13.28 -2.89 11.70
C CYS A 183 -12.30 -4.07 11.78
N VAL A 184 -11.03 -3.85 12.11
CA VAL A 184 -10.07 -4.92 12.39
C VAL A 184 -10.52 -5.64 13.67
N GLN A 185 -10.64 -4.93 14.79
CA GLN A 185 -11.00 -5.46 16.11
C GLN A 185 -12.36 -6.18 16.14
N SER A 186 -13.17 -6.03 15.09
CA SER A 186 -14.36 -6.83 14.88
C SER A 186 -14.01 -8.33 14.84
N SER A 187 -12.84 -8.73 14.35
CA SER A 187 -12.59 -10.07 13.83
C SER A 187 -11.22 -10.53 14.33
N ARG A 188 -11.25 -11.23 15.47
CA ARG A 188 -10.15 -11.46 16.41
C ARG A 188 -9.51 -10.15 16.88
N LYS A 189 -8.80 -10.22 18.01
CA LYS A 189 -8.32 -9.08 18.75
C LYS A 189 -6.97 -9.52 19.27
N ALA A 1 -14.17 -7.70 9.77
CA ALA A 1 -14.58 -8.99 9.19
C ALA A 1 -13.73 -9.33 7.97
N ARG A 2 -13.48 -8.40 7.04
CA ARG A 2 -12.69 -8.66 5.84
C ARG A 2 -11.56 -7.64 5.71
N HIS A 3 -10.73 -7.82 4.69
CA HIS A 3 -9.77 -6.87 4.13
C HIS A 3 -10.32 -5.44 4.19
N VAL A 4 -9.48 -4.43 4.44
CA VAL A 4 -9.91 -3.05 4.60
C VAL A 4 -9.06 -2.14 3.71
N PHE A 5 -9.71 -1.31 2.87
CA PHE A 5 -9.05 -0.48 1.89
C PHE A 5 -9.72 0.89 1.83
N LEU A 6 -8.91 1.93 1.82
CA LEU A 6 -9.31 3.31 1.68
C LEU A 6 -9.51 3.62 0.20
N THR A 7 -10.22 4.70 -0.10
CA THR A 7 -10.40 5.22 -1.44
C THR A 7 -10.73 6.72 -1.36
N GLY A 8 -10.63 7.44 -2.48
CA GLY A 8 -11.06 8.83 -2.58
C GLY A 8 -9.91 9.76 -2.97
N PRO A 9 -10.03 11.07 -2.70
CA PRO A 9 -9.10 12.09 -3.20
C PRO A 9 -7.73 12.02 -2.49
N PRO A 10 -6.64 11.75 -3.23
CA PRO A 10 -5.30 11.62 -2.68
C PRO A 10 -4.65 12.99 -2.45
N GLY A 11 -3.48 13.00 -1.81
CA GLY A 11 -2.60 14.15 -1.72
C GLY A 11 -1.65 14.00 -0.56
N VAL A 12 -2.20 13.97 0.65
CA VAL A 12 -1.48 13.86 1.91
C VAL A 12 -2.51 13.56 2.98
N GLY A 13 -2.30 12.49 3.72
CA GLY A 13 -2.89 12.27 5.03
C GLY A 13 -3.36 10.84 5.17
N LYS A 14 -3.90 10.25 4.11
CA LYS A 14 -4.38 8.87 4.17
C LYS A 14 -3.22 7.92 4.49
N THR A 15 -2.00 8.26 4.07
CA THR A 15 -0.81 7.50 4.44
C THR A 15 -0.67 7.52 5.95
N THR A 16 -0.76 8.69 6.58
CA THR A 16 -0.59 8.97 7.99
C THR A 16 -1.54 8.07 8.75
N LEU A 17 -2.75 7.92 8.23
CA LEU A 17 -3.76 7.05 8.78
C LEU A 17 -3.27 5.63 8.78
N ILE A 18 -3.00 5.02 7.62
CA ILE A 18 -2.65 3.60 7.54
C ILE A 18 -1.37 3.34 8.35
N HIS A 19 -0.37 4.18 8.18
CA HIS A 19 0.91 4.13 8.87
C HIS A 19 0.64 4.03 10.36
N LYS A 20 -0.06 5.00 10.94
CA LYS A 20 -0.42 4.98 12.35
C LYS A 20 -1.34 3.80 12.67
N ALA A 21 -2.18 3.34 11.75
CA ALA A 21 -3.12 2.23 11.95
C ALA A 21 -2.34 0.97 12.36
N SER A 22 -1.12 0.79 11.85
CA SER A 22 -0.24 -0.27 12.28
C SER A 22 0.28 0.00 13.69
N GLU A 23 0.70 1.23 13.97
CA GLU A 23 1.33 1.61 15.22
C GLU A 23 0.39 1.40 16.41
N VAL A 24 -0.93 1.37 16.19
CA VAL A 24 -1.91 0.96 17.18
C VAL A 24 -1.79 -0.54 17.48
N LEU A 25 -1.78 -1.36 16.43
CA LEU A 25 -1.65 -2.81 16.56
C LEU A 25 -0.30 -3.16 17.15
N LYS A 26 0.74 -2.40 16.79
CA LYS A 26 2.09 -2.56 17.35
C LYS A 26 1.99 -2.36 18.85
N SER A 27 1.32 -1.28 19.26
CA SER A 27 1.04 -0.93 20.65
C SER A 27 0.04 -1.90 21.31
N SER A 28 -0.49 -2.88 20.59
CA SER A 28 -1.39 -3.92 21.08
C SER A 28 -0.82 -5.33 20.86
N GLY A 29 0.46 -5.50 20.50
CA GLY A 29 1.10 -6.81 20.47
C GLY A 29 0.76 -7.64 19.23
N VAL A 30 0.64 -7.01 18.06
CA VAL A 30 0.30 -7.64 16.78
C VAL A 30 1.51 -7.48 15.85
N PRO A 31 2.16 -8.56 15.37
CA PRO A 31 3.18 -8.49 14.34
C PRO A 31 2.56 -8.14 12.98
N VAL A 32 2.64 -6.87 12.61
CA VAL A 32 2.23 -6.37 11.31
C VAL A 32 3.32 -6.71 10.30
N ASP A 33 2.96 -6.78 9.02
CA ASP A 33 3.91 -6.74 7.90
C ASP A 33 3.32 -5.87 6.79
N GLY A 34 4.05 -5.61 5.72
CA GLY A 34 3.60 -4.87 4.57
C GLY A 34 4.53 -3.69 4.31
N PHE A 35 4.14 -2.81 3.41
CA PHE A 35 4.85 -1.58 3.16
C PHE A 35 3.86 -0.41 3.11
N TYR A 36 4.37 0.78 3.36
CA TYR A 36 3.67 2.04 3.17
C TYR A 36 4.65 2.91 2.41
N THR A 37 4.18 3.53 1.35
CA THR A 37 4.98 4.46 0.58
C THR A 37 4.92 5.81 1.29
N GLU A 38 6.03 6.43 1.65
CA GLU A 38 6.02 7.75 2.28
C GLU A 38 6.43 8.82 1.25
N GLU A 39 7.36 9.74 1.51
CA GLU A 39 7.65 10.83 0.57
C GLU A 39 9.06 11.36 0.81
N VAL A 40 9.97 11.07 -0.12
CA VAL A 40 11.36 11.50 -0.07
C VAL A 40 11.36 13.02 -0.24
N ARG A 41 11.64 13.75 0.83
CA ARG A 41 11.72 15.19 0.86
C ARG A 41 13.04 15.55 1.51
N GLN A 42 14.00 16.13 0.76
CA GLN A 42 15.34 16.38 1.28
C GLN A 42 15.25 17.30 2.49
N GLY A 43 14.77 18.52 2.25
CA GLY A 43 14.45 19.52 3.26
C GLY A 43 13.30 20.34 2.70
N GLY A 44 12.13 19.72 2.61
CA GLY A 44 10.89 20.37 2.19
C GLY A 44 10.57 20.30 0.70
N ARG A 45 11.49 19.87 -0.17
CA ARG A 45 11.20 19.71 -1.60
C ARG A 45 10.89 18.25 -1.90
N ARG A 46 9.84 17.98 -2.69
CA ARG A 46 9.65 16.64 -3.25
C ARG A 46 10.77 16.39 -4.24
N ILE A 47 11.30 15.16 -4.28
CA ILE A 47 12.40 14.75 -5.14
C ILE A 47 12.31 13.26 -5.54
N GLY A 48 11.34 12.50 -5.07
CA GLY A 48 11.18 11.09 -5.44
C GLY A 48 10.44 10.32 -4.36
N PHE A 49 10.46 9.00 -4.44
CA PHE A 49 9.75 8.14 -3.50
C PHE A 49 10.61 6.94 -3.11
N ASP A 50 10.33 6.43 -1.92
CA ASP A 50 10.93 5.29 -1.25
C ASP A 50 9.77 4.49 -0.66
N VAL A 51 9.97 3.19 -0.43
CA VAL A 51 8.88 2.29 -0.08
C VAL A 51 9.28 1.58 1.21
N VAL A 52 8.64 1.92 2.31
CA VAL A 52 9.12 1.57 3.65
C VAL A 52 8.39 0.31 4.09
N THR A 53 9.11 -0.77 4.40
CA THR A 53 8.49 -1.91 5.02
C THR A 53 8.15 -1.55 6.47
N LEU A 54 7.16 -2.22 7.06
CA LEU A 54 6.84 -2.03 8.46
C LEU A 54 8.01 -2.43 9.37
N SER A 55 8.84 -3.36 8.91
CA SER A 55 10.09 -3.83 9.50
C SER A 55 11.17 -2.76 9.44
N GLY A 56 11.05 -1.77 8.54
CA GLY A 56 11.78 -0.53 8.60
C GLY A 56 12.92 -0.43 7.60
N THR A 57 13.08 -1.37 6.66
CA THR A 57 13.88 -1.12 5.46
C THR A 57 13.09 -0.13 4.58
N ARG A 58 13.74 0.50 3.60
CA ARG A 58 13.09 1.33 2.60
C ARG A 58 13.77 1.10 1.26
N GLY A 59 12.99 0.97 0.18
CA GLY A 59 13.53 0.76 -1.15
C GLY A 59 13.84 2.09 -1.82
N PRO A 60 14.38 2.05 -3.04
CA PRO A 60 14.06 3.09 -4.01
C PRO A 60 12.57 2.93 -4.39
N LEU A 61 12.07 3.76 -5.31
CA LEU A 61 10.78 3.59 -5.99
C LEU A 61 10.90 4.41 -7.26
N SER A 62 11.12 5.71 -7.11
CA SER A 62 11.47 6.59 -8.20
C SER A 62 12.42 7.69 -7.69
N ARG A 63 13.19 8.30 -8.58
CA ARG A 63 14.06 9.45 -8.35
C ARG A 63 13.98 10.34 -9.59
N VAL A 64 14.44 11.58 -9.53
CA VAL A 64 14.53 12.40 -10.73
C VAL A 64 15.58 11.75 -11.65
N GLY A 65 15.39 11.86 -12.96
CA GLY A 65 16.16 11.21 -13.99
C GLY A 65 15.82 11.79 -15.37
N LEU A 66 15.68 13.12 -15.49
CA LEU A 66 15.22 13.81 -16.70
C LEU A 66 13.86 13.28 -17.17
N GLU A 67 13.44 13.62 -18.38
CA GLU A 67 12.32 12.99 -19.07
C GLU A 67 12.86 12.10 -20.18
N PRO A 68 12.25 10.92 -20.44
CA PRO A 68 12.79 9.99 -21.40
C PRO A 68 12.58 10.53 -22.81
N PRO A 69 13.61 10.45 -23.66
CA PRO A 69 13.51 10.75 -25.07
C PRO A 69 12.65 9.67 -25.76
N PRO A 70 12.08 9.96 -26.94
CA PRO A 70 11.06 9.11 -27.54
C PRO A 70 11.59 7.75 -28.04
N GLY A 71 12.91 7.53 -27.99
CA GLY A 71 13.56 6.28 -28.37
C GLY A 71 14.35 5.63 -27.22
N LYS A 72 14.27 6.14 -25.98
CA LYS A 72 14.89 5.48 -24.82
C LYS A 72 13.90 5.58 -23.67
N ARG A 73 13.02 4.59 -23.60
CA ARG A 73 11.99 4.50 -22.57
C ARG A 73 12.61 4.00 -21.27
N GLU A 74 12.02 4.40 -20.15
CA GLU A 74 12.42 3.98 -18.83
C GLU A 74 11.31 4.37 -17.84
N CYS A 75 10.11 3.79 -17.97
CA CYS A 75 8.91 4.21 -17.23
C CYS A 75 8.75 5.76 -17.29
N ARG A 76 8.28 6.36 -16.20
CA ARG A 76 8.07 7.78 -15.82
C ARG A 76 6.97 7.77 -14.75
N VAL A 77 6.87 8.77 -13.87
CA VAL A 77 5.71 8.97 -12.99
C VAL A 77 5.50 10.48 -12.68
N GLY A 78 5.96 11.38 -13.55
CA GLY A 78 5.88 12.82 -13.31
C GLY A 78 7.11 13.24 -12.52
N GLN A 79 8.00 14.02 -13.14
CA GLN A 79 9.35 14.35 -12.71
C GLN A 79 10.30 13.16 -12.64
N TYR A 80 9.89 12.06 -12.01
CA TYR A 80 10.64 10.85 -11.70
C TYR A 80 10.22 9.75 -12.68
N VAL A 81 10.81 8.55 -12.62
CA VAL A 81 10.36 7.34 -13.28
C VAL A 81 10.34 6.25 -12.20
N VAL A 82 9.38 5.32 -12.22
CA VAL A 82 9.39 4.22 -11.27
C VAL A 82 10.35 3.12 -11.74
N ASP A 83 10.50 2.07 -10.93
CA ASP A 83 10.96 0.79 -11.42
C ASP A 83 10.19 -0.31 -10.70
N LEU A 84 10.11 -1.49 -11.33
CA LEU A 84 9.51 -2.68 -10.75
C LEU A 84 10.53 -3.33 -9.81
N THR A 85 11.82 -3.25 -10.15
CA THR A 85 12.86 -3.76 -9.28
C THR A 85 12.97 -2.93 -8.01
N SER A 86 12.72 -1.61 -8.02
CA SER A 86 12.83 -0.85 -6.79
C SER A 86 11.84 -1.40 -5.75
N PHE A 87 10.69 -1.90 -6.22
CA PHE A 87 9.71 -2.58 -5.40
C PHE A 87 10.29 -3.92 -4.96
N GLU A 88 10.69 -4.79 -5.91
CA GLU A 88 11.09 -6.18 -5.63
C GLU A 88 12.17 -6.32 -4.55
N GLN A 89 12.98 -5.28 -4.32
CA GLN A 89 13.97 -5.20 -3.26
C GLN A 89 13.41 -5.59 -1.89
N LEU A 90 12.14 -5.27 -1.62
CA LEU A 90 11.49 -5.53 -0.35
C LEU A 90 9.98 -5.73 -0.46
N ALA A 91 9.32 -5.06 -1.41
CA ALA A 91 7.89 -5.15 -1.66
C ALA A 91 7.55 -6.44 -2.45
N LEU A 92 8.15 -7.56 -2.04
CA LEU A 92 8.04 -8.89 -2.65
C LEU A 92 7.95 -9.93 -1.51
N PRO A 93 8.95 -10.09 -0.62
CA PRO A 93 8.83 -10.98 0.53
C PRO A 93 7.92 -10.42 1.64
N VAL A 94 7.72 -9.11 1.72
CA VAL A 94 6.84 -8.49 2.72
C VAL A 94 5.40 -9.02 2.61
N LEU A 95 5.01 -9.38 1.38
CA LEU A 95 3.70 -9.88 1.00
C LEU A 95 3.51 -11.35 1.42
N ARG A 96 4.57 -12.01 1.93
CA ARG A 96 4.59 -13.42 2.28
C ARG A 96 5.51 -13.64 3.49
N ASN A 97 4.94 -13.60 4.68
CA ASN A 97 5.64 -13.68 5.97
C ASN A 97 5.12 -14.87 6.79
N ALA A 98 6.03 -15.64 7.40
CA ALA A 98 5.70 -16.78 8.25
C ALA A 98 5.33 -16.33 9.68
N ASP A 99 4.17 -16.76 10.20
CA ASP A 99 3.72 -16.49 11.58
C ASP A 99 3.78 -17.79 12.37
N CYS A 100 2.71 -18.60 12.36
CA CYS A 100 2.42 -19.79 13.15
C CYS A 100 1.58 -19.35 14.36
N SER A 101 0.27 -19.58 14.30
CA SER A 101 -0.67 -19.36 15.39
C SER A 101 -1.71 -20.48 15.37
N SER A 102 -1.58 -21.42 16.30
CA SER A 102 -2.54 -22.52 16.48
C SER A 102 -3.90 -22.03 16.97
N GLY A 103 -4.00 -20.79 17.45
CA GLY A 103 -5.23 -20.14 17.89
C GLY A 103 -5.19 -18.68 17.44
N PRO A 104 -5.52 -17.71 18.31
CA PRO A 104 -5.59 -16.31 17.91
C PRO A 104 -4.23 -15.82 17.42
N GLY A 105 -4.25 -14.86 16.48
CA GLY A 105 -3.11 -14.49 15.67
C GLY A 105 -3.56 -13.59 14.54
N GLN A 106 -4.42 -14.09 13.65
CA GLN A 106 -4.67 -13.47 12.34
C GLN A 106 -3.32 -13.15 11.67
N ARG A 107 -3.26 -12.15 10.81
CA ARG A 107 -2.08 -11.41 10.36
C ARG A 107 -2.59 -10.07 9.86
N VAL A 108 -1.72 -9.10 9.56
CA VAL A 108 -2.12 -7.84 8.92
C VAL A 108 -1.03 -7.51 7.91
N CYS A 109 -1.42 -7.21 6.67
CA CYS A 109 -0.50 -6.84 5.60
C CYS A 109 -0.84 -5.49 4.96
N VAL A 110 -0.01 -4.51 5.23
CA VAL A 110 -0.18 -3.12 4.83
C VAL A 110 0.31 -2.89 3.40
N ILE A 111 -0.39 -2.07 2.60
CA ILE A 111 -0.06 -1.77 1.21
C ILE A 111 -0.59 -0.36 0.87
N ASP A 112 0.14 0.73 1.16
CA ASP A 112 -0.34 2.09 0.84
C ASP A 112 0.44 2.75 -0.32
N GLU A 113 -0.34 3.23 -1.31
CA GLU A 113 -0.06 3.82 -2.63
C GLU A 113 -0.16 2.71 -3.68
N ILE A 114 -1.34 2.62 -4.30
CA ILE A 114 -1.75 1.63 -5.28
C ILE A 114 -2.45 2.42 -6.42
N GLY A 115 -1.74 3.37 -7.03
CA GLY A 115 -2.18 4.12 -8.21
C GLY A 115 -1.00 4.63 -9.05
N LYS A 116 0.14 5.00 -8.46
CA LYS A 116 1.33 5.38 -9.25
C LYS A 116 1.87 4.25 -10.12
N MET A 117 1.52 3.00 -9.86
CA MET A 117 1.92 1.81 -10.60
C MET A 117 0.75 1.24 -11.42
N GLU A 118 -0.38 1.95 -11.52
CA GLU A 118 -1.61 1.48 -12.17
C GLU A 118 -1.42 1.07 -13.64
N LEU A 119 -0.29 1.43 -14.28
CA LEU A 119 0.11 0.93 -15.60
C LEU A 119 1.34 0.02 -15.52
N PHE A 120 2.34 0.37 -14.69
CA PHE A 120 3.62 -0.32 -14.73
C PHE A 120 3.58 -1.66 -13.99
N SER A 121 2.63 -1.84 -13.06
CA SER A 121 2.52 -3.00 -12.21
C SER A 121 2.59 -4.29 -13.03
N GLN A 122 3.37 -5.27 -12.55
CA GLN A 122 3.54 -6.54 -13.21
C GLN A 122 3.49 -7.70 -12.21
N LEU A 123 4.58 -7.92 -11.47
CA LEU A 123 4.63 -8.94 -10.43
C LEU A 123 3.71 -8.57 -9.28
N PHE A 124 3.48 -7.28 -9.02
CA PHE A 124 2.66 -6.83 -7.92
C PHE A 124 1.33 -7.56 -7.87
N ILE A 125 0.54 -7.60 -8.94
CA ILE A 125 -0.67 -8.37 -9.10
C ILE A 125 -0.52 -9.76 -8.48
N GLN A 126 0.40 -10.59 -8.99
CA GLN A 126 0.60 -11.93 -8.48
C GLN A 126 1.00 -11.87 -7.01
N ALA A 127 2.02 -11.05 -6.72
CA ALA A 127 2.62 -11.06 -5.40
C ALA A 127 1.67 -10.61 -4.29
N VAL A 128 0.72 -9.72 -4.58
CA VAL A 128 -0.26 -9.25 -3.63
C VAL A 128 -1.46 -10.16 -3.62
N ARG A 129 -1.79 -10.75 -4.78
CA ARG A 129 -2.72 -11.86 -4.86
C ARG A 129 -2.33 -12.94 -3.86
N GLN A 130 -1.04 -13.20 -3.62
CA GLN A 130 -0.60 -14.13 -2.57
C GLN A 130 -1.32 -13.81 -1.26
N THR A 131 -1.25 -12.55 -0.85
CA THR A 131 -1.77 -12.01 0.39
C THR A 131 -3.31 -11.87 0.39
N LEU A 132 -3.94 -11.43 -0.71
CA LEU A 132 -5.40 -11.38 -0.80
C LEU A 132 -6.00 -12.79 -0.70
N SER A 133 -5.36 -13.76 -1.36
CA SER A 133 -5.77 -15.14 -1.43
C SER A 133 -5.39 -15.89 -0.14
N THR A 134 -5.25 -15.23 1.00
CA THR A 134 -4.78 -15.85 2.23
C THR A 134 -5.76 -15.59 3.37
N PRO A 135 -6.11 -16.61 4.17
CA PRO A 135 -6.81 -16.45 5.44
C PRO A 135 -5.85 -15.89 6.49
N GLY A 136 -6.41 -15.29 7.53
CA GLY A 136 -5.65 -14.67 8.60
C GLY A 136 -5.29 -13.25 8.21
N THR A 137 -4.47 -13.05 7.18
CA THR A 137 -3.91 -11.75 6.82
C THR A 137 -5.01 -10.75 6.45
N ILE A 138 -4.76 -9.46 6.73
CA ILE A 138 -5.78 -8.42 6.64
C ILE A 138 -5.11 -7.35 5.84
N ILE A 139 -5.54 -7.17 4.58
CA ILE A 139 -4.97 -6.10 3.78
C ILE A 139 -5.38 -4.77 4.41
N LEU A 140 -4.45 -3.83 4.45
CA LEU A 140 -4.65 -2.45 4.90
C LEU A 140 -4.00 -1.53 3.88
N GLY A 141 -4.79 -0.98 2.95
CA GLY A 141 -4.24 -0.20 1.85
C GLY A 141 -5.18 0.91 1.38
N THR A 142 -4.82 1.57 0.29
CA THR A 142 -5.54 2.72 -0.26
C THR A 142 -5.49 2.60 -1.79
N ILE A 143 -6.60 2.85 -2.49
CA ILE A 143 -6.71 2.85 -3.95
C ILE A 143 -7.35 4.15 -4.44
N PRO A 144 -7.31 4.47 -5.74
CA PRO A 144 -8.25 5.41 -6.33
C PRO A 144 -9.67 4.81 -6.38
N VAL A 145 -10.69 5.67 -6.51
CA VAL A 145 -12.07 5.22 -6.62
C VAL A 145 -12.29 4.53 -7.98
N PRO A 146 -13.26 3.61 -8.04
CA PRO A 146 -13.55 2.85 -9.25
C PRO A 146 -14.22 3.71 -10.32
N LYS A 147 -14.91 4.76 -9.88
CA LYS A 147 -15.64 5.75 -10.65
C LYS A 147 -14.75 6.31 -11.77
N GLY A 148 -14.94 5.84 -13.00
CA GLY A 148 -14.03 6.06 -14.12
C GLY A 148 -13.90 4.77 -14.93
N LYS A 149 -12.69 4.21 -15.03
CA LYS A 149 -12.35 3.08 -15.91
C LYS A 149 -11.74 1.92 -15.10
N PRO A 150 -11.53 0.73 -15.71
CA PRO A 150 -10.59 -0.25 -15.21
C PRO A 150 -9.18 0.36 -15.10
N LEU A 151 -8.28 -0.38 -14.48
CA LEU A 151 -6.86 -0.15 -14.35
C LEU A 151 -6.21 -1.54 -14.33
N ALA A 152 -4.88 -1.63 -14.23
CA ALA A 152 -4.21 -2.91 -14.09
C ALA A 152 -4.27 -3.35 -12.62
N LEU A 153 -3.39 -2.84 -11.77
CA LEU A 153 -3.28 -3.34 -10.40
C LEU A 153 -4.52 -3.08 -9.55
N VAL A 154 -5.23 -1.97 -9.78
CA VAL A 154 -6.40 -1.71 -8.95
C VAL A 154 -7.44 -2.80 -9.20
N GLU A 155 -7.56 -3.32 -10.43
CA GLU A 155 -8.46 -4.41 -10.81
C GLU A 155 -8.16 -5.68 -10.01
N GLU A 156 -6.88 -5.95 -9.69
CA GLU A 156 -6.46 -7.12 -8.92
C GLU A 156 -7.25 -7.19 -7.61
N ILE A 157 -7.28 -6.08 -6.87
CA ILE A 157 -8.03 -5.94 -5.64
C ILE A 157 -9.52 -5.70 -5.95
N ARG A 158 -9.85 -4.96 -7.01
CA ARG A 158 -11.24 -4.59 -7.32
C ARG A 158 -12.09 -5.82 -7.58
N ASN A 159 -11.48 -6.91 -8.02
CA ASN A 159 -12.15 -8.18 -8.27
C ASN A 159 -12.70 -8.84 -7.01
N ARG A 160 -12.30 -8.38 -5.83
CA ARG A 160 -12.49 -9.06 -4.55
C ARG A 160 -13.36 -8.17 -3.68
N LYS A 161 -14.55 -7.80 -4.16
CA LYS A 161 -15.41 -6.74 -3.60
C LYS A 161 -15.81 -6.94 -2.15
N ASP A 162 -15.55 -8.11 -1.56
CA ASP A 162 -15.64 -8.32 -0.11
C ASP A 162 -14.75 -7.34 0.68
N VAL A 163 -13.68 -6.80 0.06
CA VAL A 163 -12.92 -5.65 0.52
C VAL A 163 -13.91 -4.51 0.89
N LYS A 164 -13.89 -4.09 2.16
CA LYS A 164 -14.55 -2.89 2.69
C LYS A 164 -13.90 -1.65 2.06
N VAL A 165 -14.68 -0.68 1.61
CA VAL A 165 -14.18 0.42 0.76
C VAL A 165 -14.39 1.74 1.51
N PHE A 166 -13.49 2.05 2.44
CA PHE A 166 -13.52 3.21 3.32
C PHE A 166 -13.30 4.48 2.48
N ASN A 167 -14.35 5.25 2.22
CA ASN A 167 -14.23 6.51 1.49
C ASN A 167 -13.65 7.58 2.41
N VAL A 168 -12.46 8.10 2.12
CA VAL A 168 -11.97 9.26 2.85
C VAL A 168 -12.82 10.49 2.51
N THR A 169 -12.65 11.54 3.31
CA THR A 169 -13.08 12.89 2.99
C THR A 169 -11.82 13.74 3.00
N LYS A 170 -11.78 14.81 2.22
CA LYS A 170 -10.76 15.85 2.33
C LYS A 170 -10.87 16.53 3.70
N GLU A 171 -12.04 16.45 4.33
CA GLU A 171 -12.35 16.99 5.64
C GLU A 171 -11.56 16.22 6.70
N ASN A 172 -11.93 14.97 7.03
CA ASN A 172 -11.32 14.17 8.09
C ASN A 172 -10.18 13.34 7.53
N ARG A 173 -9.50 13.87 6.50
CA ARG A 173 -8.47 13.18 5.73
C ARG A 173 -7.31 12.71 6.63
N ASN A 174 -7.11 13.36 7.77
CA ASN A 174 -6.09 13.14 8.76
C ASN A 174 -6.70 12.66 10.10
N HIS A 175 -7.91 12.10 10.09
CA HIS A 175 -8.56 11.54 11.26
C HIS A 175 -9.24 10.19 11.01
N LEU A 176 -9.11 9.57 9.81
CA LEU A 176 -9.97 8.40 9.56
C LEU A 176 -9.37 7.13 10.20
N LEU A 177 -8.10 7.20 10.61
CA LEU A 177 -7.31 6.15 11.26
C LEU A 177 -8.15 5.29 12.22
N PRO A 178 -8.80 5.82 13.29
CA PRO A 178 -9.39 4.97 14.31
C PRO A 178 -10.61 4.21 13.79
N ASP A 179 -11.29 4.72 12.76
CA ASP A 179 -12.43 4.04 12.16
C ASP A 179 -11.94 2.78 11.46
N ILE A 180 -10.83 2.90 10.74
CA ILE A 180 -10.18 1.81 10.03
C ILE A 180 -9.78 0.75 11.07
N VAL A 181 -9.05 1.18 12.10
CA VAL A 181 -8.62 0.34 13.23
C VAL A 181 -9.82 -0.40 13.83
N THR A 182 -10.96 0.27 14.03
CA THR A 182 -12.17 -0.31 14.62
C THR A 182 -12.70 -1.48 13.78
N CYS A 183 -12.54 -1.45 12.47
CA CYS A 183 -12.94 -2.53 11.57
C CYS A 183 -12.08 -3.77 11.84
N VAL A 184 -10.77 -3.58 11.98
CA VAL A 184 -9.80 -4.64 12.14
C VAL A 184 -10.04 -5.36 13.48
N GLN A 185 -10.19 -4.61 14.58
CA GLN A 185 -10.47 -5.22 15.88
C GLN A 185 -11.85 -5.89 15.93
N SER A 186 -12.81 -5.47 15.09
CA SER A 186 -14.13 -6.06 14.98
C SER A 186 -14.02 -7.48 14.38
N SER A 187 -12.97 -7.78 13.60
CA SER A 187 -12.60 -9.13 13.20
C SER A 187 -12.04 -9.99 14.35
N ARG A 188 -12.30 -9.65 15.62
CA ARG A 188 -11.65 -10.16 16.82
C ARG A 188 -10.14 -10.03 16.72
N LYS A 189 -9.67 -8.82 17.05
CA LYS A 189 -8.30 -8.32 17.17
C LYS A 189 -7.25 -9.40 17.43
N ALA A 1 -12.54 -10.38 10.57
CA ALA A 1 -11.86 -9.23 9.97
C ALA A 1 -11.56 -9.56 8.52
N ARG A 2 -12.40 -9.07 7.61
CA ARG A 2 -12.15 -9.13 6.17
C ARG A 2 -11.07 -8.10 5.82
N HIS A 3 -10.62 -8.13 4.57
CA HIS A 3 -9.74 -7.13 3.98
C HIS A 3 -10.48 -5.79 3.91
N VAL A 4 -9.78 -4.68 4.21
CA VAL A 4 -10.35 -3.33 4.21
C VAL A 4 -9.56 -2.53 3.17
N PHE A 5 -10.23 -1.70 2.36
CA PHE A 5 -9.54 -0.76 1.49
C PHE A 5 -10.13 0.63 1.67
N LEU A 6 -9.26 1.64 1.53
CA LEU A 6 -9.60 3.04 1.66
C LEU A 6 -9.74 3.59 0.25
N THR A 7 -10.82 4.31 -0.05
CA THR A 7 -11.02 4.90 -1.35
C THR A 7 -11.18 6.41 -1.21
N GLY A 8 -11.28 7.10 -2.33
CA GLY A 8 -11.39 8.54 -2.43
C GLY A 8 -10.34 9.05 -3.41
N PRO A 9 -9.63 10.14 -3.06
CA PRO A 9 -8.94 10.96 -4.04
C PRO A 9 -7.72 10.23 -4.64
N PRO A 10 -7.25 10.68 -5.81
CA PRO A 10 -6.12 10.08 -6.52
C PRO A 10 -4.77 10.32 -5.85
N GLY A 11 -4.72 11.20 -4.84
CA GLY A 11 -3.53 11.48 -4.07
C GLY A 11 -3.67 11.06 -2.61
N VAL A 12 -4.62 10.17 -2.30
CA VAL A 12 -4.85 9.44 -1.08
C VAL A 12 -5.42 10.38 -0.03
N GLY A 13 -4.65 11.37 0.41
CA GLY A 13 -5.01 12.30 1.46
C GLY A 13 -5.13 11.59 2.80
N LYS A 14 -4.81 10.29 2.84
CA LYS A 14 -4.95 9.47 4.03
C LYS A 14 -3.66 8.81 4.53
N THR A 15 -2.55 8.87 3.79
CA THR A 15 -1.36 8.04 4.06
C THR A 15 -0.97 8.05 5.54
N THR A 16 -1.05 9.24 6.15
CA THR A 16 -0.78 9.55 7.54
C THR A 16 -1.39 8.48 8.43
N LEU A 17 -2.66 8.19 8.18
CA LEU A 17 -3.51 7.34 8.98
C LEU A 17 -3.04 5.91 8.89
N ILE A 18 -2.96 5.34 7.68
CA ILE A 18 -2.55 3.95 7.55
C ILE A 18 -1.16 3.77 8.18
N HIS A 19 -0.20 4.66 7.87
CA HIS A 19 1.10 4.70 8.53
C HIS A 19 0.97 4.65 10.05
N LYS A 20 0.21 5.58 10.63
CA LYS A 20 0.11 5.66 12.07
C LYS A 20 -0.64 4.46 12.65
N ALA A 21 -1.52 3.82 11.88
CA ALA A 21 -2.20 2.59 12.26
C ALA A 21 -1.19 1.54 12.71
N SER A 22 -0.06 1.47 12.01
CA SER A 22 0.92 0.45 12.30
C SER A 22 1.58 0.75 13.65
N GLU A 23 1.77 2.02 13.99
CA GLU A 23 2.30 2.43 15.29
C GLU A 23 1.37 1.92 16.40
N VAL A 24 0.06 2.06 16.22
CA VAL A 24 -0.96 1.60 17.17
C VAL A 24 -0.86 0.09 17.34
N LEU A 25 -0.91 -0.66 16.23
CA LEU A 25 -0.86 -2.11 16.25
C LEU A 25 0.43 -2.57 16.89
N LYS A 26 1.55 -1.90 16.58
CA LYS A 26 2.86 -2.29 17.10
C LYS A 26 2.93 -2.02 18.59
N SER A 27 2.40 -0.89 19.03
CA SER A 27 2.19 -0.61 20.44
C SER A 27 1.24 -1.65 21.06
N SER A 28 0.30 -2.22 20.30
CA SER A 28 -0.56 -3.32 20.71
C SER A 28 0.09 -4.70 20.50
N GLY A 29 1.33 -4.78 20.01
CA GLY A 29 2.07 -6.01 19.79
C GLY A 29 1.63 -6.77 18.53
N VAL A 30 0.67 -6.29 17.75
CA VAL A 30 0.07 -7.00 16.62
C VAL A 30 1.07 -6.95 15.45
N PRO A 31 1.69 -8.08 15.05
CA PRO A 31 2.66 -8.10 13.97
C PRO A 31 2.00 -7.68 12.66
N VAL A 32 2.51 -6.58 12.08
CA VAL A 32 1.96 -5.97 10.89
C VAL A 32 3.02 -5.95 9.80
N ASP A 33 2.73 -6.65 8.70
CA ASP A 33 3.55 -6.75 7.49
C ASP A 33 3.16 -5.65 6.51
N GLY A 34 3.96 -5.50 5.45
CA GLY A 34 3.59 -4.76 4.26
C GLY A 34 4.59 -3.64 4.05
N PHE A 35 4.17 -2.61 3.34
CA PHE A 35 4.99 -1.45 3.14
C PHE A 35 4.17 -0.18 2.97
N TYR A 36 4.83 0.99 3.03
CA TYR A 36 4.18 2.24 2.63
C TYR A 36 5.19 3.13 1.88
N THR A 37 4.87 4.36 1.48
CA THR A 37 5.85 5.36 1.01
C THR A 37 5.78 6.55 1.97
N GLU A 38 6.91 7.09 2.44
CA GLU A 38 6.90 8.30 3.26
C GLU A 38 7.72 9.42 2.64
N GLU A 39 7.72 9.47 1.30
CA GLU A 39 8.56 10.32 0.46
C GLU A 39 10.05 10.08 0.76
N VAL A 40 10.94 10.87 0.17
CA VAL A 40 12.24 11.17 0.76
C VAL A 40 12.50 12.66 0.54
N ARG A 41 13.15 13.30 1.51
CA ARG A 41 13.73 14.64 1.43
C ARG A 41 15.19 14.54 1.82
N GLN A 42 15.97 15.55 1.44
CA GLN A 42 17.33 15.79 1.91
C GLN A 42 17.30 17.01 2.84
N GLY A 43 16.32 17.01 3.74
CA GLY A 43 15.92 18.19 4.45
C GLY A 43 15.12 19.09 3.50
N GLY A 44 13.80 19.11 3.68
CA GLY A 44 12.89 20.03 3.01
C GLY A 44 12.59 19.68 1.55
N ARG A 45 13.61 19.46 0.71
CA ARG A 45 13.39 19.50 -0.72
C ARG A 45 12.96 18.14 -1.24
N ARG A 46 11.99 18.15 -2.16
CA ARG A 46 11.51 16.93 -2.80
C ARG A 46 12.60 16.40 -3.73
N ILE A 47 12.87 15.10 -3.70
CA ILE A 47 13.93 14.49 -4.52
C ILE A 47 13.60 13.08 -4.99
N GLY A 48 12.52 12.47 -4.51
CA GLY A 48 12.22 11.10 -4.84
C GLY A 48 11.24 10.51 -3.85
N PHE A 49 10.95 9.23 -4.04
CA PHE A 49 10.13 8.42 -3.18
C PHE A 49 10.88 7.13 -2.94
N ASP A 50 10.67 6.55 -1.77
CA ASP A 50 11.29 5.34 -1.30
C ASP A 50 10.17 4.60 -0.59
N VAL A 51 10.07 3.29 -0.85
CA VAL A 51 9.20 2.35 -0.16
C VAL A 51 9.74 2.14 1.24
N VAL A 52 8.89 1.74 2.20
CA VAL A 52 9.41 1.24 3.45
C VAL A 52 8.59 0.06 3.98
N THR A 53 9.21 -0.94 4.59
CA THR A 53 8.48 -2.04 5.23
C THR A 53 8.02 -1.62 6.62
N LEU A 54 7.05 -2.35 7.17
CA LEU A 54 6.56 -2.11 8.53
C LEU A 54 7.52 -2.60 9.61
N SER A 55 8.52 -3.42 9.26
CA SER A 55 9.63 -3.71 10.16
C SER A 55 10.51 -2.46 10.32
N GLY A 56 10.50 -1.55 9.34
CA GLY A 56 11.23 -0.30 9.38
C GLY A 56 12.42 -0.29 8.40
N THR A 57 12.43 -1.19 7.42
CA THR A 57 13.37 -1.14 6.29
C THR A 57 12.79 -0.17 5.25
N ARG A 58 13.58 0.23 4.26
CA ARG A 58 13.17 1.17 3.21
C ARG A 58 13.74 0.62 1.89
N GLY A 59 13.29 1.04 0.72
CA GLY A 59 14.06 0.93 -0.50
C GLY A 59 13.69 2.04 -1.48
N PRO A 60 14.39 2.12 -2.62
CA PRO A 60 14.11 3.12 -3.63
C PRO A 60 12.71 2.89 -4.22
N LEU A 61 12.14 3.89 -4.87
CA LEU A 61 10.95 3.75 -5.70
C LEU A 61 11.08 4.69 -6.88
N SER A 62 11.21 6.00 -6.64
CA SER A 62 11.36 6.98 -7.69
C SER A 62 12.49 7.93 -7.33
N ARG A 63 13.24 8.37 -8.34
CA ARG A 63 14.35 9.29 -8.22
C ARG A 63 14.35 10.20 -9.45
N VAL A 64 15.05 11.34 -9.38
CA VAL A 64 14.96 12.35 -10.45
C VAL A 64 15.55 11.74 -11.73
N GLY A 65 15.05 12.19 -12.89
CA GLY A 65 15.65 11.93 -14.17
C GLY A 65 15.16 13.00 -15.14
N LEU A 66 15.94 13.21 -16.19
CA LEU A 66 15.49 13.87 -17.41
C LEU A 66 14.36 13.04 -18.03
N GLU A 67 13.63 13.67 -18.93
CA GLU A 67 12.55 13.01 -19.64
C GLU A 67 13.11 11.85 -20.48
N PRO A 68 12.30 10.81 -20.70
CA PRO A 68 12.71 9.66 -21.47
C PRO A 68 12.86 10.03 -22.95
N PRO A 69 14.03 9.78 -23.54
CA PRO A 69 14.25 9.92 -24.97
C PRO A 69 13.46 8.83 -25.72
N PRO A 70 13.30 8.95 -27.04
CA PRO A 70 12.61 7.94 -27.83
C PRO A 70 13.46 6.66 -27.84
N GLY A 71 13.08 5.68 -27.02
CA GLY A 71 13.78 4.42 -26.87
C GLY A 71 13.80 3.99 -25.42
N LYS A 72 14.52 4.71 -24.56
CA LYS A 72 14.63 4.35 -23.16
C LYS A 72 13.36 4.76 -22.46
N ARG A 73 12.74 3.82 -21.78
CA ARG A 73 11.47 4.02 -21.08
C ARG A 73 11.48 3.14 -19.84
N GLU A 74 11.41 3.76 -18.67
CA GLU A 74 11.39 3.09 -17.36
C GLU A 74 10.30 3.78 -16.51
N CYS A 75 9.17 4.08 -17.17
CA CYS A 75 8.01 4.79 -16.62
C CYS A 75 8.38 6.19 -16.11
N ARG A 76 7.52 6.79 -15.27
CA ARG A 76 7.66 8.06 -14.57
C ARG A 76 6.33 8.42 -13.90
N VAL A 77 6.40 9.26 -12.89
CA VAL A 77 5.21 9.83 -12.24
C VAL A 77 5.15 11.35 -12.41
N GLY A 78 6.13 11.94 -13.08
CA GLY A 78 6.35 13.37 -13.16
C GLY A 78 7.39 13.70 -12.09
N GLN A 79 8.31 14.61 -12.41
CA GLN A 79 9.61 14.77 -11.78
C GLN A 79 10.44 13.49 -11.89
N TYR A 80 10.03 12.42 -11.19
CA TYR A 80 10.80 11.23 -10.98
C TYR A 80 10.43 10.18 -12.02
N VAL A 81 11.41 9.36 -12.35
CA VAL A 81 11.24 8.08 -13.02
C VAL A 81 11.12 7.05 -11.89
N VAL A 82 10.23 6.06 -11.99
CA VAL A 82 10.09 5.01 -11.00
C VAL A 82 11.09 3.91 -11.30
N ASP A 83 11.06 2.81 -10.54
CA ASP A 83 11.52 1.53 -11.05
C ASP A 83 10.73 0.44 -10.34
N LEU A 84 9.99 -0.40 -11.09
CA LEU A 84 9.19 -1.53 -10.56
C LEU A 84 10.05 -2.54 -9.82
N THR A 85 11.27 -2.72 -10.29
CA THR A 85 12.31 -3.50 -9.67
C THR A 85 12.48 -3.08 -8.21
N SER A 86 12.41 -1.78 -7.91
CA SER A 86 12.73 -1.26 -6.60
C SER A 86 11.75 -1.80 -5.56
N PHE A 87 10.52 -2.09 -5.99
CA PHE A 87 9.52 -2.78 -5.22
C PHE A 87 9.93 -4.24 -5.08
N GLU A 88 10.09 -4.98 -6.19
CA GLU A 88 10.44 -6.41 -6.26
C GLU A 88 11.66 -6.78 -5.40
N GLN A 89 12.53 -5.83 -5.03
CA GLN A 89 13.57 -6.05 -4.03
C GLN A 89 12.99 -6.49 -2.68
N LEU A 90 12.10 -5.68 -2.10
CA LEU A 90 11.68 -5.76 -0.70
C LEU A 90 10.16 -5.92 -0.55
N ALA A 91 9.38 -5.32 -1.44
CA ALA A 91 7.94 -5.50 -1.57
C ALA A 91 7.67 -6.80 -2.34
N LEU A 92 8.20 -7.91 -1.83
CA LEU A 92 8.16 -9.21 -2.50
C LEU A 92 8.13 -10.33 -1.45
N PRO A 93 9.12 -10.45 -0.54
CA PRO A 93 9.01 -11.33 0.63
C PRO A 93 8.02 -10.81 1.68
N VAL A 94 7.80 -9.51 1.77
CA VAL A 94 6.86 -8.91 2.71
C VAL A 94 5.43 -9.39 2.43
N LEU A 95 5.13 -9.73 1.17
CA LEU A 95 3.89 -10.36 0.75
C LEU A 95 3.94 -11.81 1.21
N ARG A 96 3.56 -12.04 2.47
CA ARG A 96 3.50 -13.32 3.16
C ARG A 96 4.80 -14.12 3.05
N ASN A 97 5.75 -13.74 3.91
CA ASN A 97 6.83 -14.59 4.43
C ASN A 97 6.18 -15.73 5.22
N ALA A 98 6.68 -16.95 5.03
CA ALA A 98 6.13 -18.17 5.63
C ALA A 98 6.73 -18.42 7.01
N ASP A 99 6.49 -17.49 7.93
CA ASP A 99 7.20 -17.32 9.17
C ASP A 99 6.53 -18.14 10.26
N CYS A 100 5.23 -17.93 10.48
CA CYS A 100 4.36 -18.81 11.25
C CYS A 100 2.89 -18.53 10.92
N SER A 101 1.98 -19.42 11.31
CA SER A 101 0.55 -19.13 11.39
C SER A 101 -0.13 -20.16 12.28
N SER A 102 -0.53 -19.82 13.50
CA SER A 102 -1.40 -20.69 14.30
C SER A 102 -2.18 -19.87 15.34
N GLY A 103 -3.36 -20.35 15.71
CA GLY A 103 -4.09 -19.89 16.89
C GLY A 103 -4.60 -18.47 16.76
N PRO A 104 -4.87 -17.79 17.90
CA PRO A 104 -5.03 -16.34 17.92
C PRO A 104 -3.70 -15.72 17.51
N GLY A 105 -3.66 -15.09 16.34
CA GLY A 105 -2.42 -14.56 15.77
C GLY A 105 -2.54 -14.51 14.26
N GLN A 106 -3.38 -13.62 13.74
CA GLN A 106 -3.40 -13.30 12.32
C GLN A 106 -2.21 -12.39 11.98
N ARG A 107 -1.87 -12.31 10.70
CA ARG A 107 -1.06 -11.22 10.17
C ARG A 107 -1.95 -10.01 9.98
N VAL A 108 -1.39 -8.81 9.98
CA VAL A 108 -1.95 -7.69 9.22
C VAL A 108 -1.03 -7.55 8.01
N CYS A 109 -1.52 -7.10 6.84
CA CYS A 109 -0.65 -6.57 5.81
C CYS A 109 -1.14 -5.19 5.37
N VAL A 110 -0.27 -4.44 4.70
CA VAL A 110 -0.41 -3.03 4.43
C VAL A 110 0.20 -2.76 3.06
N ILE A 111 -0.56 -2.16 2.16
CA ILE A 111 -0.12 -1.85 0.82
C ILE A 111 -0.59 -0.42 0.55
N ASP A 112 -0.07 0.53 1.34
CA ASP A 112 -0.42 1.93 1.19
C ASP A 112 0.46 2.52 0.11
N GLU A 113 -0.07 2.58 -1.11
CA GLU A 113 0.60 3.23 -2.24
C GLU A 113 -0.34 3.28 -3.44
N ILE A 114 -1.21 2.28 -3.55
CA ILE A 114 -1.87 1.90 -4.80
C ILE A 114 -2.70 3.07 -5.34
N GLY A 115 -2.36 3.51 -6.55
CA GLY A 115 -3.04 4.59 -7.25
C GLY A 115 -2.09 5.41 -8.12
N LYS A 116 -0.78 5.29 -7.92
CA LYS A 116 0.22 5.93 -8.77
C LYS A 116 0.80 4.93 -9.76
N MET A 117 0.96 3.68 -9.37
CA MET A 117 1.30 2.55 -10.22
C MET A 117 0.04 1.91 -10.82
N GLU A 118 -1.09 2.60 -10.88
CA GLU A 118 -2.37 2.06 -11.38
C GLU A 118 -2.24 1.28 -12.70
N LEU A 119 -1.31 1.72 -13.57
CA LEU A 119 -0.93 1.11 -14.83
C LEU A 119 0.39 0.36 -14.67
N PHE A 120 1.38 0.97 -14.01
CA PHE A 120 2.75 0.49 -13.96
C PHE A 120 2.91 -0.81 -13.14
N SER A 121 1.98 -1.12 -12.23
CA SER A 121 1.97 -2.32 -11.42
C SER A 121 2.01 -3.58 -12.30
N GLN A 122 3.18 -4.18 -12.45
CA GLN A 122 3.33 -5.50 -13.06
C GLN A 122 3.09 -6.59 -12.03
N LEU A 123 4.12 -6.94 -11.26
CA LEU A 123 4.11 -8.04 -10.28
C LEU A 123 3.07 -7.86 -9.19
N PHE A 124 2.47 -6.69 -9.01
CA PHE A 124 1.42 -6.49 -8.01
C PHE A 124 0.29 -7.49 -8.17
N ILE A 125 -0.29 -7.62 -9.37
CA ILE A 125 -1.37 -8.56 -9.66
C ILE A 125 -1.03 -10.01 -9.21
N GLN A 126 0.24 -10.34 -9.06
CA GLN A 126 0.70 -11.63 -8.55
C GLN A 126 0.94 -11.49 -7.05
N ALA A 127 1.84 -10.58 -6.68
CA ALA A 127 2.36 -10.42 -5.34
C ALA A 127 1.24 -10.08 -4.33
N VAL A 128 0.44 -9.07 -4.66
CA VAL A 128 -0.73 -8.68 -3.89
C VAL A 128 -1.72 -9.85 -3.88
N ARG A 129 -2.02 -10.49 -5.02
CA ARG A 129 -2.91 -11.65 -5.04
C ARG A 129 -2.45 -12.81 -4.15
N GLN A 130 -1.15 -13.11 -4.07
CA GLN A 130 -0.60 -14.12 -3.18
C GLN A 130 -0.94 -13.80 -1.73
N THR A 131 -0.88 -12.53 -1.36
CA THR A 131 -1.19 -12.09 0.00
C THR A 131 -2.70 -12.22 0.25
N LEU A 132 -3.52 -11.88 -0.74
CA LEU A 132 -4.97 -11.95 -0.66
C LEU A 132 -5.48 -13.40 -0.68
N SER A 133 -4.65 -14.40 -1.04
CA SER A 133 -4.96 -15.79 -0.78
C SER A 133 -5.03 -16.04 0.72
N THR A 134 -4.01 -15.60 1.46
CA THR A 134 -3.88 -15.89 2.88
C THR A 134 -5.11 -15.34 3.62
N PRO A 135 -5.70 -16.13 4.53
CA PRO A 135 -6.92 -15.75 5.21
C PRO A 135 -6.66 -14.82 6.40
N GLY A 136 -5.54 -15.01 7.09
CA GLY A 136 -5.25 -14.29 8.31
C GLY A 136 -4.79 -12.88 8.00
N THR A 137 -3.82 -12.71 7.09
CA THR A 137 -3.26 -11.43 6.69
C THR A 137 -4.37 -10.41 6.39
N ILE A 138 -4.44 -9.34 7.19
CA ILE A 138 -5.56 -8.42 7.12
C ILE A 138 -5.03 -7.31 6.23
N ILE A 139 -5.18 -7.50 4.91
CA ILE A 139 -4.87 -6.47 3.92
C ILE A 139 -5.61 -5.20 4.31
N LEU A 140 -4.84 -4.15 4.59
CA LEU A 140 -5.20 -2.78 4.27
C LEU A 140 -4.50 -2.42 2.97
N GLY A 141 -5.14 -1.59 2.17
CA GLY A 141 -4.47 -0.77 1.18
C GLY A 141 -5.34 0.43 0.90
N THR A 142 -4.73 1.50 0.42
CA THR A 142 -5.51 2.58 -0.20
C THR A 142 -5.62 2.31 -1.70
N ILE A 143 -6.71 2.74 -2.33
CA ILE A 143 -6.89 2.83 -3.79
C ILE A 143 -7.57 4.18 -4.12
N PRO A 144 -7.54 4.66 -5.37
CA PRO A 144 -8.39 5.77 -5.83
C PRO A 144 -9.81 5.27 -6.13
N VAL A 145 -10.78 6.18 -6.27
CA VAL A 145 -12.05 5.87 -6.90
C VAL A 145 -11.83 5.65 -8.41
N PRO A 146 -12.64 4.79 -9.06
CA PRO A 146 -12.60 4.60 -10.50
C PRO A 146 -13.39 5.74 -11.17
N LYS A 147 -14.72 5.72 -11.04
CA LYS A 147 -15.64 6.70 -11.62
C LYS A 147 -15.37 6.99 -13.11
N GLY A 148 -15.01 5.96 -13.86
CA GLY A 148 -14.70 6.06 -15.28
C GLY A 148 -14.14 4.73 -15.75
N LYS A 149 -12.91 4.74 -16.26
CA LYS A 149 -12.27 3.53 -16.73
C LYS A 149 -11.92 2.63 -15.53
N PRO A 150 -11.71 1.33 -15.76
CA PRO A 150 -10.97 0.50 -14.83
C PRO A 150 -9.51 0.96 -14.84
N LEU A 151 -8.74 0.50 -13.86
CA LEU A 151 -7.30 0.67 -13.82
C LEU A 151 -6.69 -0.61 -14.42
N ALA A 152 -5.40 -0.90 -14.24
CA ALA A 152 -4.84 -2.21 -14.57
C ALA A 152 -4.76 -3.09 -13.33
N LEU A 153 -3.99 -2.66 -12.31
CA LEU A 153 -3.83 -3.43 -11.06
C LEU A 153 -5.11 -3.37 -10.22
N VAL A 154 -5.67 -2.19 -9.94
CA VAL A 154 -6.75 -2.05 -8.96
C VAL A 154 -7.98 -2.88 -9.36
N GLU A 155 -8.11 -3.20 -10.64
CA GLU A 155 -9.09 -4.09 -11.23
C GLU A 155 -9.01 -5.50 -10.62
N GLU A 156 -7.80 -6.05 -10.39
CA GLU A 156 -7.63 -7.35 -9.77
C GLU A 156 -8.28 -7.36 -8.38
N ILE A 157 -7.90 -6.39 -7.55
CA ILE A 157 -8.41 -6.24 -6.20
C ILE A 157 -9.90 -5.86 -6.20
N ARG A 158 -10.42 -5.21 -7.23
CA ARG A 158 -11.84 -4.86 -7.29
C ARG A 158 -12.69 -6.09 -7.50
N ASN A 159 -12.14 -7.20 -8.00
CA ASN A 159 -12.88 -8.45 -8.08
C ASN A 159 -13.10 -9.05 -6.68
N ARG A 160 -12.40 -8.60 -5.64
CA ARG A 160 -12.58 -9.06 -4.27
C ARG A 160 -13.79 -8.30 -3.69
N LYS A 161 -15.00 -8.80 -3.93
CA LYS A 161 -16.22 -8.18 -3.40
C LYS A 161 -16.25 -8.20 -1.86
N ASP A 162 -15.47 -9.08 -1.23
CA ASP A 162 -15.24 -9.15 0.21
C ASP A 162 -14.78 -7.82 0.82
N VAL A 163 -13.98 -7.06 0.07
CA VAL A 163 -13.25 -5.88 0.54
C VAL A 163 -14.22 -4.80 1.04
N LYS A 164 -14.08 -4.33 2.30
CA LYS A 164 -14.68 -3.08 2.79
C LYS A 164 -14.17 -1.92 1.95
N VAL A 165 -14.98 -0.89 1.73
CA VAL A 165 -14.60 0.28 0.94
C VAL A 165 -14.93 1.52 1.78
N PHE A 166 -13.92 2.06 2.46
CA PHE A 166 -14.00 3.20 3.36
C PHE A 166 -13.85 4.49 2.52
N ASN A 167 -14.96 5.21 2.27
CA ASN A 167 -15.02 6.41 1.41
C ASN A 167 -14.62 7.65 2.21
N VAL A 168 -13.40 8.17 2.03
CA VAL A 168 -13.01 9.37 2.75
C VAL A 168 -13.69 10.61 2.17
N THR A 169 -13.66 11.66 2.97
CA THR A 169 -14.08 13.00 2.68
C THR A 169 -12.97 13.92 3.15
N LYS A 170 -12.58 14.91 2.33
CA LYS A 170 -11.55 15.92 2.66
C LYS A 170 -11.77 16.50 4.05
N GLU A 171 -13.04 16.54 4.45
CA GLU A 171 -13.52 17.19 5.65
C GLU A 171 -12.96 16.49 6.89
N ASN A 172 -12.72 15.18 6.80
CA ASN A 172 -12.31 14.32 7.92
C ASN A 172 -11.11 13.45 7.52
N ARG A 173 -10.39 13.81 6.43
CA ARG A 173 -9.42 12.93 5.80
C ARG A 173 -8.27 12.50 6.70
N ASN A 174 -7.97 13.24 7.78
CA ASN A 174 -6.88 12.97 8.70
C ASN A 174 -7.35 12.33 10.01
N HIS A 175 -8.60 11.88 10.07
CA HIS A 175 -9.17 11.21 11.23
C HIS A 175 -9.80 9.88 10.84
N LEU A 176 -9.36 9.23 9.75
CA LEU A 176 -9.94 7.91 9.42
C LEU A 176 -9.23 6.80 10.21
N LEU A 177 -8.09 7.13 10.84
CA LEU A 177 -7.17 6.22 11.52
C LEU A 177 -7.92 5.25 12.45
N PRO A 178 -8.72 5.69 13.45
CA PRO A 178 -9.33 4.77 14.41
C PRO A 178 -10.44 3.93 13.80
N ASP A 179 -11.05 4.39 12.71
CA ASP A 179 -12.15 3.73 12.02
C ASP A 179 -11.62 2.42 11.47
N ILE A 180 -10.45 2.51 10.85
CA ILE A 180 -9.67 1.41 10.34
C ILE A 180 -9.22 0.53 11.50
N VAL A 181 -8.59 1.06 12.55
CA VAL A 181 -8.12 0.23 13.67
C VAL A 181 -9.28 -0.58 14.25
N THR A 182 -10.44 0.05 14.46
CA THR A 182 -11.65 -0.60 14.93
C THR A 182 -12.06 -1.72 13.98
N CYS A 183 -11.99 -1.49 12.66
CA CYS A 183 -12.27 -2.49 11.64
C CYS A 183 -11.28 -3.65 11.67
N VAL A 184 -9.99 -3.39 11.91
CA VAL A 184 -8.97 -4.43 11.92
C VAL A 184 -9.14 -5.27 13.18
N GLN A 185 -9.22 -4.65 14.36
CA GLN A 185 -9.43 -5.37 15.61
C GLN A 185 -10.81 -6.04 15.69
N SER A 186 -11.74 -5.71 14.78
CA SER A 186 -13.13 -6.17 14.83
C SER A 186 -13.21 -7.68 15.05
N SER A 187 -12.36 -8.40 14.30
CA SER A 187 -12.15 -9.83 14.13
C SER A 187 -13.42 -10.69 14.11
N ARG A 188 -14.23 -10.66 15.17
CA ARG A 188 -15.54 -11.29 15.26
C ARG A 188 -16.71 -10.37 14.87
N LYS A 189 -16.60 -9.05 15.06
CA LYS A 189 -17.73 -8.14 14.83
C LYS A 189 -18.17 -8.21 13.38
N ALA A 1 -12.60 -10.33 10.74
CA ALA A 1 -11.63 -9.50 10.04
C ALA A 1 -11.92 -9.59 8.55
N ARG A 2 -12.07 -8.47 7.84
CA ARG A 2 -12.10 -8.51 6.39
C ARG A 2 -11.35 -7.32 5.84
N HIS A 3 -10.52 -7.61 4.83
CA HIS A 3 -9.68 -6.71 4.03
C HIS A 3 -10.35 -5.33 3.85
N VAL A 4 -9.60 -4.24 3.96
CA VAL A 4 -10.12 -2.88 3.91
C VAL A 4 -9.27 -2.09 2.91
N PHE A 5 -9.91 -1.22 2.14
CA PHE A 5 -9.23 -0.27 1.26
C PHE A 5 -9.86 1.10 1.40
N LEU A 6 -9.04 2.14 1.32
CA LEU A 6 -9.47 3.52 1.46
C LEU A 6 -9.50 4.20 0.12
N THR A 7 -10.38 5.19 -0.04
CA THR A 7 -10.47 5.93 -1.27
C THR A 7 -11.09 7.32 -1.07
N GLY A 8 -11.25 8.05 -2.18
CA GLY A 8 -11.73 9.42 -2.27
C GLY A 8 -10.68 10.30 -2.96
N PRO A 9 -10.46 11.54 -2.52
CA PRO A 9 -9.52 12.44 -3.17
C PRO A 9 -8.08 11.95 -2.97
N PRO A 10 -7.18 12.13 -3.96
CA PRO A 10 -5.81 11.69 -3.86
C PRO A 10 -5.03 12.59 -2.90
N GLY A 11 -3.89 12.09 -2.41
CA GLY A 11 -2.89 12.86 -1.68
C GLY A 11 -3.35 13.47 -0.35
N VAL A 12 -4.59 13.21 0.10
CA VAL A 12 -5.28 14.03 1.10
C VAL A 12 -4.77 13.87 2.55
N GLY A 13 -3.54 13.41 2.75
CA GLY A 13 -2.89 13.36 4.05
C GLY A 13 -3.15 12.05 4.77
N LYS A 14 -3.90 11.17 4.12
CA LYS A 14 -4.41 9.94 4.68
C LYS A 14 -3.31 8.96 5.11
N THR A 15 -2.08 9.07 4.60
CA THR A 15 -0.95 8.24 5.02
C THR A 15 -0.81 8.25 6.57
N THR A 16 -1.06 9.38 7.25
CA THR A 16 -1.11 9.52 8.71
C THR A 16 -2.12 8.57 9.38
N LEU A 17 -3.27 8.32 8.75
CA LEU A 17 -4.31 7.46 9.32
C LEU A 17 -3.77 6.04 9.33
N ILE A 18 -3.28 5.55 8.18
CA ILE A 18 -2.72 4.21 8.13
C ILE A 18 -1.52 4.08 9.07
N HIS A 19 -0.69 5.13 9.21
CA HIS A 19 0.43 5.15 10.14
C HIS A 19 -0.08 4.80 11.54
N LYS A 20 -1.11 5.52 11.98
CA LYS A 20 -1.80 5.23 13.23
C LYS A 20 -2.28 3.77 13.26
N ALA A 21 -2.85 3.24 12.19
CA ALA A 21 -3.28 1.83 12.18
C ALA A 21 -2.11 0.89 12.50
N SER A 22 -0.89 1.22 12.08
CA SER A 22 0.26 0.36 12.23
C SER A 22 0.59 0.28 13.72
N GLU A 23 0.76 1.43 14.35
CA GLU A 23 1.16 1.57 15.74
C GLU A 23 0.12 1.01 16.71
N VAL A 24 -1.16 1.14 16.37
CA VAL A 24 -2.30 0.59 17.12
C VAL A 24 -2.25 -0.93 17.15
N LEU A 25 -2.04 -1.58 16.00
CA LEU A 25 -1.92 -3.03 15.93
C LEU A 25 -0.70 -3.45 16.73
N LYS A 26 0.40 -2.70 16.62
CA LYS A 26 1.61 -3.06 17.37
C LYS A 26 1.31 -3.01 18.87
N SER A 27 0.58 -1.99 19.31
CA SER A 27 0.10 -1.85 20.67
C SER A 27 -0.88 -2.97 21.06
N SER A 28 -1.64 -3.53 20.11
CA SER A 28 -2.54 -4.66 20.33
C SER A 28 -1.81 -6.01 20.30
N GLY A 29 -0.49 -6.03 20.06
CA GLY A 29 0.28 -7.25 19.90
C GLY A 29 -0.01 -7.93 18.57
N VAL A 30 -0.23 -7.17 17.49
CA VAL A 30 -0.42 -7.68 16.15
C VAL A 30 0.73 -7.10 15.33
N PRO A 31 1.72 -7.91 14.90
CA PRO A 31 2.76 -7.41 14.01
C PRO A 31 2.13 -7.03 12.68
N VAL A 32 2.65 -5.96 12.08
CA VAL A 32 2.17 -5.42 10.81
C VAL A 32 3.36 -5.41 9.86
N ASP A 33 3.10 -5.90 8.66
CA ASP A 33 4.00 -5.85 7.53
C ASP A 33 3.45 -4.82 6.54
N GLY A 34 4.20 -4.53 5.49
CA GLY A 34 3.78 -3.71 4.37
C GLY A 34 4.84 -2.67 4.09
N PHE A 35 4.48 -1.61 3.36
CA PHE A 35 5.39 -0.52 3.09
C PHE A 35 4.63 0.80 2.91
N TYR A 36 5.34 1.95 2.99
CA TYR A 36 4.70 3.25 2.78
C TYR A 36 5.63 4.11 1.93
N THR A 37 5.17 5.26 1.42
CA THR A 37 5.99 6.20 0.65
C THR A 37 6.17 7.43 1.53
N GLU A 38 7.23 7.48 2.33
CA GLU A 38 7.39 8.53 3.36
C GLU A 38 7.70 9.93 2.76
N GLU A 39 7.86 10.02 1.44
CA GLU A 39 8.54 11.03 0.62
C GLU A 39 10.04 10.74 0.55
N VAL A 40 10.76 11.43 -0.35
CA VAL A 40 12.21 11.51 -0.33
C VAL A 40 12.60 12.94 -0.70
N ARG A 41 13.28 13.62 0.22
CA ARG A 41 14.03 14.84 -0.08
C ARG A 41 15.51 14.51 0.09
N GLN A 42 16.36 15.18 -0.69
CA GLN A 42 17.76 15.39 -0.38
C GLN A 42 18.02 16.78 -0.89
N GLY A 43 18.36 17.73 -0.02
CA GLY A 43 18.34 19.14 -0.39
C GLY A 43 16.93 19.58 -0.81
N GLY A 44 15.88 18.93 -0.30
CA GLY A 44 14.50 19.34 -0.49
C GLY A 44 13.88 19.06 -1.88
N ARG A 45 14.66 18.84 -2.95
CA ARG A 45 14.16 19.04 -4.33
C ARG A 45 13.18 18.00 -4.87
N ARG A 46 12.72 17.05 -4.04
CA ARG A 46 12.02 15.82 -4.41
C ARG A 46 12.76 15.08 -5.52
N ILE A 47 13.74 14.29 -5.12
CA ILE A 47 14.53 13.48 -6.04
C ILE A 47 13.80 12.24 -6.53
N GLY A 48 12.66 11.89 -5.92
CA GLY A 48 11.95 10.66 -6.20
C GLY A 48 11.21 10.24 -4.95
N PHE A 49 11.04 8.93 -4.73
CA PHE A 49 10.35 8.34 -3.60
C PHE A 49 11.10 7.09 -3.14
N ASP A 50 10.79 6.63 -1.92
CA ASP A 50 11.36 5.46 -1.27
C ASP A 50 10.20 4.50 -0.97
N VAL A 51 10.47 3.23 -0.63
CA VAL A 51 9.46 2.27 -0.22
C VAL A 51 9.86 1.68 1.10
N VAL A 52 9.22 2.09 2.19
CA VAL A 52 9.72 1.87 3.53
C VAL A 52 8.85 0.84 4.22
N THR A 53 9.43 -0.29 4.58
CA THR A 53 8.73 -1.35 5.26
C THR A 53 8.30 -0.88 6.65
N LEU A 54 7.33 -1.56 7.26
CA LEU A 54 6.94 -1.27 8.64
C LEU A 54 8.05 -1.65 9.65
N SER A 55 9.18 -2.21 9.20
CA SER A 55 10.41 -2.42 9.97
C SER A 55 11.52 -1.43 9.59
N GLY A 56 11.26 -0.41 8.76
CA GLY A 56 12.23 0.64 8.46
C GLY A 56 13.35 0.25 7.50
N THR A 57 13.30 -0.95 6.90
CA THR A 57 14.01 -1.19 5.64
C THR A 57 13.36 -0.22 4.64
N ARG A 58 14.08 0.27 3.63
CA ARG A 58 13.50 1.16 2.64
C ARG A 58 14.19 1.01 1.30
N GLY A 59 13.47 1.23 0.19
CA GLY A 59 13.99 0.96 -1.15
C GLY A 59 13.94 2.19 -2.02
N PRO A 60 14.71 2.28 -3.10
CA PRO A 60 14.98 3.53 -3.83
C PRO A 60 13.95 3.83 -4.93
N LEU A 61 12.84 3.08 -4.99
CA LEU A 61 11.61 3.20 -5.78
C LEU A 61 11.73 3.98 -7.08
N SER A 62 11.83 5.31 -7.03
CA SER A 62 12.27 6.10 -8.18
C SER A 62 13.25 7.16 -7.66
N ARG A 63 14.30 7.48 -8.43
CA ARG A 63 15.27 8.50 -8.05
C ARG A 63 16.00 9.01 -9.30
N VAL A 64 15.26 9.72 -10.17
CA VAL A 64 15.59 10.22 -11.51
C VAL A 64 16.23 9.18 -12.46
N GLY A 65 15.74 9.14 -13.70
CA GLY A 65 16.35 8.39 -14.79
C GLY A 65 16.04 9.07 -16.12
N LEU A 66 16.35 10.37 -16.22
CA LEU A 66 15.96 11.27 -17.31
C LEU A 66 14.45 11.24 -17.56
N GLU A 67 14.01 12.01 -18.55
CA GLU A 67 12.75 11.84 -19.22
C GLU A 67 12.91 10.72 -20.26
N PRO A 68 11.82 10.08 -20.70
CA PRO A 68 11.82 9.16 -21.82
C PRO A 68 11.77 9.94 -23.13
N PRO A 69 12.53 9.48 -24.15
CA PRO A 69 12.37 9.91 -25.53
C PRO A 69 11.07 9.36 -26.12
N PRO A 70 10.71 9.72 -27.36
CA PRO A 70 9.65 9.05 -28.07
C PRO A 70 10.07 7.60 -28.35
N GLY A 71 9.10 6.68 -28.43
CA GLY A 71 9.33 5.27 -28.69
C GLY A 71 9.99 4.55 -27.50
N LYS A 72 11.27 4.79 -27.26
CA LYS A 72 12.02 4.21 -26.15
C LYS A 72 11.43 4.70 -24.84
N ARG A 73 10.88 3.77 -24.07
CA ARG A 73 10.36 3.95 -22.72
C ARG A 73 9.98 2.57 -22.21
N GLU A 74 10.00 2.35 -20.90
CA GLU A 74 9.12 1.38 -20.28
C GLU A 74 8.30 1.95 -19.13
N CYS A 75 8.82 2.97 -18.48
CA CYS A 75 8.32 3.54 -17.23
C CYS A 75 8.68 5.02 -17.15
N ARG A 76 7.81 5.87 -16.61
CA ARG A 76 8.12 7.24 -16.22
C ARG A 76 6.99 7.73 -15.32
N VAL A 77 7.32 8.46 -14.26
CA VAL A 77 6.39 9.14 -13.39
C VAL A 77 6.84 10.59 -13.40
N GLY A 78 6.36 11.36 -14.39
CA GLY A 78 6.78 12.72 -14.70
C GLY A 78 8.22 12.78 -15.21
N GLN A 79 9.16 12.47 -14.33
CA GLN A 79 10.59 12.69 -14.45
C GLN A 79 11.43 11.58 -13.81
N TYR A 80 10.85 10.78 -12.91
CA TYR A 80 11.54 9.67 -12.28
C TYR A 80 11.01 8.38 -12.90
N VAL A 81 11.90 7.55 -13.42
CA VAL A 81 11.58 6.18 -13.79
C VAL A 81 11.37 5.44 -12.46
N VAL A 82 10.29 4.69 -12.30
CA VAL A 82 10.21 3.77 -11.18
C VAL A 82 11.12 2.57 -11.49
N ASP A 83 11.35 1.73 -10.49
CA ASP A 83 11.98 0.44 -10.62
C ASP A 83 11.01 -0.54 -9.98
N LEU A 84 10.39 -1.40 -10.79
CA LEU A 84 9.59 -2.54 -10.34
C LEU A 84 10.45 -3.44 -9.47
N THR A 85 11.74 -3.49 -9.75
CA THR A 85 12.76 -4.19 -8.98
C THR A 85 12.85 -3.61 -7.56
N SER A 86 12.72 -2.30 -7.36
CA SER A 86 12.87 -1.73 -6.03
C SER A 86 11.86 -2.34 -5.06
N PHE A 87 10.66 -2.64 -5.55
CA PHE A 87 9.64 -3.38 -4.83
C PHE A 87 10.07 -4.84 -4.61
N GLU A 88 10.53 -5.55 -5.65
CA GLU A 88 11.04 -6.92 -5.52
C GLU A 88 12.14 -7.05 -4.44
N GLN A 89 12.89 -5.98 -4.13
CA GLN A 89 13.95 -6.08 -3.11
C GLN A 89 13.39 -6.38 -1.73
N LEU A 90 12.39 -5.61 -1.28
CA LEU A 90 11.96 -5.61 0.13
C LEU A 90 10.46 -5.67 0.31
N ALA A 91 9.65 -5.22 -0.66
CA ALA A 91 8.19 -5.37 -0.57
C ALA A 91 7.81 -6.82 -0.86
N LEU A 92 8.45 -7.43 -1.84
CA LEU A 92 8.19 -8.82 -2.24
C LEU A 92 8.21 -9.81 -1.06
N PRO A 93 9.19 -9.79 -0.13
CA PRO A 93 9.11 -10.61 1.09
C PRO A 93 8.15 -10.04 2.15
N VAL A 94 7.92 -8.72 2.21
CA VAL A 94 7.03 -8.10 3.20
C VAL A 94 5.58 -8.51 2.97
N LEU A 95 5.18 -8.79 1.73
CA LEU A 95 3.84 -9.21 1.29
C LEU A 95 3.57 -10.66 1.70
N ARG A 96 4.11 -11.08 2.85
CA ARG A 96 4.30 -12.42 3.39
C ARG A 96 5.09 -12.28 4.65
N ASN A 97 6.10 -13.11 4.82
CA ASN A 97 6.64 -13.54 6.09
C ASN A 97 5.61 -14.32 6.89
N ALA A 98 6.05 -14.98 7.96
CA ALA A 98 5.28 -15.93 8.73
C ALA A 98 5.56 -15.73 10.22
N ASP A 99 4.60 -15.18 10.95
CA ASP A 99 4.70 -14.79 12.37
C ASP A 99 3.31 -14.92 12.98
N CYS A 100 3.18 -14.70 14.29
CA CYS A 100 1.98 -14.32 15.02
C CYS A 100 2.35 -14.13 16.50
N SER A 101 3.30 -14.94 16.99
CA SER A 101 3.68 -15.13 18.38
C SER A 101 2.51 -15.62 19.23
N SER A 102 1.61 -14.72 19.62
CA SER A 102 0.32 -15.03 20.21
C SER A 102 -0.64 -15.61 19.15
N GLY A 103 -1.88 -15.93 19.53
CA GLY A 103 -2.77 -16.77 18.73
C GLY A 103 -3.77 -15.97 17.90
N PRO A 104 -4.96 -15.63 18.46
CA PRO A 104 -5.91 -14.76 17.79
C PRO A 104 -5.29 -13.38 17.61
N GLY A 105 -5.10 -12.95 16.37
CA GLY A 105 -4.43 -11.70 16.03
C GLY A 105 -4.18 -11.61 14.54
N GLN A 106 -3.93 -12.74 13.89
CA GLN A 106 -3.64 -12.82 12.46
C GLN A 106 -2.43 -11.94 12.15
N ARG A 107 -2.35 -11.39 10.94
CA ARG A 107 -1.31 -10.48 10.48
C ARG A 107 -2.01 -9.37 9.72
N VAL A 108 -1.35 -8.25 9.48
CA VAL A 108 -1.90 -7.16 8.67
C VAL A 108 -0.79 -6.75 7.71
N CYS A 109 -1.15 -6.35 6.48
CA CYS A 109 -0.23 -5.69 5.58
C CYS A 109 -0.72 -4.27 5.27
N VAL A 110 0.13 -3.45 4.64
CA VAL A 110 -0.18 -2.08 4.25
C VAL A 110 0.32 -1.87 2.83
N ILE A 111 -0.53 -1.35 1.94
CA ILE A 111 -0.18 -1.02 0.56
C ILE A 111 -0.74 0.38 0.29
N ASP A 112 -0.17 1.39 0.96
CA ASP A 112 -0.59 2.79 0.83
C ASP A 112 0.01 3.40 -0.44
N GLU A 113 -0.43 2.95 -1.62
CA GLU A 113 -0.03 3.55 -2.90
C GLU A 113 -1.12 3.21 -3.93
N ILE A 114 -0.94 2.14 -4.72
CA ILE A 114 -1.85 1.61 -5.74
C ILE A 114 -2.46 2.77 -6.56
N GLY A 115 -1.60 3.64 -7.10
CA GLY A 115 -2.03 4.78 -7.90
C GLY A 115 -0.89 5.31 -8.78
N LYS A 116 0.23 5.79 -8.23
CA LYS A 116 1.30 6.35 -9.07
C LYS A 116 1.90 5.34 -10.07
N MET A 117 1.78 4.03 -9.83
CA MET A 117 2.31 2.95 -10.69
C MET A 117 1.17 2.36 -11.54
N GLU A 118 0.03 3.05 -11.69
CA GLU A 118 -1.23 2.52 -12.24
C GLU A 118 -1.14 1.83 -13.61
N LEU A 119 -0.08 2.05 -14.38
CA LEU A 119 0.13 1.41 -15.68
C LEU A 119 1.25 0.37 -15.61
N PHE A 120 2.25 0.58 -14.75
CA PHE A 120 3.48 -0.21 -14.70
C PHE A 120 3.38 -1.41 -13.77
N SER A 121 2.43 -1.41 -12.85
CA SER A 121 2.39 -2.34 -11.73
C SER A 121 2.30 -3.79 -12.24
N GLN A 122 3.39 -4.57 -12.20
CA GLN A 122 3.52 -5.81 -12.96
C GLN A 122 3.27 -7.05 -12.07
N LEU A 123 4.28 -7.51 -11.31
CA LEU A 123 4.17 -8.53 -10.24
C LEU A 123 3.25 -8.08 -9.11
N PHE A 124 2.85 -6.81 -9.10
CA PHE A 124 1.90 -6.24 -8.18
C PHE A 124 0.66 -7.11 -8.06
N ILE A 125 -0.07 -7.31 -9.16
CA ILE A 125 -1.19 -8.21 -9.30
C ILE A 125 -0.95 -9.53 -8.57
N GLN A 126 0.05 -10.33 -8.98
CA GLN A 126 0.32 -11.63 -8.37
C GLN A 126 0.56 -11.47 -6.88
N ALA A 127 1.49 -10.59 -6.49
CA ALA A 127 1.87 -10.49 -5.09
C ALA A 127 0.66 -10.14 -4.21
N VAL A 128 -0.09 -9.10 -4.57
CA VAL A 128 -1.36 -8.70 -3.96
C VAL A 128 -2.28 -9.90 -3.85
N ARG A 129 -2.51 -10.58 -4.96
CA ARG A 129 -3.49 -11.65 -5.05
C ARG A 129 -3.13 -12.83 -4.15
N GLN A 130 -1.85 -13.16 -4.00
CA GLN A 130 -1.42 -14.17 -3.03
C GLN A 130 -1.71 -13.67 -1.61
N THR A 131 -1.39 -12.42 -1.30
CA THR A 131 -1.56 -11.83 0.02
C THR A 131 -3.05 -11.74 0.41
N LEU A 132 -3.94 -11.48 -0.56
CA LEU A 132 -5.40 -11.48 -0.39
C LEU A 132 -5.94 -12.84 0.07
N SER A 133 -5.27 -13.93 -0.32
CA SER A 133 -5.61 -15.30 0.05
C SER A 133 -4.60 -15.89 1.05
N THR A 134 -3.76 -15.07 1.69
CA THR A 134 -2.88 -15.58 2.73
C THR A 134 -3.74 -15.78 3.99
N PRO A 135 -3.62 -16.92 4.66
CA PRO A 135 -4.28 -17.18 5.94
C PRO A 135 -3.51 -16.44 7.02
N GLY A 136 -4.10 -15.38 7.57
CA GLY A 136 -3.44 -14.52 8.53
C GLY A 136 -3.54 -13.11 7.99
N THR A 137 -2.59 -12.70 7.15
CA THR A 137 -2.41 -11.33 6.65
C THR A 137 -3.73 -10.69 6.24
N ILE A 138 -3.83 -9.37 6.44
CA ILE A 138 -5.07 -8.63 6.28
C ILE A 138 -4.63 -7.44 5.45
N ILE A 139 -5.02 -7.41 4.19
CA ILE A 139 -4.71 -6.26 3.36
C ILE A 139 -5.36 -5.02 3.97
N LEU A 140 -4.57 -3.96 4.04
CA LEU A 140 -4.97 -2.59 4.25
C LEU A 140 -4.27 -1.81 3.13
N GLY A 141 -4.91 -0.80 2.56
CA GLY A 141 -4.29 0.01 1.54
C GLY A 141 -5.19 1.17 1.14
N THR A 142 -4.65 2.08 0.34
CA THR A 142 -5.35 3.24 -0.18
C THR A 142 -5.33 3.19 -1.71
N ILE A 143 -6.46 3.45 -2.37
CA ILE A 143 -6.60 3.57 -3.82
C ILE A 143 -7.23 4.90 -4.19
N PRO A 144 -6.94 5.46 -5.38
CA PRO A 144 -7.67 6.61 -5.89
C PRO A 144 -9.06 6.15 -6.34
N VAL A 145 -10.04 7.04 -6.25
CA VAL A 145 -11.43 6.71 -6.45
C VAL A 145 -11.69 6.28 -7.90
N PRO A 146 -12.15 5.04 -8.13
CA PRO A 146 -12.50 4.55 -9.44
C PRO A 146 -13.79 5.26 -9.87
N LYS A 147 -13.74 6.03 -10.95
CA LYS A 147 -14.91 6.71 -11.54
C LYS A 147 -14.70 6.93 -13.04
N GLY A 148 -13.47 7.21 -13.47
CA GLY A 148 -13.04 7.14 -14.86
C GLY A 148 -12.79 5.69 -15.25
N LYS A 149 -11.91 5.44 -16.23
CA LYS A 149 -11.62 4.08 -16.67
C LYS A 149 -11.06 3.26 -15.51
N PRO A 150 -11.46 1.98 -15.37
CA PRO A 150 -11.05 1.09 -14.30
C PRO A 150 -9.66 0.51 -14.56
N LEU A 151 -8.74 0.78 -13.62
CA LEU A 151 -7.32 0.41 -13.68
C LEU A 151 -7.09 -1.08 -13.42
N ALA A 152 -5.96 -1.59 -13.91
CA ALA A 152 -5.58 -3.00 -13.95
C ALA A 152 -5.33 -3.61 -12.57
N LEU A 153 -4.37 -3.08 -11.79
CA LEU A 153 -4.06 -3.55 -10.44
C LEU A 153 -5.29 -3.36 -9.58
N VAL A 154 -5.90 -2.17 -9.63
CA VAL A 154 -7.09 -1.85 -8.85
C VAL A 154 -8.17 -2.89 -9.10
N GLU A 155 -8.35 -3.34 -10.35
CA GLU A 155 -9.36 -4.33 -10.70
C GLU A 155 -9.15 -5.65 -9.95
N GLU A 156 -7.89 -6.08 -9.70
CA GLU A 156 -7.61 -7.31 -8.94
C GLU A 156 -8.29 -7.24 -7.56
N ILE A 157 -8.12 -6.12 -6.85
CA ILE A 157 -8.70 -5.93 -5.52
C ILE A 157 -10.20 -5.62 -5.67
N ARG A 158 -10.58 -4.74 -6.58
CA ARG A 158 -11.96 -4.26 -6.74
C ARG A 158 -12.88 -5.45 -6.99
N ASN A 159 -12.43 -6.43 -7.78
CA ASN A 159 -13.17 -7.64 -8.12
C ASN A 159 -13.51 -8.47 -6.88
N ARG A 160 -12.79 -8.33 -5.76
CA ARG A 160 -13.08 -9.10 -4.55
C ARG A 160 -14.45 -8.76 -3.99
N LYS A 161 -14.82 -7.48 -3.98
CA LYS A 161 -16.04 -6.90 -3.41
C LYS A 161 -16.22 -7.11 -1.90
N ASP A 162 -15.57 -8.09 -1.29
CA ASP A 162 -15.53 -8.27 0.17
C ASP A 162 -14.76 -7.13 0.83
N VAL A 163 -13.80 -6.53 0.13
CA VAL A 163 -12.96 -5.46 0.64
C VAL A 163 -13.86 -4.31 1.09
N LYS A 164 -13.76 -3.86 2.35
CA LYS A 164 -14.50 -2.69 2.83
C LYS A 164 -13.87 -1.47 2.17
N VAL A 165 -14.54 -0.89 1.18
CA VAL A 165 -14.10 0.35 0.56
C VAL A 165 -14.62 1.47 1.45
N PHE A 166 -13.80 1.98 2.38
CA PHE A 166 -14.14 3.19 3.12
C PHE A 166 -13.74 4.41 2.28
N ASN A 167 -14.71 5.19 1.82
CA ASN A 167 -14.42 6.54 1.34
C ASN A 167 -14.07 7.39 2.55
N VAL A 168 -12.88 7.98 2.60
CA VAL A 168 -12.57 8.99 3.60
C VAL A 168 -13.46 10.20 3.33
N THR A 169 -13.56 11.09 4.29
CA THR A 169 -14.01 12.45 4.10
C THR A 169 -12.89 13.36 4.59
N LYS A 170 -12.94 14.62 4.19
CA LYS A 170 -12.18 15.67 4.88
C LYS A 170 -12.77 15.91 6.27
N GLU A 171 -14.03 15.53 6.47
CA GLU A 171 -14.81 15.89 7.65
C GLU A 171 -14.45 14.99 8.84
N ASN A 172 -14.41 13.67 8.64
CA ASN A 172 -14.02 12.67 9.64
C ASN A 172 -12.70 12.02 9.26
N ARG A 173 -11.80 12.76 8.60
CA ARG A 173 -10.51 12.30 8.09
C ARG A 173 -9.78 11.52 9.19
N ASN A 174 -9.48 12.16 10.33
CA ASN A 174 -8.72 11.57 11.43
C ASN A 174 -9.53 10.59 12.27
N HIS A 175 -10.77 10.32 11.88
CA HIS A 175 -11.71 9.44 12.56
C HIS A 175 -12.08 8.26 11.67
N LEU A 176 -11.46 8.13 10.49
CA LEU A 176 -11.61 6.94 9.68
C LEU A 176 -10.70 5.80 10.18
N LEU A 177 -9.46 6.13 10.56
CA LEU A 177 -8.48 5.23 11.19
C LEU A 177 -9.20 4.20 12.11
N PRO A 178 -9.99 4.58 13.14
CA PRO A 178 -10.59 3.63 14.06
C PRO A 178 -11.67 2.72 13.45
N ASP A 179 -12.33 3.15 12.38
CA ASP A 179 -13.32 2.32 11.69
C ASP A 179 -12.64 1.19 10.96
N ILE A 180 -11.48 1.46 10.36
CA ILE A 180 -10.65 0.45 9.73
C ILE A 180 -10.20 -0.54 10.81
N VAL A 181 -9.70 -0.04 11.95
CA VAL A 181 -9.31 -0.85 13.11
C VAL A 181 -10.48 -1.75 13.57
N THR A 182 -11.71 -1.22 13.57
CA THR A 182 -12.91 -1.95 13.92
C THR A 182 -13.17 -3.07 12.91
N CYS A 183 -13.01 -2.82 11.61
CA CYS A 183 -13.20 -3.80 10.56
C CYS A 183 -12.10 -4.89 10.58
N VAL A 184 -10.88 -4.52 10.97
CA VAL A 184 -9.78 -5.45 11.20
C VAL A 184 -10.17 -6.38 12.35
N GLN A 185 -10.33 -5.85 13.57
CA GLN A 185 -10.52 -6.70 14.74
C GLN A 185 -11.79 -7.55 14.65
N SER A 186 -12.86 -6.99 14.06
CA SER A 186 -14.25 -7.43 14.08
C SER A 186 -14.41 -8.94 14.36
N SER A 187 -14.35 -9.76 13.30
CA SER A 187 -14.43 -11.23 13.31
C SER A 187 -15.77 -11.76 13.80
N ARG A 188 -16.13 -11.54 15.06
CA ARG A 188 -17.46 -11.79 15.61
C ARG A 188 -18.10 -10.53 16.17
N LYS A 189 -17.43 -9.37 16.21
CA LYS A 189 -17.99 -8.13 16.72
C LYS A 189 -17.64 -7.00 15.77
N ALA A 1 -11.44 -13.43 8.87
CA ALA A 1 -10.80 -12.74 7.75
C ALA A 1 -11.79 -11.78 7.12
N ARG A 2 -11.32 -10.58 6.71
CA ARG A 2 -11.83 -9.82 5.57
C ARG A 2 -10.84 -8.70 5.29
N HIS A 3 -10.57 -8.44 4.02
CA HIS A 3 -9.69 -7.37 3.61
C HIS A 3 -10.39 -6.01 3.79
N VAL A 4 -9.63 -4.94 4.04
CA VAL A 4 -10.16 -3.58 4.03
C VAL A 4 -9.29 -2.71 3.11
N PHE A 5 -9.84 -1.62 2.59
CA PHE A 5 -9.12 -0.60 1.86
C PHE A 5 -9.67 0.78 2.20
N LEU A 6 -8.92 1.83 1.85
CA LEU A 6 -9.30 3.23 1.87
C LEU A 6 -9.65 3.66 0.45
N THR A 7 -10.56 4.64 0.30
CA THR A 7 -10.94 5.25 -0.96
C THR A 7 -11.50 6.66 -0.69
N GLY A 8 -12.22 7.22 -1.66
CA GLY A 8 -12.92 8.50 -1.59
C GLY A 8 -12.12 9.63 -2.25
N PRO A 9 -12.60 10.88 -2.14
CA PRO A 9 -12.01 12.03 -2.83
C PRO A 9 -10.61 12.35 -2.29
N PRO A 10 -9.69 12.90 -3.11
CA PRO A 10 -8.37 13.30 -2.67
C PRO A 10 -8.51 14.51 -1.74
N GLY A 11 -8.05 14.35 -0.50
CA GLY A 11 -7.82 15.43 0.43
C GLY A 11 -6.34 15.80 0.45
N VAL A 12 -5.48 14.91 -0.05
CA VAL A 12 -4.04 14.96 0.08
C VAL A 12 -3.65 14.81 1.55
N GLY A 13 -2.99 13.69 1.85
CA GLY A 13 -2.55 13.34 3.19
C GLY A 13 -3.48 12.29 3.77
N LYS A 14 -3.47 11.10 3.18
CA LYS A 14 -4.15 9.92 3.73
C LYS A 14 -3.15 9.03 4.47
N THR A 15 -1.91 8.97 3.99
CA THR A 15 -0.84 8.07 4.41
C THR A 15 -0.61 8.12 5.92
N THR A 16 -0.69 9.30 6.53
CA THR A 16 -0.56 9.46 7.97
C THR A 16 -1.67 8.73 8.75
N LEU A 17 -2.93 8.76 8.31
CA LEU A 17 -4.00 8.08 9.05
C LEU A 17 -3.72 6.58 9.04
N ILE A 18 -3.36 6.01 7.89
CA ILE A 18 -2.89 4.63 7.81
C ILE A 18 -1.70 4.38 8.74
N HIS A 19 -0.66 5.24 8.76
CA HIS A 19 0.50 5.02 9.64
C HIS A 19 0.02 4.85 11.07
N LYS A 20 -0.81 5.78 11.55
CA LYS A 20 -1.46 5.69 12.86
C LYS A 20 -2.14 4.33 13.02
N ALA A 21 -2.85 3.83 12.01
CA ALA A 21 -3.54 2.54 12.07
C ALA A 21 -2.56 1.40 12.35
N SER A 22 -1.31 1.50 11.87
CA SER A 22 -0.30 0.49 12.16
C SER A 22 0.18 0.66 13.61
N GLU A 23 0.40 1.89 14.09
CA GLU A 23 0.85 2.17 15.45
C GLU A 23 -0.09 1.53 16.48
N VAL A 24 -1.40 1.57 16.23
CA VAL A 24 -2.40 1.02 17.13
C VAL A 24 -2.27 -0.49 17.20
N LEU A 25 -2.17 -1.17 16.06
CA LEU A 25 -1.97 -2.62 16.05
C LEU A 25 -0.66 -2.93 16.75
N LYS A 26 0.39 -2.14 16.50
CA LYS A 26 1.68 -2.38 17.14
C LYS A 26 1.54 -2.28 18.65
N SER A 27 0.77 -1.31 19.15
CA SER A 27 0.42 -1.17 20.55
C SER A 27 -0.53 -2.26 21.03
N SER A 28 -1.32 -2.88 20.14
CA SER A 28 -2.16 -4.01 20.45
C SER A 28 -1.29 -5.27 20.64
N GLY A 29 -0.09 -5.31 20.05
CA GLY A 29 0.86 -6.41 20.11
C GLY A 29 1.24 -6.97 18.74
N VAL A 30 0.73 -6.40 17.64
CA VAL A 30 0.67 -7.04 16.33
C VAL A 30 1.98 -6.75 15.56
N PRO A 31 2.72 -7.78 15.12
CA PRO A 31 3.72 -7.63 14.07
C PRO A 31 3.01 -7.48 12.72
N VAL A 32 2.62 -6.26 12.43
CA VAL A 32 2.03 -5.84 11.17
C VAL A 32 3.14 -5.79 10.12
N ASP A 33 2.85 -6.21 8.89
CA ASP A 33 3.86 -6.35 7.84
C ASP A 33 3.45 -5.59 6.57
N GLY A 34 4.28 -5.52 5.52
CA GLY A 34 3.93 -4.82 4.27
C GLY A 34 4.91 -3.72 3.95
N PHE A 35 4.52 -2.78 3.11
CA PHE A 35 5.34 -1.61 2.82
C PHE A 35 4.49 -0.35 2.77
N TYR A 36 5.15 0.77 3.06
CA TYR A 36 4.68 2.11 2.79
C TYR A 36 5.69 2.76 1.84
N THR A 37 5.46 4.00 1.43
CA THR A 37 6.46 4.78 0.72
C THR A 37 6.29 6.21 1.21
N GLU A 38 7.40 6.94 1.33
CA GLU A 38 7.41 8.30 1.88
C GLU A 38 8.28 9.20 1.00
N GLU A 39 8.07 10.50 1.13
CA GLU A 39 8.80 11.48 0.34
C GLU A 39 10.24 11.56 0.79
N VAL A 40 11.15 11.47 -0.18
CA VAL A 40 12.58 11.61 0.02
C VAL A 40 12.98 12.97 -0.58
N ARG A 41 13.09 13.98 0.28
CA ARG A 41 13.56 15.32 -0.03
C ARG A 41 14.82 15.54 0.80
N GLN A 42 15.99 15.34 0.22
CA GLN A 42 17.25 15.55 0.94
C GLN A 42 17.35 17.02 1.31
N GLY A 43 17.02 17.40 2.54
CA GLY A 43 16.99 18.77 3.01
C GLY A 43 15.76 19.51 2.47
N GLY A 44 15.65 19.60 1.15
CA GLY A 44 14.62 20.35 0.47
C GLY A 44 14.76 20.35 -1.04
N ARG A 45 15.11 19.21 -1.65
CA ARG A 45 15.13 19.07 -3.11
C ARG A 45 14.31 17.83 -3.44
N ARG A 46 13.41 17.92 -4.41
CA ARG A 46 12.70 16.75 -4.95
C ARG A 46 13.72 15.81 -5.59
N ILE A 47 13.90 14.61 -5.04
CA ILE A 47 14.85 13.62 -5.55
C ILE A 47 14.22 12.23 -5.69
N GLY A 48 13.16 11.89 -4.95
CA GLY A 48 12.53 10.58 -5.10
C GLY A 48 11.55 10.30 -3.99
N PHE A 49 11.08 9.06 -3.94
CA PHE A 49 10.51 8.41 -2.77
C PHE A 49 11.40 7.19 -2.49
N ASP A 50 11.22 6.54 -1.34
CA ASP A 50 11.65 5.15 -1.17
C ASP A 50 10.52 4.31 -0.59
N VAL A 51 10.61 2.99 -0.77
CA VAL A 51 9.59 2.02 -0.40
C VAL A 51 10.09 1.37 0.87
N VAL A 52 9.45 1.66 1.99
CA VAL A 52 9.93 1.32 3.31
C VAL A 52 9.06 0.16 3.78
N THR A 53 9.67 -1.01 3.94
CA THR A 53 8.97 -2.17 4.44
C THR A 53 8.89 -2.03 5.97
N LEU A 54 7.93 -2.70 6.62
CA LEU A 54 7.81 -2.65 8.07
C LEU A 54 8.95 -3.41 8.78
N SER A 55 9.93 -3.96 8.05
CA SER A 55 11.24 -4.35 8.59
C SER A 55 12.12 -3.13 8.90
N GLY A 56 11.73 -1.92 8.46
CA GLY A 56 12.58 -0.76 8.46
C GLY A 56 13.68 -0.84 7.40
N THR A 57 13.46 -1.62 6.34
CA THR A 57 14.35 -1.72 5.17
C THR A 57 13.69 -0.90 4.06
N ARG A 58 14.46 -0.39 3.08
CA ARG A 58 14.03 0.67 2.17
C ARG A 58 14.60 0.44 0.77
N GLY A 59 13.82 0.73 -0.28
CA GLY A 59 14.25 0.56 -1.67
C GLY A 59 13.98 1.83 -2.48
N PRO A 60 14.88 2.23 -3.39
CA PRO A 60 14.78 3.43 -4.21
C PRO A 60 13.66 3.30 -5.27
N LEU A 61 12.38 3.40 -4.87
CA LEU A 61 11.23 3.24 -5.77
C LEU A 61 11.40 4.09 -7.00
N SER A 62 11.73 5.35 -6.82
CA SER A 62 11.97 6.29 -7.88
C SER A 62 13.05 7.23 -7.38
N ARG A 63 14.15 7.38 -8.13
CA ARG A 63 15.28 8.19 -7.70
C ARG A 63 15.88 8.88 -8.91
N VAL A 64 15.45 10.12 -9.20
CA VAL A 64 15.79 10.91 -10.36
C VAL A 64 15.98 10.08 -11.64
N GLY A 65 17.10 10.19 -12.35
CA GLY A 65 17.40 9.41 -13.55
C GLY A 65 17.36 10.29 -14.79
N LEU A 66 18.18 9.94 -15.79
CA LEU A 66 18.06 10.49 -17.14
C LEU A 66 16.70 10.13 -17.71
N GLU A 67 16.17 10.96 -18.62
CA GLU A 67 14.93 10.73 -19.32
C GLU A 67 15.14 9.70 -20.44
N PRO A 68 14.06 9.12 -20.99
CA PRO A 68 14.16 8.20 -22.12
C PRO A 68 14.43 9.04 -23.37
N PRO A 69 15.51 8.77 -24.11
CA PRO A 69 15.71 9.37 -25.43
C PRO A 69 14.61 8.85 -26.38
N PRO A 70 14.47 9.42 -27.59
CA PRO A 70 13.56 8.87 -28.59
C PRO A 70 14.11 7.49 -29.01
N GLY A 71 13.31 6.43 -28.81
CA GLY A 71 13.68 5.06 -29.11
C GLY A 71 13.46 4.16 -27.90
N LYS A 72 14.25 4.32 -26.84
CA LYS A 72 14.10 3.54 -25.61
C LYS A 72 12.79 3.93 -24.92
N ARG A 73 12.15 3.01 -24.20
CA ARG A 73 11.10 3.34 -23.24
C ARG A 73 11.37 2.59 -21.95
N GLU A 74 10.81 3.13 -20.87
CA GLU A 74 10.95 2.67 -19.51
C GLU A 74 9.75 3.21 -18.73
N CYS A 75 9.83 3.20 -17.40
CA CYS A 75 8.84 3.77 -16.51
C CYS A 75 9.26 5.22 -16.13
N ARG A 76 8.65 5.83 -15.10
CA ARG A 76 8.88 7.18 -14.52
C ARG A 76 7.54 7.68 -14.03
N VAL A 77 7.51 8.37 -12.88
CA VAL A 77 6.25 8.84 -12.30
C VAL A 77 6.13 10.36 -12.29
N GLY A 78 7.24 11.09 -12.30
CA GLY A 78 7.27 12.55 -12.23
C GLY A 78 8.65 12.95 -11.74
N GLN A 79 9.50 13.44 -12.64
CA GLN A 79 10.95 13.59 -12.55
C GLN A 79 11.66 12.24 -12.47
N TYR A 80 11.28 11.43 -11.48
CA TYR A 80 11.98 10.24 -11.11
C TYR A 80 11.55 9.07 -11.98
N VAL A 81 12.53 8.28 -12.40
CA VAL A 81 12.35 7.03 -13.10
C VAL A 81 12.07 6.00 -12.01
N VAL A 82 10.84 5.48 -11.96
CA VAL A 82 10.52 4.41 -11.03
C VAL A 82 11.20 3.15 -11.53
N ASP A 83 11.33 2.16 -10.66
CA ASP A 83 11.71 0.82 -11.07
C ASP A 83 10.97 -0.19 -10.23
N LEU A 84 10.25 -1.10 -10.87
CA LEU A 84 9.65 -2.27 -10.23
C LEU A 84 10.70 -3.15 -9.57
N THR A 85 11.93 -3.12 -10.06
CA THR A 85 13.03 -3.78 -9.39
C THR A 85 13.17 -3.28 -7.95
N SER A 86 12.89 -2.00 -7.67
CA SER A 86 12.90 -1.50 -6.31
C SER A 86 11.86 -2.25 -5.46
N PHE A 87 10.67 -2.54 -6.01
CA PHE A 87 9.69 -3.37 -5.33
C PHE A 87 10.28 -4.76 -5.10
N GLU A 88 10.83 -5.39 -6.13
CA GLU A 88 11.35 -6.75 -6.06
C GLU A 88 12.50 -6.93 -5.06
N GLN A 89 13.19 -5.84 -4.69
CA GLN A 89 14.27 -5.88 -3.69
C GLN A 89 13.77 -6.39 -2.34
N LEU A 90 12.64 -5.88 -1.88
CA LEU A 90 12.25 -5.97 -0.46
C LEU A 90 10.75 -5.91 -0.25
N ALA A 91 10.02 -5.24 -1.13
CA ALA A 91 8.56 -5.12 -1.07
C ALA A 91 7.89 -6.34 -1.72
N LEU A 92 8.61 -7.46 -1.82
CA LEU A 92 8.25 -8.69 -2.53
C LEU A 92 8.26 -9.93 -1.61
N PRO A 93 9.28 -10.16 -0.77
CA PRO A 93 9.18 -11.12 0.32
C PRO A 93 8.13 -10.70 1.35
N VAL A 94 7.84 -9.40 1.46
CA VAL A 94 6.94 -8.87 2.47
C VAL A 94 5.49 -9.33 2.28
N LEU A 95 5.04 -9.60 1.04
CA LEU A 95 3.63 -9.86 0.77
C LEU A 95 3.17 -11.12 1.52
N ARG A 96 3.89 -12.23 1.38
CA ARG A 96 3.72 -13.42 2.21
C ARG A 96 5.10 -13.77 2.75
N ASN A 97 5.35 -13.36 3.99
CA ASN A 97 6.58 -13.59 4.70
C ASN A 97 6.69 -15.06 5.16
N ALA A 98 7.83 -15.37 5.77
CA ALA A 98 8.11 -16.66 6.38
C ALA A 98 7.75 -16.60 7.86
N ASP A 99 6.64 -17.23 8.22
CA ASP A 99 6.17 -17.46 9.59
C ASP A 99 5.21 -18.65 9.51
N CYS A 100 5.24 -19.50 10.54
CA CYS A 100 4.36 -20.66 10.74
C CYS A 100 4.02 -21.41 9.44
N SER A 101 2.79 -21.90 9.28
CA SER A 101 2.22 -22.28 7.98
C SER A 101 0.77 -21.80 7.93
N SER A 102 0.12 -22.00 6.77
CA SER A 102 -1.22 -21.54 6.48
C SER A 102 -2.24 -22.29 7.35
N GLY A 103 -2.85 -21.62 8.32
CA GLY A 103 -3.90 -22.20 9.14
C GLY A 103 -4.48 -21.13 10.06
N PRO A 104 -4.16 -21.15 11.37
CA PRO A 104 -4.45 -20.06 12.30
C PRO A 104 -3.44 -18.93 12.15
N GLY A 105 -3.59 -17.86 12.94
CA GLY A 105 -2.63 -16.76 13.04
C GLY A 105 -3.09 -15.64 12.11
N GLN A 106 -3.97 -14.76 12.58
CA GLN A 106 -4.30 -13.58 11.79
C GLN A 106 -3.14 -12.60 11.83
N ARG A 107 -3.04 -11.80 10.78
CA ARG A 107 -1.99 -10.81 10.54
C ARG A 107 -2.65 -9.57 9.92
N VAL A 108 -1.89 -8.52 9.67
CA VAL A 108 -2.31 -7.37 8.87
C VAL A 108 -1.17 -7.07 7.92
N CYS A 109 -1.52 -6.59 6.72
CA CYS A 109 -0.57 -6.11 5.74
C CYS A 109 -0.81 -4.61 5.50
N VAL A 110 0.19 -3.96 4.91
CA VAL A 110 0.20 -2.54 4.57
C VAL A 110 0.62 -2.43 3.11
N ILE A 111 -0.14 -1.67 2.30
CA ILE A 111 0.25 -1.22 0.97
C ILE A 111 -0.44 0.14 0.77
N ASP A 112 0.28 1.24 0.82
CA ASP A 112 -0.26 2.54 0.37
C ASP A 112 0.24 2.80 -1.07
N GLU A 113 -0.19 3.91 -1.66
CA GLU A 113 0.16 4.42 -2.97
C GLU A 113 -0.15 3.44 -4.11
N ILE A 114 -1.14 2.56 -3.94
CA ILE A 114 -1.66 1.78 -5.04
C ILE A 114 -2.33 2.78 -5.99
N GLY A 115 -1.64 3.20 -7.05
CA GLY A 115 -2.18 4.14 -8.03
C GLY A 115 -1.17 4.42 -9.12
N LYS A 116 -0.18 5.27 -8.84
CA LYS A 116 0.70 5.89 -9.84
C LYS A 116 1.38 4.91 -10.77
N MET A 117 1.63 3.70 -10.26
CA MET A 117 2.29 2.61 -10.95
C MET A 117 1.47 2.09 -12.14
N GLU A 118 0.17 2.42 -12.26
CA GLU A 118 -0.86 1.78 -13.12
C GLU A 118 -0.34 1.04 -14.36
N LEU A 119 0.36 1.72 -15.27
CA LEU A 119 0.86 1.18 -16.54
C LEU A 119 2.04 0.22 -16.32
N PHE A 120 2.88 0.51 -15.34
CA PHE A 120 4.04 -0.28 -14.95
C PHE A 120 3.64 -1.45 -14.06
N SER A 121 2.54 -1.35 -13.31
CA SER A 121 2.07 -2.35 -12.37
C SER A 121 1.97 -3.70 -13.08
N GLN A 122 2.84 -4.66 -12.75
CA GLN A 122 2.84 -5.94 -13.47
C GLN A 122 3.20 -7.18 -12.67
N LEU A 123 3.64 -7.01 -11.43
CA LEU A 123 3.92 -8.08 -10.47
C LEU A 123 3.16 -7.81 -9.19
N PHE A 124 2.93 -6.53 -8.87
CA PHE A 124 2.00 -5.98 -7.89
C PHE A 124 0.79 -6.91 -7.72
N ILE A 125 -0.10 -6.93 -8.71
CA ILE A 125 -1.23 -7.80 -8.87
C ILE A 125 -0.99 -9.23 -8.33
N GLN A 126 -0.06 -10.01 -8.89
CA GLN A 126 0.15 -11.39 -8.43
C GLN A 126 0.69 -11.41 -7.02
N ALA A 127 1.66 -10.54 -6.73
CA ALA A 127 2.33 -10.58 -5.46
C ALA A 127 1.32 -10.33 -4.32
N VAL A 128 0.42 -9.37 -4.47
CA VAL A 128 -0.63 -9.07 -3.51
C VAL A 128 -1.66 -10.21 -3.51
N ARG A 129 -1.95 -10.82 -4.66
CA ARG A 129 -2.82 -12.00 -4.73
C ARG A 129 -2.31 -13.18 -3.91
N GLN A 130 -1.00 -13.30 -3.66
CA GLN A 130 -0.47 -14.28 -2.71
C GLN A 130 -1.15 -14.06 -1.35
N THR A 131 -1.03 -12.85 -0.83
CA THR A 131 -1.53 -12.43 0.47
C THR A 131 -3.06 -12.44 0.54
N LEU A 132 -3.73 -12.09 -0.56
CA LEU A 132 -5.20 -12.09 -0.59
C LEU A 132 -5.72 -13.52 -0.41
N SER A 133 -4.92 -14.51 -0.82
CA SER A 133 -5.19 -15.93 -0.67
C SER A 133 -4.72 -16.45 0.72
N THR A 134 -3.75 -15.80 1.38
CA THR A 134 -3.24 -16.21 2.69
C THR A 134 -4.38 -16.26 3.71
N PRO A 135 -4.43 -17.27 4.59
CA PRO A 135 -5.37 -17.35 5.69
C PRO A 135 -4.81 -16.59 6.90
N GLY A 136 -5.36 -15.43 7.19
CA GLY A 136 -5.11 -14.71 8.42
C GLY A 136 -4.72 -13.26 8.19
N THR A 137 -3.85 -12.97 7.22
CA THR A 137 -3.47 -11.60 6.87
C THR A 137 -4.71 -10.78 6.51
N ILE A 138 -4.59 -9.46 6.63
CA ILE A 138 -5.66 -8.53 6.34
C ILE A 138 -4.96 -7.52 5.48
N ILE A 139 -5.17 -7.61 4.17
CA ILE A 139 -4.77 -6.49 3.32
C ILE A 139 -5.52 -5.28 3.86
N LEU A 140 -4.75 -4.22 4.08
CA LEU A 140 -5.20 -2.89 4.41
C LEU A 140 -4.40 -1.99 3.47
N GLY A 141 -5.04 -1.34 2.49
CA GLY A 141 -4.32 -0.47 1.56
C GLY A 141 -5.16 0.73 1.13
N THR A 142 -4.57 1.65 0.35
CA THR A 142 -5.30 2.83 -0.13
C THR A 142 -5.35 2.81 -1.65
N ILE A 143 -6.57 2.83 -2.21
CA ILE A 143 -6.82 2.91 -3.65
C ILE A 143 -7.50 4.25 -3.96
N PRO A 144 -7.20 4.91 -5.09
CA PRO A 144 -7.99 6.04 -5.56
C PRO A 144 -9.37 5.53 -5.97
N VAL A 145 -10.42 6.31 -5.68
CA VAL A 145 -11.77 5.98 -6.04
C VAL A 145 -11.89 5.95 -7.57
N PRO A 146 -12.15 4.77 -8.17
CA PRO A 146 -12.25 4.61 -9.61
C PRO A 146 -13.60 5.15 -10.08
N LYS A 147 -13.66 5.66 -11.32
CA LYS A 147 -14.94 6.01 -11.96
C LYS A 147 -14.88 5.63 -13.43
N GLY A 148 -14.12 6.38 -14.22
CA GLY A 148 -14.00 6.19 -15.66
C GLY A 148 -13.36 4.86 -15.95
N LYS A 149 -12.08 4.69 -15.59
CA LYS A 149 -11.39 3.42 -15.72
C LYS A 149 -10.80 3.01 -14.37
N PRO A 150 -10.75 1.71 -14.08
CA PRO A 150 -10.03 1.20 -12.95
C PRO A 150 -8.55 1.11 -13.33
N LEU A 151 -7.71 1.03 -12.30
CA LEU A 151 -6.28 0.88 -12.40
C LEU A 151 -6.02 -0.64 -12.33
N ALA A 152 -4.90 -1.12 -12.85
CA ALA A 152 -4.43 -2.51 -12.82
C ALA A 152 -4.70 -3.23 -11.50
N LEU A 153 -4.30 -2.62 -10.38
CA LEU A 153 -4.48 -3.19 -9.05
C LEU A 153 -5.93 -2.95 -8.58
N VAL A 154 -6.52 -1.78 -8.87
CA VAL A 154 -7.89 -1.47 -8.44
C VAL A 154 -8.89 -2.38 -9.16
N GLU A 155 -8.50 -3.02 -10.26
CA GLU A 155 -9.18 -4.17 -10.82
C GLU A 155 -9.04 -5.36 -9.87
N GLU A 156 -7.82 -5.82 -9.61
CA GLU A 156 -7.55 -7.03 -8.82
C GLU A 156 -8.24 -7.00 -7.45
N ILE A 157 -7.98 -5.94 -6.70
CA ILE A 157 -8.41 -5.78 -5.33
C ILE A 157 -9.93 -5.60 -5.22
N ARG A 158 -10.57 -5.02 -6.24
CA ARG A 158 -12.03 -4.94 -6.30
C ARG A 158 -12.65 -6.31 -6.51
N ASN A 159 -11.96 -7.22 -7.20
CA ASN A 159 -12.51 -8.53 -7.56
C ASN A 159 -12.67 -9.41 -6.31
N ARG A 160 -12.20 -8.97 -5.13
CA ARG A 160 -12.45 -9.64 -3.85
C ARG A 160 -13.91 -9.50 -3.41
N LYS A 161 -14.59 -8.41 -3.79
CA LYS A 161 -15.95 -8.04 -3.39
C LYS A 161 -16.16 -7.76 -1.90
N ASP A 162 -15.60 -8.56 -1.02
CA ASP A 162 -15.77 -8.54 0.44
C ASP A 162 -14.70 -7.64 1.03
N VAL A 163 -14.78 -6.35 0.68
CA VAL A 163 -13.85 -5.32 1.12
C VAL A 163 -14.67 -4.13 1.60
N LYS A 164 -14.47 -3.70 2.86
CA LYS A 164 -14.82 -2.34 3.26
C LYS A 164 -13.88 -1.44 2.46
N VAL A 165 -14.38 -0.69 1.50
CA VAL A 165 -13.65 0.34 0.84
C VAL A 165 -14.06 1.64 1.55
N PHE A 166 -13.35 2.01 2.63
CA PHE A 166 -13.65 3.16 3.46
C PHE A 166 -13.58 4.43 2.63
N ASN A 167 -14.74 4.96 2.24
CA ASN A 167 -14.84 6.24 1.57
C ASN A 167 -14.58 7.32 2.60
N VAL A 168 -13.32 7.77 2.71
CA VAL A 168 -12.96 8.96 3.49
C VAL A 168 -13.77 10.13 2.95
N THR A 169 -13.78 11.21 3.70
CA THR A 169 -14.22 12.51 3.26
C THR A 169 -13.12 13.47 3.70
N LYS A 170 -13.09 14.66 3.12
CA LYS A 170 -12.41 15.80 3.72
C LYS A 170 -13.06 16.12 5.07
N GLU A 171 -14.36 15.85 5.21
CA GLU A 171 -15.21 16.23 6.33
C GLU A 171 -14.76 15.49 7.61
N ASN A 172 -14.94 14.18 7.66
CA ASN A 172 -14.58 13.30 8.79
C ASN A 172 -13.21 12.66 8.54
N ARG A 173 -12.28 13.37 7.87
CA ARG A 173 -11.03 12.78 7.41
C ARG A 173 -10.25 12.16 8.57
N ASN A 174 -9.85 12.98 9.55
CA ASN A 174 -8.97 12.52 10.61
C ASN A 174 -9.71 11.68 11.66
N HIS A 175 -11.00 11.43 11.45
CA HIS A 175 -11.83 10.53 12.25
C HIS A 175 -11.86 9.14 11.65
N LEU A 176 -11.18 8.89 10.52
CA LEU A 176 -11.33 7.61 9.88
C LEU A 176 -10.35 6.57 10.43
N LEU A 177 -9.15 6.99 10.84
CA LEU A 177 -8.14 6.10 11.44
C LEU A 177 -8.82 5.11 12.41
N PRO A 178 -9.55 5.55 13.47
CA PRO A 178 -10.10 4.62 14.45
C PRO A 178 -11.25 3.78 13.89
N ASP A 179 -11.90 4.26 12.84
CA ASP A 179 -12.99 3.63 12.12
C ASP A 179 -12.45 2.40 11.37
N ILE A 180 -11.27 2.53 10.76
CA ILE A 180 -10.59 1.41 10.13
C ILE A 180 -10.17 0.41 11.21
N VAL A 181 -9.50 0.85 12.27
CA VAL A 181 -9.13 0.04 13.45
C VAL A 181 -10.38 -0.68 13.98
N THR A 182 -11.60 -0.15 13.84
CA THR A 182 -12.83 -0.79 14.31
C THR A 182 -13.26 -1.95 13.43
N CYS A 183 -12.79 -2.07 12.19
CA CYS A 183 -13.18 -3.15 11.29
C CYS A 183 -12.29 -4.34 11.63
N VAL A 184 -11.00 -4.06 11.62
CA VAL A 184 -9.92 -4.97 11.94
C VAL A 184 -10.13 -5.56 13.34
N GLN A 185 -10.17 -4.73 14.40
CA GLN A 185 -10.25 -5.22 15.77
C GLN A 185 -11.50 -6.07 16.05
N SER A 186 -12.54 -5.92 15.23
CA SER A 186 -13.78 -6.64 15.36
C SER A 186 -13.62 -8.10 14.93
N SER A 187 -13.23 -8.37 13.68
CA SER A 187 -13.27 -9.71 13.07
C SER A 187 -14.63 -10.43 13.22
N ARG A 188 -15.71 -9.70 13.52
CA ARG A 188 -17.04 -10.25 13.81
C ARG A 188 -18.15 -9.23 13.57
N LYS A 189 -17.91 -7.95 13.89
CA LYS A 189 -18.86 -6.87 13.63
C LYS A 189 -18.89 -6.63 12.13
N ALA A 1 -14.64 -9.83 10.34
CA ALA A 1 -14.01 -8.80 9.50
C ALA A 1 -14.05 -9.20 8.03
N ARG A 2 -13.46 -8.37 7.17
CA ARG A 2 -12.84 -8.76 5.93
C ARG A 2 -11.72 -7.75 5.64
N HIS A 3 -10.99 -7.95 4.54
CA HIS A 3 -9.96 -7.06 4.03
C HIS A 3 -10.47 -5.62 3.93
N VAL A 4 -9.55 -4.66 3.97
CA VAL A 4 -9.87 -3.25 4.03
C VAL A 4 -9.06 -2.56 2.94
N PHE A 5 -9.65 -1.56 2.28
CA PHE A 5 -8.91 -0.57 1.53
C PHE A 5 -9.48 0.81 1.83
N LEU A 6 -8.67 1.84 1.59
CA LEU A 6 -9.09 3.23 1.59
C LEU A 6 -9.45 3.58 0.16
N THR A 7 -10.37 4.51 -0.06
CA THR A 7 -10.74 4.96 -1.39
C THR A 7 -11.29 6.39 -1.32
N GLY A 8 -11.82 6.88 -2.44
CA GLY A 8 -12.28 8.26 -2.61
C GLY A 8 -11.25 9.10 -3.39
N PRO A 9 -11.48 10.41 -3.53
CA PRO A 9 -10.64 11.27 -4.33
C PRO A 9 -9.26 11.47 -3.69
N PRO A 10 -8.27 11.92 -4.47
CA PRO A 10 -7.03 12.42 -3.90
C PRO A 10 -7.28 13.73 -3.18
N GLY A 11 -6.44 14.00 -2.20
CA GLY A 11 -6.21 15.30 -1.59
C GLY A 11 -4.84 15.35 -0.97
N VAL A 12 -4.10 14.23 -0.94
CA VAL A 12 -2.87 14.06 -0.22
C VAL A 12 -3.12 14.11 1.30
N GLY A 13 -2.64 13.08 1.98
CA GLY A 13 -2.49 13.08 3.43
C GLY A 13 -3.29 11.98 4.09
N LYS A 14 -4.18 11.30 3.35
CA LYS A 14 -4.85 10.07 3.79
C LYS A 14 -3.84 9.01 4.22
N THR A 15 -2.66 9.01 3.61
CA THR A 15 -1.53 8.15 3.93
C THR A 15 -1.14 8.32 5.41
N THR A 16 -1.22 9.51 6.00
CA THR A 16 -0.91 9.72 7.41
C THR A 16 -1.91 9.03 8.35
N LEU A 17 -3.16 8.76 7.95
CA LEU A 17 -4.04 7.93 8.76
C LEU A 17 -3.42 6.54 8.79
N ILE A 18 -3.15 5.94 7.64
CA ILE A 18 -2.61 4.58 7.54
C ILE A 18 -1.28 4.49 8.31
N HIS A 19 -0.38 5.46 8.12
CA HIS A 19 0.90 5.51 8.83
C HIS A 19 0.68 5.30 10.32
N LYS A 20 -0.14 6.15 10.94
CA LYS A 20 -0.45 6.05 12.35
C LYS A 20 -1.13 4.74 12.67
N ALA A 21 -2.05 4.28 11.82
CA ALA A 21 -2.76 3.04 12.00
C ALA A 21 -1.80 1.83 12.12
N SER A 22 -0.58 1.90 11.57
CA SER A 22 0.42 0.86 11.78
C SER A 22 0.96 0.93 13.22
N GLU A 23 1.31 2.12 13.69
CA GLU A 23 1.90 2.40 15.01
C GLU A 23 0.97 1.94 16.13
N VAL A 24 -0.33 2.08 15.90
CA VAL A 24 -1.39 1.69 16.82
C VAL A 24 -1.37 0.17 16.99
N LEU A 25 -1.41 -0.58 15.88
CA LEU A 25 -1.34 -2.04 15.93
C LEU A 25 -0.06 -2.45 16.63
N LYS A 26 1.06 -1.78 16.33
CA LYS A 26 2.34 -2.09 16.94
C LYS A 26 2.29 -1.82 18.45
N SER A 27 1.57 -0.80 18.89
CA SER A 27 1.32 -0.44 20.27
C SER A 27 0.23 -1.34 20.91
N SER A 28 -0.48 -2.14 20.12
CA SER A 28 -1.37 -3.23 20.52
C SER A 28 -0.70 -4.60 20.38
N GLY A 29 0.60 -4.65 20.06
CA GLY A 29 1.35 -5.88 19.97
C GLY A 29 1.08 -6.70 18.71
N VAL A 30 0.41 -6.14 17.70
CA VAL A 30 -0.05 -6.89 16.54
C VAL A 30 1.11 -7.04 15.54
N PRO A 31 1.29 -8.22 14.91
CA PRO A 31 2.30 -8.44 13.89
C PRO A 31 1.93 -7.76 12.56
N VAL A 32 2.37 -6.51 12.43
CA VAL A 32 2.28 -5.73 11.21
C VAL A 32 3.42 -6.12 10.27
N ASP A 33 3.13 -6.02 8.99
CA ASP A 33 4.06 -5.95 7.88
C ASP A 33 3.49 -5.07 6.77
N GLY A 34 4.22 -5.00 5.66
CA GLY A 34 3.87 -4.35 4.40
C GLY A 34 4.96 -3.33 4.09
N PHE A 35 4.65 -2.31 3.29
CA PHE A 35 5.54 -1.19 3.05
C PHE A 35 4.76 0.12 3.11
N TYR A 36 5.48 1.25 3.08
CA TYR A 36 4.86 2.54 2.84
C TYR A 36 5.75 3.33 1.88
N THR A 37 5.34 4.56 1.58
CA THR A 37 6.22 5.58 1.03
C THR A 37 5.98 6.82 1.89
N GLU A 38 6.96 7.73 1.99
CA GLU A 38 6.87 8.87 2.91
C GLU A 38 7.27 10.20 2.25
N GLU A 39 7.38 10.21 0.93
CA GLU A 39 8.17 11.14 0.12
C GLU A 39 9.61 11.22 0.64
N VAL A 40 10.52 10.56 -0.07
CA VAL A 40 11.93 10.55 0.30
C VAL A 40 12.46 11.99 0.22
N ARG A 41 13.26 12.36 1.21
CA ARG A 41 13.90 13.65 1.31
C ARG A 41 15.41 13.45 1.40
N GLN A 42 16.15 14.52 1.17
CA GLN A 42 17.59 14.58 1.41
C GLN A 42 17.92 15.99 1.83
N GLY A 43 18.02 16.26 3.13
CA GLY A 43 18.26 17.60 3.64
C GLY A 43 16.93 18.27 4.00
N GLY A 44 16.12 18.53 2.98
CA GLY A 44 14.80 19.11 3.15
C GLY A 44 14.02 19.24 1.85
N ARG A 45 14.49 18.63 0.75
CA ARG A 45 13.81 18.66 -0.54
C ARG A 45 13.44 17.25 -0.93
N ARG A 46 12.27 17.11 -1.57
CA ARG A 46 11.78 15.83 -2.05
C ARG A 46 12.74 15.29 -3.11
N ILE A 47 12.77 13.98 -3.28
CA ILE A 47 13.53 13.30 -4.33
C ILE A 47 12.76 12.13 -4.95
N GLY A 48 11.68 11.65 -4.34
CA GLY A 48 10.81 10.63 -4.89
C GLY A 48 10.09 9.98 -3.73
N PHE A 49 9.84 8.67 -3.76
CA PHE A 49 9.03 7.96 -2.79
C PHE A 49 9.63 6.57 -2.47
N ASP A 50 10.81 6.51 -1.84
CA ASP A 50 11.49 5.25 -1.50
C ASP A 50 10.54 4.34 -0.69
N VAL A 51 10.61 3.01 -0.90
CA VAL A 51 9.52 2.11 -0.54
C VAL A 51 9.93 1.28 0.64
N VAL A 52 9.26 1.46 1.77
CA VAL A 52 9.84 1.26 3.08
C VAL A 52 9.05 0.22 3.83
N THR A 53 9.66 -0.95 4.01
CA THR A 53 9.06 -2.04 4.76
C THR A 53 8.77 -1.57 6.18
N LEU A 54 7.69 -2.07 6.77
CA LEU A 54 7.45 -1.89 8.20
C LEU A 54 8.53 -2.62 9.04
N SER A 55 9.34 -3.48 8.42
CA SER A 55 10.51 -4.15 8.98
C SER A 55 11.69 -3.18 9.16
N GLY A 56 11.66 -2.00 8.53
CA GLY A 56 12.74 -1.04 8.58
C GLY A 56 13.83 -1.37 7.57
N THR A 57 13.52 -1.26 6.28
CA THR A 57 14.37 -1.35 5.11
C THR A 57 13.62 -0.57 4.02
N ARG A 58 14.27 0.04 3.02
CA ARG A 58 13.62 0.89 2.03
C ARG A 58 14.27 0.68 0.67
N GLY A 59 13.55 0.94 -0.43
CA GLY A 59 14.10 0.70 -1.76
C GLY A 59 14.00 1.95 -2.61
N PRO A 60 14.85 2.07 -3.65
CA PRO A 60 14.98 3.24 -4.51
C PRO A 60 13.87 3.36 -5.56
N LEU A 61 12.61 3.33 -5.11
CA LEU A 61 11.41 3.33 -5.96
C LEU A 61 11.46 4.44 -6.97
N SER A 62 11.69 5.67 -6.52
CA SER A 62 11.84 6.82 -7.36
C SER A 62 12.78 7.76 -6.63
N ARG A 63 13.77 8.30 -7.33
CA ARG A 63 14.79 9.15 -6.73
C ARG A 63 15.38 10.10 -7.77
N VAL A 64 14.51 10.69 -8.59
CA VAL A 64 14.76 11.43 -9.82
C VAL A 64 15.48 10.53 -10.86
N GLY A 65 15.28 10.88 -12.14
CA GLY A 65 16.01 10.41 -13.29
C GLY A 65 15.75 11.42 -14.39
N LEU A 66 16.60 11.46 -15.42
CA LEU A 66 16.42 12.35 -16.57
C LEU A 66 15.18 11.95 -17.35
N GLU A 67 14.77 12.87 -18.22
CA GLU A 67 13.72 12.64 -19.20
C GLU A 67 14.19 11.55 -20.18
N PRO A 68 13.25 10.75 -20.71
CA PRO A 68 13.56 9.67 -21.64
C PRO A 68 13.91 10.24 -23.03
N PRO A 69 15.00 9.76 -23.64
CA PRO A 69 15.45 10.21 -24.94
C PRO A 69 14.55 9.67 -26.06
N PRO A 70 14.74 10.09 -27.33
CA PRO A 70 13.86 9.65 -28.41
C PRO A 70 13.92 8.14 -28.67
N GLY A 71 15.03 7.47 -28.33
CA GLY A 71 15.22 6.05 -28.58
C GLY A 71 15.04 5.15 -27.37
N LYS A 72 14.76 5.67 -26.17
CA LYS A 72 14.73 4.91 -24.95
C LYS A 72 13.68 5.52 -24.02
N ARG A 73 12.96 4.72 -23.24
CA ARG A 73 12.08 5.24 -22.20
C ARG A 73 11.93 4.16 -21.12
N GLU A 74 11.72 4.53 -19.86
CA GLU A 74 11.33 3.67 -18.75
C GLU A 74 10.17 4.32 -17.98
N CYS A 75 9.46 3.52 -17.18
CA CYS A 75 8.24 3.90 -16.49
C CYS A 75 8.56 5.01 -15.49
N ARG A 76 7.73 6.05 -15.42
CA ARG A 76 8.02 7.24 -14.62
C ARG A 76 6.74 7.79 -14.06
N VAL A 77 6.79 8.51 -12.95
CA VAL A 77 5.65 9.22 -12.41
C VAL A 77 6.08 10.66 -12.16
N GLY A 78 5.42 11.60 -12.81
CA GLY A 78 5.77 13.01 -12.74
C GLY A 78 7.16 13.25 -13.32
N GLN A 79 8.13 13.52 -12.45
CA GLN A 79 9.51 13.88 -12.76
C GLN A 79 10.51 12.76 -12.43
N TYR A 80 10.09 11.72 -11.70
CA TYR A 80 10.98 10.64 -11.32
C TYR A 80 10.69 9.47 -12.25
N VAL A 81 11.73 8.74 -12.68
CA VAL A 81 11.55 7.39 -13.21
C VAL A 81 11.18 6.49 -12.02
N VAL A 82 10.63 5.30 -12.24
CA VAL A 82 10.42 4.29 -11.22
C VAL A 82 11.37 3.12 -11.43
N ASP A 83 11.36 2.21 -10.48
CA ASP A 83 12.11 0.98 -10.46
C ASP A 83 11.11 -0.10 -10.04
N LEU A 84 10.53 -0.86 -10.98
CA LEU A 84 9.66 -1.99 -10.61
C LEU A 84 10.41 -3.01 -9.74
N THR A 85 11.70 -3.17 -10.03
CA THR A 85 12.57 -4.02 -9.25
C THR A 85 12.76 -3.45 -7.84
N SER A 86 12.70 -2.13 -7.64
CA SER A 86 12.70 -1.58 -6.30
C SER A 86 11.49 -2.03 -5.49
N PHE A 87 10.39 -2.41 -6.14
CA PHE A 87 9.27 -2.97 -5.41
C PHE A 87 9.64 -4.39 -4.97
N GLU A 88 9.91 -5.33 -5.90
CA GLU A 88 10.18 -6.73 -5.53
C GLU A 88 11.41 -6.93 -4.62
N GLN A 89 12.28 -5.91 -4.46
CA GLN A 89 13.35 -5.94 -3.47
C GLN A 89 12.82 -6.24 -2.07
N LEU A 90 11.69 -5.61 -1.70
CA LEU A 90 11.21 -5.61 -0.32
C LEU A 90 9.68 -5.76 -0.26
N ALA A 91 8.95 -5.18 -1.20
CA ALA A 91 7.52 -5.36 -1.36
C ALA A 91 7.30 -6.69 -2.08
N LEU A 92 7.70 -7.78 -1.43
CA LEU A 92 7.65 -9.16 -1.86
C LEU A 92 7.72 -10.01 -0.58
N PRO A 93 8.83 -10.00 0.21
CA PRO A 93 8.89 -10.73 1.48
C PRO A 93 8.01 -10.14 2.59
N VAL A 94 7.58 -8.89 2.49
CA VAL A 94 6.58 -8.33 3.40
C VAL A 94 5.24 -9.04 3.15
N LEU A 95 4.71 -8.82 1.94
CA LEU A 95 3.43 -9.30 1.44
C LEU A 95 3.30 -10.78 1.80
N ARG A 96 4.28 -11.58 1.38
CA ARG A 96 4.37 -12.97 1.81
C ARG A 96 5.72 -13.23 2.43
N ASN A 97 5.80 -13.03 3.73
CA ASN A 97 6.86 -13.70 4.45
C ASN A 97 6.63 -15.20 4.34
N ALA A 98 7.66 -15.92 3.90
CA ALA A 98 7.63 -17.36 3.70
C ALA A 98 7.77 -18.04 5.04
N ASP A 99 6.65 -18.57 5.53
CA ASP A 99 6.54 -19.26 6.79
C ASP A 99 5.32 -20.16 6.67
N CYS A 100 5.33 -21.37 7.22
CA CYS A 100 4.31 -22.36 6.89
C CYS A 100 4.00 -23.24 8.09
N SER A 101 3.24 -22.70 9.02
CA SER A 101 2.75 -23.38 10.20
C SER A 101 1.22 -23.26 10.20
N SER A 102 0.52 -24.36 10.48
CA SER A 102 -0.86 -24.27 10.93
C SER A 102 -0.87 -23.80 12.38
N GLY A 103 -1.93 -23.12 12.78
CA GLY A 103 -2.14 -22.56 14.12
C GLY A 103 -2.69 -21.15 14.03
N PRO A 104 -3.07 -20.51 15.15
CA PRO A 104 -3.56 -19.14 15.18
C PRO A 104 -2.39 -18.16 15.04
N GLY A 105 -2.51 -17.12 14.21
CA GLY A 105 -1.51 -16.07 14.15
C GLY A 105 -1.76 -15.11 12.99
N GLN A 106 -2.85 -14.36 13.06
CA GLN A 106 -3.20 -13.37 12.04
C GLN A 106 -2.11 -12.32 11.93
N ARG A 107 -1.97 -11.74 10.75
CA ARG A 107 -0.95 -10.74 10.40
C ARG A 107 -1.69 -9.53 9.84
N VAL A 108 -1.05 -8.37 9.74
CA VAL A 108 -1.60 -7.22 9.04
C VAL A 108 -0.58 -6.84 8.00
N CYS A 109 -1.02 -6.45 6.81
CA CYS A 109 -0.16 -5.96 5.75
C CYS A 109 -0.57 -4.50 5.44
N VAL A 110 0.27 -3.77 4.72
CA VAL A 110 0.04 -2.40 4.30
C VAL A 110 0.59 -2.28 2.87
N ILE A 111 -0.23 -1.74 1.96
CA ILE A 111 0.06 -1.60 0.55
C ILE A 111 -0.46 -0.22 0.16
N ASP A 112 0.19 0.83 0.67
CA ASP A 112 -0.14 2.20 0.29
C ASP A 112 0.53 2.54 -1.05
N GLU A 113 0.54 3.81 -1.45
CA GLU A 113 0.97 4.30 -2.76
C GLU A 113 0.33 3.58 -3.96
N ILE A 114 -0.79 2.88 -3.79
CA ILE A 114 -1.53 2.35 -4.93
C ILE A 114 -2.10 3.54 -5.71
N GLY A 115 -1.87 3.57 -7.01
CA GLY A 115 -2.50 4.51 -7.92
C GLY A 115 -1.67 4.74 -9.18
N LYS A 116 -0.58 5.50 -9.08
CA LYS A 116 0.20 5.95 -10.23
C LYS A 116 0.86 4.78 -10.97
N MET A 117 1.13 3.68 -10.28
CA MET A 117 1.62 2.44 -10.86
C MET A 117 0.65 1.78 -11.83
N GLU A 118 -0.60 2.23 -11.98
CA GLU A 118 -1.68 1.49 -12.65
C GLU A 118 -1.26 0.78 -13.94
N LEU A 119 -0.50 1.46 -14.81
CA LEU A 119 -0.07 0.93 -16.10
C LEU A 119 1.12 0.00 -15.96
N PHE A 120 2.06 0.36 -15.08
CA PHE A 120 3.36 -0.29 -14.96
C PHE A 120 3.27 -1.54 -14.09
N SER A 121 2.24 -1.61 -13.25
CA SER A 121 1.90 -2.63 -12.29
C SER A 121 2.13 -4.02 -12.87
N GLN A 122 2.96 -4.80 -12.19
CA GLN A 122 3.32 -6.15 -12.56
C GLN A 122 3.17 -7.02 -11.33
N LEU A 123 4.23 -7.13 -10.53
CA LEU A 123 4.27 -7.98 -9.36
C LEU A 123 3.34 -7.49 -8.25
N PHE A 124 2.65 -6.36 -8.42
CA PHE A 124 1.48 -6.03 -7.63
C PHE A 124 0.41 -7.12 -7.79
N ILE A 125 -0.25 -7.22 -8.94
CA ILE A 125 -1.28 -8.19 -9.26
C ILE A 125 -0.90 -9.63 -8.85
N GLN A 126 0.38 -10.00 -8.88
CA GLN A 126 0.82 -11.27 -8.34
C GLN A 126 0.95 -11.25 -6.82
N ALA A 127 1.82 -10.42 -6.25
CA ALA A 127 2.21 -10.52 -4.86
C ALA A 127 1.09 -10.11 -3.91
N VAL A 128 0.28 -9.13 -4.32
CA VAL A 128 -0.94 -8.79 -3.62
C VAL A 128 -1.85 -10.02 -3.65
N ARG A 129 -2.10 -10.65 -4.82
CA ARG A 129 -2.92 -11.86 -4.85
C ARG A 129 -2.38 -12.98 -3.99
N GLN A 130 -1.05 -13.16 -3.99
CA GLN A 130 -0.37 -14.16 -3.16
C GLN A 130 -0.66 -13.98 -1.67
N THR A 131 -1.11 -12.79 -1.27
CA THR A 131 -1.39 -12.43 0.10
C THR A 131 -2.92 -12.31 0.31
N LEU A 132 -3.69 -11.97 -0.73
CA LEU A 132 -5.14 -12.04 -0.75
C LEU A 132 -5.63 -13.50 -0.67
N SER A 133 -4.80 -14.47 -1.04
CA SER A 133 -5.07 -15.88 -0.79
C SER A 133 -5.23 -16.11 0.72
N THR A 134 -4.34 -15.51 1.50
CA THR A 134 -4.23 -15.73 2.93
C THR A 134 -5.36 -14.96 3.63
N PRO A 135 -6.08 -15.59 4.56
CA PRO A 135 -6.99 -14.90 5.48
C PRO A 135 -6.24 -14.30 6.65
N GLY A 136 -5.13 -14.93 7.05
CA GLY A 136 -4.29 -14.60 8.17
C GLY A 136 -3.79 -13.16 8.11
N THR A 137 -2.97 -12.85 7.11
CA THR A 137 -2.57 -11.50 6.75
C THR A 137 -3.80 -10.66 6.40
N ILE A 138 -3.81 -9.38 6.76
CA ILE A 138 -4.97 -8.52 6.63
C ILE A 138 -4.47 -7.43 5.70
N ILE A 139 -4.78 -7.58 4.42
CA ILE A 139 -4.51 -6.56 3.43
C ILE A 139 -5.20 -5.27 3.87
N LEU A 140 -4.41 -4.20 3.85
CA LEU A 140 -4.80 -2.82 3.96
C LEU A 140 -4.08 -2.10 2.81
N GLY A 141 -4.70 -1.12 2.16
CA GLY A 141 -4.07 -0.31 1.13
C GLY A 141 -4.96 0.84 0.70
N THR A 142 -4.50 1.75 -0.16
CA THR A 142 -5.28 2.89 -0.64
C THR A 142 -5.57 2.85 -2.15
N ILE A 143 -6.72 2.31 -2.57
CA ILE A 143 -7.12 2.20 -3.98
C ILE A 143 -7.90 3.45 -4.45
N PRO A 144 -7.45 4.18 -5.50
CA PRO A 144 -8.21 5.29 -6.06
C PRO A 144 -9.46 4.77 -6.78
N VAL A 145 -10.50 5.59 -6.85
CA VAL A 145 -11.70 5.28 -7.63
C VAL A 145 -11.40 5.36 -9.14
N PRO A 146 -12.13 4.58 -9.96
CA PRO A 146 -12.05 4.64 -11.42
C PRO A 146 -12.75 5.87 -11.98
N LYS A 147 -14.04 6.07 -11.64
CA LYS A 147 -14.98 7.08 -12.16
C LYS A 147 -14.59 7.51 -13.57
N GLY A 148 -14.90 6.68 -14.57
CA GLY A 148 -14.39 6.83 -15.92
C GLY A 148 -13.42 5.71 -16.15
N LYS A 149 -12.12 6.03 -16.28
CA LYS A 149 -11.16 5.02 -16.72
C LYS A 149 -11.01 3.95 -15.65
N PRO A 150 -11.00 2.66 -16.03
CA PRO A 150 -10.69 1.59 -15.12
C PRO A 150 -9.22 1.64 -14.71
N LEU A 151 -8.90 0.81 -13.73
CA LEU A 151 -7.59 0.58 -13.15
C LEU A 151 -7.36 -0.93 -13.26
N ALA A 152 -6.10 -1.37 -13.16
CA ALA A 152 -5.73 -2.77 -13.31
C ALA A 152 -5.59 -3.42 -11.94
N LEU A 153 -4.61 -2.98 -11.14
CA LEU A 153 -4.36 -3.53 -9.80
C LEU A 153 -5.60 -3.32 -8.95
N VAL A 154 -6.19 -2.12 -8.97
CA VAL A 154 -7.39 -1.84 -8.18
C VAL A 154 -8.47 -2.88 -8.49
N GLU A 155 -8.68 -3.26 -9.75
CA GLU A 155 -9.70 -4.22 -10.15
C GLU A 155 -9.32 -5.67 -9.82
N GLU A 156 -8.04 -5.97 -9.55
CA GLU A 156 -7.58 -7.29 -9.11
C GLU A 156 -8.08 -7.55 -7.68
N ILE A 157 -8.11 -6.48 -6.88
CA ILE A 157 -8.63 -6.47 -5.52
C ILE A 157 -10.15 -6.27 -5.55
N ARG A 158 -10.64 -5.23 -6.24
CA ARG A 158 -12.05 -4.82 -6.25
C ARG A 158 -12.93 -5.93 -6.79
N ASN A 159 -12.35 -6.84 -7.58
CA ASN A 159 -12.99 -8.04 -8.11
C ASN A 159 -13.73 -8.78 -7.02
N ARG A 160 -13.12 -8.84 -5.84
CA ARG A 160 -13.60 -9.63 -4.72
C ARG A 160 -14.88 -9.04 -4.17
N LYS A 161 -15.02 -7.71 -4.17
CA LYS A 161 -16.09 -6.94 -3.52
C LYS A 161 -16.16 -7.15 -1.99
N ASP A 162 -15.56 -8.20 -1.47
CA ASP A 162 -15.32 -8.65 -0.09
C ASP A 162 -14.25 -7.78 0.58
N VAL A 163 -14.39 -6.45 0.48
CA VAL A 163 -13.47 -5.46 1.00
C VAL A 163 -14.32 -4.31 1.54
N LYS A 164 -14.08 -3.89 2.79
CA LYS A 164 -14.52 -2.57 3.24
C LYS A 164 -13.65 -1.57 2.51
N VAL A 165 -14.19 -0.87 1.51
CA VAL A 165 -13.53 0.23 0.88
C VAL A 165 -13.99 1.50 1.59
N PHE A 166 -13.30 1.87 2.67
CA PHE A 166 -13.54 3.10 3.39
C PHE A 166 -13.36 4.28 2.43
N ASN A 167 -14.45 4.84 1.92
CA ASN A 167 -14.39 6.09 1.19
C ASN A 167 -14.16 7.18 2.22
N VAL A 168 -12.96 7.75 2.27
CA VAL A 168 -12.70 8.90 3.12
C VAL A 168 -13.64 10.02 2.65
N THR A 169 -14.08 10.87 3.57
CA THR A 169 -14.57 12.18 3.18
C THR A 169 -13.43 13.16 3.45
N LYS A 170 -13.53 14.37 2.92
CA LYS A 170 -12.72 15.49 3.40
C LYS A 170 -13.20 15.95 4.79
N GLU A 171 -14.38 15.53 5.23
CA GLU A 171 -15.02 16.02 6.44
C GLU A 171 -14.58 15.21 7.65
N ASN A 172 -14.93 13.93 7.67
CA ASN A 172 -14.63 12.95 8.70
C ASN A 172 -13.36 12.20 8.30
N ARG A 173 -12.46 12.87 7.54
CA ARG A 173 -11.18 12.33 7.12
C ARG A 173 -10.46 11.78 8.35
N ASN A 174 -10.27 12.64 9.36
CA ASN A 174 -9.57 12.29 10.57
C ASN A 174 -10.47 11.57 11.59
N HIS A 175 -11.62 11.03 11.20
CA HIS A 175 -12.36 10.02 11.96
C HIS A 175 -12.39 8.75 11.10
N LEU A 176 -11.23 8.35 10.58
CA LEU A 176 -11.09 7.10 9.86
C LEU A 176 -9.95 6.23 10.35
N LEU A 177 -8.80 6.80 10.75
CA LEU A 177 -7.68 6.05 11.32
C LEU A 177 -8.20 5.04 12.36
N PRO A 178 -8.97 5.44 13.42
CA PRO A 178 -9.45 4.47 14.40
C PRO A 178 -10.47 3.48 13.85
N ASP A 179 -11.21 3.85 12.80
CA ASP A 179 -12.24 3.04 12.16
C ASP A 179 -11.60 1.89 11.39
N ILE A 180 -10.55 2.22 10.63
CA ILE A 180 -9.62 1.27 10.02
C ILE A 180 -9.06 0.36 11.10
N VAL A 181 -8.51 0.91 12.18
CA VAL A 181 -7.98 0.11 13.29
C VAL A 181 -9.08 -0.84 13.80
N THR A 182 -10.31 -0.37 13.98
CA THR A 182 -11.39 -1.19 14.49
C THR A 182 -11.66 -2.36 13.54
N CYS A 183 -11.66 -2.13 12.22
CA CYS A 183 -11.89 -3.18 11.24
C CYS A 183 -10.73 -4.19 11.23
N VAL A 184 -9.49 -3.72 11.28
CA VAL A 184 -8.31 -4.57 11.28
C VAL A 184 -8.28 -5.40 12.58
N GLN A 185 -8.37 -4.75 13.73
CA GLN A 185 -8.34 -5.43 15.02
C GLN A 185 -9.61 -6.25 15.25
N SER A 186 -10.69 -6.03 14.49
CA SER A 186 -11.98 -6.68 14.68
C SER A 186 -11.74 -8.18 14.71
N SER A 187 -11.14 -8.73 13.64
CA SER A 187 -11.07 -10.15 13.37
C SER A 187 -12.47 -10.76 13.37
N ARG A 188 -13.12 -10.94 14.52
CA ARG A 188 -14.52 -11.38 14.62
C ARG A 188 -15.43 -10.35 15.29
N LYS A 189 -14.95 -9.14 15.61
CA LYS A 189 -15.84 -8.02 15.94
C LYS A 189 -16.38 -7.42 14.64
#